data_1S4E
#
_entry.id   1S4E
#
_cell.length_a   211.974
_cell.length_b   355.672
_cell.length_c   165.613
_cell.angle_alpha   90.00
_cell.angle_beta   90.00
_cell.angle_gamma   90.00
#
_symmetry.space_group_name_H-M   'C 2 2 21'
#
loop_
_entity.id
_entity.type
_entity.pdbx_description
1 polymer Galactokinase
2 non-polymer alpha-D-galactopyranose
3 non-polymer 'MAGNESIUM ION'
4 non-polymer "ADENOSINE-5'-DIPHOSPHATE"
#
_entity_poly.entity_id   1
_entity_poly.type   'polypeptide(L)'
_entity_poly.pdbx_seq_one_letter_code
;(MSE)SKITVKSPGRVNLIGEHTDYTYGYV(MSE)P(MSE)AIDLYTIITAEKYDKVQLYSEHFNEEKTFTLDNLTKEGS
WIDYVKGVLWVLIQEGYKIGGLKGKITGDLPLGAGLSSSASFEVGILEVLNQLYNLNIDPLKKALLAKKAENEFVGVPCG
ILDQFAVVFGKKDNVIFLDTQTLQYEYIPFPKDVSVLVFYTGVKRELASSEYAERKRIAEESLRILGKESSKEVTEKDLG
KLPPLHRKFFSYIVRENARVLEVRDALKEGDIEKVGKILTTAHWDLAENYRVSCEELDFFVKKA(MSE)ELGAYGARLTG
AGFGGSAIALVDKDKAKTIGDAILREYLAKFSWKAKYFVVKPSDGVGV
;
_entity_poly.pdbx_strand_id   A,B,C,D,E,F,G,H,I
#
loop_
_chem_comp.id
_chem_comp.type
_chem_comp.name
_chem_comp.formula
ADP non-polymer ADENOSINE-5'-DIPHOSPHATE 'C10 H15 N5 O10 P2'
GLA D-saccharide, alpha linking alpha-D-galactopyranose 'C6 H12 O6'
MG non-polymer 'MAGNESIUM ION' 'Mg 2'
#
# COMPACT_ATOMS: atom_id res chain seq x y z
N THR A 5 -38.55 -15.80 -21.64
CA THR A 5 -37.08 -15.59 -21.75
C THR A 5 -36.30 -16.26 -20.58
N VAL A 6 -35.09 -16.75 -20.87
CA VAL A 6 -34.33 -17.61 -19.94
C VAL A 6 -32.85 -17.22 -19.94
N LYS A 7 -32.29 -16.94 -18.76
CA LYS A 7 -30.85 -16.62 -18.63
C LYS A 7 -30.05 -17.84 -18.12
N SER A 8 -29.11 -18.32 -18.92
CA SER A 8 -28.28 -19.46 -18.54
C SER A 8 -26.83 -19.00 -18.37
N PRO A 9 -26.25 -19.17 -17.18
CA PRO A 9 -24.91 -18.69 -16.91
C PRO A 9 -23.85 -19.59 -17.49
N GLY A 10 -22.65 -19.07 -17.62
CA GLY A 10 -21.50 -19.89 -17.90
C GLY A 10 -20.92 -20.29 -16.57
N ARG A 11 -19.68 -20.74 -16.57
CA ARG A 11 -19.11 -21.28 -15.35
C ARG A 11 -17.59 -21.28 -15.37
N VAL A 12 -17.05 -21.41 -14.18
CA VAL A 12 -15.64 -21.42 -13.95
C VAL A 12 -15.41 -22.45 -12.85
N ASN A 13 -14.31 -23.17 -12.92
CA ASN A 13 -13.96 -24.14 -11.88
C ASN A 13 -12.93 -23.58 -10.97
N LEU A 14 -13.19 -23.54 -9.66
CA LEU A 14 -12.25 -22.96 -8.70
C LEU A 14 -11.08 -23.87 -8.45
N ILE A 15 -11.35 -25.13 -8.14
CA ILE A 15 -10.30 -26.12 -7.92
C ILE A 15 -10.91 -27.45 -8.28
N GLY A 16 -10.10 -28.46 -8.53
CA GLY A 16 -10.61 -29.78 -8.88
C GLY A 16 -10.67 -29.98 -10.40
N GLU A 17 -9.54 -29.82 -11.09
CA GLU A 17 -9.46 -29.92 -12.55
C GLU A 17 -9.01 -31.31 -12.98
N HIS A 18 -9.58 -31.79 -14.08
CA HIS A 18 -9.31 -33.14 -14.59
C HIS A 18 -9.51 -34.14 -13.48
N THR A 19 -10.70 -34.07 -12.94
CA THR A 19 -11.06 -34.86 -11.81
C THR A 19 -12.42 -35.59 -11.96
N ASP A 20 -13.33 -35.08 -12.79
CA ASP A 20 -14.66 -35.67 -12.88
C ASP A 20 -14.75 -36.97 -13.69
N TYR A 21 -13.86 -37.18 -14.66
CA TYR A 21 -13.82 -38.45 -15.40
C TYR A 21 -13.20 -39.62 -14.58
N THR A 22 -12.71 -39.37 -13.36
CA THR A 22 -12.44 -40.45 -12.41
C THR A 22 -13.25 -40.34 -11.15
N TYR A 23 -14.31 -39.53 -11.20
CA TYR A 23 -15.29 -39.49 -10.13
C TYR A 23 -14.69 -38.93 -8.82
N GLY A 24 -13.91 -37.86 -8.96
CA GLY A 24 -13.27 -37.17 -7.86
C GLY A 24 -14.01 -35.90 -7.52
N TYR A 25 -13.36 -35.00 -6.77
CA TYR A 25 -14.05 -33.79 -6.33
C TYR A 25 -13.80 -32.61 -7.25
N VAL A 26 -14.71 -31.65 -7.19
CA VAL A 26 -14.80 -30.58 -8.16
C VAL A 26 -15.48 -29.39 -7.43
N MSE A 27 -15.16 -28.15 -7.76
CA MSE A 27 -15.80 -26.99 -7.07
C MSE A 27 -16.05 -25.86 -8.04
O MSE A 27 -15.36 -24.84 -8.07
CB MSE A 27 -14.89 -26.42 -5.98
CG MSE A 27 -15.07 -26.96 -4.59
SE MSE A 27 -14.39 -25.70 -3.20
CE MSE A 27 -14.96 -24.15 -3.99
N PRO A 28 -17.03 -26.05 -8.90
CA PRO A 28 -17.37 -24.98 -9.83
C PRO A 28 -18.15 -23.83 -9.22
N MSE A 29 -18.26 -22.76 -10.00
CA MSE A 29 -19.18 -21.69 -9.73
C MSE A 29 -19.85 -21.25 -11.04
O MSE A 29 -19.21 -21.23 -12.10
CB MSE A 29 -18.43 -20.55 -9.02
CG MSE A 29 -18.04 -19.38 -9.89
SE MSE A 29 -16.95 -18.12 -8.87
CE MSE A 29 -16.99 -16.63 -9.99
N ALA A 30 -21.13 -20.92 -11.00
CA ALA A 30 -21.73 -20.25 -12.14
C ALA A 30 -21.30 -18.82 -12.06
N ILE A 31 -21.12 -18.18 -13.19
CA ILE A 31 -20.66 -16.80 -13.22
C ILE A 31 -21.73 -15.94 -13.87
N ASP A 32 -21.57 -14.63 -13.71
CA ASP A 32 -22.57 -13.64 -14.16
C ASP A 32 -22.30 -13.12 -15.58
N LEU A 33 -22.04 -14.07 -16.47
CA LEU A 33 -21.99 -13.81 -17.90
C LEU A 33 -22.85 -14.93 -18.54
N TYR A 34 -23.86 -14.53 -19.32
CA TYR A 34 -24.97 -15.44 -19.73
C TYR A 34 -25.24 -15.66 -21.24
N THR A 35 -25.87 -16.80 -21.51
CA THR A 35 -26.66 -17.06 -22.72
C THR A 35 -28.13 -16.70 -22.43
N ILE A 36 -28.85 -16.15 -23.41
CA ILE A 36 -30.21 -15.66 -23.18
C ILE A 36 -31.11 -16.09 -24.31
N ILE A 37 -32.04 -17.00 -24.04
CA ILE A 37 -32.94 -17.49 -25.08
C ILE A 37 -34.32 -16.82 -24.94
N THR A 38 -34.84 -16.29 -26.04
CA THR A 38 -35.98 -15.35 -26.06
C THR A 38 -37.38 -15.95 -25.84
N ASP A 43 -43.29 -24.87 -32.88
CA ASP A 43 -44.03 -25.64 -33.88
C ASP A 43 -43.07 -26.41 -34.79
N LYS A 44 -42.03 -25.71 -35.26
CA LYS A 44 -40.83 -26.31 -35.85
C LYS A 44 -39.62 -25.82 -35.02
N VAL A 45 -38.40 -26.24 -35.37
CA VAL A 45 -37.19 -25.70 -34.73
C VAL A 45 -36.55 -24.70 -35.71
N GLN A 46 -36.61 -23.43 -35.31
CA GLN A 46 -36.07 -22.32 -36.10
C GLN A 46 -35.61 -21.22 -35.11
N LEU A 47 -34.28 -21.09 -34.97
CA LEU A 47 -33.69 -20.18 -34.00
C LEU A 47 -32.75 -19.21 -34.71
N TYR A 48 -32.64 -17.99 -34.17
CA TYR A 48 -31.66 -17.01 -34.64
C TYR A 48 -30.52 -16.97 -33.62
N SER A 49 -29.28 -17.23 -34.06
CA SER A 49 -28.11 -17.17 -33.20
C SER A 49 -27.46 -15.82 -33.47
N GLU A 50 -27.65 -14.88 -32.54
CA GLU A 50 -27.16 -13.49 -32.72
C GLU A 50 -25.64 -13.38 -32.85
N HIS A 51 -24.91 -14.23 -32.13
CA HIS A 51 -23.45 -14.28 -32.21
C HIS A 51 -22.98 -14.66 -33.62
N PHE A 52 -23.57 -15.73 -34.15
CA PHE A 52 -23.25 -16.24 -35.50
C PHE A 52 -23.87 -15.43 -36.65
N ASN A 53 -24.89 -14.63 -36.36
CA ASN A 53 -25.60 -13.86 -37.39
C ASN A 53 -26.20 -14.82 -38.42
N GLU A 54 -27.25 -15.54 -38.02
CA GLU A 54 -27.77 -16.63 -38.84
C GLU A 54 -29.29 -16.82 -38.75
N LYS A 56 -30.79 -19.92 -39.67
CA LYS A 56 -31.03 -21.31 -39.28
C LYS A 56 -32.26 -21.44 -38.38
N LEU A 60 -39.73 -31.22 -35.68
CA LEU A 60 -38.88 -32.25 -35.09
C LEU A 60 -38.49 -33.29 -36.13
N ASP A 61 -39.35 -33.45 -37.15
CA ASP A 61 -39.08 -34.34 -38.29
C ASP A 61 -38.09 -33.74 -39.29
N LEU A 63 -33.73 -35.90 -36.94
CA LEU A 63 -32.81 -35.11 -36.13
C LEU A 63 -31.36 -35.46 -36.48
N THR A 64 -30.88 -34.95 -37.61
CA THR A 64 -29.55 -35.29 -38.10
C THR A 64 -28.50 -34.25 -37.70
N LYS A 65 -27.31 -34.74 -37.34
CA LYS A 65 -26.18 -33.85 -37.10
C LYS A 65 -25.79 -33.22 -38.44
N GLU A 66 -25.52 -31.93 -38.42
CA GLU A 66 -25.22 -31.13 -39.61
C GLU A 66 -23.76 -30.67 -39.67
N GLY A 67 -23.10 -30.58 -38.52
CA GLY A 67 -21.75 -30.02 -38.39
C GLY A 67 -21.72 -28.57 -37.96
N SER A 68 -22.87 -28.05 -37.50
CA SER A 68 -23.02 -26.65 -37.13
C SER A 68 -23.52 -26.53 -35.70
N TRP A 69 -23.75 -25.29 -35.26
CA TRP A 69 -24.11 -25.05 -33.85
C TRP A 69 -25.50 -25.58 -33.50
N ILE A 70 -26.42 -25.58 -34.46
CA ILE A 70 -27.76 -26.08 -34.23
C ILE A 70 -27.78 -27.48 -33.63
N ASP A 71 -26.71 -28.24 -33.87
CA ASP A 71 -26.50 -29.60 -33.30
C ASP A 71 -26.63 -29.73 -31.78
N TYR A 72 -26.30 -28.65 -31.07
CA TYR A 72 -26.52 -28.57 -29.63
C TYR A 72 -28.02 -28.46 -29.36
N VAL A 73 -28.72 -27.66 -30.16
CA VAL A 73 -30.18 -27.60 -30.07
C VAL A 73 -30.84 -28.98 -30.35
N LYS A 74 -30.38 -29.67 -31.38
CA LYS A 74 -30.95 -30.95 -31.79
C LYS A 74 -30.63 -32.09 -30.83
N GLY A 75 -29.56 -31.96 -30.06
CA GLY A 75 -29.20 -32.98 -29.11
C GLY A 75 -30.04 -32.97 -27.85
N VAL A 76 -30.54 -31.79 -27.47
CA VAL A 76 -31.38 -31.65 -26.29
C VAL A 76 -32.78 -32.18 -26.57
N LEU A 77 -33.37 -31.79 -27.70
CA LEU A 77 -34.70 -32.31 -28.04
C LEU A 77 -34.67 -33.82 -28.24
N TRP A 78 -33.61 -34.33 -28.85
CA TRP A 78 -33.41 -35.77 -28.99
C TRP A 78 -33.38 -36.45 -27.63
N VAL A 79 -32.73 -35.81 -26.66
CA VAL A 79 -32.54 -36.42 -25.33
C VAL A 79 -33.81 -36.37 -24.48
N LEU A 80 -34.64 -35.36 -24.70
CA LEU A 80 -35.91 -35.27 -24.01
C LEU A 80 -36.87 -36.31 -24.61
N ILE A 81 -36.85 -36.45 -25.92
CA ILE A 81 -37.73 -37.39 -26.59
C ILE A 81 -37.38 -38.83 -26.22
N GLN A 82 -36.09 -39.18 -26.29
CA GLN A 82 -35.65 -40.53 -25.93
C GLN A 82 -36.12 -40.84 -24.52
N GLU A 83 -36.15 -39.82 -23.66
CA GLU A 83 -36.61 -39.98 -22.26
C GLU A 83 -38.13 -39.95 -22.08
N GLY A 84 -38.86 -39.60 -23.14
CA GLY A 84 -40.30 -39.74 -23.16
C GLY A 84 -41.07 -38.47 -22.90
N TYR A 85 -40.39 -37.43 -22.49
CA TYR A 85 -41.02 -36.13 -22.30
C TYR A 85 -41.83 -35.77 -23.56
N LYS A 86 -42.99 -35.15 -23.37
CA LYS A 86 -43.79 -34.65 -24.50
C LYS A 86 -43.51 -33.15 -24.68
N ILE A 87 -42.75 -32.83 -25.74
CA ILE A 87 -42.43 -31.45 -26.10
C ILE A 87 -42.87 -31.15 -27.53
N GLY A 88 -42.46 -30.00 -28.05
CA GLY A 88 -42.72 -29.61 -29.43
C GLY A 88 -41.58 -28.80 -29.99
N GLY A 89 -41.89 -27.82 -30.85
CA GLY A 89 -40.90 -26.91 -31.40
C GLY A 89 -40.74 -25.66 -30.55
N LEU A 90 -39.84 -24.77 -30.96
CA LEU A 90 -39.79 -23.42 -30.41
C LEU A 90 -39.26 -22.43 -31.45
N LYS A 91 -39.65 -21.16 -31.33
CA LYS A 91 -39.19 -20.12 -32.26
C LYS A 91 -38.25 -19.11 -31.58
N LYS A 93 -35.00 -16.31 -30.02
CA LYS A 93 -33.67 -15.80 -30.36
C LYS A 93 -32.61 -15.89 -29.21
N ILE A 94 -31.37 -16.21 -29.59
CA ILE A 94 -30.23 -16.39 -28.69
C ILE A 94 -29.32 -15.13 -28.66
N THR A 95 -29.35 -14.39 -27.56
CA THR A 95 -28.38 -13.32 -27.30
C THR A 95 -27.44 -13.73 -26.18
N GLY A 96 -26.40 -12.95 -25.90
CA GLY A 96 -25.55 -13.29 -24.76
C GLY A 96 -24.32 -12.45 -24.49
N ASP A 97 -24.02 -12.31 -23.20
CA ASP A 97 -22.70 -11.87 -22.70
C ASP A 97 -21.58 -12.86 -23.02
N LEU A 98 -21.86 -14.14 -22.79
CA LEU A 98 -20.86 -15.18 -22.71
C LEU A 98 -20.10 -15.47 -24.02
N PRO A 99 -18.78 -15.44 -23.93
CA PRO A 99 -17.93 -15.78 -25.05
C PRO A 99 -17.95 -17.26 -25.41
N LEU A 100 -18.09 -17.57 -26.69
CA LEU A 100 -18.06 -18.92 -27.19
C LEU A 100 -16.63 -19.39 -27.34
N GLY A 101 -16.36 -20.63 -26.98
CA GLY A 101 -15.04 -21.24 -27.18
C GLY A 101 -13.92 -20.71 -26.30
N ALA A 102 -14.29 -20.08 -25.20
CA ALA A 102 -13.33 -19.42 -24.34
C ALA A 102 -12.89 -20.28 -23.17
N GLY A 103 -13.65 -21.32 -22.86
CA GLY A 103 -13.41 -22.12 -21.68
C GLY A 103 -14.34 -21.78 -20.52
N LEU A 104 -15.40 -21.04 -20.81
CA LEU A 104 -16.38 -20.64 -19.81
C LEU A 104 -17.67 -21.44 -20.01
N SER A 105 -17.50 -22.61 -20.66
CA SER A 105 -18.57 -23.53 -21.09
C SER A 105 -19.83 -22.91 -21.70
N SER A 106 -19.66 -22.19 -22.82
CA SER A 106 -20.81 -21.72 -23.60
C SER A 106 -21.64 -22.92 -24.09
N SER A 107 -20.97 -24.05 -24.31
CA SER A 107 -21.59 -25.33 -24.56
C SER A 107 -22.69 -25.63 -23.56
N ALA A 108 -22.31 -25.77 -22.29
CA ALA A 108 -23.29 -26.13 -21.28
C ALA A 108 -24.32 -25.00 -21.08
N SER A 109 -23.91 -23.76 -21.17
CA SER A 109 -24.84 -22.66 -21.00
C SER A 109 -25.95 -22.77 -22.05
N PHE A 110 -25.54 -23.08 -23.27
CA PHE A 110 -26.46 -23.11 -24.39
C PHE A 110 -27.37 -24.33 -24.33
N GLU A 111 -26.79 -25.51 -24.09
CA GLU A 111 -27.53 -26.76 -23.90
C GLU A 111 -28.65 -26.60 -22.90
N VAL A 112 -28.31 -26.20 -21.67
CA VAL A 112 -29.29 -26.22 -20.58
C VAL A 112 -30.19 -24.97 -20.62
N GLY A 113 -29.77 -23.95 -21.37
CA GLY A 113 -30.62 -22.81 -21.63
C GLY A 113 -31.75 -23.21 -22.58
N ILE A 114 -31.41 -24.04 -23.55
CA ILE A 114 -32.40 -24.56 -24.49
C ILE A 114 -33.32 -25.47 -23.70
N LEU A 115 -32.74 -26.42 -22.95
CA LEU A 115 -33.51 -27.39 -22.18
C LEU A 115 -34.55 -26.72 -21.26
N GLU A 116 -34.18 -25.62 -20.60
CA GLU A 116 -35.04 -24.96 -19.61
C GLU A 116 -36.14 -24.16 -20.29
N VAL A 117 -35.90 -23.71 -21.53
CA VAL A 117 -36.97 -23.10 -22.33
C VAL A 117 -38.10 -24.12 -22.52
N LEU A 118 -37.75 -25.35 -22.88
CA LEU A 118 -38.73 -26.41 -23.03
C LEU A 118 -39.33 -26.81 -21.66
N ASN A 119 -38.51 -26.88 -20.63
CA ASN A 119 -38.96 -27.18 -19.27
C ASN A 119 -40.06 -26.21 -18.81
N GLN A 120 -39.92 -24.94 -19.19
CA GLN A 120 -40.84 -23.88 -18.81
C GLN A 120 -42.09 -23.92 -19.68
N LEU A 121 -41.90 -23.90 -21.00
CA LEU A 121 -43.00 -23.84 -21.96
C LEU A 121 -43.94 -25.05 -21.84
N TYR A 122 -43.41 -26.24 -22.13
CA TYR A 122 -44.18 -27.48 -22.11
C TYR A 122 -44.36 -28.08 -20.69
N ASN A 123 -44.07 -27.28 -19.66
CA ASN A 123 -44.27 -27.62 -18.24
C ASN A 123 -43.82 -29.03 -17.80
N LEU A 124 -42.57 -29.36 -18.12
CA LEU A 124 -41.98 -30.66 -17.76
C LEU A 124 -41.67 -30.84 -16.26
N ASN A 125 -41.64 -29.74 -15.51
CA ASN A 125 -41.23 -29.75 -14.11
C ASN A 125 -40.07 -30.74 -13.84
N ILE A 126 -39.02 -30.68 -14.67
CA ILE A 126 -37.85 -31.53 -14.50
C ILE A 126 -37.03 -31.00 -13.35
N ASP A 127 -36.69 -31.89 -12.43
CA ASP A 127 -35.91 -31.52 -11.27
C ASP A 127 -34.43 -31.27 -11.64
N PRO A 128 -33.78 -30.36 -10.93
CA PRO A 128 -32.47 -29.80 -11.34
C PRO A 128 -31.39 -30.80 -11.69
N LEU A 129 -31.21 -31.86 -10.92
CA LEU A 129 -30.07 -32.75 -11.14
C LEU A 129 -30.22 -33.54 -12.44
N LYS A 130 -31.45 -33.92 -12.78
CA LYS A 130 -31.74 -34.48 -14.09
C LYS A 130 -31.55 -33.44 -15.21
N LYS A 131 -31.87 -32.16 -14.97
CA LYS A 131 -31.60 -31.15 -16.00
C LYS A 131 -30.14 -31.27 -16.42
N ALA A 132 -29.26 -31.46 -15.45
CA ALA A 132 -27.83 -31.50 -15.74
C ALA A 132 -27.41 -32.80 -16.43
N LEU A 133 -27.89 -33.93 -15.91
CA LEU A 133 -27.55 -35.25 -16.48
C LEU A 133 -28.11 -35.41 -17.88
N LEU A 134 -29.22 -34.73 -18.16
CA LEU A 134 -29.85 -34.72 -19.49
C LEU A 134 -29.08 -33.86 -20.50
N ALA A 135 -28.57 -32.72 -20.05
CA ALA A 135 -27.81 -31.83 -20.92
C ALA A 135 -26.46 -32.46 -21.26
N LYS A 136 -25.90 -33.20 -20.31
CA LYS A 136 -24.60 -33.88 -20.49
C LYS A 136 -24.71 -35.10 -21.41
N LYS A 137 -25.86 -35.80 -21.41
CA LYS A 137 -26.06 -36.91 -22.37
C LYS A 137 -26.22 -36.35 -23.78
N ALA A 138 -26.83 -35.18 -23.92
CA ALA A 138 -27.01 -34.58 -25.22
C ALA A 138 -25.65 -34.27 -25.83
N GLU A 139 -24.73 -33.76 -25.00
CA GLU A 139 -23.39 -33.38 -25.46
C GLU A 139 -22.46 -34.60 -25.67
N ASN A 140 -22.65 -35.66 -24.89
CA ASN A 140 -21.84 -36.88 -25.02
C ASN A 140 -22.23 -37.79 -26.20
N GLU A 141 -23.53 -38.07 -26.31
CA GLU A 141 -24.05 -39.03 -27.30
C GLU A 141 -24.44 -38.37 -28.62
N PHE A 142 -25.06 -37.18 -28.58
CA PHE A 142 -25.52 -36.56 -29.83
C PHE A 142 -24.44 -35.78 -30.55
N VAL A 143 -23.96 -34.72 -29.91
CA VAL A 143 -22.73 -34.05 -30.34
C VAL A 143 -21.64 -35.01 -29.88
N GLY A 144 -20.55 -35.11 -30.62
CA GLY A 144 -19.56 -36.11 -30.26
C GLY A 144 -18.57 -35.76 -29.17
N VAL A 145 -18.96 -35.12 -28.07
CA VAL A 145 -17.96 -34.47 -27.17
C VAL A 145 -17.89 -35.00 -25.70
N PRO A 146 -16.76 -35.61 -25.31
CA PRO A 146 -16.64 -36.29 -24.00
C PRO A 146 -16.47 -35.32 -22.88
N CYS A 147 -17.10 -35.52 -21.74
CA CYS A 147 -16.95 -34.55 -20.66
C CYS A 147 -17.81 -34.88 -19.48
N GLY A 148 -17.20 -34.79 -18.31
CA GLY A 148 -17.86 -35.13 -17.08
C GLY A 148 -18.93 -34.12 -16.77
N ILE A 149 -19.41 -34.18 -15.54
CA ILE A 149 -20.58 -33.44 -15.17
C ILE A 149 -20.31 -31.99 -14.71
N LEU A 150 -19.05 -31.60 -14.66
CA LEU A 150 -18.63 -30.30 -14.10
C LEU A 150 -19.47 -29.12 -14.62
N ASP A 151 -19.49 -28.98 -15.95
CA ASP A 151 -20.06 -27.80 -16.68
C ASP A 151 -21.58 -27.66 -16.50
N GLN A 152 -22.28 -28.76 -16.74
CA GLN A 152 -23.74 -28.78 -16.70
C GLN A 152 -24.24 -28.60 -15.26
N PHE A 153 -23.49 -29.15 -14.31
CA PHE A 153 -23.85 -29.04 -12.91
C PHE A 153 -23.70 -27.61 -12.45
N ALA A 154 -22.57 -27.02 -12.75
CA ALA A 154 -22.31 -25.66 -12.31
C ALA A 154 -23.39 -24.73 -12.85
N VAL A 155 -23.69 -24.85 -14.13
CA VAL A 155 -24.63 -23.95 -14.82
C VAL A 155 -26.08 -24.10 -14.32
N VAL A 156 -26.41 -25.28 -13.83
CA VAL A 156 -27.74 -25.53 -13.27
C VAL A 156 -27.82 -25.20 -11.76
N PHE A 157 -26.83 -25.62 -10.98
CA PHE A 157 -26.87 -25.52 -9.52
C PHE A 157 -26.24 -24.24 -8.93
N GLY A 158 -25.77 -23.35 -9.79
CA GLY A 158 -25.10 -22.18 -9.28
C GLY A 158 -25.99 -21.47 -8.27
N LYS A 159 -25.37 -20.92 -7.23
CA LYS A 159 -26.06 -20.07 -6.27
C LYS A 159 -25.21 -18.78 -5.98
N LYS A 160 -25.92 -17.67 -5.77
CA LYS A 160 -25.38 -16.32 -5.75
C LYS A 160 -23.98 -16.18 -5.13
N ASP A 161 -23.84 -16.33 -3.83
CA ASP A 161 -22.52 -15.97 -3.34
C ASP A 161 -21.76 -17.19 -2.90
N ASN A 162 -21.86 -18.22 -3.75
CA ASN A 162 -21.41 -19.59 -3.45
C ASN A 162 -20.70 -20.29 -4.60
N VAL A 163 -19.88 -21.24 -4.20
CA VAL A 163 -19.31 -22.23 -5.07
C VAL A 163 -19.90 -23.53 -4.59
N ILE A 164 -19.81 -24.56 -5.42
CA ILE A 164 -20.42 -25.82 -5.11
C ILE A 164 -19.37 -26.87 -5.03
N PHE A 165 -19.05 -27.32 -3.82
CA PHE A 165 -18.29 -28.57 -3.69
C PHE A 165 -19.15 -29.72 -4.21
N LEU A 166 -18.61 -30.51 -5.10
CA LEU A 166 -19.31 -31.70 -5.65
C LEU A 166 -18.45 -32.94 -5.52
N ASP A 167 -18.96 -34.00 -4.91
CA ASP A 167 -18.36 -35.32 -5.06
C ASP A 167 -18.95 -35.93 -6.34
N THR A 168 -18.20 -35.98 -7.44
CA THR A 168 -18.81 -36.43 -8.68
C THR A 168 -19.07 -37.93 -8.76
N GLN A 169 -18.56 -38.73 -7.82
CA GLN A 169 -18.95 -40.13 -7.80
C GLN A 169 -20.40 -40.29 -7.38
N THR A 170 -20.81 -39.52 -6.35
CA THR A 170 -22.10 -39.76 -5.67
C THR A 170 -23.12 -38.65 -5.87
N LEU A 171 -22.77 -37.67 -6.67
CA LEU A 171 -23.54 -36.44 -6.86
C LEU A 171 -24.01 -35.82 -5.56
N GLN A 172 -23.14 -35.86 -4.55
CA GLN A 172 -23.38 -35.26 -3.25
C GLN A 172 -22.67 -33.92 -3.19
N TYR A 173 -23.43 -32.83 -3.09
CA TYR A 173 -22.89 -31.48 -3.15
C TYR A 173 -23.15 -30.66 -1.88
N GLU A 174 -22.37 -29.60 -1.75
CA GLU A 174 -22.47 -28.70 -0.61
C GLU A 174 -22.17 -27.29 -1.10
N TYR A 175 -23.01 -26.34 -0.70
CA TYR A 175 -22.77 -24.93 -0.97
C TYR A 175 -21.82 -24.33 0.04
N ILE A 176 -20.86 -23.56 -0.44
CA ILE A 176 -19.85 -22.93 0.42
C ILE A 176 -19.79 -21.48 0.02
N PRO A 177 -20.15 -20.58 0.92
CA PRO A 177 -20.04 -19.13 0.65
C PRO A 177 -18.65 -18.71 0.17
N PHE A 178 -18.63 -17.97 -0.92
CA PHE A 178 -17.44 -17.32 -1.43
C PHE A 178 -17.41 -15.87 -1.01
N PRO A 179 -16.33 -15.43 -0.38
CA PRO A 179 -16.28 -14.09 0.20
C PRO A 179 -16.64 -12.98 -0.82
N LYS A 180 -17.52 -12.08 -0.39
CA LYS A 180 -18.09 -11.07 -1.28
C LYS A 180 -17.09 -9.98 -1.65
N ASP A 181 -16.10 -9.78 -0.78
CA ASP A 181 -15.03 -8.80 -1.02
C ASP A 181 -13.82 -9.41 -1.78
N VAL A 182 -14.02 -10.58 -2.37
CA VAL A 182 -13.03 -11.21 -3.23
C VAL A 182 -13.72 -11.49 -4.57
N SER A 183 -13.02 -11.16 -5.64
CA SER A 183 -13.49 -11.39 -7.00
C SER A 183 -12.65 -12.42 -7.69
N VAL A 184 -13.29 -13.16 -8.58
CA VAL A 184 -12.59 -14.08 -9.45
C VAL A 184 -12.33 -13.31 -10.73
N LEU A 185 -11.07 -13.16 -11.08
CA LEU A 185 -10.67 -12.50 -12.32
C LEU A 185 -10.57 -13.58 -13.39
N VAL A 186 -11.48 -13.58 -14.35
CA VAL A 186 -11.41 -14.51 -15.49
C VAL A 186 -10.59 -13.90 -16.65
N PHE A 187 -9.59 -14.62 -17.13
CA PHE A 187 -8.76 -14.12 -18.23
C PHE A 187 -8.83 -15.07 -19.39
N TYR A 188 -9.40 -14.63 -20.50
CA TYR A 188 -9.42 -15.46 -21.70
C TYR A 188 -8.18 -15.17 -22.58
N THR A 189 -7.37 -16.19 -22.83
CA THR A 189 -6.11 -16.06 -23.54
C THR A 189 -6.24 -15.77 -25.03
N GLY A 190 -7.38 -16.12 -25.61
CA GLY A 190 -7.61 -16.02 -27.05
C GLY A 190 -7.12 -17.21 -27.83
N VAL A 191 -6.71 -18.25 -27.14
CA VAL A 191 -6.05 -19.41 -27.72
C VAL A 191 -6.97 -20.62 -27.64
N LYS A 192 -7.15 -21.30 -28.76
CA LYS A 192 -7.86 -22.59 -28.76
C LYS A 192 -7.01 -23.53 -29.60
N ARG A 193 -6.15 -24.31 -28.96
CA ARG A 193 -5.25 -25.17 -29.76
C ARG A 193 -6.08 -26.36 -30.36
N GLU A 194 -5.78 -26.71 -31.63
CA GLU A 194 -6.55 -27.75 -32.36
C GLU A 194 -6.36 -29.16 -31.76
N LEU A 195 -5.17 -29.40 -31.17
CA LEU A 195 -4.85 -30.65 -30.47
C LEU A 195 -5.62 -30.84 -29.16
N ALA A 196 -6.22 -29.78 -28.62
CA ALA A 196 -6.87 -29.84 -27.30
C ALA A 196 -7.86 -30.99 -27.15
N SER A 197 -8.60 -31.22 -28.20
CA SER A 197 -9.64 -32.21 -28.17
C SER A 197 -9.06 -33.61 -27.95
N SER A 198 -8.12 -34.01 -28.80
CA SER A 198 -7.52 -35.33 -28.68
C SER A 198 -6.63 -35.44 -27.45
N GLU A 199 -6.13 -34.33 -26.95
CA GLU A 199 -5.38 -34.38 -25.69
C GLU A 199 -6.31 -34.70 -24.50
N TYR A 200 -7.48 -34.06 -24.46
CA TYR A 200 -8.48 -34.38 -23.44
C TYR A 200 -8.83 -35.86 -23.45
N ALA A 201 -9.17 -36.39 -24.61
CA ALA A 201 -9.52 -37.79 -24.75
C ALA A 201 -8.39 -38.73 -24.34
N GLU A 202 -7.14 -38.36 -24.60
CA GLU A 202 -6.00 -39.18 -24.14
C GLU A 202 -5.95 -39.21 -22.60
N ARG A 203 -5.97 -38.04 -21.98
CA ARG A 203 -6.00 -37.96 -20.53
C ARG A 203 -7.11 -38.84 -20.01
N LYS A 204 -8.28 -38.70 -20.59
CA LYS A 204 -9.45 -39.48 -20.19
C LYS A 204 -9.26 -40.99 -20.44
N ARG A 205 -8.80 -41.37 -21.62
CA ARG A 205 -8.50 -42.78 -21.88
C ARG A 205 -7.57 -43.32 -20.80
N ILE A 206 -6.52 -42.58 -20.47
CA ILE A 206 -5.45 -43.09 -19.62
C ILE A 206 -5.94 -43.26 -18.19
N ALA A 207 -6.80 -42.36 -17.73
CA ALA A 207 -7.37 -42.40 -16.39
C ALA A 207 -8.29 -43.61 -16.16
N GLU A 208 -9.21 -43.84 -17.13
CA GLU A 208 -10.15 -44.94 -17.21
C GLU A 208 -9.37 -46.24 -17.09
N GLU A 209 -8.32 -46.38 -17.88
CA GLU A 209 -7.39 -47.52 -17.88
C GLU A 209 -6.72 -47.76 -16.51
N SER A 210 -6.27 -46.66 -15.89
CA SER A 210 -5.63 -46.73 -14.58
C SER A 210 -6.56 -47.30 -13.52
N LEU A 211 -7.79 -46.81 -13.45
CA LEU A 211 -8.76 -47.35 -12.50
C LEU A 211 -8.92 -48.84 -12.71
N ARG A 212 -8.92 -49.24 -13.98
CA ARG A 212 -9.21 -50.60 -14.41
C ARG A 212 -8.09 -51.58 -13.99
N ILE A 213 -6.85 -51.17 -14.26
CA ILE A 213 -5.65 -51.85 -13.81
C ILE A 213 -5.63 -52.04 -12.30
N LEU A 214 -6.01 -50.99 -11.58
CA LEU A 214 -5.95 -50.95 -10.12
C LEU A 214 -7.14 -51.61 -9.40
N GLY A 215 -8.20 -51.96 -10.13
CA GLY A 215 -9.40 -52.48 -9.51
C GLY A 215 -10.27 -51.43 -8.83
N LYS A 216 -10.04 -50.18 -9.14
CA LYS A 216 -10.71 -49.10 -8.45
C LYS A 216 -11.80 -48.40 -9.29
N GLU A 217 -12.69 -47.70 -8.58
CA GLU A 217 -13.88 -47.16 -9.18
C GLU A 217 -13.87 -45.65 -9.17
N SER A 218 -12.98 -45.06 -8.36
CA SER A 218 -12.84 -43.60 -8.26
C SER A 218 -11.42 -43.22 -7.87
N SER A 219 -11.00 -42.02 -8.24
CA SER A 219 -9.69 -41.52 -7.84
C SER A 219 -9.62 -41.14 -6.36
N LYS A 220 -10.77 -41.05 -5.69
CA LYS A 220 -10.82 -40.80 -4.22
C LYS A 220 -10.16 -41.91 -3.42
N GLU A 221 -10.36 -43.14 -3.87
CA GLU A 221 -9.82 -44.35 -3.28
C GLU A 221 -8.28 -44.57 -3.41
N VAL A 222 -7.56 -43.81 -4.26
CA VAL A 222 -6.22 -44.28 -4.70
C VAL A 222 -5.09 -43.91 -3.76
N THR A 223 -4.24 -44.91 -3.54
CA THR A 223 -3.20 -44.92 -2.54
C THR A 223 -1.84 -44.69 -3.15
N GLU A 224 -0.89 -44.39 -2.30
CA GLU A 224 0.51 -44.30 -2.69
C GLU A 224 1.00 -45.66 -3.26
N LYS A 225 0.64 -46.77 -2.62
CA LYS A 225 1.05 -48.09 -3.14
C LYS A 225 0.31 -48.44 -4.45
N ASP A 226 -0.93 -47.95 -4.61
CA ASP A 226 -1.68 -48.13 -5.85
C ASP A 226 -0.91 -47.46 -6.98
N LEU A 227 -0.52 -46.20 -6.80
CA LEU A 227 0.17 -45.47 -7.85
C LEU A 227 1.45 -46.18 -8.22
N GLY A 228 2.05 -46.90 -7.28
CA GLY A 228 3.30 -47.59 -7.57
C GLY A 228 3.10 -48.71 -8.57
N LYS A 229 1.87 -49.20 -8.67
CA LYS A 229 1.52 -50.26 -9.58
C LYS A 229 1.17 -49.76 -10.99
N LEU A 230 1.14 -48.46 -11.23
CA LEU A 230 0.85 -47.93 -12.57
C LEU A 230 2.13 -47.80 -13.33
N PRO A 231 2.08 -47.89 -14.66
CA PRO A 231 3.28 -47.65 -15.48
C PRO A 231 3.59 -46.16 -15.62
N PRO A 232 4.77 -45.79 -16.14
CA PRO A 232 5.29 -44.42 -16.06
C PRO A 232 4.33 -43.28 -16.34
N LEU A 233 3.75 -43.23 -17.52
CA LEU A 233 2.87 -42.11 -17.90
C LEU A 233 1.57 -42.13 -17.15
N HIS A 234 0.97 -43.30 -17.03
CA HIS A 234 -0.23 -43.47 -16.25
C HIS A 234 -0.02 -42.97 -14.80
N ARG A 235 1.15 -43.24 -14.24
CA ARG A 235 1.46 -42.87 -12.86
C ARG A 235 1.70 -41.37 -12.73
N LYS A 236 2.34 -40.79 -13.74
CA LYS A 236 2.56 -39.36 -13.78
C LYS A 236 1.21 -38.63 -13.83
N PHE A 237 0.31 -39.09 -14.69
CA PHE A 237 -0.94 -38.39 -14.91
C PHE A 237 -1.87 -38.61 -13.73
N PHE A 238 -2.02 -39.86 -13.28
CA PHE A 238 -2.93 -40.18 -12.19
C PHE A 238 -2.44 -39.64 -10.84
N SER A 239 -1.13 -39.50 -10.66
CA SER A 239 -0.60 -38.93 -9.40
C SER A 239 -1.05 -37.48 -9.23
N TYR A 240 -1.27 -36.77 -10.34
CA TYR A 240 -1.80 -35.43 -10.26
C TYR A 240 -3.26 -35.40 -9.76
N ILE A 241 -4.04 -36.37 -10.22
CA ILE A 241 -5.45 -36.38 -9.95
C ILE A 241 -5.63 -36.65 -8.47
N VAL A 242 -4.83 -37.57 -7.95
CA VAL A 242 -4.89 -37.91 -6.53
C VAL A 242 -4.49 -36.67 -5.72
N ARG A 243 -3.50 -35.93 -6.19
CA ARG A 243 -3.15 -34.67 -5.54
C ARG A 243 -4.23 -33.58 -5.63
N GLU A 244 -4.96 -33.44 -6.75
CA GLU A 244 -6.04 -32.43 -6.82
C GLU A 244 -7.11 -32.80 -5.84
N ASN A 245 -7.56 -34.04 -5.88
CA ASN A 245 -8.62 -34.45 -5.00
C ASN A 245 -8.33 -33.95 -3.61
N ALA A 246 -7.07 -34.05 -3.18
CA ALA A 246 -6.72 -33.69 -1.82
C ALA A 246 -6.82 -32.19 -1.66
N ARG A 247 -6.34 -31.44 -2.65
CA ARG A 247 -6.43 -29.98 -2.66
C ARG A 247 -7.85 -29.46 -2.60
N VAL A 248 -8.77 -30.10 -3.33
CA VAL A 248 -10.17 -29.72 -3.26
C VAL A 248 -10.65 -29.73 -1.81
N LEU A 249 -10.40 -30.84 -1.12
CA LEU A 249 -10.74 -30.98 0.31
C LEU A 249 -10.10 -29.89 1.17
N GLU A 250 -8.89 -29.45 0.79
CA GLU A 250 -8.20 -28.42 1.53
C GLU A 250 -8.75 -27.05 1.13
N VAL A 251 -9.06 -26.82 -0.14
CA VAL A 251 -9.76 -25.58 -0.49
C VAL A 251 -11.07 -25.54 0.24
N ARG A 252 -11.67 -26.69 0.51
CA ARG A 252 -12.99 -26.76 1.11
C ARG A 252 -12.98 -26.25 2.54
N ASP A 253 -12.10 -26.80 3.37
CA ASP A 253 -11.90 -26.26 4.73
C ASP A 253 -11.48 -24.76 4.73
N ALA A 254 -10.42 -24.41 4.01
CA ALA A 254 -9.96 -23.03 3.92
C ALA A 254 -11.08 -22.04 3.64
N LEU A 255 -11.92 -22.38 2.69
CA LEU A 255 -12.95 -21.46 2.23
C LEU A 255 -14.00 -21.27 3.31
N LYS A 256 -14.36 -22.38 3.95
CA LYS A 256 -15.35 -22.34 5.02
C LYS A 256 -14.83 -21.61 6.26
N GLU A 257 -13.53 -21.34 6.36
CA GLU A 257 -12.99 -20.49 7.44
C GLU A 257 -12.74 -19.08 6.97
N GLY A 258 -12.94 -18.83 5.68
CA GLY A 258 -12.62 -17.54 5.10
C GLY A 258 -11.13 -17.18 5.00
N ASP A 259 -10.28 -18.21 5.00
CA ASP A 259 -8.84 -18.07 4.78
C ASP A 259 -8.56 -18.12 3.28
N ILE A 260 -8.84 -17.03 2.59
CA ILE A 260 -8.70 -16.97 1.14
C ILE A 260 -7.22 -16.98 0.70
N GLU A 261 -6.32 -16.67 1.61
CA GLU A 261 -4.88 -16.73 1.34
C GLU A 261 -4.40 -18.19 1.22
N LYS A 262 -4.94 -19.08 2.06
CA LYS A 262 -4.68 -20.52 1.96
C LYS A 262 -5.29 -21.04 0.68
N VAL A 263 -6.49 -20.59 0.36
CA VAL A 263 -7.17 -21.05 -0.85
C VAL A 263 -6.28 -20.73 -2.04
N GLY A 264 -5.70 -19.53 -1.98
CA GLY A 264 -5.01 -18.95 -3.10
C GLY A 264 -3.75 -19.69 -3.33
N LYS A 265 -3.05 -20.03 -2.23
CA LYS A 265 -1.76 -20.74 -2.32
C LYS A 265 -1.95 -22.10 -2.96
N ILE A 266 -3.09 -22.72 -2.68
CA ILE A 266 -3.43 -24.05 -3.16
C ILE A 266 -3.72 -24.04 -4.65
N LEU A 267 -4.48 -23.04 -5.15
CA LEU A 267 -4.70 -22.93 -6.59
C LEU A 267 -3.36 -22.83 -7.25
N THR A 268 -2.48 -22.04 -6.67
CA THR A 268 -1.20 -21.83 -7.31
C THR A 268 -0.45 -23.15 -7.46
N THR A 269 -0.45 -23.97 -6.41
CA THR A 269 0.21 -25.25 -6.47
C THR A 269 -0.45 -26.06 -7.57
N ALA A 270 -1.77 -26.10 -7.52
CA ALA A 270 -2.54 -26.80 -8.53
C ALA A 270 -2.13 -26.43 -9.94
N HIS A 271 -1.91 -25.15 -10.23
CA HIS A 271 -1.57 -24.74 -11.59
C HIS A 271 -0.29 -25.39 -12.07
N TRP A 272 0.72 -25.41 -11.22
CA TRP A 272 2.01 -25.89 -11.62
C TRP A 272 2.06 -27.40 -11.64
N ASP A 273 1.07 -28.03 -11.02
CA ASP A 273 0.98 -29.47 -11.05
C ASP A 273 0.35 -29.80 -12.38
N LEU A 274 -0.73 -29.09 -12.70
CA LEU A 274 -1.30 -29.17 -14.03
C LEU A 274 -0.26 -28.91 -15.12
N ALA A 275 0.53 -27.83 -15.00
CA ALA A 275 1.42 -27.41 -16.07
C ALA A 275 2.58 -28.36 -16.24
N GLU A 276 3.23 -28.79 -15.15
CA GLU A 276 4.38 -29.73 -15.24
C GLU A 276 4.05 -31.19 -15.42
N ASN A 277 2.99 -31.66 -14.80
CA ASN A 277 2.77 -33.09 -14.70
C ASN A 277 1.66 -33.63 -15.59
N TYR A 278 0.50 -32.97 -15.55
CA TYR A 278 -0.60 -33.32 -16.44
C TYR A 278 -0.37 -32.68 -17.81
N ARG A 279 0.54 -31.73 -17.90
CA ARG A 279 0.95 -31.12 -19.20
C ARG A 279 -0.21 -30.57 -20.03
N VAL A 280 -1.11 -29.84 -19.38
CA VAL A 280 -2.22 -29.20 -20.09
C VAL A 280 -2.24 -27.68 -19.96
N SER A 281 -1.14 -27.06 -19.55
CA SER A 281 -1.03 -25.61 -19.61
C SER A 281 -0.34 -25.30 -20.92
N CYS A 282 0.03 -24.04 -21.08
CA CYS A 282 0.73 -23.54 -22.24
C CYS A 282 1.36 -22.17 -21.87
N GLU A 283 2.24 -21.66 -22.72
CA GLU A 283 2.99 -20.44 -22.42
C GLU A 283 2.10 -19.27 -21.95
N GLU A 284 0.92 -19.15 -22.52
CA GLU A 284 0.14 -17.94 -22.30
C GLU A 284 -0.75 -18.03 -21.05
N LEU A 285 -1.19 -19.22 -20.67
CA LEU A 285 -1.79 -19.41 -19.36
C LEU A 285 -0.77 -19.12 -18.23
N ASP A 286 0.47 -19.56 -18.43
CA ASP A 286 1.52 -19.40 -17.41
C ASP A 286 1.88 -17.94 -17.27
N PHE A 287 1.87 -17.20 -18.38
CA PHE A 287 2.19 -15.79 -18.39
C PHE A 287 1.16 -15.07 -17.56
N PHE A 288 -0.11 -15.40 -17.77
CA PHE A 288 -1.16 -14.83 -16.95
C PHE A 288 -0.97 -15.12 -15.46
N VAL A 289 -0.73 -16.37 -15.11
CA VAL A 289 -0.56 -16.70 -13.71
C VAL A 289 0.65 -16.01 -13.06
N LYS A 290 1.73 -15.90 -13.81
CA LYS A 290 2.97 -15.32 -13.30
C LYS A 290 2.73 -13.86 -13.04
N LYS A 291 1.98 -13.21 -13.93
CA LYS A 291 1.77 -11.76 -13.88
C LYS A 291 0.72 -11.43 -12.81
N ALA A 292 -0.29 -12.27 -12.65
CA ALA A 292 -1.25 -12.14 -11.55
C ALA A 292 -0.54 -12.11 -10.19
N MSE A 293 0.44 -12.99 -10.03
CA MSE A 293 1.16 -13.06 -8.77
C MSE A 293 2.13 -11.92 -8.58
O MSE A 293 2.43 -11.60 -7.44
CB MSE A 293 1.89 -14.39 -8.66
CG MSE A 293 1.01 -15.62 -8.72
SE MSE A 293 -0.51 -15.56 -7.44
CE MSE A 293 0.52 -15.71 -5.73
N GLU A 294 2.62 -11.27 -9.64
CA GLU A 294 3.48 -10.10 -9.40
C GLU A 294 2.64 -8.87 -8.98
N LEU A 295 1.31 -8.95 -9.19
CA LEU A 295 0.40 -7.83 -8.93
C LEU A 295 -0.56 -8.05 -7.73
N GLY A 296 -0.31 -9.11 -6.95
CA GLY A 296 -0.81 -9.21 -5.60
C GLY A 296 -1.95 -10.18 -5.36
N ALA A 297 -2.27 -10.97 -6.37
CA ALA A 297 -3.29 -12.00 -6.25
C ALA A 297 -3.04 -12.95 -5.09
N TYR A 298 -4.13 -13.49 -4.57
CA TYR A 298 -4.05 -14.56 -3.60
C TYR A 298 -3.53 -15.82 -4.27
N GLY A 299 -4.03 -16.06 -5.47
CA GLY A 299 -3.55 -17.14 -6.29
C GLY A 299 -4.17 -17.10 -7.65
N ALA A 300 -3.70 -17.97 -8.53
CA ALA A 300 -4.23 -18.01 -9.88
C ALA A 300 -3.90 -19.34 -10.49
N ARG A 301 -4.59 -19.67 -11.58
CA ARG A 301 -4.60 -21.05 -12.04
C ARG A 301 -5.48 -21.15 -13.24
N LEU A 302 -5.08 -21.98 -14.21
CA LEU A 302 -5.93 -22.18 -15.37
C LEU A 302 -7.20 -22.82 -14.87
N THR A 303 -8.22 -22.80 -15.73
CA THR A 303 -9.50 -23.39 -15.42
C THR A 303 -10.06 -24.09 -16.67
N GLY A 304 -10.84 -25.14 -16.45
CA GLY A 304 -11.23 -26.02 -17.54
C GLY A 304 -10.12 -26.95 -18.00
N ALA A 305 -10.23 -27.41 -19.23
CA ALA A 305 -9.39 -28.50 -19.74
C ALA A 305 -7.91 -28.17 -19.79
N GLY A 306 -7.59 -26.92 -20.15
CA GLY A 306 -6.24 -26.48 -20.42
C GLY A 306 -5.99 -26.17 -21.89
N PHE A 307 -4.72 -26.19 -22.29
CA PHE A 307 -4.28 -26.00 -23.71
C PHE A 307 -4.66 -24.67 -24.33
N GLY A 308 -4.95 -23.69 -23.49
CA GLY A 308 -5.53 -22.44 -23.93
C GLY A 308 -6.72 -22.10 -23.09
N GLY A 309 -7.67 -21.38 -23.66
CA GLY A 309 -8.85 -21.03 -22.93
C GLY A 309 -8.56 -20.06 -21.83
N SER A 310 -9.18 -20.27 -20.67
CA SER A 310 -9.22 -19.22 -19.65
C SER A 310 -8.53 -19.60 -18.35
N ALA A 311 -8.17 -18.57 -17.59
CA ALA A 311 -7.56 -18.78 -16.30
C ALA A 311 -8.26 -17.90 -15.25
N ILE A 312 -8.08 -18.20 -13.97
CA ILE A 312 -8.62 -17.35 -12.89
C ILE A 312 -7.55 -16.84 -11.94
N ALA A 313 -7.78 -15.67 -11.37
CA ALA A 313 -6.94 -15.18 -10.28
C ALA A 313 -7.86 -14.74 -9.18
N LEU A 314 -7.50 -15.02 -7.92
CA LEU A 314 -8.23 -14.52 -6.78
C LEU A 314 -7.61 -13.19 -6.37
N VAL A 315 -8.47 -12.20 -6.22
CA VAL A 315 -8.11 -10.83 -6.23
C VAL A 315 -9.10 -10.04 -5.37
N ASP A 316 -8.66 -9.02 -4.65
CA ASP A 316 -9.61 -8.22 -3.87
C ASP A 316 -10.52 -7.46 -4.82
N LYS A 317 -11.79 -7.30 -4.44
CA LYS A 317 -12.81 -6.69 -5.33
C LYS A 317 -12.45 -5.29 -5.75
N ASP A 318 -11.97 -4.50 -4.79
CA ASP A 318 -11.58 -3.11 -5.04
C ASP A 318 -10.36 -2.98 -5.98
N LYS A 319 -9.59 -4.05 -6.12
CA LYS A 319 -8.36 -4.03 -6.91
C LYS A 319 -8.49 -4.72 -8.29
N ALA A 320 -9.62 -5.35 -8.57
CA ALA A 320 -9.74 -6.24 -9.72
C ALA A 320 -9.60 -5.61 -11.11
N LYS A 321 -10.30 -4.51 -11.37
CA LYS A 321 -10.19 -3.81 -12.65
C LYS A 321 -8.76 -3.29 -12.90
N THR A 322 -8.09 -2.76 -11.89
CA THR A 322 -6.69 -2.32 -12.07
C THR A 322 -5.76 -3.48 -12.42
N ILE A 323 -5.93 -4.62 -11.76
CA ILE A 323 -5.11 -5.79 -12.02
C ILE A 323 -5.36 -6.34 -13.43
N GLY A 324 -6.60 -6.66 -13.72
CA GLY A 324 -7.01 -7.06 -15.05
C GLY A 324 -6.48 -6.16 -16.15
N ASP A 325 -6.74 -4.86 -16.10
CA ASP A 325 -6.20 -3.93 -17.12
C ASP A 325 -4.67 -4.03 -17.30
N ALA A 326 -3.96 -4.24 -16.20
CA ALA A 326 -2.51 -4.33 -16.17
C ALA A 326 -2.04 -5.59 -16.84
N ILE A 327 -2.60 -6.73 -16.45
CA ILE A 327 -2.28 -7.99 -17.10
C ILE A 327 -2.69 -7.98 -18.58
N LEU A 328 -3.86 -7.43 -18.92
CA LEU A 328 -4.28 -7.38 -20.33
C LEU A 328 -3.24 -6.70 -21.20
N ARG A 329 -2.73 -5.54 -20.79
CA ARG A 329 -1.88 -4.76 -21.66
C ARG A 329 -0.51 -5.40 -21.78
N GLU A 330 -0.02 -5.83 -20.62
CA GLU A 330 1.17 -6.66 -20.49
C GLU A 330 1.09 -7.88 -21.46
N TYR A 331 0.00 -8.67 -21.40
CA TYR A 331 -0.24 -9.81 -22.31
C TYR A 331 -0.34 -9.45 -23.81
N LEU A 332 -1.02 -8.35 -24.13
CA LEU A 332 -1.28 -7.95 -25.53
C LEU A 332 0.01 -7.35 -26.19
N ALA A 333 0.97 -6.99 -25.35
CA ALA A 333 2.30 -6.57 -25.80
C ALA A 333 3.09 -7.82 -26.14
N LYS A 334 2.84 -8.93 -25.44
CA LYS A 334 3.55 -10.18 -25.71
C LYS A 334 2.96 -11.07 -26.83
N PHE A 335 1.64 -11.20 -26.91
CA PHE A 335 1.02 -12.13 -27.86
C PHE A 335 -0.01 -11.43 -28.74
N SER A 336 -0.28 -12.01 -29.90
CA SER A 336 -1.16 -11.38 -30.86
C SER A 336 -2.63 -11.82 -30.71
N TRP A 337 -2.91 -12.72 -29.78
CA TRP A 337 -4.28 -13.23 -29.66
C TRP A 337 -5.22 -12.16 -29.12
N LYS A 338 -6.51 -12.32 -29.41
CA LYS A 338 -7.54 -11.41 -28.91
C LYS A 338 -8.01 -11.89 -27.53
N ALA A 339 -7.20 -11.60 -26.51
CA ALA A 339 -7.56 -11.86 -25.12
C ALA A 339 -8.57 -10.84 -24.57
N LYS A 340 -9.45 -11.35 -23.71
CA LYS A 340 -10.38 -10.49 -22.96
C LYS A 340 -10.27 -10.88 -21.47
N TYR A 341 -10.72 -10.01 -20.57
CA TYR A 341 -10.95 -10.42 -19.18
C TYR A 341 -12.28 -9.93 -18.62
N PHE A 342 -12.71 -10.58 -17.53
CA PHE A 342 -14.01 -10.32 -16.91
C PHE A 342 -13.87 -10.37 -15.40
N VAL A 343 -14.37 -9.35 -14.71
CA VAL A 343 -14.51 -9.45 -13.27
C VAL A 343 -15.87 -10.06 -13.05
N VAL A 344 -15.88 -11.21 -12.41
CA VAL A 344 -17.01 -12.09 -12.43
C VAL A 344 -17.48 -12.33 -10.99
N LYS A 345 -18.80 -12.50 -10.82
CA LYS A 345 -19.44 -12.73 -9.52
C LYS A 345 -20.02 -14.15 -9.53
N PRO A 346 -19.92 -14.90 -8.43
CA PRO A 346 -20.58 -16.21 -8.39
C PRO A 346 -22.11 -16.04 -8.51
N SER A 347 -22.77 -16.73 -9.43
CA SER A 347 -24.19 -16.50 -9.71
C SER A 347 -25.12 -17.70 -9.50
N ASP A 348 -26.42 -17.43 -9.66
CA ASP A 348 -27.46 -18.44 -9.75
C ASP A 348 -27.35 -19.18 -11.06
N GLY A 349 -27.79 -20.44 -11.06
CA GLY A 349 -27.85 -21.25 -12.27
C GLY A 349 -29.07 -20.88 -13.09
N VAL A 350 -29.39 -21.70 -14.08
CA VAL A 350 -30.47 -21.39 -15.03
C VAL A 350 -31.76 -20.99 -14.32
N GLY A 351 -32.31 -19.84 -14.72
CA GLY A 351 -33.60 -19.36 -14.23
C GLY A 351 -34.53 -18.88 -15.34
N SER B 8 -67.18 -26.14 -25.56
CA SER B 8 -67.26 -26.98 -24.33
C SER B 8 -68.65 -27.68 -24.23
N PRO B 9 -68.66 -29.00 -24.10
CA PRO B 9 -69.90 -29.80 -24.19
C PRO B 9 -70.76 -29.81 -22.94
N GLY B 10 -72.02 -30.18 -23.12
CA GLY B 10 -72.90 -30.50 -22.01
C GLY B 10 -72.74 -31.96 -21.62
N ARG B 11 -73.55 -32.43 -20.68
CA ARG B 11 -73.39 -33.78 -20.19
C ARG B 11 -74.71 -34.51 -19.93
N VAL B 12 -74.57 -35.80 -19.73
CA VAL B 12 -75.70 -36.66 -19.50
C VAL B 12 -75.18 -37.88 -18.72
N ASN B 13 -75.85 -38.21 -17.63
CA ASN B 13 -75.43 -39.34 -16.79
C ASN B 13 -76.12 -40.61 -17.23
N LEU B 14 -75.36 -41.68 -17.49
CA LEU B 14 -75.94 -42.96 -17.92
C LEU B 14 -76.58 -43.67 -16.72
N ILE B 15 -75.85 -43.72 -15.63
CA ILE B 15 -76.30 -44.42 -14.44
C ILE B 15 -75.42 -43.83 -13.37
N GLY B 16 -75.82 -44.01 -12.12
CA GLY B 16 -75.07 -43.45 -10.99
C GLY B 16 -75.60 -42.08 -10.59
N GLU B 17 -76.91 -42.00 -10.31
CA GLU B 17 -77.60 -40.76 -9.90
C GLU B 17 -77.76 -40.65 -8.38
N HIS B 18 -77.57 -39.45 -7.84
CA HIS B 18 -77.72 -39.15 -6.40
C HIS B 18 -76.74 -40.01 -5.59
N THR B 19 -75.51 -39.93 -6.05
CA THR B 19 -74.45 -40.78 -5.60
C THR B 19 -73.16 -39.98 -5.34
N ASP B 20 -72.99 -38.84 -6.01
CA ASP B 20 -71.73 -38.15 -5.90
C ASP B 20 -71.58 -37.44 -4.57
N TYR B 21 -72.66 -36.94 -3.98
CA TYR B 21 -72.50 -36.29 -2.67
C TYR B 21 -72.23 -37.26 -1.50
N THR B 22 -72.21 -38.58 -1.75
CA THR B 22 -71.69 -39.53 -0.77
C THR B 22 -70.52 -40.34 -1.31
N TYR B 23 -69.90 -39.83 -2.36
CA TYR B 23 -68.63 -40.32 -2.84
C TYR B 23 -68.78 -41.73 -3.36
N GLY B 24 -69.77 -41.88 -4.24
CA GLY B 24 -70.09 -43.15 -4.85
C GLY B 24 -69.69 -43.15 -6.31
N TYR B 25 -70.27 -44.04 -7.11
CA TYR B 25 -69.87 -44.18 -8.51
C TYR B 25 -70.83 -43.47 -9.43
N VAL B 26 -70.28 -43.01 -10.53
CA VAL B 26 -71.01 -42.19 -11.45
C VAL B 26 -70.55 -42.58 -12.83
N MSE B 27 -71.41 -42.41 -13.82
CA MSE B 27 -71.01 -42.72 -15.18
C MSE B 27 -71.52 -41.77 -16.25
O MSE B 27 -72.38 -42.14 -17.05
CB MSE B 27 -71.46 -44.14 -15.51
CG MSE B 27 -70.35 -45.00 -16.01
SE MSE B 27 -71.01 -46.77 -16.39
CE MSE B 27 -71.59 -46.42 -18.14
N PRO B 28 -70.98 -40.55 -16.31
CA PRO B 28 -71.43 -39.57 -17.29
C PRO B 28 -70.80 -39.77 -18.65
N MSE B 29 -71.25 -38.95 -19.56
CA MSE B 29 -70.69 -38.88 -20.89
C MSE B 29 -70.84 -37.45 -21.32
O MSE B 29 -71.83 -36.79 -21.01
CB MSE B 29 -71.43 -39.84 -21.83
CG MSE B 29 -72.77 -39.35 -22.39
SE MSE B 29 -73.45 -40.62 -23.71
CE MSE B 29 -74.69 -39.56 -24.75
N ALA B 30 -69.82 -36.94 -22.00
CA ALA B 30 -69.94 -35.63 -22.59
C ALA B 30 -70.71 -35.89 -23.86
N ILE B 31 -71.55 -34.96 -24.26
CA ILE B 31 -72.39 -35.14 -25.46
C ILE B 31 -71.96 -34.17 -26.57
N ASP B 32 -72.57 -34.30 -27.76
CA ASP B 32 -72.29 -33.38 -28.88
C ASP B 32 -73.35 -32.26 -29.00
N LEU B 33 -73.44 -31.44 -27.95
CA LEU B 33 -74.18 -30.19 -27.96
C LEU B 33 -73.40 -29.18 -27.11
N TYR B 34 -72.77 -28.22 -27.78
CA TYR B 34 -71.74 -27.42 -27.12
C TYR B 34 -72.20 -25.99 -26.78
N THR B 35 -71.59 -25.42 -25.74
CA THR B 35 -71.79 -24.01 -25.38
C THR B 35 -70.55 -23.24 -25.86
N LYS B 41 -58.11 -11.60 -24.58
CA LYS B 41 -57.39 -11.02 -23.43
C LYS B 41 -57.74 -9.53 -23.29
N TYR B 42 -58.52 -9.18 -22.26
CA TYR B 42 -58.83 -7.75 -22.00
C TYR B 42 -58.62 -7.34 -20.54
N ASP B 43 -58.60 -5.95 -20.35
CA ASP B 43 -58.29 -5.36 -19.03
C ASP B 43 -59.27 -5.85 -17.94
N LYS B 44 -60.58 -5.84 -18.27
CA LYS B 44 -61.64 -6.37 -17.40
C LYS B 44 -62.49 -7.37 -18.20
N VAL B 45 -63.60 -7.85 -17.63
CA VAL B 45 -64.51 -8.78 -18.32
C VAL B 45 -65.79 -8.05 -18.75
N GLN B 46 -66.23 -8.31 -19.98
CA GLN B 46 -67.49 -7.76 -20.52
C GLN B 46 -68.06 -8.68 -21.63
N LEU B 47 -69.30 -9.15 -21.46
CA LEU B 47 -69.94 -10.04 -22.43
C LEU B 47 -71.52 -10.01 -22.32
N VAL B 73 -69.64 -16.77 -13.71
CA VAL B 73 -69.07 -15.72 -14.59
C VAL B 73 -67.87 -14.99 -13.94
N LYS B 74 -68.17 -14.18 -12.93
CA LYS B 74 -67.19 -13.70 -11.95
C LYS B 74 -66.91 -14.78 -10.88
N GLY B 75 -67.54 -15.94 -10.99
CA GLY B 75 -67.22 -17.06 -10.14
C GLY B 75 -65.87 -17.67 -10.47
N VAL B 76 -65.62 -17.93 -11.75
CA VAL B 76 -64.35 -18.48 -12.22
C VAL B 76 -63.21 -17.50 -12.00
N LEU B 77 -63.48 -16.21 -12.22
CA LEU B 77 -62.50 -15.14 -11.94
C LEU B 77 -62.08 -15.16 -10.46
N TRP B 78 -63.07 -15.29 -9.56
CA TRP B 78 -62.84 -15.27 -8.11
C TRP B 78 -62.07 -16.48 -7.60
N VAL B 79 -62.19 -17.62 -8.29
CA VAL B 79 -61.50 -18.85 -7.89
C VAL B 79 -60.07 -18.97 -8.47
N LEU B 80 -59.86 -18.53 -9.70
CA LEU B 80 -58.52 -18.49 -10.26
C LEU B 80 -57.64 -17.49 -9.49
N ILE B 81 -58.21 -16.35 -9.10
CA ILE B 81 -57.47 -15.33 -8.36
C ILE B 81 -57.06 -15.82 -6.97
N GLN B 82 -57.96 -16.53 -6.28
CA GLN B 82 -57.65 -17.04 -4.92
C GLN B 82 -56.64 -18.18 -4.94
N GLU B 83 -56.46 -18.84 -6.08
CA GLU B 83 -55.52 -19.97 -6.18
C GLU B 83 -54.06 -19.54 -6.28
N GLY B 84 -53.82 -18.40 -6.95
CA GLY B 84 -52.48 -17.91 -7.18
C GLY B 84 -52.40 -17.34 -8.59
N TYR B 85 -52.49 -18.25 -9.57
CA TYR B 85 -52.61 -17.92 -11.01
C TYR B 85 -52.82 -16.44 -11.31
N LYS B 86 -51.94 -15.88 -12.15
CA LYS B 86 -52.06 -14.49 -12.59
C LYS B 86 -52.88 -14.40 -13.87
N ILE B 87 -53.89 -13.53 -13.87
CA ILE B 87 -54.77 -13.33 -15.04
C ILE B 87 -55.33 -11.91 -15.25
N GLY B 88 -55.80 -11.65 -16.47
CA GLY B 88 -56.67 -10.53 -16.77
C GLY B 88 -58.02 -11.08 -17.23
N GLY B 89 -58.91 -10.20 -17.77
CA GLY B 89 -60.24 -10.62 -18.27
C GLY B 89 -60.29 -11.10 -19.76
N LEU B 90 -61.43 -10.75 -20.39
CA LEU B 90 -61.60 -10.95 -21.84
C LEU B 90 -63.04 -10.66 -22.36
N LYS B 91 -63.13 -10.35 -23.68
CA LYS B 91 -64.41 -10.14 -24.38
C LYS B 91 -64.56 -11.23 -25.45
N GLY B 92 -65.80 -11.74 -25.57
CA GLY B 92 -66.04 -12.92 -26.39
C GLY B 92 -67.54 -13.47 -26.31
N ILE B 94 -70.38 -15.35 -26.56
CA ILE B 94 -70.81 -16.71 -26.25
C ILE B 94 -71.95 -17.16 -27.18
N THR B 95 -72.00 -18.46 -27.48
CA THR B 95 -73.01 -19.04 -28.38
C THR B 95 -73.05 -20.58 -28.31
N GLY B 96 -74.09 -21.19 -28.85
CA GLY B 96 -74.06 -22.62 -29.11
C GLY B 96 -75.32 -23.43 -29.29
N ASP B 97 -75.07 -24.73 -29.41
CA ASP B 97 -76.05 -25.82 -29.51
C ASP B 97 -76.88 -26.14 -28.24
N LEU B 98 -76.38 -25.77 -27.06
CA LEU B 98 -76.85 -26.37 -25.79
C LEU B 98 -77.89 -25.53 -25.01
N PRO B 99 -79.04 -26.12 -24.71
CA PRO B 99 -80.11 -25.41 -24.01
C PRO B 99 -79.83 -25.18 -22.52
N LEU B 100 -80.42 -24.12 -21.95
CA LEU B 100 -80.13 -23.66 -20.58
C LEU B 100 -81.23 -24.07 -19.58
N GLY B 101 -80.83 -24.49 -18.37
CA GLY B 101 -81.77 -24.97 -17.37
C GLY B 101 -82.55 -26.20 -17.81
N ALA B 102 -81.89 -27.04 -18.60
CA ALA B 102 -82.52 -28.21 -19.21
C ALA B 102 -82.21 -29.50 -18.49
N GLY B 103 -81.10 -29.52 -17.75
CA GLY B 103 -80.62 -30.73 -17.08
C GLY B 103 -79.49 -31.43 -17.84
N LEU B 104 -78.97 -30.74 -18.85
CA LEU B 104 -77.82 -31.18 -19.64
C LEU B 104 -76.59 -30.37 -19.19
N SER B 105 -76.71 -29.76 -18.01
CA SER B 105 -75.70 -28.92 -17.36
C SER B 105 -75.04 -27.83 -18.23
N SER B 106 -75.86 -26.89 -18.73
CA SER B 106 -75.33 -25.67 -19.34
C SER B 106 -74.39 -24.96 -18.35
N SER B 107 -74.74 -25.01 -17.06
CA SER B 107 -73.90 -24.50 -15.98
C SER B 107 -72.47 -24.94 -16.14
N ALA B 108 -72.23 -26.25 -16.18
CA ALA B 108 -70.87 -26.76 -16.24
C ALA B 108 -70.19 -26.43 -17.60
N SER B 109 -70.87 -26.66 -18.72
CA SER B 109 -70.28 -26.39 -20.04
C SER B 109 -69.75 -24.97 -20.15
N PHE B 110 -70.49 -24.05 -19.53
CA PHE B 110 -70.16 -22.64 -19.53
C PHE B 110 -69.03 -22.35 -18.55
N GLU B 111 -69.23 -22.72 -17.29
CA GLU B 111 -68.22 -22.58 -16.23
C GLU B 111 -66.84 -23.04 -16.67
N VAL B 112 -66.71 -24.30 -17.11
CA VAL B 112 -65.39 -24.80 -17.55
C VAL B 112 -65.07 -24.38 -19.00
N GLY B 113 -66.05 -23.81 -19.68
CA GLY B 113 -65.78 -23.09 -20.92
C GLY B 113 -65.03 -21.79 -20.69
N ILE B 114 -65.44 -21.06 -19.65
CA ILE B 114 -64.84 -19.77 -19.34
C ILE B 114 -63.45 -20.03 -18.81
N LEU B 115 -63.33 -21.04 -17.95
CA LEU B 115 -62.04 -21.41 -17.35
C LEU B 115 -61.01 -21.86 -18.38
N GLU B 116 -61.44 -22.63 -19.39
CA GLU B 116 -60.55 -23.13 -20.45
C GLU B 116 -60.09 -21.99 -21.36
N VAL B 117 -60.90 -20.96 -21.47
CA VAL B 117 -60.56 -19.79 -22.29
C VAL B 117 -59.45 -18.97 -21.62
N LEU B 118 -59.53 -18.84 -20.29
CA LEU B 118 -58.48 -18.21 -19.47
C LEU B 118 -57.21 -19.06 -19.46
N ASN B 119 -57.40 -20.38 -19.47
CA ASN B 119 -56.31 -21.34 -19.41
C ASN B 119 -55.53 -21.34 -20.74
N GLN B 120 -56.24 -21.13 -21.84
CA GLN B 120 -55.65 -21.18 -23.16
C GLN B 120 -54.89 -19.89 -23.48
N LEU B 121 -55.44 -18.76 -23.04
CA LEU B 121 -54.93 -17.45 -23.43
C LEU B 121 -53.76 -16.99 -22.55
N TYR B 122 -53.85 -17.28 -21.25
CA TYR B 122 -52.81 -16.89 -20.29
C TYR B 122 -51.88 -18.07 -19.93
N ASN B 123 -52.02 -19.17 -20.65
CA ASN B 123 -51.14 -20.35 -20.56
C ASN B 123 -51.02 -21.03 -19.19
N LEU B 124 -52.11 -21.04 -18.42
CA LEU B 124 -52.05 -21.49 -17.02
C LEU B 124 -51.62 -22.95 -16.80
N ASN B 125 -51.68 -23.76 -17.87
CA ASN B 125 -51.28 -25.17 -17.84
C ASN B 125 -51.92 -26.01 -16.73
N ILE B 126 -53.22 -25.79 -16.48
CA ILE B 126 -53.89 -26.35 -15.31
C ILE B 126 -54.17 -27.82 -15.54
N ASP B 127 -54.05 -28.61 -14.49
CA ASP B 127 -54.32 -30.05 -14.55
C ASP B 127 -55.79 -30.24 -14.88
N PRO B 128 -56.09 -31.12 -15.84
CA PRO B 128 -57.46 -31.56 -16.14
C PRO B 128 -58.32 -31.82 -14.91
N LEU B 129 -57.77 -32.56 -13.94
CA LEU B 129 -58.52 -32.89 -12.73
C LEU B 129 -58.71 -31.65 -11.86
N LYS B 130 -57.74 -30.73 -11.88
CA LYS B 130 -57.89 -29.46 -11.18
C LYS B 130 -58.86 -28.52 -11.88
N LYS B 131 -59.03 -28.67 -13.20
CA LYS B 131 -59.99 -27.87 -13.96
C LYS B 131 -61.40 -28.11 -13.43
N ALA B 132 -61.80 -29.36 -13.33
CA ALA B 132 -63.12 -29.71 -12.81
C ALA B 132 -63.31 -29.33 -11.35
N LEU B 133 -62.26 -29.51 -10.53
CA LEU B 133 -62.36 -29.23 -9.10
C LEU B 133 -62.62 -27.76 -8.82
N LEU B 134 -62.03 -26.91 -9.67
CA LEU B 134 -62.13 -25.44 -9.55
C LEU B 134 -63.51 -24.97 -10.01
N ALA B 135 -63.92 -25.42 -11.19
CA ALA B 135 -65.22 -25.08 -11.74
C ALA B 135 -66.30 -25.45 -10.73
N LYS B 136 -66.13 -26.58 -10.04
CA LYS B 136 -67.03 -26.97 -8.97
C LYS B 136 -66.97 -26.03 -7.77
N LYS B 137 -65.76 -25.65 -7.36
CA LYS B 137 -65.55 -24.72 -6.23
C LYS B 137 -66.22 -23.40 -6.49
N ALA B 138 -66.25 -23.01 -7.77
CA ALA B 138 -66.82 -21.74 -8.20
C ALA B 138 -68.31 -21.77 -7.96
N GLU B 139 -68.96 -22.80 -8.47
CA GLU B 139 -70.41 -22.97 -8.33
C GLU B 139 -70.89 -23.16 -6.89
N ASN B 140 -70.06 -23.72 -6.01
CA ASN B 140 -70.50 -23.93 -4.63
C ASN B 140 -70.23 -22.71 -3.74
N GLU B 141 -69.36 -21.80 -4.19
CA GLU B 141 -69.08 -20.54 -3.48
C GLU B 141 -68.94 -19.36 -4.44
N VAL B 143 -71.49 -18.17 -6.51
CA VAL B 143 -72.80 -18.73 -6.79
C VAL B 143 -73.18 -19.71 -5.70
N GLY B 144 -74.43 -19.68 -5.25
CA GLY B 144 -74.81 -20.54 -4.12
C GLY B 144 -75.47 -21.87 -4.46
N VAL B 145 -74.89 -22.65 -5.36
CA VAL B 145 -75.51 -23.91 -5.84
C VAL B 145 -74.68 -25.14 -5.39
N PRO B 146 -75.19 -25.94 -4.45
CA PRO B 146 -74.45 -27.13 -3.96
C PRO B 146 -74.55 -28.29 -4.92
N CYS B 147 -73.48 -29.09 -5.04
CA CYS B 147 -73.43 -30.24 -5.97
C CYS B 147 -72.10 -30.99 -5.97
N GLY B 148 -72.12 -32.21 -6.50
CA GLY B 148 -70.91 -33.00 -6.66
C GLY B 148 -70.13 -32.63 -7.91
N ILE B 149 -69.30 -33.57 -8.34
CA ILE B 149 -68.29 -33.35 -9.37
C ILE B 149 -68.67 -34.00 -10.72
N LEU B 150 -69.70 -34.83 -10.69
CA LEU B 150 -70.36 -35.39 -11.90
C LEU B 150 -70.28 -34.51 -13.17
N ASP B 151 -70.69 -33.25 -13.05
CA ASP B 151 -70.85 -32.34 -14.19
C ASP B 151 -69.53 -31.87 -14.77
N GLN B 152 -68.77 -31.21 -13.92
CA GLN B 152 -67.53 -30.61 -14.32
C GLN B 152 -66.55 -31.66 -14.85
N PHE B 153 -66.59 -32.86 -14.26
CA PHE B 153 -65.69 -33.96 -14.63
C PHE B 153 -66.03 -34.56 -15.98
N ALA B 154 -67.32 -34.69 -16.27
CA ALA B 154 -67.74 -35.16 -17.58
C ALA B 154 -67.27 -34.19 -18.66
N VAL B 155 -67.49 -32.91 -18.40
CA VAL B 155 -67.20 -31.87 -19.36
C VAL B 155 -65.71 -31.85 -19.73
N VAL B 156 -64.86 -32.02 -18.71
CA VAL B 156 -63.41 -32.00 -18.90
C VAL B 156 -62.91 -33.32 -19.51
N PHE B 157 -63.45 -34.46 -19.07
CA PHE B 157 -62.84 -35.77 -19.35
C PHE B 157 -63.53 -36.59 -20.45
N GLY B 158 -64.56 -36.03 -21.06
CA GLY B 158 -65.25 -36.74 -22.12
C GLY B 158 -64.30 -37.19 -23.23
N LYS B 159 -64.46 -38.44 -23.66
CA LYS B 159 -63.73 -39.00 -24.80
C LYS B 159 -64.73 -39.47 -25.88
N LYS B 160 -64.31 -39.38 -27.15
CA LYS B 160 -65.19 -39.52 -28.31
C LYS B 160 -66.30 -40.56 -28.20
N ASP B 161 -66.02 -41.85 -28.37
CA ASP B 161 -67.09 -42.85 -28.45
C ASP B 161 -67.28 -43.53 -27.10
N ASN B 162 -67.30 -42.77 -26.02
CA ASN B 162 -67.05 -43.32 -24.69
C ASN B 162 -67.91 -42.73 -23.58
N VAL B 163 -68.13 -43.53 -22.56
CA VAL B 163 -68.64 -43.06 -21.28
C VAL B 163 -67.50 -43.18 -20.27
N ILE B 164 -67.68 -42.53 -19.13
CA ILE B 164 -66.68 -42.48 -18.08
C ILE B 164 -67.19 -43.15 -16.81
N PHE B 165 -66.58 -44.25 -16.41
CA PHE B 165 -66.82 -44.75 -15.07
C PHE B 165 -65.98 -43.89 -14.12
N LEU B 166 -66.58 -43.41 -13.05
CA LEU B 166 -65.90 -42.54 -12.07
C LEU B 166 -66.24 -42.96 -10.66
N ASP B 167 -65.21 -43.27 -9.89
CA ASP B 167 -65.33 -43.39 -8.44
C ASP B 167 -65.09 -41.98 -7.88
N THR B 168 -66.12 -41.35 -7.33
CA THR B 168 -65.98 -39.95 -6.87
C THR B 168 -65.22 -39.79 -5.53
N GLN B 169 -64.96 -40.90 -4.84
CA GLN B 169 -64.16 -40.90 -3.62
C GLN B 169 -62.69 -40.92 -3.88
N THR B 170 -62.26 -41.70 -4.88
CA THR B 170 -60.83 -41.87 -5.18
C THR B 170 -60.44 -41.06 -6.38
N LEU B 171 -61.45 -40.53 -7.05
CA LEU B 171 -61.29 -39.89 -8.35
C LEU B 171 -60.68 -40.76 -9.46
N GLN B 172 -60.59 -42.08 -9.30
CA GLN B 172 -60.22 -42.91 -10.45
C GLN B 172 -61.30 -43.09 -11.50
N TYR B 173 -60.84 -43.15 -12.75
CA TYR B 173 -61.73 -43.20 -13.89
C TYR B 173 -61.20 -44.18 -14.94
N GLU B 174 -62.08 -44.52 -15.86
CA GLU B 174 -61.82 -45.58 -16.83
C GLU B 174 -62.73 -45.30 -18.00
N TYR B 175 -62.18 -45.15 -19.20
CA TYR B 175 -63.03 -44.96 -20.38
C TYR B 175 -63.64 -46.31 -20.74
N ILE B 176 -64.90 -46.26 -21.21
CA ILE B 176 -65.64 -47.46 -21.62
C ILE B 176 -66.36 -47.15 -22.93
N PRO B 177 -65.95 -47.82 -24.01
CA PRO B 177 -66.60 -47.57 -25.30
C PRO B 177 -68.11 -47.87 -25.24
N PHE B 178 -68.88 -46.95 -25.82
CA PHE B 178 -70.32 -47.06 -25.98
C PHE B 178 -70.61 -47.44 -27.43
N PRO B 179 -71.37 -48.51 -27.66
CA PRO B 179 -71.52 -49.06 -29.00
C PRO B 179 -72.04 -48.02 -29.99
N LYS B 180 -71.39 -47.92 -31.16
CA LYS B 180 -71.66 -46.84 -32.09
C LYS B 180 -73.05 -46.95 -32.73
N ASP B 181 -73.57 -48.17 -32.79
CA ASP B 181 -74.90 -48.41 -33.40
C ASP B 181 -76.05 -48.24 -32.41
N VAL B 182 -75.77 -47.58 -31.27
CA VAL B 182 -76.76 -47.27 -30.26
C VAL B 182 -76.67 -45.81 -29.89
N SER B 183 -77.74 -45.06 -30.11
CA SER B 183 -77.83 -43.65 -29.77
C SER B 183 -78.52 -43.46 -28.43
N VAL B 184 -78.09 -42.43 -27.70
CA VAL B 184 -78.80 -41.99 -26.51
C VAL B 184 -79.82 -40.97 -26.97
N LEU B 185 -81.04 -41.14 -26.54
CA LEU B 185 -82.12 -40.22 -26.86
C LEU B 185 -82.33 -39.36 -25.60
N VAL B 186 -82.05 -38.06 -25.72
CA VAL B 186 -82.19 -37.14 -24.58
C VAL B 186 -83.51 -36.41 -24.75
N PHE B 187 -84.33 -36.39 -23.69
CA PHE B 187 -85.70 -35.85 -23.78
C PHE B 187 -85.99 -34.81 -22.71
N TYR B 188 -85.83 -33.54 -23.05
CA TYR B 188 -86.23 -32.44 -22.18
C TYR B 188 -87.75 -32.43 -21.95
N THR B 189 -88.17 -32.47 -20.68
CA THR B 189 -89.60 -32.45 -20.32
C THR B 189 -90.23 -31.07 -20.48
N GLY B 190 -89.41 -30.03 -20.42
CA GLY B 190 -89.90 -28.66 -20.37
C GLY B 190 -90.40 -28.30 -18.99
N VAL B 191 -89.81 -28.91 -17.97
CA VAL B 191 -90.32 -28.77 -16.61
C VAL B 191 -89.19 -28.44 -15.66
N LYS B 192 -89.28 -27.25 -15.08
CA LYS B 192 -88.46 -26.87 -13.92
C LYS B 192 -89.40 -26.38 -12.82
N ARG B 193 -89.45 -27.09 -11.71
CA ARG B 193 -90.32 -26.70 -10.59
C ARG B 193 -89.55 -25.87 -9.54
N GLU B 194 -90.26 -24.95 -8.90
CA GLU B 194 -89.76 -24.18 -7.74
C GLU B 194 -89.03 -25.09 -6.72
N LEU B 195 -89.65 -26.23 -6.37
CA LEU B 195 -89.16 -27.11 -5.31
C LEU B 195 -87.89 -27.95 -5.61
N ALA B 196 -87.39 -27.91 -6.85
CA ALA B 196 -86.31 -28.82 -7.28
C ALA B 196 -85.03 -28.63 -6.48
N SER B 197 -84.68 -27.37 -6.30
CA SER B 197 -83.43 -26.94 -5.69
C SER B 197 -83.33 -27.27 -4.19
N SER B 198 -84.46 -27.16 -3.52
CA SER B 198 -84.52 -27.31 -2.08
C SER B 198 -84.74 -28.77 -1.77
N GLU B 199 -85.31 -29.51 -2.72
CA GLU B 199 -85.46 -30.96 -2.60
C GLU B 199 -84.12 -31.67 -2.69
N TYR B 200 -83.30 -31.24 -3.64
CA TYR B 200 -81.90 -31.63 -3.77
C TYR B 200 -81.17 -31.35 -2.47
N ALA B 201 -81.30 -30.12 -1.99
CA ALA B 201 -80.66 -29.72 -0.74
C ALA B 201 -80.99 -30.71 0.36
N GLU B 202 -82.24 -31.17 0.40
CA GLU B 202 -82.69 -31.99 1.49
C GLU B 202 -82.08 -33.38 1.36
N ARG B 203 -82.08 -33.93 0.15
CA ARG B 203 -81.38 -35.19 -0.12
C ARG B 203 -79.94 -35.09 0.37
N LYS B 204 -79.27 -34.02 -0.02
CA LYS B 204 -77.88 -33.86 0.31
C LYS B 204 -77.67 -33.83 1.82
N ARG B 205 -78.46 -33.05 2.53
CA ARG B 205 -78.38 -32.94 3.98
C ARG B 205 -78.64 -34.31 4.62
N ILE B 206 -79.68 -34.99 4.16
CA ILE B 206 -80.04 -36.28 4.70
C ILE B 206 -78.94 -37.34 4.52
N ALA B 207 -78.23 -37.31 3.39
CA ALA B 207 -77.14 -38.28 3.19
C ALA B 207 -75.85 -37.93 3.97
N GLU B 208 -75.48 -36.64 4.03
CA GLU B 208 -74.41 -36.10 4.88
C GLU B 208 -74.70 -36.62 6.32
N GLU B 209 -75.94 -36.45 6.76
CA GLU B 209 -76.33 -36.81 8.12
C GLU B 209 -76.12 -38.31 8.35
N SER B 210 -76.52 -39.10 7.34
CA SER B 210 -76.49 -40.54 7.46
C SER B 210 -75.04 -41.00 7.59
N LEU B 211 -74.15 -40.45 6.75
CA LEU B 211 -72.73 -40.83 6.76
C LEU B 211 -72.11 -40.58 8.10
N ARG B 212 -72.55 -39.46 8.65
CA ARG B 212 -72.03 -38.97 9.90
C ARG B 212 -72.54 -39.85 11.05
N ILE B 213 -73.76 -40.35 10.96
CA ILE B 213 -74.35 -41.21 11.97
C ILE B 213 -73.71 -42.58 11.98
N LEU B 214 -73.36 -43.08 10.80
CA LEU B 214 -72.66 -44.33 10.64
C LEU B 214 -71.16 -44.25 10.89
N GLY B 215 -70.57 -43.05 10.84
CA GLY B 215 -69.14 -42.92 11.04
C GLY B 215 -68.35 -43.30 9.82
N LYS B 216 -68.96 -43.07 8.66
CA LYS B 216 -68.40 -43.49 7.41
C LYS B 216 -68.20 -42.31 6.46
N GLU B 217 -67.30 -42.45 5.50
CA GLU B 217 -66.93 -41.32 4.62
C GLU B 217 -67.50 -41.45 3.22
N SER B 218 -68.04 -42.61 2.89
CA SER B 218 -68.53 -42.86 1.54
C SER B 218 -69.61 -43.91 1.53
N SER B 219 -70.57 -43.77 0.64
CA SER B 219 -71.66 -44.75 0.51
C SER B 219 -71.19 -46.11 0.05
N LYS B 220 -70.03 -46.22 -0.59
CA LYS B 220 -69.47 -47.52 -0.99
C LYS B 220 -69.20 -48.36 0.25
N GLU B 221 -68.96 -47.69 1.37
CA GLU B 221 -68.60 -48.30 2.65
C GLU B 221 -69.82 -48.83 3.41
N VAL B 222 -71.01 -48.33 3.05
CA VAL B 222 -72.24 -48.62 3.77
C VAL B 222 -72.78 -49.98 3.43
N THR B 223 -73.19 -50.63 4.48
CA THR B 223 -73.42 -52.04 4.61
C THR B 223 -74.90 -52.26 5.03
N GLU B 224 -75.39 -53.48 4.99
CA GLU B 224 -76.78 -53.71 5.31
C GLU B 224 -77.06 -53.51 6.79
N LYS B 225 -76.18 -54.01 7.67
CA LYS B 225 -76.30 -53.75 9.12
C LYS B 225 -76.24 -52.23 9.43
N ASP B 226 -75.44 -51.48 8.68
CA ASP B 226 -75.37 -50.02 8.76
C ASP B 226 -76.71 -49.41 8.47
N LEU B 227 -77.33 -49.84 7.37
CA LEU B 227 -78.59 -49.26 6.91
C LEU B 227 -79.61 -49.41 8.01
N GLY B 228 -79.55 -50.51 8.75
CA GLY B 228 -80.49 -50.71 9.84
C GLY B 228 -80.31 -49.75 11.00
N LYS B 229 -79.16 -49.09 11.06
CA LYS B 229 -78.86 -48.16 12.14
C LYS B 229 -79.48 -46.78 11.87
N LEU B 230 -79.87 -46.48 10.64
CA LEU B 230 -80.41 -45.15 10.31
C LEU B 230 -81.88 -45.03 10.68
N PRO B 231 -82.37 -43.82 10.94
CA PRO B 231 -83.82 -43.61 11.10
C PRO B 231 -84.57 -43.82 9.77
N PRO B 232 -85.89 -43.94 9.82
CA PRO B 232 -86.68 -44.36 8.64
C PRO B 232 -86.45 -43.62 7.35
N LEU B 233 -86.57 -42.29 7.28
CA LEU B 233 -86.39 -41.61 5.98
C LEU B 233 -84.96 -41.69 5.52
N HIS B 234 -84.01 -41.50 6.43
CA HIS B 234 -82.61 -41.64 6.11
C HIS B 234 -82.39 -43.04 5.52
N ARG B 235 -82.95 -44.06 6.14
CA ARG B 235 -82.82 -45.45 5.65
C ARG B 235 -83.35 -45.64 4.24
N LYS B 236 -84.53 -45.06 3.98
CA LYS B 236 -85.21 -45.24 2.71
C LYS B 236 -84.30 -44.68 1.61
N PHE B 237 -83.75 -43.49 1.84
CA PHE B 237 -83.07 -42.72 0.83
C PHE B 237 -81.67 -43.30 0.58
N PHE B 238 -81.00 -43.69 1.67
CA PHE B 238 -79.63 -44.18 1.58
C PHE B 238 -79.59 -45.60 1.03
N SER B 239 -80.66 -46.36 1.25
CA SER B 239 -80.72 -47.66 0.61
C SER B 239 -80.76 -47.50 -0.92
N TYR B 240 -81.43 -46.48 -1.42
CA TYR B 240 -81.37 -46.25 -2.86
C TYR B 240 -79.91 -46.00 -3.28
N ILE B 241 -79.19 -45.16 -2.53
CA ILE B 241 -77.82 -44.83 -2.92
C ILE B 241 -76.91 -46.10 -3.01
N VAL B 242 -77.11 -47.05 -2.12
CA VAL B 242 -76.29 -48.24 -2.06
C VAL B 242 -76.60 -49.12 -3.27
N ARG B 243 -77.88 -49.24 -3.55
CA ARG B 243 -78.33 -49.89 -4.75
C ARG B 243 -77.90 -49.16 -6.05
N GLU B 244 -77.74 -47.83 -6.11
CA GLU B 244 -77.20 -47.27 -7.35
C GLU B 244 -75.73 -47.60 -7.53
N ASN B 245 -74.98 -47.61 -6.44
CA ASN B 245 -73.55 -47.83 -6.55
C ASN B 245 -73.34 -49.22 -7.18
N ALA B 246 -74.13 -50.20 -6.73
CA ALA B 246 -74.03 -51.56 -7.20
C ALA B 246 -74.48 -51.67 -8.66
N ARG B 247 -75.43 -50.83 -9.03
CA ARG B 247 -75.94 -50.78 -10.39
C ARG B 247 -74.92 -50.19 -11.37
N VAL B 248 -74.19 -49.16 -10.93
CA VAL B 248 -73.14 -48.61 -11.74
C VAL B 248 -72.11 -49.71 -11.99
N LEU B 249 -71.65 -50.41 -10.96
CA LEU B 249 -70.68 -51.48 -11.20
C LEU B 249 -71.24 -52.49 -12.21
N GLU B 250 -72.54 -52.78 -12.14
CA GLU B 250 -73.16 -53.77 -13.04
C GLU B 250 -73.23 -53.27 -14.49
N VAL B 251 -73.69 -52.03 -14.69
CA VAL B 251 -73.67 -51.37 -16.03
C VAL B 251 -72.28 -51.34 -16.68
N ARG B 252 -71.24 -51.21 -15.87
CA ARG B 252 -69.88 -51.20 -16.37
C ARG B 252 -69.41 -52.59 -16.84
N ASP B 253 -69.65 -53.64 -16.07
CA ASP B 253 -69.35 -54.99 -16.55
C ASP B 253 -70.13 -55.26 -17.83
N ALA B 254 -71.37 -54.76 -17.91
CA ALA B 254 -72.24 -55.07 -19.06
C ALA B 254 -71.88 -54.30 -20.32
N LEU B 255 -71.40 -53.07 -20.16
CA LEU B 255 -71.07 -52.23 -21.28
C LEU B 255 -69.79 -52.74 -21.90
N LYS B 256 -68.90 -53.25 -21.04
CA LYS B 256 -67.61 -53.79 -21.47
C LYS B 256 -67.74 -55.18 -22.14
N GLU B 257 -68.92 -55.77 -22.15
CA GLU B 257 -69.23 -57.00 -22.88
C GLU B 257 -70.09 -56.68 -24.11
N GLY B 258 -70.49 -55.41 -24.25
CA GLY B 258 -71.37 -54.98 -25.32
C GLY B 258 -72.81 -55.43 -25.13
N ASP B 259 -73.18 -55.72 -23.88
CA ASP B 259 -74.49 -56.23 -23.54
C ASP B 259 -75.49 -55.12 -23.29
N ILE B 260 -75.89 -54.43 -24.36
CA ILE B 260 -76.76 -53.27 -24.23
C ILE B 260 -78.13 -53.62 -23.67
N GLU B 261 -78.65 -54.80 -23.98
CA GLU B 261 -79.87 -55.33 -23.35
C GLU B 261 -79.81 -55.29 -21.80
N LYS B 262 -78.72 -55.80 -21.21
CA LYS B 262 -78.57 -55.83 -19.74
C LYS B 262 -78.42 -54.42 -19.15
N VAL B 263 -77.66 -53.57 -19.83
CA VAL B 263 -77.47 -52.19 -19.40
C VAL B 263 -78.81 -51.48 -19.29
N GLY B 264 -79.59 -51.60 -20.36
CA GLY B 264 -80.92 -51.00 -20.43
C GLY B 264 -81.90 -51.51 -19.39
N LYS B 265 -81.78 -52.78 -19.04
CA LYS B 265 -82.66 -53.36 -18.03
C LYS B 265 -82.28 -52.72 -16.69
N ILE B 266 -81.00 -52.43 -16.49
CA ILE B 266 -80.53 -51.82 -15.22
C ILE B 266 -80.93 -50.35 -15.10
N LEU B 267 -80.84 -49.58 -16.19
CA LEU B 267 -81.28 -48.20 -16.16
C LEU B 267 -82.74 -48.18 -15.72
N THR B 268 -83.54 -49.11 -16.26
CA THR B 268 -84.96 -49.16 -15.99
C THR B 268 -85.22 -49.42 -14.49
N THR B 269 -84.54 -50.39 -13.88
CA THR B 269 -84.68 -50.59 -12.45
C THR B 269 -84.31 -49.29 -11.74
N ALA B 270 -83.12 -48.80 -12.01
CA ALA B 270 -82.67 -47.53 -11.44
C ALA B 270 -83.75 -46.43 -11.49
N HIS B 271 -84.46 -46.36 -12.60
CA HIS B 271 -85.46 -45.33 -12.73
C HIS B 271 -86.58 -45.47 -11.72
N TRP B 272 -87.15 -46.66 -11.64
CA TRP B 272 -88.25 -46.92 -10.73
C TRP B 272 -87.80 -46.88 -9.24
N ASP B 273 -86.48 -46.93 -9.02
CA ASP B 273 -85.98 -46.85 -7.67
C ASP B 273 -85.88 -45.42 -7.27
N LEU B 274 -85.40 -44.60 -8.19
CA LEU B 274 -85.41 -43.17 -7.98
C LEU B 274 -86.84 -42.72 -7.78
N ALA B 275 -87.74 -43.29 -8.58
CA ALA B 275 -89.14 -42.87 -8.63
C ALA B 275 -89.88 -43.21 -7.35
N GLU B 276 -89.82 -44.47 -6.88
CA GLU B 276 -90.54 -44.91 -5.66
C GLU B 276 -89.89 -44.52 -4.33
N ASN B 277 -88.58 -44.65 -4.31
CA ASN B 277 -87.85 -44.62 -3.08
C ASN B 277 -87.12 -43.31 -2.84
N TYR B 278 -86.39 -42.77 -3.80
CA TYR B 278 -85.77 -41.47 -3.58
C TYR B 278 -86.76 -40.34 -3.83
N ARG B 279 -87.89 -40.61 -4.48
CA ARG B 279 -88.94 -39.62 -4.70
C ARG B 279 -88.49 -38.34 -5.41
N VAL B 280 -87.77 -38.49 -6.52
CA VAL B 280 -87.33 -37.34 -7.32
C VAL B 280 -87.77 -37.41 -8.79
N SER B 281 -88.60 -38.35 -9.18
CA SER B 281 -89.18 -38.34 -10.52
C SER B 281 -90.42 -37.45 -10.53
N CYS B 282 -91.25 -37.57 -11.57
CA CYS B 282 -92.53 -36.89 -11.64
C CYS B 282 -93.39 -37.45 -12.78
N GLU B 283 -94.67 -37.08 -12.82
CA GLU B 283 -95.62 -37.53 -13.85
C GLU B 283 -94.99 -37.53 -15.25
N GLU B 284 -94.30 -36.46 -15.62
CA GLU B 284 -93.89 -36.28 -17.03
C GLU B 284 -92.60 -37.06 -17.37
N LEU B 285 -91.70 -37.22 -16.42
CA LEU B 285 -90.58 -38.13 -16.62
C LEU B 285 -91.05 -39.57 -16.78
N ASP B 286 -92.02 -39.98 -15.95
CA ASP B 286 -92.57 -41.36 -15.98
C ASP B 286 -93.37 -41.65 -17.23
N PHE B 287 -93.98 -40.64 -17.85
CA PHE B 287 -94.64 -40.83 -19.14
C PHE B 287 -93.53 -41.24 -20.10
N PHE B 288 -92.47 -40.42 -20.16
CA PHE B 288 -91.42 -40.64 -21.15
C PHE B 288 -90.92 -42.06 -21.04
N VAL B 289 -90.68 -42.52 -19.81
CA VAL B 289 -90.04 -43.81 -19.64
C VAL B 289 -90.96 -44.93 -20.13
N LYS B 290 -92.22 -44.94 -19.69
CA LYS B 290 -93.19 -45.97 -20.14
C LYS B 290 -93.49 -45.90 -21.64
N LYS B 291 -93.48 -44.71 -22.22
CA LYS B 291 -93.76 -44.56 -23.65
C LYS B 291 -92.56 -44.95 -24.53
N ALA B 292 -91.37 -45.00 -23.94
CA ALA B 292 -90.14 -45.33 -24.67
C ALA B 292 -89.84 -46.83 -24.64
N MSE B 293 -90.26 -47.49 -23.56
CA MSE B 293 -90.22 -48.97 -23.47
C MSE B 293 -91.25 -49.60 -24.40
O MSE B 293 -90.97 -50.60 -25.05
CB MSE B 293 -90.51 -49.42 -22.04
CG MSE B 293 -89.47 -49.01 -21.05
SE MSE B 293 -87.66 -49.29 -21.75
CE MSE B 293 -87.73 -51.31 -21.85
N GLU B 294 -92.43 -49.01 -24.42
CA GLU B 294 -93.47 -49.42 -25.34
C GLU B 294 -93.01 -49.24 -26.79
N LEU B 295 -92.15 -48.25 -27.04
CA LEU B 295 -91.65 -47.96 -28.39
C LEU B 295 -90.31 -48.67 -28.72
N GLY B 296 -89.88 -49.58 -27.85
CA GLY B 296 -88.79 -50.50 -28.17
C GLY B 296 -87.46 -50.25 -27.52
N ALA B 297 -87.35 -49.20 -26.71
CA ALA B 297 -86.10 -48.91 -26.02
C ALA B 297 -85.57 -50.11 -25.26
N TYR B 298 -84.23 -50.20 -25.16
CA TYR B 298 -83.58 -51.21 -24.36
C TYR B 298 -83.72 -50.85 -22.90
N GLY B 299 -83.65 -49.55 -22.63
CA GLY B 299 -83.87 -49.03 -21.29
C GLY B 299 -84.03 -47.52 -21.25
N ALA B 300 -84.60 -46.99 -20.18
CA ALA B 300 -84.82 -45.54 -20.06
C ALA B 300 -84.97 -45.13 -18.62
N ARG B 301 -84.58 -43.88 -18.36
CA ARG B 301 -84.30 -43.43 -17.00
C ARG B 301 -84.16 -41.91 -16.94
N LEU B 302 -84.81 -41.26 -15.99
CA LEU B 302 -84.51 -39.86 -15.71
C LEU B 302 -83.01 -39.73 -15.48
N THR B 303 -82.45 -38.63 -15.95
CA THR B 303 -81.06 -38.31 -15.68
C THR B 303 -80.97 -36.96 -14.94
N GLY B 304 -79.85 -36.73 -14.29
CA GLY B 304 -79.67 -35.50 -13.57
C GLY B 304 -80.36 -35.63 -12.24
N ALA B 305 -80.78 -34.51 -11.68
CA ALA B 305 -81.28 -34.46 -10.31
C ALA B 305 -82.74 -34.88 -10.18
N GLY B 306 -83.52 -34.70 -11.25
CA GLY B 306 -84.91 -35.08 -11.23
C GLY B 306 -85.85 -33.91 -11.12
N PHE B 307 -87.11 -34.15 -10.78
CA PHE B 307 -88.15 -33.11 -10.65
C PHE B 307 -88.41 -32.36 -11.94
N GLY B 308 -88.34 -33.08 -13.06
CA GLY B 308 -88.40 -32.49 -14.37
C GLY B 308 -87.05 -32.69 -15.00
N GLY B 309 -86.61 -31.72 -15.79
CA GLY B 309 -85.32 -31.80 -16.44
C GLY B 309 -85.39 -32.80 -17.56
N SER B 310 -84.30 -33.55 -17.77
CA SER B 310 -84.22 -34.43 -18.93
C SER B 310 -84.16 -35.89 -18.53
N ALA B 311 -84.42 -36.77 -19.49
CA ALA B 311 -84.31 -38.21 -19.29
C ALA B 311 -83.50 -38.79 -20.44
N ILE B 312 -83.21 -40.09 -20.39
CA ILE B 312 -82.48 -40.75 -21.47
C ILE B 312 -83.15 -42.05 -21.88
N ALA B 313 -82.88 -42.49 -23.11
CA ALA B 313 -83.37 -43.77 -23.55
C ALA B 313 -82.40 -44.39 -24.56
N LEU B 314 -81.98 -45.61 -24.27
CA LEU B 314 -81.11 -46.35 -25.16
C LEU B 314 -81.98 -47.03 -26.21
N VAL B 315 -81.55 -46.91 -27.46
CA VAL B 315 -82.37 -47.14 -28.65
C VAL B 315 -81.41 -47.19 -29.82
N ASP B 316 -81.66 -48.06 -30.80
CA ASP B 316 -80.78 -48.17 -31.98
C ASP B 316 -80.76 -46.89 -32.81
N LYS B 317 -79.56 -46.46 -33.22
CA LYS B 317 -79.38 -45.33 -34.14
C LYS B 317 -80.37 -45.39 -35.32
N ASP B 318 -80.43 -46.55 -35.99
CA ASP B 318 -81.30 -46.76 -37.15
C ASP B 318 -82.76 -46.39 -36.85
N LYS B 319 -83.29 -46.85 -35.73
CA LYS B 319 -84.69 -46.61 -35.37
C LYS B 319 -84.92 -45.44 -34.39
N ALA B 320 -83.86 -44.69 -34.04
CA ALA B 320 -83.93 -43.64 -33.00
C ALA B 320 -84.59 -42.32 -33.43
N LYS B 321 -84.68 -42.05 -34.74
CA LYS B 321 -85.33 -40.84 -35.26
C LYS B 321 -86.86 -40.90 -35.07
N THR B 322 -87.47 -41.94 -35.62
CA THR B 322 -88.93 -42.09 -35.55
C THR B 322 -89.43 -42.40 -34.13
N ILE B 323 -88.56 -42.90 -33.24
CA ILE B 323 -88.92 -43.12 -31.83
C ILE B 323 -89.07 -41.80 -31.10
N GLY B 324 -88.22 -40.83 -31.44
CA GLY B 324 -88.27 -39.50 -30.88
C GLY B 324 -89.58 -38.78 -31.14
N ASP B 325 -89.94 -38.64 -32.42
CA ASP B 325 -91.12 -37.87 -32.83
C ASP B 325 -92.46 -38.49 -32.35
N ALA B 326 -92.52 -39.81 -32.23
CA ALA B 326 -93.75 -40.49 -31.78
C ALA B 326 -94.03 -40.17 -30.32
N ILE B 327 -92.97 -40.12 -29.53
CA ILE B 327 -93.03 -39.75 -28.12
C ILE B 327 -93.33 -38.25 -27.95
N LEU B 328 -92.85 -37.42 -28.87
CA LEU B 328 -93.05 -35.97 -28.77
C LEU B 328 -94.51 -35.59 -28.99
N ARG B 329 -95.09 -35.99 -30.12
CA ARG B 329 -96.50 -35.76 -30.39
C ARG B 329 -97.31 -36.17 -29.15
N GLU B 330 -97.14 -37.41 -28.72
CA GLU B 330 -97.82 -37.90 -27.54
C GLU B 330 -97.74 -36.91 -26.36
N TYR B 331 -96.51 -36.60 -25.95
CA TYR B 331 -96.21 -35.76 -24.78
C TYR B 331 -96.58 -34.28 -24.98
N LEU B 332 -96.60 -33.82 -26.24
CA LEU B 332 -96.92 -32.43 -26.58
C LEU B 332 -98.43 -32.21 -26.64
N ALA B 333 -99.20 -33.27 -26.37
CA ALA B 333 -100.66 -33.24 -26.36
C ALA B 333 -101.22 -33.38 -24.94
N LYS B 334 -100.67 -34.31 -24.17
CA LYS B 334 -101.03 -34.49 -22.75
C LYS B 334 -100.66 -33.24 -21.95
N PHE B 335 -99.40 -32.82 -22.04
CA PHE B 335 -98.89 -31.66 -21.29
C PHE B 335 -98.70 -30.47 -22.21
N SER B 336 -98.47 -29.30 -21.60
CA SER B 336 -98.28 -28.04 -22.31
C SER B 336 -96.82 -27.59 -22.36
N TRP B 337 -95.98 -28.17 -21.51
CA TRP B 337 -94.56 -27.80 -21.44
C TRP B 337 -93.91 -27.81 -22.82
N LYS B 338 -92.91 -26.96 -23.02
CA LYS B 338 -92.26 -26.86 -24.33
C LYS B 338 -91.11 -27.86 -24.37
N ALA B 339 -91.45 -29.11 -24.64
CA ALA B 339 -90.50 -30.22 -24.62
C ALA B 339 -89.67 -30.26 -25.89
N LYS B 340 -88.71 -31.18 -25.93
CA LYS B 340 -87.89 -31.43 -27.11
C LYS B 340 -86.95 -32.61 -26.85
N TYR B 341 -86.61 -33.34 -27.91
CA TYR B 341 -85.65 -34.43 -27.83
C TYR B 341 -84.36 -34.03 -28.52
N PHE B 342 -83.31 -34.83 -28.33
CA PHE B 342 -82.00 -34.60 -28.94
C PHE B 342 -81.37 -35.97 -29.11
N VAL B 343 -81.23 -36.44 -30.34
CA VAL B 343 -80.39 -37.61 -30.59
C VAL B 343 -78.97 -37.13 -30.41
N VAL B 344 -78.13 -37.97 -29.83
CA VAL B 344 -76.87 -37.52 -29.26
C VAL B 344 -75.79 -38.61 -29.33
N LYS B 345 -74.58 -38.19 -29.61
CA LYS B 345 -73.44 -39.10 -29.53
C LYS B 345 -72.55 -38.61 -28.39
N PRO B 346 -71.85 -39.54 -27.73
CA PRO B 346 -70.80 -39.16 -26.76
C PRO B 346 -69.72 -38.31 -27.45
N SER B 347 -69.02 -37.42 -26.75
CA SER B 347 -67.99 -36.58 -27.40
C SER B 347 -66.73 -36.40 -26.55
N ASP B 348 -65.84 -35.51 -27.02
CA ASP B 348 -64.70 -35.06 -26.22
C ASP B 348 -65.08 -33.87 -25.32
N GLY B 349 -64.12 -33.43 -24.50
CA GLY B 349 -64.16 -32.15 -23.78
C GLY B 349 -63.57 -31.01 -24.60
N ILE C 4 -8.35 -77.60 -16.79
CA ILE C 4 -8.47 -76.66 -17.96
C ILE C 4 -7.18 -76.63 -18.80
N THR C 5 -7.25 -75.95 -19.95
CA THR C 5 -6.19 -75.97 -20.97
C THR C 5 -6.14 -74.65 -21.72
N VAL C 6 -5.03 -73.92 -21.59
CA VAL C 6 -4.83 -72.64 -22.27
C VAL C 6 -3.69 -72.74 -23.29
N LYS C 7 -3.96 -72.29 -24.51
CA LYS C 7 -2.91 -72.08 -25.51
C LYS C 7 -2.36 -70.67 -25.28
N SER C 8 -1.09 -70.47 -25.58
CA SER C 8 -0.46 -69.15 -25.39
C SER C 8 0.51 -68.94 -26.53
N PRO C 9 0.22 -67.99 -27.41
CA PRO C 9 1.03 -67.80 -28.62
C PRO C 9 2.37 -67.18 -28.31
N GLY C 10 3.33 -67.31 -29.23
CA GLY C 10 4.57 -66.56 -29.18
C GLY C 10 4.32 -65.33 -30.04
N ARG C 11 5.38 -64.66 -30.48
CA ARG C 11 5.20 -63.49 -31.33
C ARG C 11 6.35 -63.17 -32.30
N VAL C 12 5.95 -62.48 -33.34
CA VAL C 12 6.83 -61.82 -34.26
C VAL C 12 6.55 -60.34 -34.12
N ASN C 13 7.55 -59.51 -34.39
CA ASN C 13 7.37 -58.07 -34.46
C ASN C 13 7.54 -57.62 -35.89
N LEU C 14 6.49 -57.09 -36.51
CA LEU C 14 6.59 -56.71 -37.92
C LEU C 14 7.55 -55.53 -38.05
N ILE C 15 7.48 -54.59 -37.13
CA ILE C 15 8.31 -53.38 -37.21
C ILE C 15 8.25 -52.56 -35.92
N GLY C 16 9.16 -51.62 -35.78
CA GLY C 16 9.34 -50.92 -34.53
C GLY C 16 10.23 -51.72 -33.62
N GLU C 17 11.50 -51.87 -34.00
CA GLU C 17 12.46 -52.71 -33.25
C GLU C 17 13.44 -51.85 -32.50
N HIS C 18 13.77 -52.27 -31.29
CA HIS C 18 14.64 -51.52 -30.36
C HIS C 18 14.10 -50.15 -30.14
N THR C 19 12.82 -50.13 -29.91
CA THR C 19 12.07 -48.91 -29.82
C THR C 19 11.29 -48.81 -28.47
N ASP C 20 11.01 -49.95 -27.83
CA ASP C 20 10.12 -49.98 -26.68
C ASP C 20 10.73 -49.64 -25.35
N TYR C 21 12.07 -49.63 -25.23
CA TYR C 21 12.69 -49.17 -23.98
C TYR C 21 12.92 -47.67 -23.99
N THR C 22 12.52 -47.01 -25.06
CA THR C 22 12.42 -45.54 -25.09
C THR C 22 11.01 -45.10 -25.42
N TYR C 23 10.06 -46.01 -25.26
CA TYR C 23 8.64 -45.69 -25.33
C TYR C 23 8.19 -45.15 -26.68
N GLY C 24 8.62 -45.83 -27.75
CA GLY C 24 8.29 -45.47 -29.11
C GLY C 24 7.22 -46.39 -29.62
N TYR C 25 7.16 -46.57 -30.94
CA TYR C 25 6.08 -47.34 -31.53
C TYR C 25 6.55 -48.74 -31.82
N VAL C 26 5.61 -49.67 -31.75
CA VAL C 26 5.89 -51.08 -31.87
C VAL C 26 4.75 -51.70 -32.72
N MSE C 27 5.00 -52.85 -33.36
CA MSE C 27 3.96 -53.45 -34.21
C MSE C 27 3.94 -54.98 -34.28
O MSE C 27 4.02 -55.57 -35.38
CB MSE C 27 4.00 -52.84 -35.62
CG MSE C 27 2.76 -52.06 -35.95
SE MSE C 27 2.42 -51.79 -37.86
CE MSE C 27 2.62 -53.59 -38.60
N PRO C 28 3.81 -55.63 -33.11
CA PRO C 28 3.82 -57.09 -33.04
C PRO C 28 2.59 -57.80 -33.58
N MSE C 29 2.70 -59.13 -33.62
CA MSE C 29 1.59 -60.01 -33.86
C MSE C 29 1.82 -61.28 -33.07
O MSE C 29 2.97 -61.72 -32.94
CB MSE C 29 1.45 -60.30 -35.36
CG MSE C 29 2.03 -61.61 -35.86
SE MSE C 29 2.16 -61.69 -37.81
CE MSE C 29 2.53 -63.57 -38.02
N ALA C 30 0.77 -61.87 -32.54
CA ALA C 30 0.86 -63.21 -31.96
C ALA C 30 0.91 -64.21 -33.09
N ILE C 31 1.90 -65.09 -33.09
CA ILE C 31 2.00 -66.17 -34.09
C ILE C 31 1.28 -67.42 -33.61
N ASP C 32 0.86 -68.26 -34.57
CA ASP C 32 0.15 -69.52 -34.27
C ASP C 32 1.07 -70.73 -34.01
N LEU C 33 2.15 -70.49 -33.26
CA LEU C 33 2.89 -71.51 -32.53
C LEU C 33 2.63 -71.19 -31.05
N TYR C 34 2.38 -72.22 -30.24
CA TYR C 34 1.82 -72.01 -28.91
C TYR C 34 2.57 -72.79 -27.82
N THR C 35 2.63 -72.23 -26.61
CA THR C 35 2.83 -73.02 -25.40
C THR C 35 1.45 -73.43 -24.90
N ILE C 36 1.35 -74.64 -24.40
CA ILE C 36 0.10 -75.14 -23.85
C ILE C 36 0.30 -75.54 -22.39
N ILE C 37 -0.65 -75.17 -21.53
CA ILE C 37 -0.64 -75.60 -20.14
C ILE C 37 -1.95 -76.29 -19.80
N THR C 38 -1.87 -77.57 -19.47
CA THR C 38 -3.00 -78.28 -18.89
C THR C 38 -2.73 -78.39 -17.40
N ALA C 39 -3.55 -77.74 -16.59
CA ALA C 39 -3.35 -77.78 -15.15
C ALA C 39 -4.65 -77.74 -14.34
N GLU C 40 -4.58 -78.26 -13.11
CA GLU C 40 -5.66 -78.15 -12.12
C GLU C 40 -5.13 -77.48 -10.82
N LYS C 41 -6.01 -77.30 -9.84
CA LYS C 41 -5.65 -76.75 -8.53
C LYS C 41 -5.24 -77.88 -7.57
N LYS C 44 0.44 -76.59 -3.69
CA LYS C 44 1.78 -76.91 -4.22
C LYS C 44 1.91 -76.63 -5.73
N VAL C 45 3.15 -76.57 -6.21
CA VAL C 45 3.47 -76.45 -7.64
C VAL C 45 4.18 -77.72 -8.16
N GLN C 46 3.59 -78.40 -9.14
CA GLN C 46 4.24 -79.53 -9.82
C GLN C 46 3.91 -79.55 -11.32
N LEU C 47 4.91 -79.27 -12.16
CA LEU C 47 4.70 -79.07 -13.60
C LEU C 47 5.74 -79.84 -14.43
N TYR C 48 5.27 -80.66 -15.36
CA TYR C 48 6.12 -81.39 -16.30
C TYR C 48 6.19 -80.60 -17.60
N SER C 49 7.35 -80.62 -18.24
CA SER C 49 7.58 -79.91 -19.50
C SER C 49 8.13 -80.89 -20.53
N GLU C 50 7.36 -81.20 -21.58
CA GLU C 50 7.79 -82.21 -22.57
C GLU C 50 9.08 -81.79 -23.26
N HIS C 51 9.29 -80.49 -23.42
CA HIS C 51 10.53 -80.01 -24.04
C HIS C 51 11.79 -80.47 -23.27
N PHE C 52 11.85 -80.22 -21.96
CA PHE C 52 13.04 -80.48 -21.12
C PHE C 52 13.03 -81.77 -20.26
N ASN C 53 11.84 -82.36 -20.03
CA ASN C 53 11.66 -83.47 -19.08
C ASN C 53 12.16 -83.15 -17.67
N GLU C 55 10.14 -82.76 -14.56
CA GLU C 55 9.17 -82.47 -13.50
C GLU C 55 9.86 -81.86 -12.29
N LYS C 56 9.60 -80.56 -12.05
CA LYS C 56 10.12 -79.81 -10.91
C LYS C 56 8.98 -79.40 -9.97
N THR C 57 9.32 -79.18 -8.69
CA THR C 57 8.35 -78.81 -7.65
C THR C 57 8.82 -77.63 -6.77
N PHE C 58 7.87 -76.98 -6.09
CA PHE C 58 8.17 -76.04 -5.00
C PHE C 58 6.89 -75.62 -4.24
N THR C 59 7.07 -75.25 -2.97
CA THR C 59 5.95 -74.78 -2.12
C THR C 59 5.73 -73.29 -2.38
N LEU C 60 4.48 -72.81 -2.30
CA LEU C 60 4.14 -71.39 -2.60
C LEU C 60 4.69 -70.41 -1.56
N ASP C 61 5.25 -70.91 -0.45
CA ASP C 61 6.00 -70.10 0.51
C ASP C 61 7.50 -70.45 0.47
N ASN C 62 8.08 -70.42 -0.74
CA ASN C 62 9.52 -70.66 -0.95
C ASN C 62 9.96 -70.19 -2.35
N LEU C 63 9.57 -68.97 -2.71
CA LEU C 63 9.94 -68.38 -3.98
C LEU C 63 11.42 -67.99 -3.93
N LYS C 65 14.28 -68.89 -5.94
CA LYS C 65 14.87 -68.49 -7.21
C LYS C 65 15.96 -69.46 -7.65
N GLU C 66 15.58 -70.72 -7.92
CA GLU C 66 16.53 -71.85 -8.07
C GLU C 66 17.56 -71.76 -9.22
N GLY C 67 17.44 -70.79 -10.11
CA GLY C 67 18.33 -70.64 -11.25
C GLY C 67 18.15 -71.67 -12.37
N SER C 68 16.91 -71.87 -12.84
CA SER C 68 16.64 -72.74 -13.99
C SER C 68 15.40 -72.22 -14.76
N TRP C 69 14.65 -73.10 -15.42
CA TRP C 69 13.43 -72.67 -16.14
C TRP C 69 12.22 -72.51 -15.22
N ILE C 70 12.18 -73.25 -14.12
CA ILE C 70 11.07 -73.14 -13.18
C ILE C 70 10.94 -71.72 -12.63
N ASP C 71 12.03 -70.96 -12.67
CA ASP C 71 12.03 -69.56 -12.24
C ASP C 71 10.90 -68.76 -12.90
N TYR C 72 10.72 -68.93 -14.20
CA TYR C 72 9.65 -68.24 -14.92
C TYR C 72 8.30 -68.47 -14.26
N VAL C 73 8.04 -69.70 -13.85
CA VAL C 73 6.81 -70.04 -13.12
C VAL C 73 6.82 -69.40 -11.75
N LYS C 74 7.95 -69.51 -11.05
CA LYS C 74 8.09 -68.98 -9.69
C LYS C 74 7.88 -67.47 -9.70
N GLY C 75 8.20 -66.83 -10.83
CA GLY C 75 8.16 -65.39 -10.96
C GLY C 75 6.76 -64.90 -11.19
N VAL C 76 5.95 -65.72 -11.84
CA VAL C 76 4.57 -65.34 -12.06
C VAL C 76 3.79 -65.42 -10.76
N LEU C 77 4.08 -66.40 -9.93
CA LEU C 77 3.39 -66.51 -8.65
C LEU C 77 3.84 -65.42 -7.73
N TRP C 78 5.11 -65.05 -7.80
CA TRP C 78 5.62 -63.99 -6.95
C TRP C 78 4.96 -62.63 -7.25
N VAL C 79 4.74 -62.35 -8.53
CA VAL C 79 4.17 -61.08 -8.92
C VAL C 79 2.69 -61.01 -8.57
N LEU C 80 2.02 -62.16 -8.53
CA LEU C 80 0.60 -62.23 -8.13
C LEU C 80 0.43 -62.06 -6.62
N ILE C 81 1.20 -62.80 -5.85
CA ILE C 81 1.20 -62.64 -4.39
C ILE C 81 1.47 -61.17 -3.99
N GLN C 82 2.50 -60.54 -4.55
CA GLN C 82 2.86 -59.17 -4.13
C GLN C 82 1.80 -58.12 -4.52
N GLU C 83 0.98 -58.42 -5.53
CA GLU C 83 -0.12 -57.54 -5.98
C GLU C 83 -1.36 -57.62 -5.12
N GLY C 84 -1.49 -58.70 -4.33
CA GLY C 84 -2.61 -58.84 -3.40
C GLY C 84 -3.47 -60.06 -3.67
N TYR C 85 -3.23 -60.76 -4.77
CA TYR C 85 -3.92 -62.01 -5.01
C TYR C 85 -3.34 -63.11 -4.11
N ILE C 87 -4.33 -66.51 -3.92
CA ILE C 87 -4.10 -67.68 -4.79
C ILE C 87 -3.50 -68.90 -4.09
N GLY C 88 -3.49 -70.01 -4.83
CA GLY C 88 -2.79 -71.23 -4.46
C GLY C 88 -1.83 -71.64 -5.57
N GLY C 89 -1.62 -72.95 -5.72
CA GLY C 89 -0.65 -73.50 -6.68
C GLY C 89 -1.28 -74.27 -7.82
N LEU C 90 -0.48 -75.07 -8.54
CA LEU C 90 -1.00 -75.87 -9.65
C LEU C 90 -0.12 -77.07 -10.07
N LYS C 91 -0.79 -78.14 -10.54
CA LYS C 91 -0.14 -79.32 -11.14
C LYS C 91 -0.57 -79.45 -12.62
N GLY C 92 0.24 -80.11 -13.45
CA GLY C 92 -0.11 -80.27 -14.86
C GLY C 92 1.07 -80.34 -15.82
N LYS C 93 0.80 -80.26 -17.13
CA LYS C 93 1.83 -80.39 -18.18
C LYS C 93 2.01 -79.12 -19.04
N ILE C 94 3.22 -78.94 -19.57
CA ILE C 94 3.57 -77.81 -20.44
C ILE C 94 4.02 -78.37 -21.80
N THR C 95 3.10 -78.45 -22.77
CA THR C 95 3.41 -79.02 -24.10
C THR C 95 3.51 -77.89 -25.13
N GLY C 96 3.84 -78.19 -26.40
CA GLY C 96 3.73 -77.18 -27.45
C GLY C 96 4.53 -77.18 -28.76
N ASP C 97 4.05 -76.32 -29.65
CA ASP C 97 4.69 -75.94 -30.92
C ASP C 97 5.89 -75.03 -30.73
N LEU C 98 5.78 -74.09 -29.78
CA LEU C 98 6.74 -73.01 -29.58
C LEU C 98 8.21 -73.42 -29.38
N PRO C 99 9.09 -73.03 -30.31
CA PRO C 99 10.55 -73.20 -30.14
C PRO C 99 11.15 -72.22 -29.12
N LEU C 100 12.11 -72.71 -28.32
CA LEU C 100 12.67 -71.97 -27.19
C LEU C 100 14.06 -71.43 -27.48
N GLY C 101 14.25 -70.12 -27.37
CA GLY C 101 15.56 -69.52 -27.58
C GLY C 101 15.84 -69.10 -29.02
N ALA C 102 14.78 -69.00 -29.82
CA ALA C 102 14.81 -68.20 -31.02
C ALA C 102 14.37 -66.81 -30.57
N GLY C 103 14.09 -65.91 -31.52
CA GLY C 103 13.45 -64.64 -31.18
C GLY C 103 11.94 -64.77 -31.12
N LEU C 104 11.42 -65.91 -30.69
CA LEU C 104 10.00 -66.16 -30.83
C LEU C 104 9.25 -65.88 -29.52
N SER C 105 10.01 -65.37 -28.54
CA SER C 105 9.54 -65.10 -27.20
C SER C 105 8.70 -66.24 -26.61
N SER C 106 9.28 -67.43 -26.58
CA SER C 106 8.82 -68.51 -25.70
C SER C 106 8.64 -68.03 -24.25
N SER C 107 9.45 -67.05 -23.83
CA SER C 107 9.41 -66.52 -22.46
C SER C 107 8.06 -65.90 -22.14
N ALA C 108 7.62 -64.98 -23.00
CA ALA C 108 6.33 -64.30 -22.79
C ALA C 108 5.21 -65.31 -22.98
N SER C 109 5.29 -66.10 -24.04
CA SER C 109 4.40 -67.23 -24.28
C SER C 109 4.14 -68.01 -22.98
N PHE C 110 5.22 -68.39 -22.31
CA PHE C 110 5.19 -69.26 -21.13
C PHE C 110 4.66 -68.51 -19.91
N GLU C 111 5.21 -67.32 -19.66
CA GLU C 111 4.90 -66.51 -18.48
C GLU C 111 3.42 -66.16 -18.40
N VAL C 112 2.86 -65.57 -19.47
CA VAL C 112 1.44 -65.25 -19.49
C VAL C 112 0.65 -66.53 -19.63
N GLY C 113 1.25 -67.54 -20.23
CA GLY C 113 0.68 -68.88 -20.24
C GLY C 113 0.24 -69.24 -18.82
N ILE C 114 1.21 -69.17 -17.89
CA ILE C 114 1.00 -69.56 -16.51
C ILE C 114 0.11 -68.55 -15.81
N LEU C 115 0.26 -67.27 -16.14
CA LEU C 115 -0.55 -66.22 -15.52
C LEU C 115 -2.02 -66.45 -15.84
N GLU C 116 -2.32 -66.79 -17.09
CA GLU C 116 -3.70 -66.98 -17.52
C GLU C 116 -4.33 -68.19 -16.86
N VAL C 117 -3.54 -69.26 -16.67
CA VAL C 117 -4.01 -70.48 -16.01
C VAL C 117 -4.43 -70.20 -14.57
N LEU C 118 -3.62 -69.47 -13.83
CA LEU C 118 -3.90 -69.18 -12.44
C LEU C 118 -5.00 -68.16 -12.36
N ASN C 119 -5.13 -67.35 -13.40
CA ASN C 119 -6.17 -66.34 -13.46
C ASN C 119 -7.53 -67.00 -13.50
N GLN C 120 -7.65 -68.07 -14.28
CA GLN C 120 -8.90 -68.82 -14.39
C GLN C 120 -9.20 -69.80 -13.23
N LEU C 121 -8.16 -70.41 -12.66
CA LEU C 121 -8.32 -71.43 -11.62
C LEU C 121 -8.59 -70.77 -10.27
N TYR C 122 -8.14 -69.53 -10.08
CA TYR C 122 -8.34 -68.82 -8.82
C TYR C 122 -9.24 -67.59 -8.99
N ASN C 123 -9.83 -67.48 -10.18
CA ASN C 123 -10.89 -66.51 -10.48
C ASN C 123 -10.50 -65.05 -10.33
N LEU C 124 -9.22 -64.75 -10.54
CA LEU C 124 -8.64 -63.42 -10.29
C LEU C 124 -9.31 -62.26 -11.04
N ASN C 125 -9.75 -62.52 -12.28
CA ASN C 125 -10.34 -61.50 -13.14
C ASN C 125 -9.37 -60.34 -13.38
N ILE C 126 -8.21 -60.67 -13.93
CA ILE C 126 -7.13 -59.70 -14.15
C ILE C 126 -7.37 -58.99 -15.48
N ASP C 127 -7.19 -57.67 -15.49
CA ASP C 127 -7.42 -56.89 -16.70
C ASP C 127 -6.33 -57.27 -17.70
N PRO C 128 -6.70 -57.49 -18.98
CA PRO C 128 -5.74 -57.97 -19.98
C PRO C 128 -4.49 -57.11 -20.04
N LEU C 129 -4.66 -55.80 -19.97
CA LEU C 129 -3.51 -54.91 -19.96
C LEU C 129 -2.64 -55.18 -18.74
N LYS C 130 -3.27 -55.41 -17.60
CA LYS C 130 -2.56 -55.79 -16.37
C LYS C 130 -1.95 -57.21 -16.43
N LYS C 131 -2.56 -58.12 -17.17
CA LYS C 131 -1.92 -59.42 -17.40
C LYS C 131 -0.51 -59.18 -17.95
N ALA C 132 -0.41 -58.23 -18.88
CA ALA C 132 0.82 -58.01 -19.63
C ALA C 132 1.87 -57.29 -18.81
N LEU C 133 1.43 -56.33 -18.00
CA LEU C 133 2.34 -55.57 -17.13
C LEU C 133 2.90 -56.47 -16.06
N LEU C 134 2.07 -57.39 -15.57
CA LEU C 134 2.47 -58.34 -14.54
C LEU C 134 3.50 -59.32 -15.08
N ALA C 135 3.28 -59.83 -16.28
CA ALA C 135 4.24 -60.74 -16.89
C ALA C 135 5.59 -60.04 -17.18
N LYS C 136 5.54 -58.76 -17.51
CA LYS C 136 6.74 -57.95 -17.72
C LYS C 136 7.46 -57.75 -16.41
N LYS C 137 6.70 -57.53 -15.34
CA LYS C 137 7.28 -57.28 -14.04
C LYS C 137 7.96 -58.51 -13.53
N ALA C 138 7.31 -59.66 -13.67
CA ALA C 138 7.88 -60.94 -13.26
C ALA C 138 9.24 -61.19 -13.94
N GLU C 139 9.27 -60.98 -15.25
CA GLU C 139 10.48 -61.20 -16.05
C GLU C 139 11.57 -60.19 -15.72
N ASN C 140 11.21 -58.97 -15.33
CA ASN C 140 12.20 -57.92 -15.04
C ASN C 140 12.85 -58.07 -13.66
N GLU C 141 12.01 -58.30 -12.66
CA GLU C 141 12.36 -58.16 -11.26
C GLU C 141 12.67 -59.48 -10.57
N PHE C 142 12.01 -60.57 -10.97
CA PHE C 142 12.28 -61.88 -10.38
C PHE C 142 13.40 -62.61 -11.12
N VAL C 143 13.12 -63.08 -12.33
CA VAL C 143 14.17 -63.43 -13.29
C VAL C 143 14.75 -62.08 -13.71
N GLY C 144 16.07 -61.92 -13.76
CA GLY C 144 16.63 -60.60 -14.03
C GLY C 144 16.85 -60.23 -15.49
N VAL C 145 15.79 -60.26 -16.29
CA VAL C 145 15.90 -59.98 -17.73
C VAL C 145 15.27 -58.64 -18.12
N PRO C 146 16.12 -57.67 -18.51
CA PRO C 146 15.63 -56.31 -18.81
C PRO C 146 14.92 -56.34 -20.16
N CYS C 147 13.72 -55.79 -20.24
CA CYS C 147 12.93 -56.01 -21.43
C CYS C 147 11.70 -55.15 -21.43
N GLY C 148 11.25 -54.79 -22.62
CA GLY C 148 10.10 -53.93 -22.77
C GLY C 148 8.78 -54.65 -22.61
N ILE C 149 7.72 -53.99 -23.12
CA ILE C 149 6.38 -54.55 -23.08
C ILE C 149 6.02 -55.34 -24.35
N LEU C 150 6.74 -55.11 -25.44
CA LEU C 150 6.48 -55.75 -26.74
C LEU C 150 5.99 -57.20 -26.67
N ASP C 151 6.75 -58.09 -26.04
CA ASP C 151 6.48 -59.54 -26.10
C ASP C 151 5.21 -59.85 -25.35
N GLN C 152 5.17 -59.40 -24.10
CA GLN C 152 4.07 -59.70 -23.19
C GLN C 152 2.79 -59.17 -23.80
N PHE C 153 2.86 -57.98 -24.38
CA PHE C 153 1.70 -57.35 -25.00
C PHE C 153 1.15 -58.14 -26.17
N ALA C 154 2.01 -58.52 -27.12
CA ALA C 154 1.56 -59.31 -28.26
C ALA C 154 0.90 -60.59 -27.81
N VAL C 155 1.48 -61.23 -26.79
CA VAL C 155 1.00 -62.55 -26.37
C VAL C 155 -0.41 -62.48 -25.78
N VAL C 156 -0.70 -61.38 -25.08
CA VAL C 156 -2.02 -61.19 -24.44
C VAL C 156 -3.07 -60.63 -25.41
N PHE C 157 -2.66 -59.73 -26.30
CA PHE C 157 -3.56 -58.90 -27.08
C PHE C 157 -3.62 -59.32 -28.54
N GLY C 158 -2.94 -60.40 -28.89
CA GLY C 158 -2.95 -60.90 -30.26
C GLY C 158 -4.37 -61.06 -30.76
N LYS C 159 -4.59 -60.72 -32.01
CA LYS C 159 -5.90 -60.94 -32.65
C LYS C 159 -5.70 -61.73 -33.95
N LYS C 160 -6.67 -62.58 -34.29
CA LYS C 160 -6.54 -63.54 -35.38
C LYS C 160 -5.84 -62.99 -36.61
N ASP C 161 -6.51 -62.24 -37.47
CA ASP C 161 -5.89 -61.84 -38.75
C ASP C 161 -5.46 -60.38 -38.68
N ASN C 162 -4.68 -60.06 -37.66
CA ASN C 162 -4.39 -58.67 -37.27
C ASN C 162 -3.00 -58.51 -36.66
N VAL C 163 -2.39 -57.35 -36.93
CA VAL C 163 -1.20 -56.92 -36.22
C VAL C 163 -1.62 -55.84 -35.23
N ILE C 164 -0.75 -55.57 -34.27
CA ILE C 164 -1.04 -54.65 -33.19
C ILE C 164 -0.17 -53.43 -33.31
N PHE C 165 -0.73 -52.28 -33.69
CA PHE C 165 0.02 -51.03 -33.57
C PHE C 165 -0.04 -50.49 -32.14
N LEU C 166 1.09 -50.46 -31.45
CA LEU C 166 1.16 -50.08 -30.02
C LEU C 166 2.06 -48.87 -29.79
N ASP C 167 1.52 -47.83 -29.19
CA ASP C 167 2.33 -46.76 -28.59
C ASP C 167 2.76 -47.23 -27.18
N THR C 168 4.04 -47.46 -26.94
CA THR C 168 4.44 -48.10 -25.67
C THR C 168 4.48 -47.12 -24.50
N GLN C 169 4.40 -45.82 -24.81
CA GLN C 169 4.37 -44.79 -23.77
C GLN C 169 2.97 -44.69 -23.24
N THR C 170 1.98 -44.72 -24.13
CA THR C 170 0.60 -44.52 -23.68
C THR C 170 -0.20 -45.84 -23.55
N LEU C 171 0.38 -46.92 -24.05
CA LEU C 171 -0.28 -48.23 -24.16
C LEU C 171 -1.59 -48.16 -24.95
N GLN C 172 -1.73 -47.14 -25.78
CA GLN C 172 -2.84 -47.02 -26.71
C GLN C 172 -2.50 -47.88 -27.90
N TYR C 173 -3.41 -48.76 -28.29
CA TYR C 173 -3.21 -49.62 -29.46
C TYR C 173 -4.37 -49.53 -30.47
N GLU C 174 -4.26 -50.33 -31.52
CA GLU C 174 -5.22 -50.35 -32.62
C GLU C 174 -4.91 -51.59 -33.44
N TYR C 175 -5.91 -52.38 -33.75
CA TYR C 175 -5.70 -53.57 -34.58
C TYR C 175 -5.70 -53.18 -36.06
N ILE C 176 -4.73 -53.70 -36.81
CA ILE C 176 -4.69 -53.49 -38.25
C ILE C 176 -4.70 -54.83 -38.97
N PRO C 177 -5.73 -55.08 -39.77
CA PRO C 177 -5.83 -56.35 -40.48
C PRO C 177 -4.63 -56.60 -41.39
N PHE C 178 -4.10 -57.82 -41.35
CA PHE C 178 -3.03 -58.25 -42.23
C PHE C 178 -3.59 -59.04 -43.44
N PRO C 179 -3.17 -58.68 -44.65
CA PRO C 179 -3.68 -59.33 -45.86
C PRO C 179 -3.67 -60.86 -45.74
N LYS C 180 -4.81 -61.45 -46.09
CA LYS C 180 -5.02 -62.88 -45.97
C LYS C 180 -4.19 -63.60 -47.04
N ASP C 181 -4.09 -63.00 -48.23
CA ASP C 181 -3.31 -63.54 -49.35
C ASP C 181 -1.78 -63.26 -49.24
N VAL C 182 -1.33 -62.85 -48.06
CA VAL C 182 0.07 -62.58 -47.75
C VAL C 182 0.49 -63.35 -46.50
N SER C 183 1.73 -63.81 -46.47
CA SER C 183 2.16 -64.70 -45.40
C SER C 183 3.55 -64.37 -44.84
N VAL C 184 3.64 -64.51 -43.52
CA VAL C 184 4.84 -64.19 -42.75
C VAL C 184 5.74 -65.43 -42.63
N LEU C 185 6.88 -65.37 -43.30
CA LEU C 185 7.89 -66.43 -43.25
C LEU C 185 8.77 -66.10 -42.05
N VAL C 186 9.02 -67.08 -41.19
CA VAL C 186 9.75 -66.88 -39.95
C VAL C 186 10.97 -67.79 -39.97
N PHE C 187 12.09 -67.33 -40.54
CA PHE C 187 13.31 -68.15 -40.59
C PHE C 187 14.12 -67.96 -39.32
N TYR C 188 14.35 -69.08 -38.64
CA TYR C 188 15.19 -69.15 -37.44
C TYR C 188 16.58 -69.61 -37.87
N THR C 189 17.58 -68.82 -37.50
CA THR C 189 18.97 -69.03 -37.92
C THR C 189 19.69 -70.15 -37.18
N GLY C 190 19.18 -70.52 -36.00
CA GLY C 190 19.85 -71.47 -35.13
C GLY C 190 20.97 -70.85 -34.29
N VAL C 191 20.88 -69.56 -34.02
CA VAL C 191 21.93 -68.89 -33.29
C VAL C 191 21.38 -68.16 -32.06
N LYS C 192 21.95 -68.47 -30.89
CA LYS C 192 21.91 -67.52 -29.77
C LYS C 192 23.36 -67.22 -29.38
N ARG C 193 23.77 -65.96 -29.50
CA ARG C 193 25.13 -65.54 -29.19
C ARG C 193 25.30 -65.18 -27.70
N GLU C 194 26.45 -65.56 -27.11
CA GLU C 194 26.77 -65.27 -25.69
C GLU C 194 26.61 -63.76 -25.39
N LEU C 195 27.39 -62.94 -26.11
CA LEU C 195 27.25 -61.48 -26.10
C LEU C 195 25.79 -61.02 -26.06
N ALA C 196 24.99 -61.42 -27.05
CA ALA C 196 23.59 -60.93 -27.27
C ALA C 196 22.86 -60.30 -26.06
N SER C 197 22.81 -61.03 -24.94
CA SER C 197 22.19 -60.57 -23.69
C SER C 197 22.77 -59.25 -23.13
N SER C 198 24.09 -59.19 -22.98
CA SER C 198 24.75 -57.97 -22.51
C SER C 198 24.74 -56.84 -23.56
N GLU C 199 24.92 -57.17 -24.83
CA GLU C 199 24.80 -56.18 -25.89
C GLU C 199 23.41 -55.53 -25.93
N TYR C 200 22.37 -56.28 -25.56
CA TYR C 200 21.02 -55.69 -25.48
C TYR C 200 21.03 -54.67 -24.36
N ALA C 201 21.52 -55.05 -23.17
CA ALA C 201 21.57 -54.15 -22.03
C ALA C 201 22.39 -52.88 -22.29
N GLU C 202 23.40 -53.00 -23.14
CA GLU C 202 24.21 -51.85 -23.58
C GLU C 202 23.45 -50.92 -24.53
N ARG C 203 22.58 -51.47 -25.39
CA ARG C 203 21.76 -50.60 -26.25
C ARG C 203 20.81 -49.84 -25.36
N LYS C 204 20.15 -50.58 -24.46
CA LYS C 204 19.23 -50.04 -23.46
C LYS C 204 19.89 -48.95 -22.61
N ARG C 205 21.09 -49.23 -22.10
CA ARG C 205 21.84 -48.26 -21.31
C ARG C 205 21.99 -46.95 -22.10
N ILE C 206 22.49 -47.05 -23.33
CA ILE C 206 22.84 -45.85 -24.06
C ILE C 206 21.60 -45.04 -24.49
N ALA C 207 20.47 -45.73 -24.68
CA ALA C 207 19.21 -45.06 -24.98
C ALA C 207 18.68 -44.38 -23.71
N GLU C 208 18.73 -45.06 -22.57
CA GLU C 208 18.37 -44.48 -21.29
C GLU C 208 19.15 -43.17 -21.09
N GLU C 209 20.43 -43.21 -21.45
CA GLU C 209 21.36 -42.12 -21.19
C GLU C 209 21.05 -40.93 -22.07
N SER C 210 20.59 -41.22 -23.30
CA SER C 210 20.25 -40.23 -24.31
C SER C 210 18.99 -39.46 -23.92
N LEU C 211 17.92 -40.17 -23.55
CA LEU C 211 16.73 -39.53 -23.04
C LEU C 211 17.04 -38.58 -21.87
N ARG C 212 18.01 -38.92 -21.00
CA ARG C 212 18.38 -38.03 -19.89
C ARG C 212 19.21 -36.81 -20.33
N ILE C 213 20.06 -36.97 -21.32
CA ILE C 213 20.76 -35.81 -21.90
C ILE C 213 19.74 -34.87 -22.53
N LEU C 214 18.72 -35.45 -23.15
CA LEU C 214 17.74 -34.68 -23.90
C LEU C 214 16.62 -34.10 -23.02
N GLY C 215 16.49 -34.58 -21.79
CA GLY C 215 15.43 -34.15 -20.92
C GLY C 215 14.06 -34.58 -21.43
N LYS C 216 13.97 -35.78 -22.00
CA LYS C 216 12.73 -36.28 -22.58
C LYS C 216 12.38 -37.66 -22.03
N GLU C 217 11.10 -38.01 -22.17
CA GLU C 217 10.56 -39.27 -21.64
C GLU C 217 10.34 -40.36 -22.70
N SER C 218 10.33 -39.99 -23.98
CA SER C 218 10.12 -40.95 -25.07
C SER C 218 10.96 -40.62 -26.29
N SER C 219 11.16 -41.59 -27.16
CA SER C 219 11.84 -41.37 -28.41
C SER C 219 10.93 -40.73 -29.47
N LYS C 220 9.62 -40.69 -29.23
CA LYS C 220 8.68 -39.88 -30.05
C LYS C 220 8.95 -38.38 -29.90
N GLU C 221 9.44 -37.99 -28.72
CA GLU C 221 9.72 -36.58 -28.37
C GLU C 221 10.95 -35.91 -29.09
N VAL C 222 11.60 -36.57 -30.06
CA VAL C 222 12.97 -36.13 -30.48
C VAL C 222 13.18 -35.61 -31.94
N THR C 223 13.76 -34.41 -32.01
CA THR C 223 13.98 -33.65 -33.24
C THR C 223 15.36 -33.89 -33.83
N GLU C 224 15.61 -33.23 -34.97
CA GLU C 224 16.94 -33.09 -35.51
C GLU C 224 17.87 -32.24 -34.63
N LYS C 225 17.36 -31.18 -33.98
CA LYS C 225 18.18 -30.33 -33.06
C LYS C 225 18.56 -31.10 -31.80
N ASP C 226 17.59 -31.83 -31.25
CA ASP C 226 17.81 -32.76 -30.16
C ASP C 226 18.96 -33.72 -30.46
N LEU C 227 18.88 -34.42 -31.60
CA LEU C 227 19.90 -35.41 -31.93
C LEU C 227 21.29 -34.80 -31.90
N GLY C 228 21.41 -33.56 -32.37
CA GLY C 228 22.64 -32.82 -32.34
C GLY C 228 23.14 -32.44 -30.96
N LYS C 229 22.30 -32.52 -29.93
CA LYS C 229 22.75 -32.35 -28.55
C LYS C 229 23.50 -33.58 -27.99
N LEU C 230 23.37 -34.76 -28.61
CA LEU C 230 23.97 -36.01 -28.08
C LEU C 230 25.42 -36.13 -28.53
N PRO C 231 26.24 -36.94 -27.84
CA PRO C 231 27.60 -37.27 -28.28
C PRO C 231 27.64 -38.42 -29.30
N PRO C 232 28.76 -38.64 -30.01
CA PRO C 232 28.77 -39.50 -31.21
C PRO C 232 28.09 -40.85 -31.12
N LEU C 233 28.35 -41.63 -30.08
CA LEU C 233 27.84 -43.00 -30.00
C LEU C 233 26.37 -43.00 -29.68
N HIS C 234 25.99 -42.17 -28.71
CA HIS C 234 24.61 -41.94 -28.38
C HIS C 234 23.78 -41.50 -29.59
N ARG C 235 24.36 -40.68 -30.46
CA ARG C 235 23.64 -40.08 -31.57
C ARG C 235 23.44 -41.08 -32.67
N LYS C 236 24.46 -41.89 -32.88
CA LYS C 236 24.42 -42.98 -33.85
C LYS C 236 23.30 -43.98 -33.51
N PHE C 237 23.21 -44.38 -32.24
CA PHE C 237 22.25 -45.40 -31.85
C PHE C 237 20.84 -44.81 -31.80
N PHE C 238 20.75 -43.53 -31.46
CA PHE C 238 19.44 -42.88 -31.25
C PHE C 238 18.86 -42.37 -32.55
N SER C 239 19.72 -41.97 -33.47
CA SER C 239 19.25 -41.54 -34.77
C SER C 239 18.47 -42.72 -35.41
N TYR C 240 18.95 -43.94 -35.15
CA TYR C 240 18.25 -45.16 -35.55
C TYR C 240 16.83 -45.21 -34.93
N ILE C 241 16.77 -45.08 -33.61
CA ILE C 241 15.49 -45.25 -32.93
C ILE C 241 14.44 -44.27 -33.47
N VAL C 242 14.88 -43.09 -33.88
CA VAL C 242 14.02 -42.01 -34.31
C VAL C 242 13.46 -42.28 -35.70
N ARG C 243 14.33 -42.79 -36.56
CA ARG C 243 13.95 -43.37 -37.86
C ARG C 243 13.07 -44.62 -37.78
N GLU C 244 13.15 -45.44 -36.73
CA GLU C 244 12.21 -46.59 -36.66
C GLU C 244 10.82 -46.09 -36.30
N ASN C 245 10.73 -45.16 -35.35
CA ASN C 245 9.45 -44.63 -34.97
C ASN C 245 8.73 -44.08 -36.20
N ALA C 246 9.46 -43.38 -37.08
CA ALA C 246 8.89 -42.79 -38.30
C ALA C 246 8.40 -43.86 -39.27
N ARG C 247 9.14 -44.96 -39.32
CA ARG C 247 8.85 -46.08 -40.20
C ARG C 247 7.66 -46.88 -39.73
N VAL C 248 7.49 -47.02 -38.42
CA VAL C 248 6.32 -47.71 -37.89
C VAL C 248 5.07 -46.94 -38.33
N LEU C 249 5.09 -45.62 -38.22
CA LEU C 249 3.98 -44.80 -38.65
C LEU C 249 3.68 -44.93 -40.14
N GLU C 250 4.72 -45.19 -40.93
CA GLU C 250 4.60 -45.34 -42.38
C GLU C 250 4.00 -46.69 -42.72
N VAL C 251 4.50 -47.73 -42.07
CA VAL C 251 3.97 -49.07 -42.26
C VAL C 251 2.48 -49.12 -41.88
N ARG C 252 2.10 -48.33 -40.89
CA ARG C 252 0.73 -48.27 -40.41
C ARG C 252 -0.20 -47.69 -41.49
N ASP C 253 0.22 -46.62 -42.15
CA ASP C 253 -0.57 -45.98 -43.23
C ASP C 253 -0.75 -46.89 -44.44
N ALA C 254 0.32 -47.63 -44.75
CA ALA C 254 0.41 -48.48 -45.92
C ALA C 254 -0.30 -49.81 -45.71
N LEU C 255 -0.22 -50.36 -44.51
CA LEU C 255 -0.90 -51.61 -44.20
C LEU C 255 -2.40 -51.39 -44.04
N LYS C 256 -2.76 -50.21 -43.52
CA LYS C 256 -4.15 -49.80 -43.43
C LYS C 256 -4.73 -49.50 -44.83
N GLU C 257 -3.96 -49.76 -45.88
CA GLU C 257 -4.35 -49.44 -47.25
C GLU C 257 -4.63 -50.68 -48.13
N ASP C 259 -1.38 -52.03 -49.46
CA ASP C 259 -0.11 -51.71 -50.09
C ASP C 259 1.04 -52.49 -49.45
N ILE C 260 0.99 -53.81 -49.56
CA ILE C 260 2.02 -54.68 -49.00
C ILE C 260 3.41 -54.51 -49.64
N GLU C 261 3.47 -53.92 -50.82
CA GLU C 261 4.74 -53.68 -51.51
C GLU C 261 5.52 -52.52 -50.85
N LYS C 262 4.81 -51.47 -50.44
CA LYS C 262 5.43 -50.37 -49.69
C LYS C 262 5.85 -50.85 -48.31
N VAL C 263 5.07 -51.72 -47.69
CA VAL C 263 5.45 -52.29 -46.38
C VAL C 263 6.73 -53.10 -46.48
N GLY C 264 6.97 -53.73 -47.62
CA GLY C 264 8.11 -54.59 -47.82
C GLY C 264 9.41 -53.82 -47.92
N LYS C 265 9.37 -52.78 -48.75
CA LYS C 265 10.49 -51.86 -48.92
C LYS C 265 10.83 -51.15 -47.60
N ILE C 266 9.87 -51.09 -46.67
CA ILE C 266 10.09 -50.39 -45.41
C ILE C 266 10.70 -51.28 -44.32
N LEU C 267 10.39 -52.57 -44.28
CA LEU C 267 11.08 -53.50 -43.34
C LEU C 267 12.50 -53.78 -43.82
N THR C 268 12.71 -53.88 -45.13
CA THR C 268 14.06 -54.01 -45.69
C THR C 268 14.95 -52.87 -45.19
N THR C 269 14.49 -51.64 -45.41
CA THR C 269 15.25 -50.46 -44.99
C THR C 269 15.54 -50.50 -43.51
N ALA C 270 14.58 -51.00 -42.74
CA ALA C 270 14.73 -51.20 -41.30
C ALA C 270 15.86 -52.19 -41.04
N HIS C 271 15.91 -53.27 -41.81
CA HIS C 271 16.92 -54.28 -41.56
C HIS C 271 18.34 -53.74 -41.66
N TRP C 272 18.59 -53.00 -42.73
CA TRP C 272 19.93 -52.45 -43.00
C TRP C 272 20.27 -51.22 -42.12
N ASP C 273 19.28 -50.60 -41.50
CA ASP C 273 19.56 -49.51 -40.56
C ASP C 273 19.80 -50.09 -39.16
N LEU C 274 19.28 -51.28 -38.94
CA LEU C 274 19.58 -52.04 -37.73
C LEU C 274 20.98 -52.61 -37.79
N ALA C 275 21.37 -53.06 -38.99
CA ALA C 275 22.58 -53.88 -39.15
C ALA C 275 23.83 -53.04 -39.26
N GLU C 276 23.70 -51.94 -40.01
CA GLU C 276 24.81 -51.03 -40.30
C GLU C 276 24.93 -49.86 -39.30
N ASN C 277 23.84 -49.54 -38.56
CA ASN C 277 23.85 -48.41 -37.61
C ASN C 277 23.60 -48.77 -36.14
N TYR C 278 22.65 -49.67 -35.87
CA TYR C 278 22.47 -50.16 -34.51
C TYR C 278 23.40 -51.33 -34.23
N ARG C 279 24.07 -51.86 -35.26
CA ARG C 279 25.03 -52.95 -35.11
C ARG C 279 24.51 -54.15 -34.28
N VAL C 280 23.24 -54.51 -34.47
CA VAL C 280 22.67 -55.67 -33.77
C VAL C 280 22.21 -56.81 -34.68
N SER C 281 22.58 -56.75 -35.96
CA SER C 281 22.31 -57.87 -36.84
C SER C 281 23.53 -58.80 -36.76
N CYS C 282 23.77 -59.60 -37.80
CA CYS C 282 25.04 -60.30 -37.99
C CYS C 282 25.31 -60.66 -39.46
N GLU C 284 24.76 -63.94 -41.03
CA GLU C 284 23.75 -64.99 -41.20
C GLU C 284 22.33 -64.40 -41.29
N LEU C 285 21.91 -63.59 -40.30
CA LEU C 285 20.63 -62.86 -40.40
C LEU C 285 20.65 -62.01 -41.68
N ASP C 286 21.77 -61.35 -41.91
CA ASP C 286 22.00 -60.62 -43.16
C ASP C 286 21.93 -61.50 -44.40
N PHE C 287 22.35 -62.75 -44.31
CA PHE C 287 22.22 -63.68 -45.42
C PHE C 287 20.77 -63.93 -45.81
N PHE C 288 19.94 -64.27 -44.82
CA PHE C 288 18.51 -64.57 -45.03
C PHE C 288 17.74 -63.43 -45.71
N VAL C 289 18.14 -62.19 -45.46
CA VAL C 289 17.46 -61.02 -46.01
C VAL C 289 17.79 -60.79 -47.49
N LYS C 290 19.05 -60.93 -47.86
CA LYS C 290 19.47 -60.71 -49.25
C LYS C 290 18.86 -61.76 -50.19
N LYS C 291 18.93 -63.03 -49.77
CA LYS C 291 18.39 -64.15 -50.55
C LYS C 291 16.86 -64.18 -50.56
N ALA C 292 16.24 -63.58 -49.54
CA ALA C 292 14.77 -63.50 -49.48
C ALA C 292 14.21 -62.57 -50.56
N MSE C 293 14.86 -61.43 -50.77
CA MSE C 293 14.44 -60.51 -51.82
C MSE C 293 14.61 -61.20 -53.16
O MSE C 293 13.65 -61.39 -53.89
CB MSE C 293 15.23 -59.19 -51.79
CG MSE C 293 15.21 -58.42 -50.44
SE MSE C 293 13.41 -58.02 -49.72
CE MSE C 293 12.61 -57.33 -51.45
N GLU C 294 15.85 -61.62 -53.46
CA GLU C 294 16.18 -62.30 -54.73
C GLU C 294 15.12 -63.34 -55.13
N LEU C 295 14.85 -64.31 -54.24
CA LEU C 295 13.83 -65.34 -54.48
C LEU C 295 12.54 -64.94 -53.79
N ALA C 297 10.05 -61.78 -52.71
CA ALA C 297 9.50 -61.33 -51.42
C ALA C 297 9.35 -59.81 -51.36
N TYR C 298 8.27 -59.35 -50.73
CA TYR C 298 8.02 -57.92 -50.67
C TYR C 298 9.08 -57.27 -49.79
N GLY C 299 9.30 -57.85 -48.62
CA GLY C 299 10.32 -57.38 -47.69
C GLY C 299 10.83 -58.43 -46.71
N ALA C 300 11.95 -58.12 -46.06
CA ALA C 300 12.53 -59.00 -45.05
C ALA C 300 13.24 -58.20 -43.97
N ARG C 301 13.40 -58.80 -42.80
CA ARG C 301 13.94 -58.09 -41.64
C ARG C 301 14.13 -59.00 -40.41
N LEU C 302 15.25 -58.83 -39.69
CA LEU C 302 15.42 -59.49 -38.41
C LEU C 302 14.22 -59.12 -37.53
N THR C 303 13.90 -60.00 -36.58
CA THR C 303 12.89 -59.71 -35.58
C THR C 303 13.32 -60.16 -34.20
N GLY C 304 12.99 -59.34 -33.21
CA GLY C 304 13.54 -59.47 -31.87
C GLY C 304 14.76 -58.58 -31.65
N ALA C 305 15.65 -59.03 -30.77
CA ALA C 305 16.83 -58.28 -30.39
C ALA C 305 17.94 -58.25 -31.45
N GLY C 306 18.11 -59.35 -32.16
CA GLY C 306 19.22 -59.53 -33.08
C GLY C 306 20.27 -60.45 -32.49
N PHE C 307 21.48 -60.44 -33.05
CA PHE C 307 22.56 -61.30 -32.56
C PHE C 307 22.19 -62.79 -32.67
N GLY C 308 21.73 -63.17 -33.86
CA GLY C 308 21.16 -64.48 -34.09
C GLY C 308 19.66 -64.34 -34.13
N GLY C 309 18.98 -65.08 -33.24
CA GLY C 309 17.54 -65.10 -33.17
C GLY C 309 16.86 -65.51 -34.46
N SER C 310 15.71 -64.91 -34.75
CA SER C 310 14.95 -65.21 -35.96
C SER C 310 14.78 -63.97 -36.83
N ALA C 311 14.11 -64.17 -37.97
CA ALA C 311 13.89 -63.14 -38.98
C ALA C 311 12.58 -63.40 -39.74
N ILE C 312 11.95 -62.35 -40.26
CA ILE C 312 10.77 -62.53 -41.08
C ILE C 312 10.95 -62.01 -42.49
N ALA C 313 10.02 -62.39 -43.34
CA ALA C 313 9.99 -62.02 -44.75
C ALA C 313 8.55 -62.12 -45.23
N LEU C 314 8.09 -61.11 -45.95
CA LEU C 314 6.73 -61.10 -46.44
C LEU C 314 6.68 -61.66 -47.85
N VAL C 315 5.69 -62.50 -48.06
CA VAL C 315 5.73 -63.52 -49.12
C VAL C 315 4.31 -63.91 -49.52
N ASP C 316 4.01 -63.85 -50.81
CA ASP C 316 2.69 -64.24 -51.35
C ASP C 316 2.39 -65.67 -50.91
N LYS C 317 1.22 -65.90 -50.32
CA LYS C 317 0.86 -67.21 -49.73
C LYS C 317 0.98 -68.40 -50.71
N ASP C 318 0.62 -68.19 -51.97
CA ASP C 318 0.73 -69.23 -53.00
C ASP C 318 2.15 -69.41 -53.54
N LYS C 319 3.16 -69.16 -52.69
CA LYS C 319 4.57 -69.41 -52.99
C LYS C 319 5.45 -69.38 -51.72
N ALA C 320 4.85 -69.67 -50.56
CA ALA C 320 5.55 -69.65 -49.26
C ALA C 320 6.38 -70.92 -49.01
N LYS C 321 5.81 -72.08 -49.34
CA LYS C 321 6.48 -73.38 -49.21
C LYS C 321 7.70 -73.58 -50.14
N THR C 322 7.79 -72.78 -51.20
CA THR C 322 8.89 -72.90 -52.17
C THR C 322 10.07 -71.97 -51.86
N ILE C 323 9.82 -70.85 -51.19
CA ILE C 323 10.86 -69.85 -50.92
C ILE C 323 11.72 -70.22 -49.71
N GLY C 324 11.06 -70.56 -48.60
CA GLY C 324 11.75 -71.02 -47.40
C GLY C 324 12.53 -72.30 -47.63
N ASP C 325 11.89 -73.26 -48.30
CA ASP C 325 12.55 -74.52 -48.70
C ASP C 325 13.86 -74.24 -49.44
N ALA C 326 13.87 -73.18 -50.25
CA ALA C 326 15.09 -72.70 -50.91
C ALA C 326 15.74 -71.61 -50.05
N LEU C 328 16.17 -71.90 -47.02
CA LEU C 328 16.94 -72.63 -46.03
C LEU C 328 18.21 -73.19 -46.68
N ARG C 329 18.00 -74.00 -47.72
CA ARG C 329 19.07 -74.70 -48.45
C ARG C 329 20.37 -73.93 -48.70
N GLU C 330 20.29 -72.77 -49.35
CA GLU C 330 21.49 -71.96 -49.61
C GLU C 330 21.85 -71.16 -48.34
N LEU C 332 21.97 -73.35 -44.72
CA LEU C 332 22.14 -74.79 -44.50
C LEU C 332 23.22 -75.38 -45.45
N ALA C 333 23.75 -74.56 -46.36
CA ALA C 333 24.92 -74.93 -47.17
C ALA C 333 26.14 -74.00 -46.94
N LYS C 334 25.88 -72.74 -46.54
CA LYS C 334 26.94 -71.81 -46.12
C LYS C 334 27.11 -71.75 -44.60
N PHE C 335 26.19 -72.39 -43.88
CA PHE C 335 26.22 -72.44 -42.42
C PHE C 335 25.83 -73.84 -41.93
N SER C 336 25.86 -74.05 -40.61
CA SER C 336 25.57 -75.35 -40.02
C SER C 336 24.80 -75.31 -38.69
N TRP C 337 24.07 -74.24 -38.43
CA TRP C 337 23.25 -74.17 -37.22
C TRP C 337 21.94 -74.90 -37.51
N LYS C 338 21.51 -75.78 -36.60
CA LYS C 338 20.24 -76.48 -36.76
C LYS C 338 19.12 -75.43 -36.88
N ALA C 339 18.82 -75.10 -38.13
CA ALA C 339 17.95 -73.98 -38.47
C ALA C 339 16.66 -74.50 -39.09
N LYS C 340 15.54 -73.90 -38.69
CA LYS C 340 14.21 -74.25 -39.21
C LYS C 340 13.42 -73.00 -39.64
N TYR C 341 12.34 -73.22 -40.39
CA TYR C 341 11.45 -72.14 -40.86
C TYR C 341 9.97 -72.49 -40.66
N PHE C 342 9.15 -71.47 -40.41
CA PHE C 342 7.73 -71.68 -40.14
C PHE C 342 6.85 -70.73 -40.95
N VAL C 343 5.96 -71.29 -41.76
CA VAL C 343 4.91 -70.47 -42.38
C VAL C 343 3.88 -70.17 -41.30
N VAL C 344 3.61 -68.90 -41.09
CA VAL C 344 2.98 -68.46 -39.86
C VAL C 344 1.80 -67.50 -40.11
N LYS C 345 0.76 -67.62 -39.30
CA LYS C 345 -0.45 -66.81 -39.43
C LYS C 345 -0.64 -65.96 -38.18
N PRO C 346 -1.01 -64.69 -38.35
CA PRO C 346 -1.29 -63.84 -37.18
C PRO C 346 -2.35 -64.54 -36.35
N SER C 347 -2.41 -64.31 -35.04
CA SER C 347 -3.22 -65.19 -34.20
C SER C 347 -3.79 -64.52 -32.93
N ASP C 348 -4.88 -65.07 -32.39
CA ASP C 348 -5.46 -64.60 -31.13
C ASP C 348 -4.45 -64.80 -30.01
N GLY C 349 -4.60 -63.99 -28.95
CA GLY C 349 -3.79 -64.11 -27.74
C GLY C 349 -4.33 -65.17 -26.79
N VAL C 350 -3.71 -65.27 -25.61
CA VAL C 350 -4.00 -66.34 -24.65
C VAL C 350 -5.48 -66.57 -24.44
N SER D 2 94.05 48.78 39.52
CA SER D 2 94.21 47.43 38.86
C SER D 2 93.45 47.35 37.51
N LYS D 3 92.15 46.99 37.54
CA LYS D 3 91.23 47.09 36.39
C LYS D 3 91.29 46.04 35.22
N ILE D 4 90.42 45.02 35.28
CA ILE D 4 90.17 44.06 34.17
C ILE D 4 88.97 44.46 33.32
N THR D 5 88.98 44.07 32.04
CA THR D 5 87.87 44.37 31.14
C THR D 5 87.31 43.08 30.56
N VAL D 6 86.05 42.79 30.88
CA VAL D 6 85.32 41.63 30.36
C VAL D 6 84.29 42.02 29.29
N LYS D 7 84.34 41.32 28.17
CA LYS D 7 83.31 41.42 27.13
C LYS D 7 82.53 40.12 27.25
N SER D 8 81.25 40.24 27.62
CA SER D 8 80.30 39.13 27.62
C SER D 8 79.29 39.37 26.50
N PRO D 9 79.23 38.47 25.51
CA PRO D 9 78.32 38.63 24.37
C PRO D 9 76.86 38.32 24.68
N GLY D 10 75.96 38.82 23.86
CA GLY D 10 74.58 38.37 23.88
C GLY D 10 74.47 37.09 23.09
N ARG D 11 73.25 36.66 22.78
CA ARG D 11 73.07 35.39 22.07
C ARG D 11 71.84 35.30 21.15
N VAL D 12 71.88 34.32 20.26
CA VAL D 12 70.74 33.93 19.45
C VAL D 12 70.69 32.40 19.29
N ASN D 13 69.50 31.87 19.04
CA ASN D 13 69.31 30.45 18.80
C ASN D 13 69.01 30.23 17.32
N LEU D 14 69.72 29.31 16.68
CA LEU D 14 69.47 29.00 15.28
C LEU D 14 68.29 28.08 15.15
N ILE D 15 68.29 27.06 16.00
CA ILE D 15 67.25 26.02 16.00
C ILE D 15 67.29 25.31 17.34
N GLY D 16 66.21 24.62 17.71
CA GLY D 16 66.10 23.99 19.01
C GLY D 16 65.43 24.87 20.04
N GLU D 17 64.27 25.43 19.69
CA GLU D 17 63.53 26.33 20.56
C GLU D 17 62.49 25.61 21.38
N HIS D 18 62.27 26.14 22.57
CA HIS D 18 61.39 25.54 23.57
C HIS D 18 61.65 24.08 23.80
N THR D 19 62.92 23.77 23.96
CA THR D 19 63.43 22.41 23.98
C THR D 19 64.30 22.10 25.21
N ASP D 20 64.90 23.14 25.79
CA ASP D 20 65.82 22.94 26.88
C ASP D 20 65.20 22.65 28.23
N TYR D 21 63.97 23.06 28.49
CA TYR D 21 63.37 22.67 29.78
C TYR D 21 62.89 21.20 29.84
N THR D 22 63.06 20.47 28.72
CA THR D 22 62.85 19.02 28.68
C THR D 22 64.10 18.31 28.18
N TYR D 23 65.25 18.98 28.31
CA TYR D 23 66.56 18.37 28.08
C TYR D 23 66.71 17.78 26.70
N GLY D 24 66.47 18.63 25.70
CA GLY D 24 66.52 18.27 24.31
C GLY D 24 67.67 19.00 23.67
N TYR D 25 67.64 19.12 22.34
CA TYR D 25 68.76 19.66 21.58
C TYR D 25 68.59 21.15 21.28
N VAL D 26 69.68 21.87 21.35
CA VAL D 26 69.66 23.32 21.25
C VAL D 26 70.85 23.69 20.37
N MSE D 27 70.80 24.78 19.62
CA MSE D 27 71.95 25.14 18.73
C MSE D 27 72.17 26.66 18.60
O MSE D 27 71.97 27.27 17.54
CB MSE D 27 71.79 24.49 17.34
CG MSE D 27 73.05 24.57 16.46
SE MSE D 27 72.79 23.65 14.70
CE MSE D 27 74.18 24.23 13.70
N PRO D 28 72.55 27.28 19.72
CA PRO D 28 72.76 28.71 19.77
C PRO D 28 74.08 29.18 19.19
N MSE D 29 74.21 30.51 19.07
CA MSE D 29 75.48 31.16 18.85
C MSE D 29 75.60 32.35 19.77
O MSE D 29 74.60 32.90 20.23
CB MSE D 29 75.63 31.59 17.39
CG MSE D 29 74.70 32.70 16.95
SE MSE D 29 74.91 33.03 15.03
CE MSE D 29 75.20 34.91 15.05
N ALA D 30 76.83 32.75 20.07
CA ALA D 30 77.06 34.05 20.69
C ALA D 30 77.15 35.06 19.56
N ILE D 31 76.73 36.30 19.80
CA ILE D 31 76.67 37.31 18.76
C ILE D 31 77.57 38.46 19.15
N ASP D 32 77.93 39.28 18.17
CA ASP D 32 78.86 40.41 18.38
C ASP D 32 78.13 41.66 18.85
N LEU D 33 77.38 41.51 19.93
CA LEU D 33 76.73 42.62 20.60
C LEU D 33 76.91 42.34 22.08
N TYR D 34 77.77 43.11 22.72
CA TYR D 34 78.32 42.68 23.99
C TYR D 34 77.82 43.56 25.13
N THR D 35 77.90 43.02 26.34
CA THR D 35 77.95 43.79 27.59
C THR D 35 79.43 43.87 27.98
N ILE D 36 79.90 45.06 28.32
CA ILE D 36 81.31 45.26 28.68
C ILE D 36 81.41 45.69 30.13
N ILE D 37 82.22 45.01 30.92
CA ILE D 37 82.38 45.35 32.33
C ILE D 37 83.85 45.64 32.66
N THR D 38 84.12 46.85 33.14
CA THR D 38 85.44 47.24 33.58
C THR D 38 85.36 47.36 35.10
N ALA D 39 86.23 46.66 35.83
CA ALA D 39 86.15 46.61 37.29
C ALA D 39 87.47 46.32 38.04
N GLU D 40 87.57 46.87 39.24
CA GLU D 40 88.69 46.67 40.16
C GLU D 40 88.17 45.98 41.42
N LYS D 41 89.06 45.36 42.18
CA LYS D 41 88.68 44.77 43.47
C LYS D 41 88.23 45.92 44.39
N TYR D 42 87.23 45.68 45.23
CA TYR D 42 86.73 46.71 46.14
C TYR D 42 86.02 46.10 47.37
N ASP D 43 86.12 46.75 48.52
CA ASP D 43 85.55 46.26 49.78
C ASP D 43 84.05 45.94 49.64
N LYS D 44 83.29 46.85 49.07
CA LYS D 44 81.88 46.61 48.78
C LYS D 44 81.71 46.59 47.27
N VAL D 45 80.48 46.53 46.79
CA VAL D 45 80.16 46.59 45.36
C VAL D 45 79.57 47.95 44.94
N GLN D 46 80.16 48.55 43.90
CA GLN D 46 79.73 49.84 43.36
C GLN D 46 79.77 49.79 41.83
N LEU D 47 78.60 49.83 41.21
CA LEU D 47 78.49 49.69 39.78
C LEU D 47 77.69 50.82 39.17
N TYR D 48 78.16 51.28 38.02
CA TYR D 48 77.49 52.30 37.24
C TYR D 48 77.07 51.65 35.94
N SER D 49 75.78 51.73 35.64
CA SER D 49 75.24 51.20 34.40
C SER D 49 75.05 52.36 33.45
N GLU D 50 75.70 52.32 32.28
CA GLU D 50 75.58 53.42 31.33
C GLU D 50 74.18 53.50 30.77
N HIS D 51 73.60 52.34 30.46
CA HIS D 51 72.24 52.24 29.94
C HIS D 51 71.24 53.05 30.78
N PHE D 52 71.11 52.70 32.06
CA PHE D 52 70.17 53.36 32.97
C PHE D 52 70.67 54.69 33.55
N ASN D 53 71.95 55.01 33.38
CA ASN D 53 72.60 56.16 34.04
C ASN D 53 72.38 56.22 35.55
N GLU D 54 72.60 55.09 36.23
CA GLU D 54 72.50 55.01 37.69
C GLU D 54 73.69 54.24 38.26
N GLU D 55 74.14 54.65 39.43
CA GLU D 55 75.19 53.96 40.17
C GLU D 55 74.51 53.38 41.41
N LYS D 56 74.39 52.06 41.47
CA LYS D 56 73.82 51.40 42.66
C LYS D 56 74.97 50.75 43.43
N THR D 57 74.85 50.70 44.76
CA THR D 57 75.84 50.01 45.59
C THR D 57 75.20 48.95 46.50
N PHE D 58 76.03 48.06 47.03
CA PHE D 58 75.64 47.25 48.18
C PHE D 58 76.84 46.65 48.89
N THR D 59 76.71 46.39 50.18
CA THR D 59 77.70 45.60 50.95
C THR D 59 77.52 44.06 50.73
N LEU D 60 78.60 43.27 50.79
CA LEU D 60 78.56 41.83 50.40
C LEU D 60 77.80 40.91 51.39
N ASP D 61 77.32 41.46 52.49
CA ASP D 61 76.32 40.79 53.33
C ASP D 61 74.91 41.22 52.90
N THR D 64 69.81 40.43 49.39
CA THR D 64 68.40 40.89 49.43
C THR D 64 67.96 41.62 48.16
N LYS D 65 66.98 41.06 47.44
CA LYS D 65 66.53 41.65 46.18
C LYS D 65 65.95 43.04 46.44
N GLU D 66 66.37 44.02 45.64
CA GLU D 66 65.87 45.40 45.74
C GLU D 66 64.73 45.69 44.77
N GLY D 67 64.42 44.73 43.90
CA GLY D 67 63.50 44.93 42.79
C GLY D 67 64.03 45.83 41.68
N SER D 68 65.24 45.56 41.18
CA SER D 68 65.87 46.37 40.11
C SER D 68 67.05 45.62 39.48
N TRP D 69 67.82 46.28 38.60
CA TRP D 69 68.88 45.59 37.86
C TRP D 69 70.07 45.09 38.69
N ILE D 70 70.28 45.69 39.85
CA ILE D 70 71.32 45.22 40.74
C ILE D 70 71.04 43.80 41.26
N ASP D 71 69.78 43.37 41.24
CA ASP D 71 69.41 42.01 41.65
C ASP D 71 70.20 40.96 40.87
N TYR D 72 70.44 41.27 39.59
CA TYR D 72 71.22 40.43 38.70
C TYR D 72 72.63 40.33 39.20
N VAL D 73 73.21 41.44 39.63
CA VAL D 73 74.56 41.43 40.20
C VAL D 73 74.58 40.74 41.57
N LYS D 74 73.65 41.12 42.43
CA LYS D 74 73.50 40.51 43.75
C LYS D 74 73.43 38.99 43.71
N GLY D 75 72.70 38.45 42.75
CA GLY D 75 72.46 37.01 42.69
C GLY D 75 73.73 36.25 42.40
N VAL D 76 74.54 36.82 41.50
CA VAL D 76 75.78 36.18 41.09
C VAL D 76 76.72 36.08 42.27
N LEU D 77 76.79 37.15 43.05
CA LEU D 77 77.59 37.17 44.27
C LEU D 77 77.03 36.19 45.30
N TRP D 78 75.71 36.08 45.33
CA TRP D 78 75.01 35.21 46.26
C TRP D 78 75.34 33.77 45.95
N VAL D 79 75.35 33.44 44.66
CA VAL D 79 75.49 32.06 44.21
C VAL D 79 76.92 31.55 44.36
N LEU D 80 77.88 32.46 44.24
CA LEU D 80 79.31 32.15 44.41
C LEU D 80 79.67 31.97 45.90
N ILE D 81 79.08 32.79 46.76
CA ILE D 81 79.25 32.63 48.20
C ILE D 81 78.58 31.34 48.69
N GLN D 82 77.41 30.99 48.13
CA GLN D 82 76.72 29.78 48.59
C GLN D 82 77.54 28.53 48.28
N GLU D 83 78.27 28.51 47.16
CA GLU D 83 79.08 27.34 46.80
C GLU D 83 80.27 27.12 47.76
N GLY D 84 80.94 28.22 48.11
CA GLY D 84 82.12 28.16 48.95
C GLY D 84 83.28 29.04 48.52
N TYR D 85 83.11 29.80 47.42
CA TYR D 85 84.21 30.61 46.90
C TYR D 85 84.50 31.78 47.85
N LYS D 86 85.79 32.10 47.95
CA LYS D 86 86.29 33.27 48.65
C LYS D 86 86.32 34.44 47.68
N ILE D 87 85.41 35.39 47.88
CA ILE D 87 85.35 36.58 47.04
C ILE D 87 85.31 37.84 47.88
N GLY D 88 85.43 38.96 47.19
CA GLY D 88 85.15 40.27 47.75
C GLY D 88 84.17 40.98 46.85
N GLY D 89 84.29 42.31 46.77
CA GLY D 89 83.48 43.12 45.87
C GLY D 89 84.21 43.64 44.63
N LEU D 90 83.56 44.60 43.96
CA LEU D 90 84.12 45.23 42.77
C LEU D 90 83.59 46.65 42.59
N LYS D 91 84.42 47.56 42.09
CA LYS D 91 83.99 48.89 41.64
C LYS D 91 84.24 49.04 40.13
N GLY D 92 83.27 49.58 39.39
CA GLY D 92 83.42 49.75 37.96
C GLY D 92 82.16 50.15 37.20
N LYS D 93 82.17 49.92 35.90
CA LYS D 93 81.11 50.39 35.01
C LYS D 93 80.71 49.34 33.97
N ILE D 94 79.45 49.44 33.52
CA ILE D 94 78.82 48.50 32.59
C ILE D 94 78.46 49.27 31.32
N THR D 95 79.28 49.17 30.29
CA THR D 95 78.94 49.78 28.99
C THR D 95 78.49 48.63 28.12
N GLY D 96 78.18 48.91 26.84
CA GLY D 96 77.82 47.88 25.90
C GLY D 96 76.99 48.30 24.69
N ASP D 97 77.03 47.42 23.69
CA ASP D 97 76.28 47.47 22.43
C ASP D 97 74.91 46.81 22.56
N LEU D 98 74.71 46.03 23.61
CA LEU D 98 73.70 44.98 23.57
C LEU D 98 72.35 45.47 24.09
N PRO D 99 71.29 45.31 23.28
CA PRO D 99 69.94 45.71 23.70
C PRO D 99 69.36 44.88 24.85
N LEU D 100 68.61 45.57 25.72
CA LEU D 100 68.01 45.00 26.92
C LEU D 100 66.55 44.69 26.68
N GLY D 101 66.09 43.54 27.16
CA GLY D 101 64.71 43.15 27.02
C GLY D 101 64.28 42.85 25.61
N ALA D 102 65.22 42.64 24.70
CA ALA D 102 64.91 42.41 23.27
C ALA D 102 65.06 40.94 22.86
N GLY D 103 65.29 40.06 23.82
CA GLY D 103 65.41 38.63 23.59
C GLY D 103 66.73 38.15 22.98
N LEU D 104 67.80 38.91 23.17
CA LEU D 104 69.15 38.45 22.84
C LEU D 104 69.92 38.13 24.14
N SER D 105 69.19 37.92 25.22
CA SER D 105 69.73 37.62 26.54
C SER D 105 70.80 38.55 27.12
N SER D 106 70.50 39.84 27.21
CA SER D 106 71.28 40.73 28.08
C SER D 106 71.41 40.16 29.52
N SER D 107 70.38 39.46 29.97
CA SER D 107 70.31 38.85 31.30
C SER D 107 71.48 37.92 31.57
N ALA D 108 71.60 36.93 30.70
CA ALA D 108 72.69 35.98 30.77
C ALA D 108 74.01 36.67 30.49
N SER D 109 74.04 37.56 29.50
CA SER D 109 75.25 38.32 29.19
C SER D 109 75.76 39.09 30.41
N PHE D 110 74.85 39.67 31.17
CA PHE D 110 75.21 40.51 32.30
C PHE D 110 75.69 39.61 33.41
N GLU D 111 74.90 38.59 33.69
CA GLU D 111 75.16 37.62 34.75
C GLU D 111 76.52 36.95 34.61
N VAL D 112 76.78 36.36 33.45
CA VAL D 112 78.02 35.65 33.27
C VAL D 112 79.18 36.64 33.09
N GLY D 113 78.89 37.84 32.59
CA GLY D 113 79.89 38.88 32.54
C GLY D 113 80.39 39.25 33.93
N ILE D 114 79.45 39.41 34.85
CA ILE D 114 79.73 39.69 36.28
C ILE D 114 80.37 38.47 36.98
N LEU D 115 79.94 37.26 36.62
CA LEU D 115 80.53 36.07 37.21
C LEU D 115 81.96 35.95 36.70
N GLU D 116 82.18 36.34 35.45
CA GLU D 116 83.51 36.26 34.85
C GLU D 116 84.46 37.25 35.48
N VAL D 117 83.95 38.44 35.79
CA VAL D 117 84.75 39.45 36.46
C VAL D 117 85.25 38.90 37.80
N LEU D 118 84.34 38.32 38.58
CA LEU D 118 84.69 37.86 39.91
C LEU D 118 85.60 36.70 39.77
N ASN D 119 85.33 35.86 38.77
CA ASN D 119 86.18 34.69 38.47
C ASN D 119 87.62 35.08 38.24
N GLN D 120 87.81 36.23 37.58
CA GLN D 120 89.14 36.70 37.23
C GLN D 120 89.81 37.49 38.35
N LEU D 121 89.12 38.49 38.90
CA LEU D 121 89.64 39.24 40.05
C LEU D 121 89.98 38.41 41.27
N TYR D 122 89.23 37.34 41.54
CA TYR D 122 89.45 36.53 42.73
C TYR D 122 90.04 35.16 42.42
N ASN D 123 90.45 34.97 41.16
CA ASN D 123 91.24 33.82 40.74
C ASN D 123 90.57 32.51 41.15
N LEU D 124 89.29 32.38 40.81
CA LEU D 124 88.54 31.18 41.15
C LEU D 124 88.79 30.04 40.16
N ASN D 125 88.98 30.38 38.88
CA ASN D 125 89.24 29.43 37.75
C ASN D 125 88.13 28.41 37.59
N ILE D 126 86.90 28.87 37.77
CA ILE D 126 85.70 28.02 37.63
C ILE D 126 85.60 27.50 36.18
N ASP D 127 85.34 26.20 36.06
CA ASP D 127 85.25 25.53 34.75
C ASP D 127 84.06 26.06 33.95
N PRO D 128 84.17 26.06 32.63
CA PRO D 128 83.21 26.80 31.80
C PRO D 128 81.75 26.44 32.04
N LEU D 129 81.47 25.14 32.06
CA LEU D 129 80.07 24.71 32.16
C LEU D 129 79.56 24.89 33.60
N LYS D 130 80.44 24.98 34.58
CA LYS D 130 80.04 25.42 35.92
C LYS D 130 79.68 26.90 35.98
N LYS D 131 80.44 27.76 35.31
CA LYS D 131 80.08 29.17 35.23
C LYS D 131 78.64 29.27 34.77
N ALA D 132 78.30 28.51 33.73
CA ALA D 132 76.98 28.66 33.10
C ALA D 132 75.90 28.19 34.06
N LEU D 133 76.10 27.02 34.66
CA LEU D 133 75.12 26.47 35.57
C LEU D 133 74.90 27.38 36.76
N LEU D 134 75.98 28.00 37.25
CA LEU D 134 75.91 29.01 38.32
C LEU D 134 75.14 30.27 37.89
N ALA D 135 75.39 30.78 36.70
CA ALA D 135 74.68 31.98 36.24
C ALA D 135 73.17 31.70 36.19
N LYS D 136 72.81 30.53 35.70
CA LYS D 136 71.43 30.07 35.71
C LYS D 136 70.88 29.91 37.13
N LYS D 137 71.68 29.46 38.10
CA LYS D 137 71.17 29.35 39.47
C LYS D 137 70.87 30.74 40.03
N ALA D 138 71.83 31.65 39.86
CA ALA D 138 71.59 33.06 40.12
C ALA D 138 70.23 33.52 39.54
N GLU D 139 70.03 33.34 38.23
CA GLU D 139 68.78 33.78 37.58
C GLU D 139 67.51 33.08 38.07
N ASN D 140 67.56 31.77 38.22
CA ASN D 140 66.40 30.98 38.64
C ASN D 140 65.98 31.21 40.10
N GLU D 141 66.95 31.22 41.01
CA GLU D 141 66.65 31.15 42.43
C GLU D 141 66.72 32.51 43.15
N PHE D 142 67.51 33.45 42.63
CA PHE D 142 67.66 34.74 43.29
C PHE D 142 66.70 35.81 42.71
N VAL D 143 66.97 36.29 41.51
CA VAL D 143 65.93 36.89 40.66
C VAL D 143 64.97 35.76 40.47
N GLY D 144 63.69 35.99 40.40
CA GLY D 144 62.79 34.85 40.28
C GLY D 144 62.48 34.26 38.90
N VAL D 145 63.42 34.26 37.94
CA VAL D 145 63.09 33.91 36.54
C VAL D 145 63.45 32.45 36.14
N PRO D 146 62.46 31.69 35.66
CA PRO D 146 62.71 30.31 35.20
C PRO D 146 63.25 30.30 33.79
N CYS D 147 64.33 29.57 33.56
CA CYS D 147 64.97 29.56 32.25
C CYS D 147 65.93 28.40 32.16
N GLY D 148 65.88 27.63 31.08
CA GLY D 148 66.84 26.57 30.85
C GLY D 148 68.28 27.05 30.60
N ILE D 149 69.14 26.11 30.21
CA ILE D 149 70.59 26.31 30.04
C ILE D 149 70.97 27.06 28.73
N LEU D 150 70.06 27.09 27.76
CA LEU D 150 70.34 27.72 26.47
C LEU D 150 71.11 29.05 26.59
N ASP D 151 70.58 29.98 27.37
CA ASP D 151 71.13 31.33 27.45
C ASP D 151 72.57 31.39 27.99
N GLN D 152 72.77 30.89 29.21
CA GLN D 152 74.08 30.98 29.86
C GLN D 152 75.08 30.15 29.10
N PHE D 153 74.64 29.06 28.47
CA PHE D 153 75.55 28.17 27.78
C PHE D 153 76.12 28.86 26.53
N ALA D 154 75.27 29.40 25.67
CA ALA D 154 75.75 30.13 24.48
C ALA D 154 76.72 31.26 24.82
N VAL D 155 76.50 31.92 25.96
CA VAL D 155 77.31 33.07 26.31
C VAL D 155 78.70 32.63 26.80
N VAL D 156 78.77 31.64 27.68
CA VAL D 156 80.06 31.08 28.06
C VAL D 156 80.78 30.46 26.86
N PHE D 157 80.10 29.68 26.03
CA PHE D 157 80.73 28.74 25.07
C PHE D 157 80.85 29.12 23.56
N GLY D 158 80.43 30.34 23.18
CA GLY D 158 80.42 30.75 21.78
C GLY D 158 81.80 30.66 21.17
N LYS D 159 81.92 30.30 19.89
CA LYS D 159 83.22 30.30 19.17
C LYS D 159 83.11 31.11 17.85
N LYS D 160 84.11 31.93 17.54
CA LYS D 160 83.99 32.96 16.50
C LYS D 160 83.05 32.60 15.35
N ASP D 161 83.40 31.68 14.47
CA ASP D 161 82.55 31.51 13.29
C ASP D 161 81.70 30.26 13.38
N ASN D 162 81.04 30.08 14.53
CA ASN D 162 80.44 28.82 14.94
C ASN D 162 79.10 28.85 15.68
N VAL D 163 78.41 27.73 15.58
CA VAL D 163 77.21 27.47 16.35
C VAL D 163 77.51 26.24 17.19
N ILE D 164 76.81 26.10 18.30
CA ILE D 164 77.03 24.99 19.21
C ILE D 164 75.80 24.13 19.25
N PHE D 165 75.83 22.99 18.58
CA PHE D 165 74.86 21.95 18.86
C PHE D 165 75.11 21.49 20.29
N LEU D 166 74.05 21.34 21.08
CA LEU D 166 74.15 20.96 22.50
C LEU D 166 73.03 20.01 22.89
N ASP D 167 73.39 18.83 23.39
CA ASP D 167 72.45 17.98 24.14
C ASP D 167 72.32 18.57 25.55
N THR D 168 71.19 19.12 25.93
CA THR D 168 71.11 19.74 27.26
C THR D 168 70.85 18.75 28.38
N GLN D 169 70.52 17.49 28.07
CA GLN D 169 70.53 16.42 29.11
C GLN D 169 71.94 16.11 29.61
N THR D 170 72.86 15.87 28.66
CA THR D 170 74.22 15.44 28.94
C THR D 170 75.29 16.53 28.91
N LEU D 171 74.94 17.71 28.46
CA LEU D 171 75.87 18.82 28.34
C LEU D 171 77.10 18.45 27.51
N GLN D 172 76.85 17.68 26.46
CA GLN D 172 77.85 17.33 25.47
C GLN D 172 77.54 18.13 24.21
N TYR D 173 78.53 18.77 23.62
CA TYR D 173 78.30 19.77 22.57
C TYR D 173 79.28 19.66 21.41
N GLU D 174 79.02 20.38 20.34
CA GLU D 174 79.82 20.27 19.13
C GLU D 174 79.75 21.56 18.31
N TYR D 175 80.91 22.15 18.07
CA TYR D 175 81.00 23.34 17.25
C TYR D 175 80.76 22.98 15.78
N ILE D 176 80.00 23.80 15.08
CA ILE D 176 79.79 23.64 13.64
C ILE D 176 80.06 24.99 12.97
N PRO D 177 81.06 25.05 12.11
CA PRO D 177 81.37 26.30 11.41
C PRO D 177 80.16 26.81 10.63
N PHE D 178 79.82 28.09 10.84
CA PHE D 178 78.72 28.75 10.17
C PHE D 178 79.30 29.62 9.06
N PRO D 179 78.88 29.41 7.81
CA PRO D 179 79.57 30.01 6.67
C PRO D 179 79.67 31.53 6.78
N LYS D 180 80.86 32.05 6.46
CA LYS D 180 81.17 33.48 6.55
C LYS D 180 80.50 34.26 5.43
N ASP D 181 80.16 33.59 4.32
CA ASP D 181 79.45 34.21 3.20
C ASP D 181 77.92 34.35 3.43
N VAL D 182 77.48 34.00 4.64
CA VAL D 182 76.09 34.09 5.07
C VAL D 182 76.04 34.76 6.45
N SER D 183 75.08 35.65 6.64
CA SER D 183 75.00 36.46 7.85
C SER D 183 73.66 36.31 8.55
N VAL D 184 73.69 36.15 9.87
CA VAL D 184 72.46 36.09 10.64
C VAL D 184 71.94 37.51 10.82
N LEU D 185 70.73 37.75 10.34
CA LEU D 185 70.06 39.04 10.44
C LEU D 185 69.16 38.93 11.65
N VAL D 186 69.32 39.86 12.60
CA VAL D 186 68.62 39.84 13.88
C VAL D 186 67.67 41.05 13.98
N PHE D 187 66.37 40.78 13.87
CA PHE D 187 65.34 41.81 13.84
C PHE D 187 64.54 41.83 15.15
N TYR D 188 64.71 42.89 15.95
CA TYR D 188 63.93 43.12 17.18
C TYR D 188 62.59 43.78 16.83
N THR D 189 61.49 43.20 17.32
CA THR D 189 60.14 43.66 16.94
C THR D 189 59.69 44.92 17.69
N GLY D 190 60.35 45.21 18.82
CA GLY D 190 59.95 46.32 19.69
C GLY D 190 58.75 45.95 20.56
N VAL D 191 58.49 44.66 20.68
CA VAL D 191 57.36 44.10 21.42
C VAL D 191 57.86 43.24 22.57
N LYS D 192 57.43 43.56 23.78
CA LYS D 192 57.62 42.64 24.90
C LYS D 192 56.30 42.60 25.64
N ARG D 193 55.53 41.52 25.44
CA ARG D 193 54.19 41.53 26.01
C ARG D 193 54.09 40.95 27.40
N GLU D 194 53.21 41.61 28.14
CA GLU D 194 52.52 41.16 29.34
C GLU D 194 52.69 39.66 29.58
N LEU D 195 51.88 38.87 28.87
CA LEU D 195 51.73 37.43 29.11
C LEU D 195 53.01 36.59 28.87
N ALA D 196 54.03 37.15 28.24
CA ALA D 196 55.29 36.43 27.93
C ALA D 196 55.86 35.56 29.08
N SER D 197 55.92 36.10 30.28
CA SER D 197 56.43 35.37 31.45
C SER D 197 55.59 34.20 31.86
N SER D 198 54.30 34.46 32.07
CA SER D 198 53.33 33.46 32.54
C SER D 198 53.13 32.37 31.51
N GLU D 199 53.12 32.76 30.23
CA GLU D 199 52.97 31.81 29.15
C GLU D 199 54.15 30.85 29.06
N TYR D 200 55.37 31.38 29.13
CA TYR D 200 56.59 30.58 29.22
C TYR D 200 56.48 29.59 30.37
N ALA D 201 56.13 30.12 31.55
CA ALA D 201 56.03 29.32 32.75
C ALA D 201 55.05 28.15 32.56
N GLU D 202 53.95 28.45 31.85
CA GLU D 202 52.92 27.47 31.53
C GLU D 202 53.46 26.34 30.67
N ARG D 203 54.11 26.69 29.57
CA ARG D 203 54.69 25.70 28.69
C ARG D 203 55.68 24.84 29.46
N LYS D 204 56.44 25.45 30.35
CA LYS D 204 57.48 24.77 31.11
C LYS D 204 56.81 23.79 32.05
N ARG D 205 55.76 24.23 32.68
CA ARG D 205 55.06 23.40 33.63
C ARG D 205 54.42 22.21 32.94
N ILE D 206 53.78 22.46 31.80
CA ILE D 206 53.05 21.43 31.05
C ILE D 206 54.01 20.41 30.45
N ALA D 207 55.19 20.89 30.05
CA ALA D 207 56.23 20.02 29.56
C ALA D 207 56.74 19.13 30.69
N GLU D 208 56.88 19.70 31.88
CA GLU D 208 57.42 18.96 32.99
C GLU D 208 56.39 17.95 33.50
N GLU D 209 55.10 18.32 33.49
CA GLU D 209 54.03 17.38 33.85
C GLU D 209 53.99 16.22 32.87
N SER D 210 54.26 16.53 31.60
CA SER D 210 54.24 15.52 30.53
C SER D 210 55.33 14.46 30.75
N LEU D 211 56.56 14.90 31.04
CA LEU D 211 57.68 13.99 31.28
C LEU D 211 57.39 13.12 32.49
N ARG D 212 56.88 13.70 33.56
CA ARG D 212 56.48 12.93 34.73
C ARG D 212 55.33 11.97 34.43
N ILE D 213 54.47 12.29 33.48
CA ILE D 213 53.33 11.41 33.18
C ILE D 213 53.83 10.19 32.43
N LEU D 214 54.86 10.37 31.62
CA LEU D 214 55.32 9.31 30.78
C LEU D 214 56.46 8.57 31.44
N GLY D 215 56.79 8.96 32.67
CA GLY D 215 57.91 8.43 33.41
C GLY D 215 59.25 8.58 32.71
N LYS D 216 59.37 9.55 31.81
CA LYS D 216 60.61 9.80 31.06
C LYS D 216 61.34 11.00 31.69
N GLU D 217 62.62 11.17 31.36
CA GLU D 217 63.43 12.24 31.97
C GLU D 217 63.80 13.32 30.97
N SER D 218 63.68 13.02 29.68
CA SER D 218 63.99 13.99 28.63
C SER D 218 63.10 13.77 27.42
N SER D 219 62.83 14.84 26.66
CA SER D 219 62.01 14.74 25.44
C SER D 219 62.65 13.94 24.29
N LYS D 220 63.95 13.68 24.39
CA LYS D 220 64.68 12.89 23.39
C LYS D 220 64.12 11.47 23.36
N GLU D 221 63.66 11.02 24.53
CA GLU D 221 63.18 9.64 24.74
C GLU D 221 61.82 9.38 24.05
N VAL D 222 60.97 10.41 23.98
CA VAL D 222 59.53 10.24 23.73
C VAL D 222 59.18 9.67 22.35
N THR D 223 58.11 8.88 22.32
CA THR D 223 57.69 8.06 21.19
C THR D 223 56.34 8.55 20.64
N GLU D 224 55.88 7.98 19.53
CA GLU D 224 54.53 8.26 19.05
C GLU D 224 53.48 7.62 19.97
N LYS D 225 53.78 6.42 20.51
CA LYS D 225 52.90 5.75 21.46
C LYS D 225 52.81 6.54 22.79
N ASP D 226 53.93 7.17 23.20
CA ASP D 226 54.00 7.96 24.43
C ASP D 226 53.09 9.18 24.30
N LEU D 227 53.18 9.86 23.17
CA LEU D 227 52.37 11.05 22.97
C LEU D 227 50.89 10.70 23.09
N GLY D 228 50.52 9.49 22.68
CA GLY D 228 49.15 9.01 22.78
C GLY D 228 48.66 8.91 24.21
N LYS D 229 49.58 8.64 25.15
CA LYS D 229 49.29 8.57 26.59
C LYS D 229 49.06 9.94 27.29
N LEU D 230 49.37 11.05 26.61
CA LEU D 230 49.24 12.38 27.22
C LEU D 230 47.84 12.92 26.97
N PRO D 231 47.32 13.77 27.87
CA PRO D 231 46.04 14.45 27.62
C PRO D 231 46.14 15.51 26.53
N PRO D 232 45.02 15.95 25.95
CA PRO D 232 45.03 16.74 24.70
C PRO D 232 46.03 17.90 24.56
N LEU D 233 46.05 18.87 25.49
CA LEU D 233 46.95 20.02 25.37
C LEU D 233 48.36 19.56 25.59
N HIS D 234 48.55 18.71 26.59
CA HIS D 234 49.87 18.22 26.88
C HIS D 234 50.41 17.63 25.58
N ARG D 235 49.61 16.80 24.94
CA ARG D 235 49.99 16.14 23.68
C ARG D 235 50.28 17.15 22.56
N LYS D 236 49.45 18.18 22.44
CA LYS D 236 49.55 19.13 21.34
C LYS D 236 50.89 19.81 21.40
N PHE D 237 51.27 20.24 22.61
CA PHE D 237 52.48 21.03 22.86
C PHE D 237 53.75 20.17 22.82
N PHE D 238 53.72 18.96 23.42
CA PHE D 238 54.89 18.06 23.50
C PHE D 238 55.24 17.48 22.13
N SER D 239 54.22 17.35 21.30
CA SER D 239 54.42 16.97 19.92
C SER D 239 55.34 17.97 19.22
N TYR D 240 55.09 19.29 19.35
CA TYR D 240 56.05 20.30 18.84
C TYR D 240 57.50 20.10 19.30
N ILE D 241 57.70 19.83 20.60
CA ILE D 241 59.07 19.65 21.12
C ILE D 241 59.77 18.51 20.40
N VAL D 242 59.06 17.40 20.23
CA VAL D 242 59.61 16.22 19.58
C VAL D 242 59.92 16.52 18.11
N ARG D 243 59.04 17.20 17.41
CA ARG D 243 59.35 17.60 16.04
C ARG D 243 60.59 18.51 15.99
N GLU D 244 60.85 19.30 17.03
CA GLU D 244 62.03 20.15 16.95
C GLU D 244 63.31 19.44 17.34
N ASN D 245 63.28 18.56 18.34
CA ASN D 245 64.47 17.80 18.64
C ASN D 245 65.01 17.23 17.33
N ALA D 246 64.10 16.75 16.48
CA ALA D 246 64.44 16.18 15.16
C ALA D 246 64.95 17.22 14.14
N ARG D 247 64.34 18.40 14.15
CA ARG D 247 64.80 19.46 13.26
C ARG D 247 66.21 19.93 13.61
N VAL D 248 66.57 19.87 14.89
CA VAL D 248 67.90 20.28 15.29
C VAL D 248 68.87 19.31 14.64
N LEU D 249 68.62 18.00 14.79
CA LEU D 249 69.51 16.96 14.26
C LEU D 249 69.68 17.07 12.74
N GLU D 250 68.66 17.59 12.06
CA GLU D 250 68.69 17.76 10.62
C GLU D 250 69.41 19.02 10.17
N VAL D 251 69.25 20.10 10.92
CA VAL D 251 69.96 21.35 10.64
C VAL D 251 71.44 21.10 10.88
N ARG D 252 71.73 20.36 11.92
CA ARG D 252 73.06 19.91 12.18
C ARG D 252 73.69 19.26 10.91
N ASP D 253 73.02 18.29 10.29
CA ASP D 253 73.60 17.60 9.14
C ASP D 253 73.79 18.53 7.97
N ALA D 254 72.79 19.37 7.73
CA ALA D 254 72.79 20.26 6.59
C ALA D 254 73.87 21.32 6.75
N LEU D 255 74.18 21.69 7.99
CA LEU D 255 75.14 22.76 8.22
C LEU D 255 76.59 22.23 8.14
N LYS D 256 76.78 20.96 8.50
CA LYS D 256 78.06 20.27 8.29
C LYS D 256 78.20 19.79 6.85
N GLU D 257 77.30 20.17 5.97
CA GLU D 257 77.44 19.91 4.53
C GLU D 257 77.41 21.20 3.72
N GLY D 258 77.26 22.34 4.42
CA GLY D 258 77.17 23.63 3.78
C GLY D 258 75.88 23.86 3.02
N ASP D 259 74.90 22.99 3.25
CA ASP D 259 73.58 23.09 2.63
C ASP D 259 72.73 24.15 3.35
N ILE D 260 72.98 25.42 3.04
CA ILE D 260 72.30 26.53 3.72
C ILE D 260 70.85 26.77 3.25
N GLU D 261 70.52 26.32 2.03
CA GLU D 261 69.13 26.36 1.53
C GLU D 261 68.22 25.36 2.27
N LYS D 262 68.76 24.22 2.69
CA LYS D 262 68.02 23.21 3.46
C LYS D 262 67.87 23.67 4.91
N VAL D 263 68.94 24.20 5.48
CA VAL D 263 68.92 24.77 6.82
C VAL D 263 67.88 25.89 6.94
N GLY D 264 67.79 26.72 5.91
CA GLY D 264 66.81 27.79 5.86
C GLY D 264 65.36 27.35 5.70
N LYS D 265 65.12 26.33 4.87
CA LYS D 265 63.80 25.71 4.78
C LYS D 265 63.36 25.05 6.11
N ILE D 266 64.32 24.59 6.91
CA ILE D 266 63.99 23.95 8.20
C ILE D 266 63.61 24.97 9.26
N LEU D 267 64.36 26.07 9.39
CA LEU D 267 64.03 27.08 10.42
C LEU D 267 62.64 27.69 10.20
N THR D 268 62.31 27.98 8.93
CA THR D 268 61.01 28.51 8.59
C THR D 268 59.91 27.53 8.99
N THR D 269 60.12 26.23 8.75
CA THR D 269 59.13 25.21 9.14
C THR D 269 58.92 25.28 10.65
N ALA D 270 60.02 25.30 11.36
CA ALA D 270 60.03 25.46 12.80
C ALA D 270 59.20 26.65 13.25
N HIS D 271 59.31 27.76 12.54
CA HIS D 271 58.64 28.98 12.95
C HIS D 271 57.14 28.79 12.99
N TRP D 272 56.58 28.26 11.90
CA TRP D 272 55.15 28.10 11.75
C TRP D 272 54.62 27.04 12.69
N ASP D 273 55.47 26.09 13.08
CA ASP D 273 55.09 25.07 14.04
C ASP D 273 55.03 25.71 15.44
N LEU D 274 55.99 26.60 15.70
CA LEU D 274 55.97 27.39 16.92
C LEU D 274 54.73 28.28 16.93
N ALA D 275 54.44 28.92 15.80
CA ALA D 275 53.35 29.89 15.70
C ALA D 275 51.99 29.22 15.81
N GLU D 276 51.85 28.10 15.12
CA GLU D 276 50.55 27.42 14.95
C GLU D 276 50.22 26.37 16.01
N ASN D 277 51.20 25.60 16.46
CA ASN D 277 50.94 24.53 17.40
C ASN D 277 51.37 24.83 18.83
N TYR D 278 52.58 25.35 19.03
CA TYR D 278 53.03 25.76 20.36
C TYR D 278 52.39 27.07 20.79
N ARG D 279 51.98 27.90 19.84
CA ARG D 279 51.31 29.20 20.08
C ARG D 279 52.18 30.25 20.79
N VAL D 280 53.45 30.37 20.40
CA VAL D 280 54.31 31.34 21.07
C VAL D 280 54.79 32.47 20.18
N SER D 281 54.29 32.53 18.95
CA SER D 281 54.55 33.65 18.09
C SER D 281 53.64 34.83 18.45
N CYS D 282 53.56 35.78 17.52
CA CYS D 282 52.66 36.91 17.56
C CYS D 282 52.60 37.51 16.15
N GLU D 283 51.70 38.48 15.90
CA GLU D 283 51.49 38.96 14.53
C GLU D 283 52.75 39.57 13.93
N GLU D 284 53.58 40.23 14.74
CA GLU D 284 54.79 40.88 14.23
C GLU D 284 55.93 39.96 13.85
N LEU D 285 56.17 38.89 14.62
CA LEU D 285 57.22 37.91 14.24
C LEU D 285 56.81 37.20 12.96
N ASP D 286 55.54 36.81 12.89
CA ASP D 286 54.96 36.25 11.66
C ASP D 286 55.14 37.19 10.48
N PHE D 287 55.02 38.49 10.71
CA PHE D 287 55.16 39.47 9.62
C PHE D 287 56.60 39.56 9.12
N PHE D 288 57.54 39.55 10.06
CA PHE D 288 58.95 39.59 9.71
C PHE D 288 59.35 38.35 8.92
N VAL D 289 58.87 37.17 9.34
CA VAL D 289 59.21 35.93 8.67
C VAL D 289 58.60 35.95 7.26
N LYS D 290 57.31 36.21 7.15
CA LYS D 290 56.64 36.42 5.86
C LYS D 290 57.47 37.33 4.90
N LYS D 291 57.96 38.46 5.41
CA LYS D 291 58.64 39.48 4.60
C LYS D 291 60.10 39.16 4.24
N ALA D 292 60.77 38.35 5.05
CA ALA D 292 62.15 37.95 4.81
C ALA D 292 62.20 36.94 3.67
N MSE D 293 61.22 36.03 3.67
CA MSE D 293 61.11 35.02 2.63
C MSE D 293 60.80 35.70 1.29
O MSE D 293 61.39 35.34 0.28
CB MSE D 293 59.99 34.02 2.94
CG MSE D 293 60.17 33.16 4.18
SE MSE D 293 62.00 32.48 4.51
CE MSE D 293 62.18 31.36 2.82
N GLU D 294 59.90 36.67 1.30
CA GLU D 294 59.60 37.47 0.11
C GLU D 294 60.85 38.04 -0.52
N LEU D 295 61.69 38.67 0.29
CA LEU D 295 62.88 39.41 -0.17
C LEU D 295 64.13 38.53 -0.40
N GLY D 296 63.95 37.21 -0.38
CA GLY D 296 64.92 36.28 -0.94
C GLY D 296 65.91 35.72 0.07
N ALA D 297 65.43 35.42 1.28
CA ALA D 297 66.26 34.84 2.33
C ALA D 297 66.13 33.33 2.25
N TYR D 298 67.11 32.64 2.83
CA TYR D 298 67.13 31.17 2.92
C TYR D 298 66.10 30.63 3.92
N GLY D 299 66.02 31.31 5.05
CA GLY D 299 65.07 30.96 6.09
C GLY D 299 65.04 31.97 7.21
N ALA D 300 64.01 31.90 8.03
CA ALA D 300 63.84 32.85 9.11
C ALA D 300 62.82 32.33 10.10
N ARG D 301 62.90 32.81 11.34
CA ARG D 301 62.24 32.16 12.45
C ARG D 301 62.31 33.05 13.69
N LEU D 302 61.35 32.91 14.60
CA LEU D 302 61.50 33.59 15.89
C LEU D 302 62.67 32.94 16.65
N THR D 303 63.29 33.70 17.51
CA THR D 303 64.38 33.20 18.30
C THR D 303 64.14 33.58 19.75
N GLY D 304 64.35 32.62 20.64
CA GLY D 304 64.00 32.75 22.03
C GLY D 304 62.59 32.27 22.34
N ALA D 305 62.00 32.92 23.34
CA ALA D 305 60.77 32.46 23.94
C ALA D 305 59.58 32.71 23.04
N GLY D 306 59.62 33.83 22.31
CA GLY D 306 58.52 34.23 21.46
C GLY D 306 57.70 35.34 22.08
N PHE D 307 56.52 35.64 21.56
CA PHE D 307 55.62 36.64 22.17
C PHE D 307 56.16 38.07 22.03
N GLY D 308 57.16 38.23 21.18
CA GLY D 308 57.80 39.51 20.97
C GLY D 308 59.24 39.20 20.76
N GLY D 309 60.11 40.11 21.19
CA GLY D 309 61.54 39.93 21.02
C GLY D 309 61.94 39.91 19.57
N SER D 310 62.99 39.15 19.28
CA SER D 310 63.59 39.19 17.96
C SER D 310 63.37 37.94 17.14
N ALA D 311 63.78 37.99 15.89
CA ALA D 311 63.76 36.85 15.00
C ALA D 311 65.06 36.84 14.23
N ILE D 312 65.35 35.75 13.54
CA ILE D 312 66.52 35.67 12.68
C ILE D 312 66.12 35.32 11.27
N ALA D 313 66.84 35.89 10.30
CA ALA D 313 66.78 35.47 8.91
C ALA D 313 68.20 35.18 8.40
N LEU D 314 68.39 34.05 7.73
CA LEU D 314 69.68 33.71 7.12
C LEU D 314 69.69 34.30 5.72
N VAL D 315 70.83 34.88 5.31
CA VAL D 315 70.86 35.82 4.19
C VAL D 315 72.29 36.01 3.65
N ASP D 316 72.46 36.18 2.34
CA ASP D 316 73.79 36.44 1.77
C ASP D 316 74.40 37.69 2.42
N LYS D 317 75.62 37.59 2.95
CA LYS D 317 76.34 38.74 3.49
C LYS D 317 76.27 39.97 2.56
N ASP D 318 76.63 39.77 1.29
CA ASP D 318 76.59 40.83 0.27
C ASP D 318 75.27 41.63 0.21
N LYS D 319 74.13 40.97 0.43
CA LYS D 319 72.80 41.64 0.43
C LYS D 319 72.10 41.62 1.83
N ALA D 320 72.84 41.99 2.88
CA ALA D 320 72.33 41.94 4.26
C ALA D 320 71.78 43.28 4.74
N LYS D 321 72.50 44.35 4.43
CA LYS D 321 71.98 45.70 4.63
C LYS D 321 70.84 45.96 3.63
N THR D 322 70.90 45.32 2.46
CA THR D 322 69.90 45.58 1.42
C THR D 322 68.54 45.01 1.85
N ILE D 323 68.55 43.80 2.41
CA ILE D 323 67.31 43.13 2.77
C ILE D 323 66.76 43.58 4.13
N GLY D 324 67.64 44.01 5.02
CA GLY D 324 67.24 44.53 6.32
C GLY D 324 66.54 45.88 6.19
N ASP D 325 67.21 46.84 5.55
CA ASP D 325 66.65 48.18 5.43
C ASP D 325 65.23 48.17 4.88
N ALA D 326 64.90 47.16 4.08
CA ALA D 326 63.61 47.07 3.40
C ALA D 326 62.55 46.35 4.25
N ILE D 327 62.94 45.42 5.10
CA ILE D 327 62.00 44.86 6.06
C ILE D 327 61.61 45.93 7.10
N LEU D 328 62.59 46.74 7.50
CA LEU D 328 62.40 47.80 8.48
C LEU D 328 61.53 48.93 7.94
N ARG D 329 61.80 49.38 6.71
CA ARG D 329 61.03 50.44 6.05
C ARG D 329 59.53 50.07 6.06
N GLU D 330 59.29 48.77 5.90
CA GLU D 330 57.99 48.19 5.69
C GLU D 330 57.31 47.85 7.02
N TYR D 331 58.08 47.30 7.95
CA TYR D 331 57.61 47.01 9.30
C TYR D 331 57.06 48.27 9.95
N LEU D 332 57.89 49.30 10.05
CA LEU D 332 57.51 50.57 10.70
C LEU D 332 56.28 51.25 10.10
N ALA D 333 56.00 50.98 8.83
CA ALA D 333 54.77 51.43 8.17
C ALA D 333 53.49 50.75 8.69
N LYS D 334 53.60 49.50 9.13
CA LYS D 334 52.45 48.71 9.60
C LYS D 334 52.28 48.70 11.11
N PHE D 335 53.36 48.91 11.85
CA PHE D 335 53.34 48.82 13.31
C PHE D 335 54.01 50.02 13.94
N SER D 336 53.61 50.33 15.17
CA SER D 336 54.11 51.50 15.89
C SER D 336 55.30 51.21 16.82
N TRP D 337 55.78 49.96 16.83
CA TRP D 337 56.86 49.58 17.73
C TRP D 337 58.20 50.18 17.29
N LYS D 338 59.20 50.18 18.19
CA LYS D 338 60.50 50.78 17.89
C LYS D 338 61.47 49.68 17.50
N ALA D 339 61.33 49.21 16.25
CA ALA D 339 62.08 48.07 15.75
C ALA D 339 63.52 48.42 15.36
N LYS D 340 64.37 47.42 15.34
CA LYS D 340 65.77 47.57 14.97
C LYS D 340 66.27 46.26 14.34
N TYR D 341 67.16 46.34 13.35
CA TYR D 341 67.88 45.14 12.90
C TYR D 341 69.39 45.26 13.08
N PHE D 342 70.04 44.11 13.15
CA PHE D 342 71.46 44.02 13.34
C PHE D 342 71.96 42.98 12.37
N VAL D 343 73.07 43.27 11.69
CA VAL D 343 73.80 42.24 10.96
C VAL D 343 74.81 41.73 11.96
N VAL D 344 74.75 40.44 12.21
CA VAL D 344 75.38 39.84 13.37
C VAL D 344 76.32 38.72 12.94
N LYS D 345 77.53 38.73 13.49
CA LYS D 345 78.53 37.68 13.27
C LYS D 345 78.51 36.73 14.47
N PRO D 346 78.73 35.43 14.30
CA PRO D 346 78.87 34.53 15.46
C PRO D 346 80.15 34.87 16.20
N SER D 347 80.22 34.67 17.51
CA SER D 347 81.29 35.27 18.30
C SER D 347 81.79 34.37 19.42
N ASP D 348 83.01 34.63 19.90
CA ASP D 348 83.56 33.94 21.09
C ASP D 348 82.72 34.31 22.31
N GLY D 349 82.72 33.45 23.32
CA GLY D 349 81.97 33.67 24.53
C GLY D 349 82.69 34.62 25.46
N VAL D 350 82.18 34.85 26.67
CA VAL D 350 82.84 35.71 27.67
C VAL D 350 84.33 35.51 27.73
N GLY D 351 85.08 36.61 27.54
CA GLY D 351 86.52 36.61 27.62
C GLY D 351 87.03 37.92 28.22
N VAL D 352 88.32 38.17 28.05
CA VAL D 352 88.94 39.40 28.57
C VAL D 352 89.33 40.39 27.45
N LYS E 3 79.98 -47.33 -15.23
CA LYS E 3 78.97 -46.50 -16.00
C LYS E 3 77.98 -47.36 -16.82
N ILE E 4 76.70 -47.28 -16.52
CA ILE E 4 75.71 -48.10 -17.24
C ILE E 4 74.54 -47.28 -17.70
N THR E 5 73.88 -47.77 -18.75
CA THR E 5 72.73 -47.07 -19.30
C THR E 5 71.48 -47.93 -19.16
N VAL E 6 70.50 -47.41 -18.45
CA VAL E 6 69.18 -48.02 -18.36
C VAL E 6 68.15 -47.14 -19.08
N LYS E 7 67.38 -47.75 -19.99
CA LYS E 7 66.24 -47.06 -20.59
C LYS E 7 64.98 -47.60 -19.90
N SER E 8 64.12 -46.68 -19.48
CA SER E 8 62.92 -47.00 -18.74
C SER E 8 61.75 -46.43 -19.49
N PRO E 9 60.92 -47.30 -20.03
CA PRO E 9 59.83 -46.86 -20.89
C PRO E 9 58.73 -46.17 -20.11
N GLY E 10 57.89 -45.43 -20.85
CA GLY E 10 56.63 -44.91 -20.34
C GLY E 10 55.57 -45.96 -20.57
N ARG E 11 54.31 -45.57 -20.44
CA ARG E 11 53.23 -46.52 -20.63
C ARG E 11 51.95 -45.86 -21.07
N VAL E 12 51.09 -46.66 -21.68
CA VAL E 12 49.75 -46.24 -22.10
C VAL E 12 48.81 -47.39 -21.72
N ASN E 13 47.60 -47.08 -21.29
CA ASN E 13 46.62 -48.13 -20.98
C ASN E 13 45.71 -48.31 -22.17
N LEU E 14 45.57 -49.54 -22.67
CA LEU E 14 44.73 -49.80 -23.84
C LEU E 14 43.26 -49.72 -23.46
N ILE E 15 42.93 -50.38 -22.35
CA ILE E 15 41.60 -50.43 -21.76
C ILE E 15 41.76 -50.93 -20.30
N GLY E 16 40.72 -50.77 -19.49
CA GLY E 16 40.82 -51.14 -18.08
C GLY E 16 41.15 -49.95 -17.21
N GLU E 17 40.54 -48.81 -17.52
CA GLU E 17 40.73 -47.57 -16.76
C GLU E 17 39.86 -47.54 -15.52
N HIS E 18 40.44 -47.00 -14.46
CA HIS E 18 39.78 -46.75 -13.17
C HIS E 18 39.27 -48.01 -12.53
N THR E 19 40.22 -48.94 -12.44
CA THR E 19 39.92 -50.33 -12.22
C THR E 19 40.89 -51.00 -11.26
N ASP E 20 42.16 -50.58 -11.31
CA ASP E 20 43.18 -51.17 -10.45
C ASP E 20 42.89 -50.96 -8.96
N TYR E 21 42.40 -49.80 -8.55
CA TYR E 21 42.17 -49.55 -7.11
C TYR E 21 41.02 -50.32 -6.49
N THR E 22 40.25 -51.05 -7.31
CA THR E 22 39.29 -52.06 -6.80
C THR E 22 39.67 -53.42 -7.32
N TYR E 23 40.95 -53.58 -7.65
CA TYR E 23 41.52 -54.88 -7.98
C TYR E 23 40.80 -55.61 -9.13
N GLY E 24 40.45 -54.86 -10.18
CA GLY E 24 39.90 -55.39 -11.42
C GLY E 24 40.94 -55.61 -12.51
N TYR E 25 40.51 -55.72 -13.76
CA TYR E 25 41.40 -56.08 -14.88
C TYR E 25 41.97 -54.86 -15.55
N VAL E 26 43.14 -55.03 -16.15
CA VAL E 26 43.84 -53.91 -16.75
C VAL E 26 44.69 -54.37 -17.92
N MSE E 27 44.94 -53.47 -18.86
CA MSE E 27 45.64 -53.86 -20.07
C MSE E 27 46.61 -52.82 -20.59
O MSE E 27 46.40 -52.25 -21.67
CB MSE E 27 44.65 -54.27 -21.15
CG MSE E 27 45.11 -55.46 -21.95
SE MSE E 27 43.63 -56.30 -22.88
CE MSE E 27 44.49 -56.51 -24.64
N PRO E 28 47.69 -52.59 -19.86
CA PRO E 28 48.67 -51.57 -20.25
C PRO E 28 49.67 -52.10 -21.25
N MSE E 29 50.38 -51.15 -21.85
CA MSE E 29 51.53 -51.46 -22.64
C MSE E 29 52.58 -50.49 -22.22
O MSE E 29 52.28 -49.35 -21.87
CB MSE E 29 51.20 -51.34 -24.13
CG MSE E 29 51.18 -49.95 -24.71
SE MSE E 29 50.58 -50.05 -26.59
CE MSE E 29 51.96 -49.04 -27.41
N ALA E 30 53.82 -50.96 -22.22
CA ALA E 30 54.98 -50.08 -22.19
C ALA E 30 55.10 -49.46 -23.58
N ILE E 31 55.41 -48.18 -23.65
CA ILE E 31 55.62 -47.49 -24.93
C ILE E 31 57.11 -47.19 -25.19
N ASP E 32 57.44 -46.95 -26.46
CA ASP E 32 58.83 -46.68 -26.84
C ASP E 32 59.16 -45.19 -26.76
N LEU E 33 58.95 -44.62 -25.58
CA LEU E 33 59.41 -43.29 -25.21
C LEU E 33 59.95 -43.41 -23.80
N TYR E 34 61.23 -43.07 -23.61
CA TYR E 34 61.93 -43.47 -22.41
C TYR E 34 62.43 -42.33 -21.54
N THR E 35 62.70 -42.69 -20.31
CA THR E 35 63.61 -41.97 -19.44
C THR E 35 64.91 -42.77 -19.48
N ILE E 36 66.01 -42.12 -19.88
CA ILE E 36 67.32 -42.76 -19.92
C ILE E 36 68.14 -42.30 -18.71
N ILE E 37 68.71 -43.25 -17.97
CA ILE E 37 69.58 -42.95 -16.84
C ILE E 37 70.98 -43.59 -17.02
N THR E 38 71.97 -42.76 -17.33
CA THR E 38 73.36 -43.19 -17.34
C THR E 38 73.98 -42.84 -16.00
N ALA E 39 74.56 -43.82 -15.31
CA ALA E 39 75.12 -43.56 -13.99
C ALA E 39 76.12 -44.61 -13.49
N GLU E 40 76.92 -44.20 -12.51
CA GLU E 40 77.94 -45.06 -11.92
C GLU E 40 77.76 -45.07 -10.42
N LYS E 41 78.45 -45.97 -9.76
CA LYS E 41 78.37 -46.01 -8.31
C LYS E 41 78.98 -44.76 -7.67
N TYR E 42 78.39 -44.36 -6.56
CA TYR E 42 78.85 -43.22 -5.78
C TYR E 42 78.42 -43.41 -4.31
N ASP E 43 79.11 -42.75 -3.36
CA ASP E 43 78.78 -42.87 -1.92
C ASP E 43 77.52 -42.08 -1.57
N LYS E 44 77.32 -40.99 -2.31
CA LYS E 44 76.17 -40.12 -2.15
C LYS E 44 75.34 -40.24 -3.41
N VAL E 45 74.36 -39.35 -3.59
CA VAL E 45 73.53 -39.28 -4.81
C VAL E 45 73.78 -37.95 -5.51
N GLN E 46 73.94 -37.99 -6.82
CA GLN E 46 74.22 -36.80 -7.62
C GLN E 46 73.70 -37.00 -9.04
N LEU E 47 72.56 -36.39 -9.34
CA LEU E 47 71.91 -36.54 -10.63
C LEU E 47 71.69 -35.20 -11.34
N TYR E 48 72.11 -35.09 -12.60
CA TYR E 48 71.74 -33.98 -13.49
C TYR E 48 70.46 -34.42 -14.15
N SER E 49 69.47 -33.54 -14.24
CA SER E 49 68.26 -33.83 -14.98
C SER E 49 68.29 -32.88 -16.14
N GLU E 50 68.30 -33.42 -17.36
CA GLU E 50 68.35 -32.61 -18.58
C GLU E 50 67.06 -31.86 -18.85
N HIS E 51 65.93 -32.40 -18.38
CA HIS E 51 64.65 -31.73 -18.55
C HIS E 51 64.61 -30.44 -17.75
N PHE E 52 65.22 -30.48 -16.56
CA PHE E 52 65.19 -29.35 -15.64
C PHE E 52 66.42 -28.46 -15.68
N ASN E 53 67.46 -28.87 -16.40
CA ASN E 53 68.78 -28.22 -16.33
C ASN E 53 69.17 -27.90 -14.87
N GLU E 54 68.98 -28.89 -14.01
CA GLU E 54 69.24 -28.78 -12.58
C GLU E 54 70.08 -29.98 -12.13
N GLU E 55 70.98 -29.76 -11.18
CA GLU E 55 71.74 -30.85 -10.58
C GLU E 55 71.51 -30.87 -9.06
N LYS E 56 70.67 -31.77 -8.59
CA LYS E 56 70.44 -31.94 -7.15
C LYS E 56 71.32 -33.06 -6.60
N THR E 57 71.62 -32.97 -5.30
CA THR E 57 72.43 -33.96 -4.59
C THR E 57 71.93 -34.18 -3.15
N PHE E 58 72.24 -35.33 -2.59
CA PHE E 58 71.98 -35.62 -1.18
C PHE E 58 72.74 -36.85 -0.67
N THR E 59 72.81 -37.00 0.64
CA THR E 59 73.41 -38.17 1.24
C THR E 59 72.31 -39.10 1.68
N LEU E 60 72.66 -40.38 1.87
CA LEU E 60 71.68 -41.43 2.15
C LEU E 60 71.14 -41.42 3.57
N ASP E 61 71.75 -40.63 4.46
CA ASP E 61 71.30 -40.52 5.86
C ASP E 61 70.44 -39.25 6.06
N ASN E 62 69.94 -38.69 4.95
CA ASN E 62 69.06 -37.53 4.97
C ASN E 62 68.06 -37.63 3.82
N LEU E 63 66.99 -38.41 4.06
CA LEU E 63 65.94 -38.66 3.08
C LEU E 63 64.66 -37.89 3.45
N THR E 64 64.81 -36.60 3.71
CA THR E 64 63.68 -35.68 3.87
C THR E 64 63.09 -35.35 2.48
N LYS E 65 61.80 -35.01 2.42
CA LYS E 65 61.20 -34.48 1.19
C LYS E 65 61.38 -32.96 1.10
N GLY E 67 60.53 -30.76 -1.43
CA GLY E 67 59.38 -30.94 -2.29
C GLY E 67 59.66 -30.65 -3.76
N SER E 68 60.23 -31.63 -4.46
CA SER E 68 60.67 -31.47 -5.85
C SER E 68 61.01 -32.80 -6.52
N TRP E 69 61.60 -32.76 -7.72
CA TRP E 69 61.80 -33.98 -8.50
C TRP E 69 62.72 -35.01 -7.86
N ILE E 70 63.71 -34.54 -7.14
CA ILE E 70 64.61 -35.41 -6.43
C ILE E 70 63.87 -36.36 -5.45
N ASP E 71 62.71 -35.95 -4.93
CA ASP E 71 61.95 -36.78 -4.00
C ASP E 71 61.60 -38.16 -4.60
N TYR E 72 61.35 -38.21 -5.89
CA TYR E 72 61.14 -39.50 -6.56
C TYR E 72 62.37 -40.40 -6.41
N VAL E 73 63.54 -39.79 -6.47
CA VAL E 73 64.79 -40.54 -6.29
C VAL E 73 65.03 -40.90 -4.81
N LYS E 74 64.88 -39.94 -3.92
CA LYS E 74 64.93 -40.22 -2.49
C LYS E 74 63.91 -41.28 -2.08
N GLY E 75 62.75 -41.31 -2.69
CA GLY E 75 61.75 -42.30 -2.35
C GLY E 75 62.18 -43.72 -2.71
N VAL E 76 62.88 -43.86 -3.83
CA VAL E 76 63.35 -45.15 -4.27
C VAL E 76 64.45 -45.66 -3.36
N LEU E 77 65.43 -44.82 -3.03
CA LEU E 77 66.49 -45.23 -2.10
C LEU E 77 65.93 -45.54 -0.72
N TRP E 78 64.93 -44.76 -0.30
CA TRP E 78 64.33 -44.90 1.03
C TRP E 78 63.72 -46.28 1.12
N VAL E 79 62.98 -46.65 0.08
CA VAL E 79 62.29 -47.95 0.01
C VAL E 79 63.29 -49.12 -0.06
N LEU E 80 64.39 -48.97 -0.79
CA LEU E 80 65.37 -50.04 -0.87
C LEU E 80 66.03 -50.29 0.50
N ILE E 81 66.30 -49.22 1.24
CA ILE E 81 67.02 -49.34 2.51
C ILE E 81 66.16 -49.97 3.61
N GLN E 82 64.88 -49.59 3.68
CA GLN E 82 63.94 -50.20 4.64
C GLN E 82 63.78 -51.70 4.39
N GLU E 83 63.77 -52.10 3.12
CA GLU E 83 63.75 -53.52 2.77
C GLU E 83 64.92 -54.26 3.39
N GLY E 84 66.07 -53.61 3.44
CA GLY E 84 67.28 -54.21 3.95
C GLY E 84 68.36 -54.37 2.90
N TYR E 85 68.08 -54.04 1.65
CA TYR E 85 69.14 -54.09 0.65
C TYR E 85 70.35 -53.29 1.10
N LYS E 86 71.53 -53.81 0.77
CA LYS E 86 72.81 -53.19 1.10
C LYS E 86 73.34 -52.39 -0.10
N ILE E 87 73.06 -51.09 -0.10
CA ILE E 87 73.43 -50.22 -1.22
C ILE E 87 74.18 -48.95 -0.85
N GLY E 88 74.94 -48.45 -1.82
CA GLY E 88 75.39 -47.07 -1.84
C GLY E 88 74.42 -46.23 -2.67
N GLY E 89 74.92 -45.14 -3.23
CA GLY E 89 74.14 -44.27 -4.11
C GLY E 89 74.69 -44.21 -5.53
N LEU E 90 74.32 -43.17 -6.29
CA LEU E 90 74.71 -43.09 -7.70
C LEU E 90 75.04 -41.66 -8.18
N LYS E 91 75.90 -41.54 -9.18
CA LYS E 91 76.16 -40.28 -9.89
C LYS E 91 75.87 -40.45 -11.39
N GLY E 92 75.15 -39.52 -11.99
CA GLY E 92 74.77 -39.68 -13.38
C GLY E 92 73.92 -38.56 -13.91
N LYS E 93 73.46 -38.71 -15.16
CA LYS E 93 72.55 -37.75 -15.79
C LYS E 93 71.24 -38.45 -16.22
N ILE E 94 70.15 -37.71 -16.25
CA ILE E 94 68.86 -38.25 -16.68
C ILE E 94 68.50 -37.62 -18.01
N THR E 95 68.69 -38.33 -19.11
CA THR E 95 68.22 -37.85 -20.40
C THR E 95 66.92 -38.54 -20.62
N GLY E 96 66.34 -38.38 -21.80
CA GLY E 96 65.14 -39.09 -22.17
C GLY E 96 64.25 -38.38 -23.16
N ASP E 97 63.39 -39.21 -23.77
CA ASP E 97 62.30 -38.93 -24.71
C ASP E 97 60.95 -38.54 -24.09
N LEU E 98 60.67 -39.07 -22.89
CA LEU E 98 59.33 -39.14 -22.36
C LEU E 98 58.82 -37.79 -21.83
N PRO E 99 57.66 -37.33 -22.30
CA PRO E 99 57.04 -36.12 -21.75
C PRO E 99 56.86 -36.21 -20.24
N LEU E 100 57.04 -35.10 -19.51
CA LEU E 100 56.74 -35.07 -18.09
C LEU E 100 55.40 -34.41 -17.89
N GLY E 101 54.62 -34.91 -16.91
CA GLY E 101 53.34 -34.33 -16.56
C GLY E 101 52.24 -34.37 -17.62
N ALA E 102 52.42 -35.24 -18.61
CA ALA E 102 51.33 -35.69 -19.45
C ALA E 102 50.84 -36.96 -18.78
N GLY E 103 50.07 -37.78 -19.49
CA GLY E 103 49.59 -39.00 -18.87
C GLY E 103 50.31 -40.28 -19.21
N LEU E 104 51.62 -40.25 -19.39
CA LEU E 104 52.39 -41.42 -19.84
C LEU E 104 53.28 -42.02 -18.74
N SER E 105 53.17 -41.48 -17.53
CA SER E 105 53.83 -42.02 -16.34
C SER E 105 55.34 -41.92 -16.35
N SER E 106 55.82 -40.71 -16.63
CA SER E 106 57.21 -40.40 -16.33
C SER E 106 57.52 -40.76 -14.87
N SER E 107 56.60 -40.48 -13.94
CA SER E 107 56.73 -40.85 -12.54
C SER E 107 57.24 -42.27 -12.32
N ALA E 108 56.56 -43.24 -12.92
CA ALA E 108 56.97 -44.64 -12.77
C ALA E 108 58.16 -44.95 -13.64
N SER E 109 58.24 -44.33 -14.81
CA SER E 109 59.40 -44.48 -15.68
C SER E 109 60.64 -44.08 -14.91
N PHE E 110 60.56 -42.97 -14.20
CA PHE E 110 61.69 -42.41 -13.48
C PHE E 110 62.02 -43.26 -12.24
N GLU E 111 61.08 -43.37 -11.31
CA GLU E 111 61.15 -44.29 -10.18
C GLU E 111 61.77 -45.64 -10.48
N VAL E 112 61.22 -46.40 -11.45
CA VAL E 112 61.69 -47.79 -11.62
C VAL E 112 62.98 -47.82 -12.43
N GLY E 113 63.15 -46.84 -13.32
CA GLY E 113 64.43 -46.55 -13.94
C GLY E 113 65.56 -46.42 -12.92
N ILE E 114 65.38 -45.60 -11.89
CA ILE E 114 66.41 -45.45 -10.85
C ILE E 114 66.63 -46.76 -10.09
N LEU E 115 65.54 -47.44 -9.74
CA LEU E 115 65.63 -48.66 -8.96
C LEU E 115 66.38 -49.73 -9.74
N GLU E 116 66.18 -49.77 -11.04
CA GLU E 116 66.87 -50.75 -11.88
C GLU E 116 68.33 -50.38 -11.91
N VAL E 117 68.62 -49.10 -12.07
CA VAL E 117 69.99 -48.66 -12.00
C VAL E 117 70.58 -49.21 -10.71
N LEU E 118 70.00 -48.88 -9.55
CA LEU E 118 70.57 -49.34 -8.28
C LEU E 118 70.65 -50.84 -8.24
N ASN E 119 69.67 -51.51 -8.82
CA ASN E 119 69.60 -52.97 -8.84
C ASN E 119 70.77 -53.65 -9.58
N GLN E 120 71.31 -53.02 -10.63
CA GLN E 120 72.45 -53.54 -11.39
C GLN E 120 73.80 -53.17 -10.81
N LEU E 121 73.99 -51.90 -10.48
CA LEU E 121 75.24 -51.43 -9.90
C LEU E 121 75.60 -52.19 -8.64
N TYR E 122 74.60 -52.40 -7.77
CA TYR E 122 74.80 -53.08 -6.49
C TYR E 122 74.34 -54.54 -6.50
N ASN E 123 74.13 -55.12 -7.68
CA ASN E 123 73.72 -56.53 -7.82
C ASN E 123 72.72 -57.07 -6.80
N LEU E 124 71.56 -56.44 -6.72
CA LEU E 124 70.52 -56.77 -5.72
C LEU E 124 69.62 -57.92 -6.17
N ASN E 125 69.60 -58.19 -7.47
CA ASN E 125 68.82 -59.29 -8.03
C ASN E 125 67.36 -59.30 -7.62
N ILE E 126 66.74 -58.14 -7.63
CA ILE E 126 65.36 -58.00 -7.18
C ILE E 126 64.36 -58.64 -8.16
N ASP E 127 63.50 -59.54 -7.66
CA ASP E 127 62.49 -60.20 -8.50
C ASP E 127 61.62 -59.11 -9.11
N PRO E 128 61.36 -59.18 -10.43
CA PRO E 128 60.64 -58.11 -11.14
C PRO E 128 59.31 -57.70 -10.52
N LEU E 129 58.55 -58.60 -9.94
CA LEU E 129 57.28 -58.21 -9.30
C LEU E 129 57.58 -57.35 -8.05
N LYS E 130 58.59 -57.73 -7.28
CA LYS E 130 59.07 -56.90 -6.16
C LYS E 130 59.50 -55.54 -6.64
N LYS E 131 60.07 -55.44 -7.84
CA LYS E 131 60.53 -54.15 -8.34
C LYS E 131 59.33 -53.24 -8.48
N ALA E 132 58.32 -53.73 -9.17
CA ALA E 132 57.14 -52.94 -9.43
C ALA E 132 56.47 -52.51 -8.12
N LEU E 133 56.36 -53.43 -7.17
CA LEU E 133 55.71 -53.15 -5.90
C LEU E 133 56.54 -52.16 -5.08
N LEU E 134 57.87 -52.30 -5.10
CA LEU E 134 58.73 -51.38 -4.36
C LEU E 134 58.59 -49.97 -4.91
N ALA E 135 58.58 -49.84 -6.23
CA ALA E 135 58.42 -48.54 -6.88
C ALA E 135 57.05 -47.92 -6.55
N LYS E 136 56.00 -48.73 -6.58
CA LYS E 136 54.70 -48.26 -6.15
C LYS E 136 54.75 -47.75 -4.70
N LYS E 137 55.48 -48.43 -3.84
CA LYS E 137 55.52 -48.12 -2.42
C LYS E 137 56.26 -46.82 -2.16
N ALA E 138 57.30 -46.58 -2.96
CA ALA E 138 57.99 -45.29 -2.93
C ALA E 138 57.01 -44.21 -3.28
N GLU E 139 56.29 -44.39 -4.39
CA GLU E 139 55.38 -43.36 -4.86
C GLU E 139 54.25 -43.08 -3.89
N ASN E 140 53.66 -44.13 -3.33
CA ASN E 140 52.53 -44.01 -2.44
C ASN E 140 52.86 -43.38 -1.10
N GLU E 141 54.05 -43.64 -0.60
CA GLU E 141 54.35 -43.40 0.81
C GLU E 141 55.43 -42.36 1.04
N PHE E 142 56.40 -42.27 0.14
CA PHE E 142 57.44 -41.25 0.25
C PHE E 142 57.05 -39.97 -0.47
N VAL E 143 57.01 -39.97 -1.80
CA VAL E 143 56.17 -38.99 -2.51
C VAL E 143 54.82 -39.36 -1.94
N GLY E 144 53.85 -38.48 -1.90
CA GLY E 144 52.59 -38.90 -1.31
C GLY E 144 51.48 -39.12 -2.32
N VAL E 145 51.81 -39.77 -3.44
CA VAL E 145 50.84 -39.92 -4.55
C VAL E 145 50.20 -41.30 -4.57
N PRO E 146 48.86 -41.36 -4.54
CA PRO E 146 48.16 -42.65 -4.61
C PRO E 146 48.47 -43.26 -5.96
N CYS E 147 47.80 -44.34 -6.32
CA CYS E 147 47.94 -44.95 -7.65
C CYS E 147 48.13 -46.41 -7.46
N GLY E 148 47.48 -47.18 -8.33
CA GLY E 148 47.46 -48.62 -8.23
C GLY E 148 48.71 -49.16 -8.84
N ILE E 149 48.67 -50.43 -9.22
CA ILE E 149 49.85 -51.09 -9.73
C ILE E 149 50.03 -50.83 -11.22
N LEU E 150 48.97 -50.39 -11.89
CA LEU E 150 48.96 -50.19 -13.34
C LEU E 150 50.26 -49.70 -13.89
N ASP E 151 50.70 -48.51 -13.44
CA ASP E 151 51.88 -47.81 -14.03
C ASP E 151 53.14 -48.63 -13.88
N GLN E 152 53.50 -48.98 -12.65
CA GLN E 152 54.77 -49.62 -12.37
C GLN E 152 54.84 -50.98 -13.04
N PHE E 153 53.69 -51.62 -13.15
CA PHE E 153 53.66 -52.96 -13.70
C PHE E 153 54.04 -52.92 -15.16
N ALA E 154 53.43 -52.01 -15.90
CA ALA E 154 53.68 -51.89 -17.33
C ALA E 154 55.13 -51.60 -17.61
N VAL E 155 55.72 -50.72 -16.81
CA VAL E 155 57.09 -50.27 -17.03
C VAL E 155 58.07 -51.43 -16.82
N VAL E 156 57.76 -52.29 -15.86
CA VAL E 156 58.66 -53.37 -15.53
C VAL E 156 58.45 -54.56 -16.45
N PHE E 157 57.20 -54.83 -16.82
CA PHE E 157 56.84 -56.08 -17.48
C PHE E 157 56.54 -55.94 -18.97
N GLY E 158 56.71 -54.75 -19.51
CA GLY E 158 56.39 -54.51 -20.90
C GLY E 158 57.20 -55.45 -21.77
N LYS E 159 56.57 -55.98 -22.82
CA LYS E 159 57.26 -56.79 -23.82
C LYS E 159 57.07 -56.19 -25.24
N LYS E 160 58.08 -56.38 -26.10
CA LYS E 160 58.25 -55.63 -27.34
C LYS E 160 57.00 -55.36 -28.14
N ASP E 161 56.27 -56.38 -28.53
CA ASP E 161 55.10 -56.14 -29.38
C ASP E 161 53.87 -56.79 -28.79
N ASN E 162 53.60 -56.40 -27.56
CA ASN E 162 52.59 -57.04 -26.75
C ASN E 162 51.92 -56.00 -25.85
N VAL E 163 50.76 -56.36 -25.33
CA VAL E 163 50.12 -55.66 -24.24
C VAL E 163 50.00 -56.66 -23.08
N ILE E 164 49.94 -56.15 -21.87
CA ILE E 164 49.85 -56.99 -20.69
C ILE E 164 48.42 -57.03 -20.22
N PHE E 165 47.89 -58.21 -20.00
CA PHE E 165 46.59 -58.38 -19.36
C PHE E 165 46.84 -58.75 -17.92
N LEU E 166 46.38 -57.93 -17.00
CA LEU E 166 46.70 -58.03 -15.58
C LEU E 166 45.42 -58.06 -14.76
N ASP E 167 45.18 -59.18 -14.08
CA ASP E 167 44.25 -59.24 -12.96
C ASP E 167 44.96 -58.61 -11.75
N THR E 168 44.62 -57.37 -11.39
CA THR E 168 45.35 -56.68 -10.33
C THR E 168 45.09 -57.22 -8.94
N GLN E 169 44.09 -58.09 -8.80
CA GLN E 169 43.87 -58.79 -7.53
C GLN E 169 44.86 -59.92 -7.31
N THR E 170 45.01 -60.80 -8.30
CA THR E 170 45.87 -61.99 -8.14
C THR E 170 47.27 -61.72 -8.60
N LEU E 171 47.46 -60.61 -9.33
CA LEU E 171 48.68 -60.30 -10.08
C LEU E 171 49.07 -61.35 -11.14
N GLN E 172 48.10 -62.12 -11.61
CA GLN E 172 48.37 -63.09 -12.67
C GLN E 172 48.28 -62.33 -13.97
N TYR E 173 49.23 -62.53 -14.87
CA TYR E 173 49.31 -61.74 -16.10
C TYR E 173 49.56 -62.56 -17.34
N GLU E 174 49.39 -61.95 -18.51
CA GLU E 174 49.50 -62.65 -19.78
C GLU E 174 49.87 -61.67 -20.90
N TYR E 175 50.86 -62.03 -21.70
CA TYR E 175 51.21 -61.21 -22.84
C TYR E 175 50.27 -61.50 -24.00
N ILE E 176 49.94 -60.47 -24.76
CA ILE E 176 48.97 -60.56 -25.86
C ILE E 176 49.52 -59.79 -27.04
N PRO E 177 49.88 -60.44 -28.13
CA PRO E 177 50.52 -59.71 -29.23
C PRO E 177 49.59 -58.66 -29.78
N PHE E 178 50.13 -57.48 -30.03
CA PHE E 178 49.40 -56.38 -30.64
C PHE E 178 49.89 -56.22 -32.07
N PRO E 179 48.98 -56.13 -33.05
CA PRO E 179 49.38 -56.16 -34.47
C PRO E 179 50.36 -55.07 -34.90
N LYS E 180 51.36 -55.45 -35.69
CA LYS E 180 52.45 -54.57 -36.10
C LYS E 180 52.03 -53.53 -37.15
N ASP E 181 50.91 -53.78 -37.84
CA ASP E 181 50.36 -52.83 -38.83
C ASP E 181 49.28 -51.90 -38.26
N VAL E 182 49.06 -51.99 -36.95
CA VAL E 182 48.23 -51.05 -36.21
C VAL E 182 49.11 -50.30 -35.24
N SER E 183 49.08 -48.97 -35.33
CA SER E 183 49.81 -48.08 -34.39
C SER E 183 48.83 -47.51 -33.36
N VAL E 184 49.25 -47.45 -32.09
CA VAL E 184 48.54 -46.68 -31.08
C VAL E 184 49.02 -45.24 -31.21
N LEU E 185 48.12 -44.32 -31.56
CA LEU E 185 48.45 -42.90 -31.72
C LEU E 185 48.17 -42.21 -30.39
N VAL E 186 49.21 -41.71 -29.73
CA VAL E 186 49.08 -41.08 -28.42
C VAL E 186 49.05 -39.57 -28.54
N PHE E 187 48.13 -38.90 -27.85
CA PHE E 187 47.83 -37.49 -28.12
C PHE E 187 47.62 -36.72 -26.82
N TYR E 188 48.58 -35.85 -26.50
CA TYR E 188 48.55 -35.09 -25.26
C TYR E 188 47.81 -33.74 -25.45
N THR E 189 46.72 -33.56 -24.70
CA THR E 189 45.86 -32.38 -24.79
C THR E 189 46.53 -31.07 -24.37
N GLY E 190 47.55 -31.15 -23.51
CA GLY E 190 48.18 -29.96 -22.96
C GLY E 190 47.41 -29.38 -21.77
N VAL E 191 46.58 -30.22 -21.15
CA VAL E 191 45.74 -29.80 -20.04
C VAL E 191 46.04 -30.65 -18.79
N LYS E 192 46.38 -29.99 -17.68
CA LYS E 192 46.78 -30.65 -16.42
C LYS E 192 45.69 -30.66 -15.32
N GLU E 194 43.84 -29.51 -12.95
CA GLU E 194 44.41 -29.06 -11.66
C GLU E 194 43.71 -29.72 -10.48
N LEU E 195 42.38 -29.76 -10.54
CA LEU E 195 41.54 -30.55 -9.62
C LEU E 195 41.72 -32.08 -9.79
N ALA E 196 42.56 -32.53 -10.72
CA ALA E 196 42.62 -33.96 -11.06
C ALA E 196 42.98 -34.87 -9.89
N SER E 197 43.85 -34.37 -9.02
CA SER E 197 44.30 -35.13 -7.87
C SER E 197 43.16 -35.39 -6.91
N SER E 198 42.47 -34.33 -6.49
CA SER E 198 41.36 -34.50 -5.54
C SER E 198 40.21 -35.30 -6.17
N GLU E 199 40.00 -35.19 -7.47
CA GLU E 199 38.96 -36.00 -8.12
C GLU E 199 39.33 -37.48 -8.14
N TYR E 200 40.61 -37.79 -8.39
CA TYR E 200 41.09 -39.17 -8.37
C TYR E 200 40.88 -39.73 -6.99
N ALA E 201 41.23 -38.95 -5.96
CA ALA E 201 41.03 -39.39 -4.58
C ALA E 201 39.54 -39.58 -4.26
N GLU E 202 38.68 -38.73 -4.78
CA GLU E 202 37.25 -38.94 -4.61
C GLU E 202 36.78 -40.25 -5.19
N ARG E 203 37.18 -40.54 -6.42
CA ARG E 203 36.73 -41.76 -7.10
C ARG E 203 37.19 -42.97 -6.31
N LYS E 204 38.49 -43.03 -6.01
CA LYS E 204 39.09 -44.07 -5.18
C LYS E 204 38.39 -44.30 -3.83
N ARG E 205 38.04 -43.22 -3.12
CA ARG E 205 37.42 -43.31 -1.79
C ARG E 205 36.06 -43.94 -1.91
N ILE E 206 35.30 -43.48 -2.89
CA ILE E 206 33.93 -43.92 -3.12
C ILE E 206 33.87 -45.39 -3.56
N ALA E 207 34.88 -45.81 -4.33
CA ALA E 207 34.96 -47.19 -4.79
C ALA E 207 35.24 -48.15 -3.64
N GLU E 208 36.16 -47.76 -2.77
CA GLU E 208 36.53 -48.55 -1.59
C GLU E 208 35.38 -48.61 -0.61
N GLU E 209 34.70 -47.48 -0.45
CA GLU E 209 33.53 -47.40 0.40
C GLU E 209 32.49 -48.35 -0.13
N SER E 210 32.40 -48.42 -1.46
CA SER E 210 31.43 -49.28 -2.15
C SER E 210 31.71 -50.77 -1.95
N LEU E 211 32.97 -51.16 -2.05
CA LEU E 211 33.37 -52.52 -1.75
C LEU E 211 33.15 -52.91 -0.28
N ARG E 212 33.18 -51.93 0.64
CA ARG E 212 33.03 -52.22 2.06
C ARG E 212 31.56 -52.41 2.39
N ILE E 213 30.71 -51.67 1.67
CA ILE E 213 29.25 -51.79 1.73
C ILE E 213 28.84 -53.18 1.25
N LEU E 214 29.33 -53.55 0.07
CA LEU E 214 29.03 -54.85 -0.52
C LEU E 214 29.65 -56.05 0.22
N GLY E 215 30.64 -55.81 1.07
CA GLY E 215 31.38 -56.87 1.72
C GLY E 215 32.14 -57.72 0.73
N LYS E 216 32.79 -57.07 -0.23
CA LYS E 216 33.55 -57.72 -1.29
C LYS E 216 34.96 -57.15 -1.40
N GLU E 217 35.88 -57.94 -1.94
CA GLU E 217 37.30 -57.57 -1.97
C GLU E 217 37.70 -56.92 -3.30
N SER E 218 36.80 -56.99 -4.29
CA SER E 218 37.10 -56.56 -5.65
C SER E 218 35.87 -56.36 -6.51
N SER E 219 35.98 -55.48 -7.51
CA SER E 219 34.93 -55.25 -8.52
C SER E 219 34.73 -56.42 -9.49
N LYS E 220 35.62 -57.40 -9.45
CA LYS E 220 35.50 -58.63 -10.25
C LYS E 220 34.21 -59.36 -9.94
N GLU E 221 33.83 -59.33 -8.65
CA GLU E 221 32.86 -60.26 -8.03
C GLU E 221 31.39 -59.76 -8.11
N VAL E 222 31.20 -58.49 -8.50
CA VAL E 222 29.97 -57.72 -8.27
C VAL E 222 28.89 -57.90 -9.35
N THR E 223 27.63 -58.06 -8.93
CA THR E 223 26.49 -58.36 -9.80
C THR E 223 25.48 -57.22 -9.83
N GLU E 224 24.34 -57.41 -10.49
CA GLU E 224 23.30 -56.38 -10.52
C GLU E 224 22.62 -56.22 -9.15
N LYS E 225 22.35 -57.33 -8.46
CA LYS E 225 21.74 -57.26 -7.12
C LYS E 225 22.61 -56.42 -6.17
N ASP E 226 23.93 -56.56 -6.31
CA ASP E 226 24.90 -55.83 -5.50
C ASP E 226 24.87 -54.36 -5.81
N LEU E 227 25.01 -54.02 -7.10
CA LEU E 227 24.96 -52.63 -7.53
C LEU E 227 23.73 -51.93 -6.99
N GLY E 228 22.61 -52.63 -6.86
CA GLY E 228 21.36 -52.04 -6.39
C GLY E 228 21.31 -51.78 -4.89
N LYS E 229 22.26 -52.37 -4.15
CA LYS E 229 22.43 -52.11 -2.72
C LYS E 229 23.26 -50.86 -2.43
N LEU E 230 23.90 -50.27 -3.45
CA LEU E 230 24.68 -49.03 -3.31
C LEU E 230 23.82 -47.76 -3.47
N PRO E 231 24.16 -46.70 -2.74
CA PRO E 231 23.41 -45.43 -2.83
C PRO E 231 23.70 -44.76 -4.14
N PRO E 232 22.94 -43.76 -4.56
CA PRO E 232 22.98 -43.26 -5.95
C PRO E 232 24.37 -43.03 -6.57
N LEU E 233 25.19 -42.14 -6.03
CA LEU E 233 26.43 -41.72 -6.70
C LEU E 233 27.43 -42.84 -6.69
N HIS E 234 27.44 -43.59 -5.59
CA HIS E 234 28.27 -44.77 -5.50
C HIS E 234 27.89 -45.74 -6.60
N ARG E 235 26.61 -45.84 -6.90
CA ARG E 235 26.12 -46.77 -7.89
C ARG E 235 26.49 -46.38 -9.32
N LYS E 236 26.32 -45.10 -9.64
CA LYS E 236 26.70 -44.54 -10.94
C LYS E 236 28.16 -44.88 -11.24
N PHE E 237 29.03 -44.63 -10.26
CA PHE E 237 30.47 -44.76 -10.41
C PHE E 237 30.89 -46.22 -10.47
N PHE E 238 30.28 -47.06 -9.63
CA PHE E 238 30.74 -48.44 -9.50
C PHE E 238 30.24 -49.25 -10.67
N SER E 239 29.03 -48.94 -11.13
CA SER E 239 28.47 -49.58 -12.30
C SER E 239 29.41 -49.43 -13.53
N TYR E 240 30.10 -48.30 -13.64
CA TYR E 240 31.08 -48.10 -14.71
C TYR E 240 32.22 -49.12 -14.60
N ILE E 241 32.76 -49.24 -13.38
CA ILE E 241 33.88 -50.12 -13.10
C ILE E 241 33.50 -51.55 -13.49
N VAL E 242 32.26 -51.95 -13.24
CA VAL E 242 31.85 -53.32 -13.47
C VAL E 242 31.76 -53.56 -14.96
N ARG E 243 31.25 -52.57 -15.68
CA ARG E 243 31.24 -52.64 -17.13
C ARG E 243 32.65 -52.60 -17.73
N GLU E 244 33.57 -51.81 -17.17
CA GLU E 244 34.96 -51.83 -17.65
C GLU E 244 35.51 -53.22 -17.56
N ASN E 245 35.39 -53.84 -16.39
CA ASN E 245 36.00 -55.14 -16.16
C ASN E 245 35.54 -56.09 -17.26
N ALA E 246 34.28 -55.98 -17.66
CA ALA E 246 33.75 -56.80 -18.74
C ALA E 246 34.39 -56.44 -20.08
N ARG E 247 34.52 -55.14 -20.37
CA ARG E 247 35.08 -54.70 -21.65
C ARG E 247 36.51 -55.21 -21.84
N VAL E 248 37.30 -55.16 -20.77
CA VAL E 248 38.65 -55.68 -20.75
C VAL E 248 38.66 -57.13 -21.18
N LEU E 249 37.82 -57.97 -20.57
CA LEU E 249 37.83 -59.39 -20.90
C LEU E 249 37.44 -59.62 -22.35
N GLU E 250 36.59 -58.75 -22.91
CA GLU E 250 36.19 -58.81 -24.33
C GLU E 250 37.27 -58.24 -25.27
N VAL E 251 38.07 -57.28 -24.79
CA VAL E 251 39.21 -56.80 -25.56
C VAL E 251 40.23 -57.92 -25.66
N ARG E 252 40.41 -58.63 -24.54
CA ARG E 252 41.30 -59.77 -24.47
C ARG E 252 40.97 -60.79 -25.55
N ASP E 253 39.69 -61.19 -25.59
CA ASP E 253 39.19 -62.15 -26.57
C ASP E 253 39.45 -61.66 -27.99
N ALA E 254 39.20 -60.36 -28.20
CA ALA E 254 39.22 -59.78 -29.53
C ALA E 254 40.65 -59.60 -30.05
N LEU E 255 41.54 -59.22 -29.14
CA LEU E 255 42.92 -58.98 -29.50
C LEU E 255 43.62 -60.27 -29.87
N LYS E 256 43.18 -61.37 -29.25
CA LYS E 256 43.75 -62.69 -29.52
C LYS E 256 43.26 -63.22 -30.88
N GLU E 257 42.03 -62.88 -31.24
CA GLU E 257 41.44 -63.28 -32.52
C GLU E 257 41.94 -62.37 -33.66
N GLY E 258 42.70 -61.32 -33.32
CA GLY E 258 43.19 -60.38 -34.31
C GLY E 258 42.12 -59.43 -34.84
N ASP E 259 40.95 -59.42 -34.20
CA ASP E 259 39.86 -58.52 -34.54
C ASP E 259 40.12 -57.15 -33.91
N ILE E 260 40.78 -56.27 -34.66
CA ILE E 260 41.06 -54.92 -34.17
C ILE E 260 39.81 -54.05 -34.25
N GLU E 261 38.94 -54.32 -35.22
CA GLU E 261 37.67 -53.60 -35.38
C GLU E 261 36.76 -53.70 -34.14
N LYS E 262 36.74 -54.87 -33.49
CA LYS E 262 35.96 -55.11 -32.27
C LYS E 262 36.61 -54.45 -31.06
N VAL E 263 37.94 -54.50 -31.01
CA VAL E 263 38.71 -53.89 -29.92
C VAL E 263 38.49 -52.37 -29.89
N GLY E 264 38.51 -51.75 -31.06
CA GLY E 264 38.37 -50.31 -31.15
C GLY E 264 37.00 -49.86 -30.72
N LYS E 265 35.97 -50.57 -31.19
CA LYS E 265 34.59 -50.27 -30.82
C LYS E 265 34.42 -50.42 -29.31
N ILE E 266 35.11 -51.36 -28.68
CA ILE E 266 34.96 -51.49 -27.24
C ILE E 266 35.63 -50.33 -26.54
N LEU E 267 36.71 -49.79 -27.13
CA LEU E 267 37.43 -48.65 -26.54
C LEU E 267 36.59 -47.38 -26.60
N THR E 268 35.90 -47.17 -27.74
CA THR E 268 35.05 -46.01 -27.92
C THR E 268 33.92 -46.03 -26.90
N THR E 269 33.26 -47.18 -26.76
CA THR E 269 32.20 -47.34 -25.76
C THR E 269 32.74 -46.93 -24.39
N ALA E 270 33.94 -47.38 -24.08
CA ALA E 270 34.56 -47.10 -22.79
C ALA E 270 34.87 -45.64 -22.61
N HIS E 271 35.28 -44.94 -23.67
CA HIS E 271 35.53 -43.51 -23.49
C HIS E 271 34.27 -42.78 -22.99
N TRP E 272 33.13 -43.09 -23.58
CA TRP E 272 31.90 -42.39 -23.26
C TRP E 272 31.24 -42.84 -21.96
N ASP E 273 31.67 -43.98 -21.41
CA ASP E 273 31.16 -44.41 -20.11
C ASP E 273 31.93 -43.61 -19.08
N LEU E 274 33.25 -43.63 -19.25
CA LEU E 274 34.15 -42.77 -18.49
C LEU E 274 33.65 -41.35 -18.48
N ALA E 275 33.29 -40.84 -19.66
CA ALA E 275 32.84 -39.46 -19.83
C ALA E 275 31.49 -39.20 -19.16
N GLU E 276 30.46 -39.98 -19.49
CA GLU E 276 29.10 -39.67 -19.02
C GLU E 276 28.88 -40.09 -17.58
N ASN E 277 29.41 -41.25 -17.22
CA ASN E 277 29.13 -41.81 -15.92
C ASN E 277 30.27 -41.56 -14.92
N TYR E 278 31.51 -41.89 -15.26
CA TYR E 278 32.59 -41.70 -14.29
C TYR E 278 32.97 -40.25 -14.12
N ARG E 279 32.56 -39.40 -15.07
CA ARG E 279 32.78 -37.96 -15.06
C ARG E 279 34.27 -37.52 -14.94
N VAL E 280 35.16 -38.20 -15.65
CA VAL E 280 36.58 -37.88 -15.60
C VAL E 280 37.20 -37.43 -16.92
N SER E 281 36.42 -37.34 -17.98
CA SER E 281 36.90 -36.79 -19.24
C SER E 281 36.70 -35.26 -19.19
N CYS E 282 37.05 -34.56 -20.27
CA CYS E 282 36.86 -33.10 -20.38
C CYS E 282 36.66 -32.69 -21.86
N GLU E 283 36.34 -31.41 -22.11
CA GLU E 283 36.06 -30.98 -23.48
C GLU E 283 37.08 -31.46 -24.49
N GLU E 284 38.36 -31.39 -24.13
CA GLU E 284 39.42 -31.44 -25.14
C GLU E 284 39.82 -32.87 -25.42
N LEU E 285 39.74 -33.72 -24.40
CA LEU E 285 39.78 -35.17 -24.63
C LEU E 285 38.62 -35.60 -25.52
N ASP E 286 37.42 -35.11 -25.23
CA ASP E 286 36.22 -35.47 -25.99
C ASP E 286 36.40 -35.05 -27.44
N PHE E 287 36.95 -33.86 -27.65
CA PHE E 287 37.22 -33.36 -28.99
C PHE E 287 38.12 -34.35 -29.69
N PHE E 288 39.15 -34.82 -29.01
CA PHE E 288 40.08 -35.74 -29.64
C PHE E 288 39.39 -36.97 -30.18
N VAL E 289 38.49 -37.56 -29.41
CA VAL E 289 37.89 -38.84 -29.78
C VAL E 289 36.92 -38.65 -30.95
N LYS E 290 36.08 -37.62 -30.90
CA LYS E 290 35.22 -37.27 -32.03
C LYS E 290 36.04 -37.19 -33.33
N LYS E 291 37.06 -36.34 -33.32
CA LYS E 291 37.91 -36.12 -34.51
C LYS E 291 38.71 -37.37 -34.93
N ALA E 292 38.99 -38.28 -34.00
CA ALA E 292 39.68 -39.52 -34.31
C ALA E 292 38.79 -40.52 -35.03
N MSE E 293 37.57 -40.69 -34.53
CA MSE E 293 36.58 -41.53 -35.21
C MSE E 293 36.30 -40.98 -36.59
O MSE E 293 36.23 -41.76 -37.54
CB MSE E 293 35.27 -41.60 -34.43
CG MSE E 293 35.30 -42.56 -33.24
SE MSE E 293 36.75 -43.94 -33.26
CE MSE E 293 35.96 -45.05 -34.74
N GLU E 294 36.20 -39.66 -36.69
CA GLU E 294 35.84 -38.99 -37.94
C GLU E 294 36.95 -39.08 -39.01
N LEU E 295 38.20 -39.30 -38.61
CA LEU E 295 39.31 -39.44 -39.56
C LEU E 295 39.69 -40.93 -39.79
N GLY E 296 38.84 -41.83 -39.30
CA GLY E 296 38.88 -43.24 -39.67
C GLY E 296 39.62 -44.21 -38.75
N ALA E 297 39.89 -43.77 -37.52
CA ALA E 297 40.42 -44.66 -36.50
C ALA E 297 39.51 -45.86 -36.28
N TYR E 298 40.09 -46.95 -35.79
CA TYR E 298 39.33 -48.11 -35.34
C TYR E 298 38.60 -47.85 -34.02
N GLY E 299 39.09 -46.89 -33.24
CA GLY E 299 38.53 -46.58 -31.92
C GLY E 299 39.45 -45.69 -31.12
N ALA E 300 38.90 -44.85 -30.25
CA ALA E 300 39.72 -43.96 -29.42
C ALA E 300 39.17 -43.77 -28.02
N ARG E 301 40.00 -43.23 -27.15
CA ARG E 301 39.73 -43.28 -25.71
C ARG E 301 40.74 -42.45 -24.94
N LEU E 302 40.30 -41.82 -23.86
CA LEU E 302 41.25 -41.21 -22.97
C LEU E 302 42.03 -42.39 -22.39
N THR E 303 43.25 -42.11 -21.98
CA THR E 303 44.08 -43.10 -21.32
C THR E 303 44.55 -42.45 -20.03
N GLY E 304 44.83 -43.25 -19.03
CA GLY E 304 45.13 -42.74 -17.71
C GLY E 304 43.91 -42.27 -16.93
N ALA E 305 44.13 -41.36 -15.99
CA ALA E 305 43.13 -40.97 -15.01
C ALA E 305 42.02 -40.10 -15.57
N GLY E 306 42.36 -39.22 -16.51
CA GLY E 306 41.41 -38.26 -17.04
C GLY E 306 41.74 -36.79 -16.79
N PHE E 307 40.74 -35.92 -16.95
CA PHE E 307 40.87 -34.51 -16.63
C PHE E 307 42.02 -33.91 -17.42
N GLY E 308 41.95 -34.01 -18.73
CA GLY E 308 43.10 -33.70 -19.54
C GLY E 308 44.02 -34.90 -19.56
N GLY E 309 45.31 -34.67 -19.75
CA GLY E 309 46.23 -35.75 -20.00
C GLY E 309 46.15 -36.14 -21.45
N SER E 310 46.38 -37.41 -21.74
CA SER E 310 46.43 -37.85 -23.14
C SER E 310 45.31 -38.82 -23.48
N ALA E 311 45.17 -39.06 -24.78
CA ALA E 311 44.23 -40.02 -25.30
C ALA E 311 44.90 -40.89 -26.37
N ILE E 312 44.37 -42.10 -26.56
CA ILE E 312 44.81 -42.96 -27.65
C ILE E 312 43.79 -43.09 -28.80
N ALA E 313 44.28 -43.45 -29.97
CA ALA E 313 43.43 -43.82 -31.08
C ALA E 313 44.08 -45.03 -31.75
N LEU E 314 43.33 -46.10 -31.94
CA LEU E 314 43.82 -47.26 -32.67
C LEU E 314 43.68 -46.96 -34.17
N VAL E 315 44.81 -47.05 -34.87
CA VAL E 315 44.96 -46.46 -36.21
C VAL E 315 45.99 -47.24 -37.04
N ASP E 316 45.79 -47.35 -38.36
CA ASP E 316 46.72 -48.05 -39.25
C ASP E 316 48.10 -47.35 -39.29
N LYS E 317 49.20 -48.10 -39.27
CA LYS E 317 50.55 -47.51 -39.16
C LYS E 317 50.90 -46.61 -40.36
N ASP E 318 50.50 -47.02 -41.57
CA ASP E 318 50.85 -46.25 -42.78
C ASP E 318 49.99 -44.98 -43.02
N LYS E 319 48.98 -44.76 -42.18
CA LYS E 319 48.24 -43.49 -42.19
C LYS E 319 48.19 -42.87 -40.77
N ALA E 320 49.19 -43.17 -39.95
CA ALA E 320 49.24 -42.62 -38.60
C ALA E 320 49.57 -41.13 -38.66
N LYS E 321 50.71 -40.79 -39.25
CA LYS E 321 51.14 -39.40 -39.37
C LYS E 321 50.13 -38.50 -40.14
N THR E 322 49.37 -39.05 -41.09
CA THR E 322 48.34 -38.26 -41.80
C THR E 322 47.10 -37.99 -40.91
N ILE E 323 46.76 -38.93 -40.02
CA ILE E 323 45.62 -38.77 -39.11
C ILE E 323 45.97 -37.82 -37.96
N GLY E 324 47.10 -38.09 -37.29
CA GLY E 324 47.62 -37.22 -36.25
C GLY E 324 47.64 -35.74 -36.62
N ASP E 325 48.42 -35.39 -37.65
CA ASP E 325 48.50 -33.99 -38.12
C ASP E 325 47.14 -33.27 -38.35
N ALA E 326 46.14 -34.01 -38.82
CA ALA E 326 44.81 -33.45 -39.07
C ALA E 326 44.13 -33.04 -37.76
N ILE E 327 44.10 -33.97 -36.82
CA ILE E 327 43.54 -33.76 -35.50
C ILE E 327 44.29 -32.63 -34.79
N LEU E 328 45.62 -32.60 -34.99
CA LEU E 328 46.51 -31.66 -34.33
C LEU E 328 46.40 -30.30 -34.99
N TYR E 331 42.16 -28.62 -33.67
CA TYR E 331 42.40 -28.70 -32.22
C TYR E 331 43.27 -27.56 -31.72
N LEU E 332 44.49 -27.45 -32.25
CA LEU E 332 45.36 -26.32 -31.91
C LEU E 332 44.77 -25.00 -32.45
N ALA E 333 43.57 -25.07 -33.05
CA ALA E 333 42.82 -23.89 -33.46
C ALA E 333 41.54 -23.64 -32.65
N LYS E 334 41.03 -24.66 -31.95
CA LYS E 334 39.90 -24.50 -31.01
C LYS E 334 40.43 -24.24 -29.59
N PHE E 335 41.71 -24.54 -29.36
CA PHE E 335 42.33 -24.41 -28.05
C PHE E 335 43.75 -23.83 -28.09
N SER E 336 44.10 -23.16 -27.00
CA SER E 336 45.37 -22.48 -26.87
C SER E 336 46.43 -23.37 -26.24
N TRP E 337 46.07 -24.62 -25.93
CA TRP E 337 46.97 -25.54 -25.23
C TRP E 337 48.11 -26.00 -26.12
N LYS E 338 49.19 -26.47 -25.49
CA LYS E 338 50.41 -26.90 -26.16
C LYS E 338 50.38 -28.41 -26.33
N ALA E 339 49.53 -28.87 -27.23
CA ALA E 339 49.35 -30.30 -27.49
C ALA E 339 50.45 -30.89 -28.39
N LYS E 340 50.83 -32.13 -28.13
CA LYS E 340 51.65 -32.91 -29.06
C LYS E 340 50.97 -34.28 -29.29
N TYR E 341 51.34 -34.96 -30.36
CA TYR E 341 51.01 -36.39 -30.52
C TYR E 341 52.26 -37.22 -30.82
N PHE E 342 52.16 -38.52 -30.62
CA PHE E 342 53.29 -39.43 -30.77
C PHE E 342 52.84 -40.76 -31.33
N VAL E 343 53.41 -41.19 -32.44
CA VAL E 343 53.11 -42.54 -32.97
C VAL E 343 54.04 -43.51 -32.24
N VAL E 344 53.46 -44.57 -31.70
CA VAL E 344 54.03 -45.30 -30.57
C VAL E 344 53.96 -46.83 -30.79
N LYS E 345 55.11 -47.49 -30.87
CA LYS E 345 55.17 -48.96 -30.84
C LYS E 345 55.16 -49.45 -29.36
N PRO E 346 54.59 -50.61 -29.06
CA PRO E 346 54.75 -51.19 -27.73
C PRO E 346 56.22 -51.53 -27.50
N SER E 347 56.59 -51.95 -26.31
CA SER E 347 58.01 -51.99 -25.97
C SER E 347 58.34 -52.88 -24.79
N ASP E 348 59.61 -53.31 -24.74
CA ASP E 348 60.12 -54.05 -23.58
C ASP E 348 60.19 -53.10 -22.38
N GLY E 349 60.14 -53.66 -21.17
CA GLY E 349 60.21 -52.89 -19.94
C GLY E 349 61.66 -52.53 -19.60
N VAL E 350 61.84 -51.77 -18.52
CA VAL E 350 63.18 -51.39 -18.05
C VAL E 350 64.21 -52.45 -18.24
N GLY E 351 65.36 -52.05 -18.81
CA GLY E 351 66.55 -52.90 -18.83
C GLY E 351 67.76 -52.21 -19.47
N VAL E 352 68.84 -52.99 -19.70
CA VAL E 352 70.13 -52.44 -20.15
C VAL E 352 70.48 -52.72 -21.63
N SER F 2 44.64 18.67 -11.69
CA SER F 2 43.72 17.93 -10.73
C SER F 2 42.83 16.95 -11.49
N LYS F 3 41.55 17.26 -11.52
CA LYS F 3 40.50 16.35 -11.91
C LYS F 3 40.35 15.28 -10.83
N ILE F 4 39.26 15.49 -10.10
CA ILE F 4 38.69 14.59 -9.14
C ILE F 4 37.20 14.50 -9.49
N THR F 5 36.58 13.40 -9.14
CA THR F 5 35.17 13.21 -9.44
C THR F 5 34.39 12.97 -8.17
N VAL F 6 33.43 13.84 -7.89
CA VAL F 6 32.55 13.65 -6.74
C VAL F 6 31.19 13.10 -7.19
N LYS F 7 30.75 12.01 -6.56
CA LYS F 7 29.37 11.55 -6.70
C LYS F 7 28.57 11.93 -5.47
N SER F 8 27.44 12.59 -5.70
CA SER F 8 26.64 13.12 -4.62
C SER F 8 25.22 12.64 -4.86
N PRO F 9 24.71 11.79 -3.97
CA PRO F 9 23.42 11.15 -4.21
C PRO F 9 22.32 12.11 -3.97
N GLY F 10 21.11 11.80 -4.42
CA GLY F 10 19.92 12.51 -3.99
C GLY F 10 19.39 11.76 -2.79
N ARG F 11 18.14 12.05 -2.41
CA ARG F 11 17.55 11.43 -1.25
C ARG F 11 16.04 11.30 -1.31
N VAL F 12 15.53 10.42 -0.46
CA VAL F 12 14.11 10.19 -0.30
C VAL F 12 13.82 9.93 1.19
N ASN F 13 12.70 10.41 1.71
CA ASN F 13 12.37 10.27 3.11
C ASN F 13 11.43 9.12 3.22
N LEU F 14 11.75 8.14 4.06
CA LEU F 14 10.93 6.93 4.17
C LEU F 14 9.65 7.23 4.95
N ILE F 15 9.80 7.98 6.04
CA ILE F 15 8.73 8.28 6.96
C ILE F 15 9.26 9.43 7.81
N GLY F 16 8.36 10.17 8.47
CA GLY F 16 8.78 11.34 9.23
C GLY F 16 8.74 12.64 8.45
N GLU F 17 7.55 13.04 8.00
CA GLU F 17 7.34 14.15 7.07
C GLU F 17 6.67 15.29 7.81
N HIS F 18 7.00 16.53 7.42
CA HIS F 18 6.63 17.74 8.15
C HIS F 18 6.87 17.59 9.67
N THR F 19 8.06 17.11 9.98
CA THR F 19 8.53 16.83 11.33
C THR F 19 9.75 17.67 11.75
N ASP F 20 10.63 18.01 10.78
CA ASP F 20 11.95 18.52 11.13
C ASP F 20 11.92 19.98 11.51
N TYR F 21 10.97 20.77 11.03
CA TYR F 21 10.83 22.13 11.55
C TYR F 21 10.20 22.25 12.95
N THR F 22 9.80 21.16 13.58
CA THR F 22 9.54 21.18 15.03
C THR F 22 10.48 20.21 15.70
N TYR F 23 11.55 19.86 15.04
CA TYR F 23 12.61 19.13 15.69
C TYR F 23 12.13 17.74 16.16
N GLY F 24 11.48 17.04 15.26
CA GLY F 24 11.01 15.70 15.50
C GLY F 24 11.89 14.67 14.82
N TYR F 25 11.37 13.47 14.62
CA TYR F 25 12.11 12.40 13.98
C TYR F 25 11.86 12.32 12.47
N VAL F 26 12.83 11.73 11.79
CA VAL F 26 12.96 11.77 10.35
C VAL F 26 13.70 10.48 9.97
N MSE F 27 13.44 9.92 8.79
CA MSE F 27 14.12 8.68 8.32
C MSE F 27 14.49 8.65 6.83
O MSE F 27 13.90 7.92 6.05
CB MSE F 27 13.26 7.48 8.65
CG MSE F 27 13.92 6.60 9.63
SE MSE F 27 12.93 4.98 10.03
CE MSE F 27 13.92 3.88 8.89
N PRO F 28 15.47 9.43 6.40
CA PRO F 28 15.78 9.44 4.98
C PRO F 28 16.79 8.37 4.63
N MSE F 29 16.89 8.13 3.33
CA MSE F 29 17.98 7.40 2.76
C MSE F 29 18.52 8.23 1.63
O MSE F 29 17.80 9.05 1.05
CB MSE F 29 17.47 6.10 2.23
CG MSE F 29 16.57 6.22 1.03
SE MSE F 29 15.86 4.43 0.61
CE MSE F 29 15.62 4.68 -1.22
N ALA F 30 19.79 8.04 1.31
CA ALA F 30 20.36 8.50 0.04
C ALA F 30 19.98 7.48 -1.03
N ILE F 31 19.62 7.92 -2.22
CA ILE F 31 19.28 7.02 -3.30
C ILE F 31 20.34 7.02 -4.38
N ASP F 32 20.38 5.96 -5.18
CA ASP F 32 21.43 5.81 -6.20
C ASP F 32 21.14 6.56 -7.50
N LEU F 33 20.72 7.80 -7.37
CA LEU F 33 20.73 8.75 -8.46
C LEU F 33 21.63 9.91 -8.04
N TYR F 34 22.54 10.31 -8.93
CA TYR F 34 23.62 11.23 -8.53
C TYR F 34 23.71 12.53 -9.33
N THR F 35 24.24 13.55 -8.68
CA THR F 35 24.95 14.60 -9.36
C THR F 35 26.41 14.24 -9.33
N ILE F 36 27.03 14.33 -10.49
CA ILE F 36 28.45 14.01 -10.65
C ILE F 36 29.16 15.28 -11.02
N ILE F 37 30.20 15.62 -10.26
CA ILE F 37 31.01 16.80 -10.52
C ILE F 37 32.44 16.40 -10.72
N THR F 38 32.95 16.66 -11.91
CA THR F 38 34.35 16.45 -12.25
C THR F 38 35.02 17.83 -12.36
N ALA F 39 36.00 18.12 -11.52
CA ALA F 39 36.60 19.44 -11.51
C ALA F 39 38.09 19.46 -11.12
N GLU F 40 38.77 20.54 -11.51
CA GLU F 40 40.17 20.80 -11.13
C GLU F 40 40.29 22.17 -10.45
N LYS F 41 41.38 22.38 -9.70
CA LYS F 41 41.70 23.68 -9.12
C LYS F 41 41.67 24.75 -10.18
N TYR F 42 41.09 25.89 -9.84
CA TYR F 42 41.04 27.05 -10.76
C TYR F 42 40.89 28.36 -10.03
N ASP F 43 41.43 29.42 -10.61
CA ASP F 43 41.54 30.71 -9.92
C ASP F 43 40.21 31.44 -9.81
N LYS F 44 39.36 31.26 -10.83
CA LYS F 44 37.98 31.73 -10.79
C LYS F 44 37.08 30.50 -10.83
N VAL F 45 35.76 30.67 -10.88
CA VAL F 45 34.84 29.52 -10.97
C VAL F 45 34.20 29.43 -12.34
N GLN F 46 34.36 28.28 -12.97
CA GLN F 46 33.81 28.02 -14.29
C GLN F 46 33.18 26.63 -14.32
N LEU F 47 31.86 26.55 -14.41
CA LEU F 47 31.18 25.28 -14.48
C LEU F 47 30.26 25.13 -15.68
N TYR F 48 30.17 23.93 -16.19
CA TYR F 48 29.22 23.57 -17.22
C TYR F 48 28.18 22.67 -16.60
N SER F 49 26.92 23.03 -16.71
CA SER F 49 25.83 22.14 -16.31
C SER F 49 25.27 21.45 -17.53
N GLU F 50 25.48 20.14 -17.61
CA GLU F 50 24.88 19.33 -18.67
C GLU F 50 23.37 19.49 -18.74
N HIS F 51 22.69 19.48 -17.58
CA HIS F 51 21.23 19.62 -17.57
C HIS F 51 20.75 20.87 -18.26
N PHE F 52 21.42 21.99 -17.99
CA PHE F 52 21.05 23.30 -18.53
C PHE F 52 21.79 23.66 -19.82
N ASN F 53 22.71 22.84 -20.30
CA ASN F 53 23.46 23.16 -21.51
C ASN F 53 24.12 24.52 -21.48
N GLU F 54 24.79 24.86 -20.38
CA GLU F 54 25.41 26.18 -20.18
C GLU F 54 26.75 26.11 -19.53
N GLU F 55 27.62 27.10 -19.86
CA GLU F 55 28.75 27.48 -19.00
C GLU F 55 28.34 28.71 -18.21
N LYS F 56 28.71 28.72 -16.94
CA LYS F 56 28.64 29.91 -16.12
C LYS F 56 29.90 30.05 -15.32
N THR F 57 30.30 31.29 -15.13
CA THR F 57 31.53 31.61 -14.43
C THR F 57 31.29 32.79 -13.53
N PHE F 58 32.11 32.88 -12.51
CA PHE F 58 32.14 33.99 -11.59
C PHE F 58 33.53 34.06 -10.90
N THR F 59 33.98 35.26 -10.57
CA THR F 59 35.20 35.39 -9.76
C THR F 59 34.84 35.33 -8.28
N LEU F 60 35.82 35.01 -7.45
CA LEU F 60 35.57 34.76 -6.03
C LEU F 60 35.17 36.03 -5.30
N ASP F 61 35.64 37.18 -5.79
CA ASP F 61 35.19 38.48 -5.32
C ASP F 61 33.89 39.03 -5.99
N ASN F 62 33.05 38.14 -6.50
CA ASN F 62 31.74 38.51 -7.05
C ASN F 62 30.75 37.36 -6.79
N LEU F 63 30.39 37.26 -5.50
CA LEU F 63 29.46 36.26 -4.94
C LEU F 63 28.10 36.90 -4.78
N THR F 64 27.70 37.61 -5.82
CA THR F 64 26.43 38.31 -5.90
C THR F 64 25.39 37.35 -6.46
N LYS F 65 24.20 37.33 -5.86
CA LYS F 65 23.14 36.41 -6.32
C LYS F 65 22.73 36.84 -7.73
N GLU F 66 22.54 35.87 -8.62
CA GLU F 66 22.29 36.14 -10.03
C GLU F 66 20.91 35.72 -10.51
N GLY F 67 20.11 35.06 -9.68
CA GLY F 67 18.81 34.57 -10.13
C GLY F 67 18.88 33.33 -11.04
N SER F 68 19.91 32.51 -10.83
CA SER F 68 20.10 31.30 -11.63
C SER F 68 20.78 30.14 -10.86
N TRP F 69 21.04 29.02 -11.52
CA TRP F 69 21.54 27.84 -10.81
C TRP F 69 22.93 28.01 -10.26
N ILE F 70 23.67 28.93 -10.86
CA ILE F 70 24.99 29.26 -10.33
C ILE F 70 24.95 29.71 -8.85
N ASP F 71 23.79 30.22 -8.43
CA ASP F 71 23.61 30.70 -7.07
C ASP F 71 23.92 29.66 -6.00
N TYR F 72 23.56 28.39 -6.25
CA TYR F 72 23.85 27.31 -5.30
C TYR F 72 25.34 27.16 -5.20
N VAL F 73 26.04 27.39 -6.33
CA VAL F 73 27.50 27.37 -6.33
C VAL F 73 28.09 28.54 -5.51
N LYS F 74 27.65 29.75 -5.80
CA LYS F 74 28.15 30.92 -5.09
C LYS F 74 27.86 30.78 -3.61
N GLY F 75 26.73 30.15 -3.28
CA GLY F 75 26.29 30.05 -1.90
C GLY F 75 27.20 29.13 -1.11
N VAL F 76 27.74 28.09 -1.76
CA VAL F 76 28.73 27.24 -1.07
C VAL F 76 30.09 27.95 -0.88
N LEU F 77 30.57 28.70 -1.88
CA LEU F 77 31.84 29.39 -1.69
C LEU F 77 31.67 30.45 -0.58
N TRP F 78 30.51 31.07 -0.55
CA TRP F 78 30.25 32.12 0.40
C TRP F 78 30.33 31.56 1.82
N VAL F 79 29.71 30.41 2.00
CA VAL F 79 29.62 29.81 3.32
C VAL F 79 30.97 29.33 3.81
N LEU F 80 31.80 28.80 2.91
CA LEU F 80 33.14 28.34 3.25
C LEU F 80 34.03 29.54 3.56
N ILE F 81 33.79 30.63 2.84
CA ILE F 81 34.55 31.84 3.10
C ILE F 81 34.11 32.59 4.38
N GLN F 82 32.83 32.61 4.81
CA GLN F 82 32.54 33.19 6.15
C GLN F 82 33.08 32.32 7.28
N GLU F 83 33.28 31.02 7.04
CA GLU F 83 33.77 30.16 8.13
C GLU F 83 35.27 30.26 8.35
N GLY F 84 35.96 30.89 7.40
CA GLY F 84 37.39 31.08 7.47
C GLY F 84 38.21 30.11 6.65
N TYR F 85 37.58 29.28 5.81
CA TYR F 85 38.35 28.32 5.01
C TYR F 85 39.16 29.03 3.91
N LYS F 86 40.36 28.52 3.67
CA LYS F 86 41.23 28.94 2.56
C LYS F 86 40.94 28.06 1.34
N ILE F 87 40.16 28.61 0.41
CA ILE F 87 39.81 27.97 -0.85
C ILE F 87 40.16 28.84 -2.05
N GLY F 88 39.85 28.33 -3.23
CA GLY F 88 39.93 29.05 -4.47
C GLY F 88 38.82 28.56 -5.35
N GLY F 89 38.96 28.70 -6.66
CA GLY F 89 37.92 28.34 -7.59
C GLY F 89 38.06 26.93 -8.16
N LEU F 90 37.31 26.66 -9.24
CA LEU F 90 37.37 25.36 -9.88
C LEU F 90 36.76 25.40 -11.29
N LYS F 91 37.30 24.57 -12.20
CA LYS F 91 36.79 24.39 -13.56
C LYS F 91 36.35 22.94 -13.69
N GLY F 92 35.18 22.74 -14.28
CA GLY F 92 34.60 21.42 -14.32
C GLY F 92 33.21 21.35 -14.91
N LYS F 93 32.62 20.18 -14.74
CA LYS F 93 31.41 19.81 -15.44
C LYS F 93 30.46 19.08 -14.50
N ILE F 94 29.17 19.40 -14.60
CA ILE F 94 28.14 18.86 -13.74
C ILE F 94 27.26 17.96 -14.57
N THR F 95 27.40 16.67 -14.32
CA THR F 95 26.58 15.71 -15.01
C THR F 95 25.82 14.95 -13.96
N GLY F 96 25.23 13.83 -14.38
CA GLY F 96 24.54 12.94 -13.49
C GLY F 96 23.15 12.51 -13.92
N ASP F 97 22.48 11.95 -12.98
CA ASP F 97 21.40 11.03 -13.14
C ASP F 97 20.13 11.56 -12.49
N LEU F 98 20.30 12.51 -11.56
CA LEU F 98 19.28 12.91 -10.64
C LEU F 98 18.37 13.90 -11.31
N PRO F 99 17.09 13.62 -11.36
CA PRO F 99 16.10 14.59 -11.83
C PRO F 99 16.14 15.89 -11.02
N LEU F 100 15.90 17.00 -11.72
CA LEU F 100 15.90 18.32 -11.10
C LEU F 100 14.50 18.75 -10.85
N GLY F 101 14.25 19.33 -9.69
CA GLY F 101 12.93 19.76 -9.36
C GLY F 101 11.88 18.70 -9.23
N ALA F 102 12.23 17.47 -8.84
CA ALA F 102 11.23 16.42 -8.70
C ALA F 102 11.05 15.92 -7.25
N GLY F 103 11.65 16.61 -6.31
CA GLY F 103 11.52 16.25 -4.91
C GLY F 103 12.48 15.18 -4.47
N LEU F 104 13.57 14.99 -5.21
CA LEU F 104 14.62 14.08 -4.76
C LEU F 104 15.88 14.77 -4.27
N SER F 105 15.80 16.06 -4.01
CA SER F 105 16.90 16.90 -3.57
C SER F 105 18.08 16.97 -4.48
N SER F 106 17.84 17.41 -5.70
CA SER F 106 18.96 17.87 -6.53
C SER F 106 19.64 19.06 -5.85
N SER F 107 18.91 19.76 -4.96
CA SER F 107 19.36 20.98 -4.30
C SER F 107 20.52 20.61 -3.39
N ALA F 108 20.32 19.61 -2.53
CA ALA F 108 21.37 19.19 -1.60
C ALA F 108 22.43 18.40 -2.31
N SER F 109 22.01 17.46 -3.14
CA SER F 109 22.94 16.77 -4.00
C SER F 109 23.92 17.76 -4.60
N PHE F 110 23.37 18.81 -5.22
CA PHE F 110 24.20 19.76 -5.93
C PHE F 110 25.08 20.55 -4.96
N GLU F 111 24.48 21.10 -3.92
CA GLU F 111 25.25 21.83 -2.88
C GLU F 111 26.37 21.04 -2.24
N VAL F 112 26.04 19.89 -1.63
CA VAL F 112 27.08 19.17 -0.93
C VAL F 112 28.04 18.53 -1.90
N GLY F 113 27.63 18.35 -3.16
CA GLY F 113 28.53 17.98 -4.23
C GLY F 113 29.63 19.03 -4.44
N ILE F 114 29.23 20.27 -4.60
CA ILE F 114 30.19 21.38 -4.72
C ILE F 114 31.07 21.48 -3.46
N LEU F 115 30.45 21.43 -2.29
CA LEU F 115 31.20 21.57 -1.04
C LEU F 115 32.26 20.49 -0.91
N GLU F 116 31.91 19.25 -1.20
CA GLU F 116 32.85 18.15 -1.11
C GLU F 116 33.93 18.25 -2.18
N VAL F 117 33.62 18.75 -3.35
CA VAL F 117 34.68 19.02 -4.32
C VAL F 117 35.71 19.99 -3.73
N LEU F 118 35.26 21.12 -3.17
CA LEU F 118 36.14 22.12 -2.61
C LEU F 118 36.83 21.52 -1.41
N ASN F 119 36.11 20.66 -0.70
CA ASN F 119 36.66 20.03 0.50
C ASN F 119 37.89 19.21 0.13
N GLN F 120 37.84 18.56 -1.02
CA GLN F 120 38.93 17.70 -1.43
C GLN F 120 40.05 18.37 -2.17
N LEU F 121 39.71 19.27 -3.08
CA LEU F 121 40.68 20.01 -3.85
C LEU F 121 41.61 20.85 -2.98
N TYR F 122 41.05 21.51 -1.97
CA TYR F 122 41.79 22.40 -1.05
C TYR F 122 42.04 21.80 0.33
N ASN F 123 41.95 20.46 0.45
CA ASN F 123 42.23 19.77 1.72
C ASN F 123 41.71 20.49 2.96
N LEU F 124 40.40 20.72 2.99
CA LEU F 124 39.74 21.43 4.08
C LEU F 124 39.46 20.54 5.29
N ASN F 125 39.44 19.24 5.07
CA ASN F 125 39.10 18.30 6.14
C ASN F 125 37.86 18.60 6.95
N ILE F 126 36.81 19.07 6.27
CA ILE F 126 35.58 19.43 6.97
C ILE F 126 34.99 18.16 7.57
N ASP F 127 34.60 18.27 8.83
CA ASP F 127 33.93 17.18 9.55
C ASP F 127 32.50 16.96 8.98
N PRO F 128 32.09 15.71 8.78
CA PRO F 128 30.77 15.40 8.21
C PRO F 128 29.51 16.19 8.67
N LEU F 129 29.12 16.32 9.94
CA LEU F 129 27.85 17.02 10.15
C LEU F 129 28.05 18.51 9.89
N LYS F 130 29.29 18.97 10.00
CA LYS F 130 29.60 20.33 9.54
C LYS F 130 29.33 20.56 8.05
N LYS F 131 29.67 19.58 7.20
CA LYS F 131 29.38 19.68 5.77
C LYS F 131 27.89 19.91 5.59
N ALA F 132 27.11 19.14 6.34
CA ALA F 132 25.66 19.19 6.19
C ALA F 132 25.12 20.53 6.70
N LEU F 133 25.59 20.99 7.85
CA LEU F 133 25.16 22.26 8.39
C LEU F 133 25.54 23.42 7.47
N LEU F 134 26.78 23.44 7.00
CA LEU F 134 27.23 24.48 6.10
C LEU F 134 26.38 24.53 4.83
N ALA F 135 26.04 23.35 4.30
CA ALA F 135 25.31 23.28 3.04
C ALA F 135 23.90 23.81 3.26
N LYS F 136 23.26 23.38 4.35
CA LYS F 136 21.99 23.92 4.76
C LYS F 136 22.04 25.45 4.94
N LYS F 137 23.18 26.00 5.35
CA LYS F 137 23.27 27.44 5.60
C LYS F 137 23.38 28.18 4.29
N ALA F 138 24.12 27.59 3.36
CA ALA F 138 24.22 28.15 2.03
C ALA F 138 22.83 28.23 1.43
N GLU F 139 22.05 27.17 1.58
CA GLU F 139 20.71 27.16 1.03
C GLU F 139 19.72 28.09 1.76
N ASN F 140 19.77 28.13 3.08
CA ASN F 140 18.82 28.90 3.85
C ASN F 140 19.09 30.37 3.70
N GLU F 141 20.37 30.74 3.72
CA GLU F 141 20.80 32.16 3.76
C GLU F 141 21.21 32.78 2.43
N PHE F 142 21.89 32.05 1.56
CA PHE F 142 22.28 32.61 0.25
C PHE F 142 21.20 32.46 -0.84
N VAL F 143 20.99 31.25 -1.35
CA VAL F 143 19.81 30.94 -2.15
C VAL F 143 18.72 31.12 -1.15
N GLY F 144 17.59 31.72 -1.44
CA GLY F 144 16.73 32.05 -0.28
C GLY F 144 15.73 31.01 0.23
N VAL F 145 16.09 29.73 0.32
CA VAL F 145 15.07 28.68 0.45
C VAL F 145 15.07 28.04 1.81
N PRO F 146 13.94 28.02 2.53
CA PRO F 146 13.96 27.52 3.92
C PRO F 146 14.23 26.02 3.86
N CYS F 147 14.13 25.30 4.95
CA CYS F 147 14.35 23.84 4.87
C CYS F 147 15.25 23.37 5.95
N GLY F 148 14.86 22.25 6.54
CA GLY F 148 15.54 21.68 7.66
C GLY F 148 16.74 20.92 7.18
N ILE F 149 17.19 19.99 7.99
CA ILE F 149 18.45 19.33 7.74
C ILE F 149 18.30 17.96 7.09
N LEU F 150 17.11 17.42 7.10
CA LEU F 150 16.81 16.15 6.42
C LEU F 150 17.59 15.94 5.08
N ASP F 151 17.45 16.87 4.14
CA ASP F 151 18.07 16.73 2.80
C ASP F 151 19.58 16.57 2.86
N GLN F 152 20.22 17.50 3.55
CA GLN F 152 21.67 17.59 3.54
C GLN F 152 22.24 16.50 4.35
N PHE F 153 21.53 16.11 5.42
CA PHE F 153 21.94 15.01 6.28
C PHE F 153 21.92 13.69 5.52
N ALA F 154 20.88 13.48 4.72
CA ALA F 154 20.77 12.27 3.92
C ALA F 154 21.89 12.21 2.91
N VAL F 155 22.10 13.30 2.19
CA VAL F 155 23.09 13.32 1.13
C VAL F 155 24.51 13.14 1.65
N VAL F 156 24.81 13.70 2.82
CA VAL F 156 26.11 13.44 3.45
C VAL F 156 26.18 12.03 4.07
N PHE F 157 25.19 11.60 4.85
CA PHE F 157 25.41 10.48 5.76
C PHE F 157 24.87 9.16 5.26
N GLY F 158 24.39 9.15 4.03
CA GLY F 158 23.87 7.94 3.44
C GLY F 158 24.79 6.74 3.56
N LYS F 159 24.20 5.58 3.72
CA LYS F 159 24.91 4.33 3.75
C LYS F 159 24.23 3.28 2.83
N LYS F 160 25.06 2.60 2.02
CA LYS F 160 24.70 1.58 1.02
C LYS F 160 23.51 0.72 1.37
N ASP F 161 23.38 0.02 2.45
CA ASP F 161 22.03 -0.61 2.39
C ASP F 161 21.13 -0.29 3.55
N ASN F 162 21.05 1.01 3.83
CA ASN F 162 20.50 1.48 5.10
C ASN F 162 19.68 2.70 4.91
N VAL F 163 18.83 2.96 5.88
CA VAL F 163 18.16 4.23 6.06
C VAL F 163 18.79 4.85 7.32
N ILE F 164 18.55 6.12 7.53
CA ILE F 164 19.07 6.85 8.68
C ILE F 164 17.90 7.25 9.54
N PHE F 165 17.80 6.72 10.76
CA PHE F 165 16.88 7.29 11.71
C PHE F 165 17.56 8.49 12.34
N LEU F 166 16.91 9.65 12.36
CA LEU F 166 17.52 10.91 12.82
C LEU F 166 16.63 11.65 13.77
N ASP F 167 17.14 11.97 14.95
CA ASP F 167 16.46 12.93 15.84
C ASP F 167 16.95 14.32 15.48
N THR F 168 16.15 15.11 14.76
CA THR F 168 16.62 16.42 14.26
C THR F 168 16.85 17.49 15.33
N GLN F 169 16.42 17.22 16.58
CA GLN F 169 16.65 18.17 17.64
C GLN F 169 17.98 17.91 18.24
N THR F 170 18.41 16.66 18.32
CA THR F 170 19.67 16.33 19.00
C THR F 170 20.72 15.89 18.05
N LEU F 171 20.32 15.66 16.80
CA LEU F 171 21.18 15.20 15.73
C LEU F 171 21.79 13.83 15.97
N GLN F 172 21.36 13.14 17.02
CA GLN F 172 21.72 11.74 17.25
C GLN F 172 21.14 10.91 16.09
N TYR F 173 21.91 9.98 15.55
CA TYR F 173 21.40 9.20 14.41
C TYR F 173 21.89 7.77 14.44
N GLU F 174 21.30 6.96 13.60
CA GLU F 174 21.49 5.52 13.69
C GLU F 174 21.16 4.98 12.32
N TYR F 175 21.98 4.06 11.83
CA TYR F 175 21.67 3.36 10.59
C TYR F 175 20.82 2.14 10.88
N ILE F 176 19.89 1.87 9.99
CA ILE F 176 19.07 0.65 10.06
C ILE F 176 19.09 0.00 8.68
N PRO F 177 19.54 -1.26 8.59
CA PRO F 177 19.57 -1.93 7.28
C PRO F 177 18.18 -2.03 6.67
N PHE F 178 18.12 -1.91 5.37
CA PHE F 178 16.89 -1.99 4.60
C PHE F 178 16.98 -3.22 3.73
N PRO F 179 15.98 -4.08 3.79
CA PRO F 179 16.12 -5.39 3.17
C PRO F 179 16.43 -5.25 1.67
N LYS F 180 17.46 -5.97 1.17
CA LYS F 180 17.89 -5.82 -0.24
C LYS F 180 16.87 -6.35 -1.23
N ASP F 181 15.94 -7.15 -0.74
CA ASP F 181 14.91 -7.78 -1.58
C ASP F 181 13.60 -7.01 -1.57
N VAL F 182 13.59 -5.82 -0.97
CA VAL F 182 12.48 -4.89 -1.12
C VAL F 182 13.00 -3.64 -1.81
N SER F 183 12.43 -3.27 -2.94
CA SER F 183 12.79 -2.02 -3.60
C SER F 183 11.87 -0.88 -3.19
N VAL F 184 12.45 0.31 -3.11
CA VAL F 184 11.70 1.53 -2.97
C VAL F 184 11.49 2.01 -4.39
N LEU F 185 10.24 2.14 -4.77
CA LEU F 185 9.87 2.57 -6.10
C LEU F 185 9.58 4.06 -5.97
N VAL F 186 10.48 4.91 -6.49
CA VAL F 186 10.24 6.35 -6.55
C VAL F 186 9.40 6.74 -7.75
N PHE F 187 8.25 7.39 -7.48
CA PHE F 187 7.31 7.79 -8.53
C PHE F 187 7.15 9.30 -8.61
N TYR F 188 7.71 9.90 -9.64
CA TYR F 188 7.66 11.34 -9.86
C TYR F 188 6.42 11.68 -10.67
N THR F 189 5.52 12.42 -10.06
CA THR F 189 4.25 12.81 -10.69
C THR F 189 4.31 13.73 -11.90
N GLY F 190 5.44 14.41 -12.13
CA GLY F 190 5.52 15.45 -13.14
C GLY F 190 4.85 16.79 -12.82
N VAL F 191 4.49 17.00 -11.55
CA VAL F 191 3.68 18.12 -11.08
C VAL F 191 4.44 19.00 -10.11
N LYS F 192 4.38 20.30 -10.33
CA LYS F 192 4.90 21.28 -9.38
C LYS F 192 4.04 22.53 -9.56
N ARG F 193 3.30 22.89 -8.51
CA ARG F 193 2.41 24.05 -8.56
C ARG F 193 2.88 25.21 -7.67
N GLU F 194 2.24 26.37 -7.83
CA GLU F 194 2.73 27.61 -7.21
C GLU F 194 2.53 27.57 -5.69
N LEU F 195 1.36 27.06 -5.26
CA LEU F 195 1.07 26.65 -3.88
C LEU F 195 2.26 26.24 -3.03
N ALA F 196 3.10 25.37 -3.58
CA ALA F 196 3.88 24.49 -2.73
C ALA F 196 4.68 25.27 -1.70
N SER F 197 5.33 26.34 -2.13
CA SER F 197 6.27 26.99 -1.26
C SER F 197 5.56 27.86 -0.17
N SER F 198 4.38 28.42 -0.49
CA SER F 198 3.65 29.18 0.51
C SER F 198 2.86 28.30 1.51
N GLU F 199 2.24 27.22 1.06
CA GLU F 199 1.65 26.26 1.98
C GLU F 199 2.72 25.72 3.00
N TYR F 200 3.95 25.45 2.55
CA TYR F 200 5.02 25.02 3.46
C TYR F 200 5.26 26.06 4.50
N ALA F 201 5.30 27.31 4.07
CA ALA F 201 5.62 28.41 4.93
C ALA F 201 4.48 28.58 5.96
N GLU F 202 3.26 28.27 5.55
CA GLU F 202 2.10 28.37 6.43
C GLU F 202 2.04 27.20 7.47
N ARG F 203 2.39 26.01 7.02
CA ARG F 203 2.50 24.87 7.90
C ARG F 203 3.55 25.18 8.96
N LYS F 204 4.65 25.74 8.51
CA LYS F 204 5.79 26.01 9.36
C LYS F 204 5.50 27.10 10.38
N ARG F 205 4.72 28.09 9.98
CA ARG F 205 4.39 29.22 10.84
C ARG F 205 3.47 28.71 11.95
N ILE F 206 2.51 27.85 11.57
CA ILE F 206 1.47 27.42 12.51
C ILE F 206 2.10 26.48 13.50
N ALA F 207 3.13 25.76 13.07
CA ALA F 207 3.91 24.90 13.95
C ALA F 207 4.70 25.71 14.94
N GLU F 208 5.47 26.71 14.44
CA GLU F 208 6.15 27.75 15.21
C GLU F 208 5.17 28.19 16.28
N GLU F 209 3.95 28.51 15.89
CA GLU F 209 2.98 29.12 16.80
C GLU F 209 2.49 28.18 17.85
N SER F 210 2.34 26.92 17.45
CA SER F 210 1.89 25.87 18.33
C SER F 210 2.90 25.63 19.42
N LEU F 211 4.16 25.47 19.07
CA LEU F 211 5.25 25.37 20.02
C LEU F 211 5.30 26.51 21.05
N ARG F 212 5.18 27.76 20.61
CA ARG F 212 5.26 28.86 21.56
C ARG F 212 4.08 28.83 22.55
N ILE F 213 2.91 28.41 22.08
CA ILE F 213 1.72 28.36 22.93
C ILE F 213 1.92 27.32 24.04
N LEU F 214 2.44 26.17 23.65
CA LEU F 214 2.71 25.07 24.55
C LEU F 214 3.92 25.33 25.41
N GLY F 215 4.74 26.30 25.04
CA GLY F 215 5.99 26.55 25.71
C GLY F 215 7.02 25.44 25.57
N LYS F 216 7.18 24.91 24.35
CA LYS F 216 8.06 23.77 24.12
C LYS F 216 8.96 23.96 22.92
N GLU F 217 10.09 23.26 22.91
CA GLU F 217 11.11 23.42 21.87
C GLU F 217 11.02 22.37 20.78
N SER F 218 10.32 21.27 21.03
CA SER F 218 10.22 20.21 20.01
C SER F 218 8.82 19.66 20.01
N SER F 219 8.48 18.90 18.99
CA SER F 219 7.21 18.23 18.99
C SER F 219 7.25 16.85 19.70
N LYS F 220 8.43 16.37 20.08
CA LYS F 220 8.60 15.09 20.80
C LYS F 220 8.13 15.26 22.25
N GLU F 221 8.19 16.53 22.70
CA GLU F 221 7.85 16.88 24.09
C GLU F 221 6.32 16.58 24.42
N VAL F 222 5.49 16.27 23.40
CA VAL F 222 4.08 16.71 23.35
C VAL F 222 3.00 15.71 23.75
N THR F 223 2.31 16.04 24.82
CA THR F 223 1.27 15.22 25.43
C THR F 223 -0.08 15.43 24.77
N GLU F 224 -1.02 14.53 25.02
CA GLU F 224 -2.40 14.70 24.58
C GLU F 224 -3.10 15.84 25.39
N LYS F 225 -2.62 16.14 26.58
CA LYS F 225 -3.17 17.24 27.37
C LYS F 225 -2.76 18.59 26.76
N ASP F 226 -1.53 18.63 26.24
CA ASP F 226 -0.98 19.80 25.57
C ASP F 226 -1.82 20.14 24.36
N LEU F 227 -2.07 19.13 23.51
CA LEU F 227 -2.86 19.33 22.31
C LEU F 227 -4.19 19.95 22.65
N GLY F 228 -4.69 19.68 23.85
CA GLY F 228 -5.90 20.32 24.35
C GLY F 228 -5.79 21.82 24.55
N LYS F 229 -4.59 22.31 24.87
CA LYS F 229 -4.35 23.74 25.05
C LYS F 229 -4.27 24.54 23.74
N LEU F 230 -4.28 23.88 22.58
CA LEU F 230 -4.13 24.56 21.29
C LEU F 230 -5.48 24.92 20.69
N PRO F 231 -5.55 26.03 19.95
CA PRO F 231 -6.76 26.36 19.20
C PRO F 231 -7.00 25.42 18.01
N PRO F 232 -8.21 25.44 17.45
CA PRO F 232 -8.64 24.43 16.46
C PRO F 232 -7.71 24.09 15.33
N LEU F 233 -7.30 25.07 14.52
CA LEU F 233 -6.49 24.79 13.34
C LEU F 233 -5.08 24.33 13.74
N HIS F 234 -4.55 24.86 14.84
CA HIS F 234 -3.23 24.52 15.31
C HIS F 234 -3.26 23.09 15.85
N ARG F 235 -4.37 22.74 16.47
CA ARG F 235 -4.53 21.41 17.00
C ARG F 235 -4.61 20.42 15.84
N LYS F 236 -5.31 20.79 14.79
CA LYS F 236 -5.52 19.87 13.68
C LYS F 236 -4.16 19.53 13.08
N PHE F 237 -3.37 20.54 12.76
CA PHE F 237 -2.09 20.38 12.09
C PHE F 237 -1.04 19.82 13.01
N PHE F 238 -1.12 20.13 14.30
CA PHE F 238 -0.07 19.70 15.22
C PHE F 238 -0.32 18.25 15.64
N SER F 239 -1.57 17.84 15.60
CA SER F 239 -1.89 16.48 15.96
C SER F 239 -1.24 15.55 14.94
N TYR F 240 -1.26 15.95 13.66
CA TYR F 240 -0.55 15.22 12.64
C TYR F 240 0.90 15.03 13.08
N ILE F 241 1.58 16.12 13.43
CA ILE F 241 3.02 16.03 13.73
C ILE F 241 3.30 15.02 14.88
N VAL F 242 2.46 15.00 15.87
CA VAL F 242 2.65 14.13 17.02
C VAL F 242 2.42 12.67 16.60
N ARG F 243 1.39 12.43 15.80
CA ARG F 243 1.17 11.13 15.20
C ARG F 243 2.33 10.73 14.31
N GLU F 244 2.98 11.62 13.55
CA GLU F 244 4.15 11.18 12.77
C GLU F 244 5.35 10.87 13.62
N ASN F 245 5.60 11.64 14.68
CA ASN F 245 6.78 11.32 15.42
C ASN F 245 6.60 9.89 15.89
N ALA F 246 5.37 9.53 16.21
CA ALA F 246 5.06 8.19 16.77
C ALA F 246 5.28 7.10 15.71
N ARG F 247 4.90 7.40 14.47
CA ARG F 247 5.05 6.44 13.39
C ARG F 247 6.52 6.14 13.04
N VAL F 248 7.34 7.17 13.04
CA VAL F 248 8.77 7.02 12.90
C VAL F 248 9.30 6.03 13.98
N LEU F 249 8.89 6.16 15.23
CA LEU F 249 9.36 5.20 16.24
C LEU F 249 8.89 3.79 15.93
N GLU F 250 7.69 3.69 15.38
CA GLU F 250 7.10 2.41 14.99
C GLU F 250 7.76 1.78 13.77
N VAL F 251 8.03 2.58 12.74
CA VAL F 251 8.69 2.09 11.54
C VAL F 251 10.10 1.61 11.89
N ARG F 252 10.77 2.29 12.81
CA ARG F 252 12.08 1.89 13.27
C ARG F 252 12.06 0.47 13.88
N ASP F 253 11.14 0.21 14.82
CA ASP F 253 11.04 -1.12 15.41
C ASP F 253 10.75 -2.17 14.34
N ALA F 254 9.85 -1.84 13.41
CA ALA F 254 9.42 -2.79 12.41
C ALA F 254 10.57 -3.10 11.48
N LEU F 255 11.24 -2.06 10.99
CA LEU F 255 12.38 -2.28 10.14
C LEU F 255 13.48 -3.18 10.78
N LYS F 256 13.71 -3.04 12.07
CA LYS F 256 14.80 -3.76 12.72
C LYS F 256 14.43 -5.20 12.93
N GLU F 257 13.14 -5.48 13.06
CA GLU F 257 12.58 -6.84 13.09
C GLU F 257 12.36 -7.42 11.66
N GLY F 258 12.64 -6.62 10.62
CA GLY F 258 12.39 -7.03 9.24
C GLY F 258 10.92 -7.24 8.87
N ASP F 259 10.02 -6.47 9.49
CA ASP F 259 8.59 -6.56 9.25
C ASP F 259 8.14 -5.51 8.26
N ILE F 260 8.52 -5.69 7.00
CA ILE F 260 8.19 -4.74 5.94
C ILE F 260 6.66 -4.59 5.73
N GLU F 261 5.86 -5.57 6.13
CA GLU F 261 4.40 -5.44 6.02
C GLU F 261 3.89 -4.36 6.93
N LYS F 262 4.31 -4.44 8.20
CA LYS F 262 4.05 -3.41 9.22
C LYS F 262 4.55 -2.05 8.75
N VAL F 263 5.81 -1.96 8.31
CA VAL F 263 6.34 -0.71 7.81
C VAL F 263 5.44 -0.16 6.71
N GLY F 264 4.93 -1.07 5.88
CA GLY F 264 4.12 -0.71 4.73
C GLY F 264 2.80 -0.08 5.12
N LYS F 265 2.08 -0.73 6.06
CA LYS F 265 0.82 -0.24 6.61
C LYS F 265 1.03 1.12 7.27
N ILE F 266 2.20 1.35 7.86
CA ILE F 266 2.41 2.59 8.57
C ILE F 266 2.61 3.76 7.58
N LEU F 267 3.41 3.56 6.54
CA LEU F 267 3.60 4.59 5.55
C LEU F 267 2.25 4.98 4.99
N THR F 268 1.39 3.99 4.74
CA THR F 268 0.11 4.28 4.11
C THR F 268 -0.78 5.08 5.09
N THR F 269 -0.79 4.71 6.36
CA THR F 269 -1.57 5.46 7.34
C THR F 269 -1.08 6.90 7.28
N ALA F 270 0.22 7.06 7.14
CA ALA F 270 0.84 8.35 7.14
C ALA F 270 0.48 9.13 5.88
N HIS F 271 0.45 8.52 4.71
CA HIS F 271 0.05 9.26 3.52
C HIS F 271 -1.33 9.90 3.68
N TRP F 272 -2.29 9.07 4.09
CA TRP F 272 -3.65 9.56 4.29
C TRP F 272 -3.72 10.63 5.38
N ASP F 273 -2.86 10.55 6.39
CA ASP F 273 -2.91 11.54 7.42
C ASP F 273 -2.41 12.88 6.85
N LEU F 274 -1.37 12.80 6.03
CA LEU F 274 -0.84 13.94 5.37
C LEU F 274 -1.90 14.59 4.47
N ALA F 275 -2.67 13.74 3.81
CA ALA F 275 -3.60 14.15 2.78
C ALA F 275 -4.83 14.75 3.43
N GLU F 276 -5.37 14.07 4.42
CA GLU F 276 -6.67 14.40 4.97
C GLU F 276 -6.61 15.37 6.11
N ASN F 277 -5.54 15.34 6.91
CA ASN F 277 -5.42 16.24 8.07
C ASN F 277 -4.45 17.42 7.94
N TYR F 278 -3.27 17.21 7.35
CA TYR F 278 -2.29 18.27 7.13
C TYR F 278 -2.42 18.95 5.78
N ARG F 279 -3.17 18.32 4.86
CA ARG F 279 -3.59 18.97 3.63
C ARG F 279 -2.46 19.33 2.65
N VAL F 280 -1.50 18.44 2.51
CA VAL F 280 -0.37 18.70 1.64
C VAL F 280 -0.19 17.72 0.48
N SER F 281 -1.22 16.96 0.17
CA SER F 281 -1.09 16.03 -0.93
C SER F 281 -1.82 16.62 -2.13
N CYS F 282 -2.02 15.84 -3.17
CA CYS F 282 -2.81 16.29 -4.29
C CYS F 282 -3.48 15.17 -5.02
N GLU F 283 -4.36 15.49 -5.95
CA GLU F 283 -5.06 14.44 -6.65
C GLU F 283 -4.08 13.45 -7.26
N GLU F 284 -2.94 13.93 -7.76
CA GLU F 284 -2.07 12.99 -8.48
C GLU F 284 -1.17 12.11 -7.58
N LEU F 285 -0.73 12.63 -6.43
CA LEU F 285 -0.03 11.80 -5.43
C LEU F 285 -0.95 10.76 -4.82
N ASP F 286 -2.23 11.11 -4.64
CA ASP F 286 -3.23 10.20 -4.03
C ASP F 286 -3.57 9.12 -5.00
N PHE F 287 -3.54 9.42 -6.28
CA PHE F 287 -3.86 8.42 -7.30
C PHE F 287 -2.75 7.42 -7.34
N PHE F 288 -1.51 7.89 -7.23
CA PHE F 288 -0.37 7.00 -7.23
C PHE F 288 -0.44 6.00 -6.07
N VAL F 289 -0.76 6.48 -4.88
CA VAL F 289 -0.81 5.63 -3.69
C VAL F 289 -1.93 4.62 -3.82
N LYS F 290 -3.10 5.07 -4.28
CA LYS F 290 -4.27 4.19 -4.55
C LYS F 290 -3.89 3.02 -5.49
N LYS F 291 -3.16 3.34 -6.56
CA LYS F 291 -2.86 2.34 -7.57
C LYS F 291 -1.79 1.35 -7.05
N ALA F 292 -0.79 1.89 -6.34
CA ALA F 292 0.25 1.06 -5.76
C ALA F 292 -0.35 0.02 -4.84
N MSE F 293 -1.34 0.40 -4.05
CA MSE F 293 -1.95 -0.56 -3.14
C MSE F 293 -2.79 -1.58 -3.92
O MSE F 293 -2.87 -2.74 -3.52
CB MSE F 293 -2.83 0.13 -2.09
CG MSE F 293 -2.12 1.07 -1.17
SE MSE F 293 -0.38 0.37 -0.53
CE MSE F 293 -1.04 -1.00 0.79
N GLU F 294 -3.40 -1.14 -5.00
CA GLU F 294 -4.22 -2.03 -5.78
C GLU F 294 -3.34 -3.09 -6.46
N LEU F 295 -2.06 -2.78 -6.64
CA LEU F 295 -1.11 -3.71 -7.27
C LEU F 295 -0.18 -4.43 -6.27
N GLY F 296 -0.44 -4.30 -4.98
CA GLY F 296 0.21 -5.15 -4.00
C GLY F 296 1.45 -4.60 -3.35
N ALA F 297 1.72 -3.31 -3.45
CA ALA F 297 2.77 -2.71 -2.66
C ALA F 297 2.48 -2.97 -1.18
N TYR F 298 3.55 -3.16 -0.41
CA TYR F 298 3.47 -3.24 1.04
C TYR F 298 2.90 -1.95 1.58
N GLY F 299 3.27 -0.83 0.95
CA GLY F 299 2.71 0.45 1.31
C GLY F 299 3.20 1.55 0.41
N ALA F 300 2.64 2.74 0.58
CA ALA F 300 3.04 3.88 -0.25
C ALA F 300 2.63 5.18 0.40
N ARG F 301 3.28 6.24 -0.05
CA ARG F 301 3.19 7.52 0.62
C ARG F 301 3.89 8.58 -0.21
N LEU F 302 3.38 9.81 -0.19
CA LEU F 302 4.14 10.89 -0.82
C LEU F 302 5.44 11.03 -0.07
N THR F 303 6.37 11.80 -0.65
CA THR F 303 7.62 12.09 0.02
C THR F 303 8.01 13.52 -0.26
N GLY F 304 8.65 14.14 0.73
CA GLY F 304 8.91 15.56 0.67
C GLY F 304 7.77 16.45 1.10
N ALA F 305 7.82 17.71 0.68
CA ALA F 305 6.93 18.72 1.22
C ALA F 305 5.46 18.47 0.88
N GLY F 306 5.19 17.96 -0.32
CA GLY F 306 3.83 17.69 -0.76
C GLY F 306 3.50 18.40 -2.04
N PHE F 307 2.24 18.34 -2.45
CA PHE F 307 1.72 19.24 -3.50
C PHE F 307 2.24 18.92 -4.90
N GLY F 308 2.69 17.69 -5.11
CA GLY F 308 3.45 17.37 -6.30
C GLY F 308 4.72 16.63 -5.93
N GLY F 309 5.68 16.67 -6.81
CA GLY F 309 6.93 15.97 -6.61
C GLY F 309 6.73 14.49 -6.73
N SER F 310 7.33 13.74 -5.80
CA SER F 310 7.39 12.31 -5.94
C SER F 310 6.76 11.59 -4.78
N ALA F 311 6.52 10.31 -4.98
CA ALA F 311 6.01 9.46 -3.92
C ALA F 311 6.82 8.18 -3.95
N ILE F 312 6.70 7.38 -2.90
CA ILE F 312 7.34 6.07 -2.85
C ILE F 312 6.32 4.96 -2.63
N ALA F 313 6.64 3.78 -3.13
CA ALA F 313 5.98 2.56 -2.66
C ALA F 313 7.08 1.57 -2.35
N LEU F 314 6.83 0.69 -1.39
CA LEU F 314 7.65 -0.49 -1.18
C LEU F 314 6.97 -1.72 -1.82
N VAL F 315 7.81 -2.59 -2.31
CA VAL F 315 7.47 -3.45 -3.40
C VAL F 315 8.56 -4.53 -3.42
N ASP F 316 8.27 -5.73 -3.83
CA ASP F 316 9.30 -6.76 -3.96
C ASP F 316 10.17 -6.42 -5.16
N LYS F 317 11.51 -6.52 -5.00
CA LYS F 317 12.49 -6.24 -6.07
C LYS F 317 12.09 -6.93 -7.39
N ASP F 318 11.82 -8.23 -7.32
CA ASP F 318 11.41 -8.98 -8.51
C ASP F 318 10.05 -8.58 -9.10
N LYS F 319 9.22 -7.83 -8.37
CA LYS F 319 7.98 -7.31 -8.91
C LYS F 319 8.00 -5.83 -9.29
N ALA F 320 9.10 -5.14 -9.00
CA ALA F 320 9.12 -3.67 -9.10
C ALA F 320 8.76 -3.14 -10.48
N LYS F 321 9.38 -3.68 -11.53
CA LYS F 321 9.09 -3.26 -12.89
C LYS F 321 7.64 -3.56 -13.34
N THR F 322 7.07 -4.67 -12.89
CA THR F 322 5.71 -4.99 -13.34
C THR F 322 4.73 -4.01 -12.73
N ILE F 323 4.96 -3.66 -11.45
CA ILE F 323 4.10 -2.73 -10.74
C ILE F 323 4.30 -1.35 -11.26
N GLY F 324 5.56 -0.90 -11.28
CA GLY F 324 5.93 0.40 -11.83
C GLY F 324 5.28 0.69 -13.18
N ASP F 325 5.50 -0.19 -14.16
CA ASP F 325 4.96 -0.05 -15.50
C ASP F 325 3.46 0.04 -15.52
N ALA F 326 2.82 -0.70 -14.62
CA ALA F 326 1.35 -0.67 -14.52
C ALA F 326 0.84 0.65 -13.96
N ILE F 327 1.47 1.13 -12.89
CA ILE F 327 1.10 2.39 -12.33
C ILE F 327 1.32 3.52 -13.34
N LEU F 328 2.45 3.52 -14.05
CA LEU F 328 2.72 4.53 -15.09
C LEU F 328 1.66 4.58 -16.21
N ARG F 329 1.29 3.43 -16.78
CA ARG F 329 0.36 3.45 -17.90
C ARG F 329 -0.93 4.04 -17.42
N GLU F 330 -1.30 3.61 -16.22
CA GLU F 330 -2.56 3.98 -15.61
C GLU F 330 -2.59 5.51 -15.31
N TYR F 331 -1.47 6.04 -14.82
CA TYR F 331 -1.30 7.46 -14.46
C TYR F 331 -1.28 8.33 -15.72
N LEU F 332 -0.49 7.90 -16.70
CA LEU F 332 -0.35 8.58 -17.99
C LEU F 332 -1.65 8.61 -18.80
N ALA F 333 -2.63 7.80 -18.43
CA ALA F 333 -3.97 7.82 -19.04
C ALA F 333 -5.00 8.71 -18.33
N LYS F 334 -4.75 9.12 -17.08
CA LYS F 334 -5.64 9.99 -16.34
C LYS F 334 -5.09 11.42 -16.36
N PHE F 335 -3.79 11.58 -16.53
CA PHE F 335 -3.11 12.87 -16.46
C PHE F 335 -2.10 13.04 -17.59
N SER F 336 -1.90 14.28 -18.05
CA SER F 336 -0.98 14.55 -19.17
C SER F 336 0.39 15.09 -18.71
N TRP F 337 0.69 14.95 -17.42
CA TRP F 337 2.00 15.31 -16.91
C TRP F 337 3.04 14.26 -17.26
N LYS F 338 4.30 14.66 -17.23
CA LYS F 338 5.41 13.81 -17.61
C LYS F 338 5.98 13.07 -16.39
N ALA F 339 5.25 12.07 -15.95
CA ALA F 339 5.64 11.19 -14.88
C ALA F 339 6.74 10.23 -15.30
N LYS F 340 7.52 9.83 -14.30
CA LYS F 340 8.61 8.90 -14.46
C LYS F 340 8.63 8.08 -13.18
N TYR F 341 9.04 6.80 -13.25
CA TYR F 341 9.38 6.05 -12.04
C TYR F 341 10.82 5.54 -12.08
N PHE F 342 11.43 5.41 -10.90
CA PHE F 342 12.79 4.90 -10.74
C PHE F 342 12.82 3.80 -9.68
N VAL F 343 13.41 2.66 -9.98
CA VAL F 343 13.61 1.64 -8.95
C VAL F 343 14.98 1.95 -8.37
N VAL F 344 14.99 2.27 -7.09
CA VAL F 344 16.10 2.96 -6.46
C VAL F 344 16.66 2.09 -5.36
N LYS F 345 17.92 2.27 -4.98
CA LYS F 345 18.51 1.47 -3.87
C LYS F 345 19.20 2.43 -2.89
N PRO F 346 19.15 2.15 -1.60
CA PRO F 346 19.76 3.06 -0.62
C PRO F 346 21.26 3.14 -0.90
N SER F 347 21.84 4.32 -0.88
CA SER F 347 23.19 4.53 -1.37
C SER F 347 24.09 5.18 -0.32
N ASP F 348 25.40 5.23 -0.57
CA ASP F 348 26.38 5.92 0.29
C ASP F 348 26.24 7.40 0.08
N GLY F 349 26.67 8.20 1.05
CA GLY F 349 26.58 9.64 0.93
C GLY F 349 27.62 10.21 -0.04
N VAL F 350 27.71 11.55 -0.15
CA VAL F 350 28.73 12.20 -0.97
C VAL F 350 30.08 11.61 -0.76
N GLY F 351 30.78 11.38 -1.86
CA GLY F 351 32.17 11.04 -1.83
C GLY F 351 32.80 10.96 -3.21
N VAL F 352 34.08 10.60 -3.19
CA VAL F 352 34.91 10.47 -4.38
C VAL F 352 34.81 9.04 -4.97
N ARG G 11 -86.91 18.31 9.11
CA ARG G 11 -85.97 17.34 9.73
C ARG G 11 -86.66 16.02 10.10
N VAL G 12 -85.83 15.06 10.53
CA VAL G 12 -86.28 13.73 10.96
C VAL G 12 -85.48 13.29 12.21
N ASN G 13 -86.07 12.41 13.02
CA ASN G 13 -85.37 11.82 14.15
C ASN G 13 -85.07 10.33 13.90
N LEU G 14 -83.79 9.99 13.79
CA LEU G 14 -83.37 8.62 13.52
C LEU G 14 -83.70 7.67 14.66
N ILE G 15 -83.25 8.02 15.86
CA ILE G 15 -83.54 7.26 17.06
C ILE G 15 -83.50 8.21 18.27
N GLY G 16 -84.24 7.87 19.32
CA GLY G 16 -84.34 8.71 20.51
C GLY G 16 -85.65 9.46 20.62
N GLU G 17 -86.77 8.75 20.59
CA GLU G 17 -88.09 9.38 20.72
C GLU G 17 -88.55 9.34 22.18
N HIS G 18 -89.44 10.25 22.52
CA HIS G 18 -89.96 10.42 23.87
C HIS G 18 -88.86 10.37 24.91
N THR G 19 -87.80 11.08 24.56
CA THR G 19 -86.65 11.18 25.41
C THR G 19 -86.31 12.64 25.79
N ASP G 20 -86.62 13.59 24.92
CA ASP G 20 -86.23 14.97 25.18
C ASP G 20 -86.90 15.59 26.40
N TYR G 21 -88.12 15.21 26.73
CA TYR G 21 -88.78 15.80 27.90
C TYR G 21 -88.37 15.21 29.24
N THR G 22 -87.62 14.11 29.26
CA THR G 22 -86.85 13.71 30.48
C THR G 22 -85.35 13.91 30.29
N TYR G 23 -84.96 14.77 29.35
CA TYR G 23 -83.56 15.17 29.22
C TYR G 23 -82.62 14.00 28.95
N GLY G 24 -82.95 13.25 27.91
CA GLY G 24 -82.17 12.10 27.48
C GLY G 24 -81.59 12.35 26.11
N TYR G 25 -81.19 11.27 25.44
CA TYR G 25 -80.47 11.35 24.20
C TYR G 25 -81.40 11.35 22.98
N VAL G 26 -80.96 12.00 21.91
CA VAL G 26 -81.80 12.27 20.75
C VAL G 26 -80.88 12.38 19.52
N MSE G 27 -81.30 11.84 18.37
CA MSE G 27 -80.40 11.74 17.21
C MSE G 27 -81.03 12.19 15.89
O MSE G 27 -81.28 11.37 15.01
CB MSE G 27 -79.89 10.29 17.10
CG MSE G 27 -78.45 10.09 17.58
SE MSE G 27 -77.47 8.60 16.74
CE MSE G 27 -78.16 8.69 14.94
N PRO G 28 -81.26 13.49 15.73
CA PRO G 28 -81.96 14.00 14.55
C PRO G 28 -81.04 14.36 13.39
N MSE G 29 -81.67 14.64 12.25
CA MSE G 29 -80.97 15.03 11.05
C MSE G 29 -81.87 15.98 10.28
O MSE G 29 -83.06 15.74 10.15
CB MSE G 29 -80.61 13.80 10.22
CG MSE G 29 -81.20 13.71 8.82
SE MSE G 29 -81.55 11.87 8.31
CE MSE G 29 -81.89 12.11 6.44
N ALA G 30 -81.31 17.07 9.76
CA ALA G 30 -82.06 17.92 8.87
C ALA G 30 -82.23 17.13 7.60
N ILE G 31 -83.42 17.20 6.99
CA ILE G 31 -83.66 16.53 5.72
C ILE G 31 -83.59 17.56 4.61
N ASP G 32 -83.57 17.13 3.35
CA ASP G 32 -83.42 18.06 2.23
C ASP G 32 -84.74 18.54 1.63
N LEU G 33 -85.72 18.79 2.49
CA LEU G 33 -87.00 19.39 2.06
C LEU G 33 -87.20 20.73 2.78
N TYR G 34 -87.13 21.84 2.03
CA TYR G 34 -87.06 23.20 2.58
C TYR G 34 -88.36 23.99 2.44
N TRP G 69 -101.77 29.28 11.67
CA TRP G 69 -101.22 29.50 10.34
C TRP G 69 -100.38 30.77 10.30
N ILE G 70 -100.99 31.88 10.69
CA ILE G 70 -100.35 33.19 10.66
C ILE G 70 -99.46 33.42 11.89
N ASP G 71 -100.01 33.11 13.06
CA ASP G 71 -99.38 33.41 14.34
C ASP G 71 -97.85 33.33 14.34
N TYR G 72 -97.29 32.15 14.05
CA TYR G 72 -95.85 31.92 14.16
C TYR G 72 -95.05 32.70 13.12
N GLY G 75 -95.08 36.06 16.85
CA GLY G 75 -94.61 34.74 17.21
C GLY G 75 -93.11 34.72 17.47
N VAL G 76 -92.32 34.53 16.41
CA VAL G 76 -90.87 34.70 16.48
C VAL G 76 -90.50 36.19 16.63
N LEU G 77 -91.47 37.08 16.42
CA LEU G 77 -91.32 38.51 16.68
C LEU G 77 -91.50 38.83 18.18
N TRP G 78 -92.54 38.26 18.79
CA TRP G 78 -92.83 38.50 20.21
C TRP G 78 -91.73 37.99 21.14
N VAL G 79 -90.98 36.99 20.70
CA VAL G 79 -89.87 36.42 21.49
C VAL G 79 -88.50 37.03 21.15
N LEU G 80 -88.25 37.31 19.86
CA LEU G 80 -87.01 37.96 19.44
C LEU G 80 -86.91 39.39 19.99
N ILE G 81 -88.06 39.99 20.34
CA ILE G 81 -88.14 41.38 20.81
C ILE G 81 -88.33 41.54 22.34
N GLN G 82 -88.85 40.51 23.00
CA GLN G 82 -88.96 40.52 24.46
C GLN G 82 -87.62 40.21 25.14
N GLU G 83 -86.62 39.77 24.36
CA GLU G 83 -85.25 39.58 24.86
C GLU G 83 -84.29 40.68 24.34
N GLY G 84 -84.84 41.77 23.85
CA GLY G 84 -84.06 42.97 23.58
C GLY G 84 -83.75 43.28 22.12
N TYR G 85 -83.92 42.32 21.23
CA TYR G 85 -83.64 42.54 19.81
C TYR G 85 -84.79 43.35 19.16
N ASP G 97 -91.66 23.22 -0.80
CA ASP G 97 -90.92 21.97 -0.88
C ASP G 97 -91.09 21.05 0.35
N LEU G 98 -91.60 21.59 1.45
CA LEU G 98 -91.83 20.79 2.67
C LEU G 98 -93.28 20.81 3.15
N PRO G 99 -93.85 19.63 3.43
CA PRO G 99 -95.18 19.56 4.06
C PRO G 99 -95.13 19.90 5.54
N SER G 105 -90.95 18.00 9.90
CA SER G 105 -91.74 18.86 10.78
C SER G 105 -91.75 20.32 10.32
N SER G 106 -92.92 20.79 9.87
CA SER G 106 -93.07 22.16 9.40
C SER G 106 -92.97 23.23 10.48
N SER G 107 -93.25 22.86 11.74
CA SER G 107 -93.22 23.82 12.84
C SER G 107 -91.96 24.68 12.81
N ALA G 108 -90.81 24.03 12.70
CA ALA G 108 -89.52 24.69 12.89
C ALA G 108 -88.78 25.08 11.61
N SER G 109 -89.41 24.90 10.45
CA SER G 109 -88.84 25.32 9.16
C SER G 109 -89.50 26.62 8.67
N GLU G 111 -90.78 28.33 11.88
CA GLU G 111 -90.28 29.17 12.96
C GLU G 111 -88.86 29.67 12.65
N VAL G 112 -87.92 28.73 12.46
CA VAL G 112 -86.49 29.06 12.32
C VAL G 112 -86.11 29.68 10.96
N GLY G 113 -87.08 29.75 10.04
CA GLY G 113 -86.88 30.43 8.77
C GLY G 113 -86.98 31.94 8.90
N ILE G 114 -88.04 32.41 9.57
CA ILE G 114 -88.30 33.84 9.72
C ILE G 114 -87.20 34.51 10.56
N LEU G 115 -86.78 33.84 11.63
CA LEU G 115 -85.63 34.24 12.45
C LEU G 115 -84.41 34.59 11.59
N GLU G 116 -83.98 33.62 10.77
CA GLU G 116 -82.80 33.78 9.92
C GLU G 116 -83.22 34.28 8.53
N ASP G 127 -74.58 33.85 17.74
CA ASP G 127 -74.44 32.50 18.28
C ASP G 127 -75.58 31.56 17.83
N PRO G 128 -75.24 30.43 17.19
CA PRO G 128 -76.26 29.50 16.68
C PRO G 128 -77.17 28.86 17.74
N LEU G 129 -76.62 28.36 18.85
CA LEU G 129 -77.40 27.63 19.86
C LEU G 129 -78.62 28.40 20.37
N LYS G 130 -78.47 29.73 20.53
CA LYS G 130 -79.59 30.60 20.93
C LYS G 130 -80.64 30.75 19.83
N LYS G 131 -80.21 30.78 18.57
CA LYS G 131 -81.14 30.83 17.44
C LYS G 131 -82.20 29.71 17.56
N ALA G 132 -81.79 28.56 18.10
CA ALA G 132 -82.69 27.43 18.30
C ALA G 132 -83.52 27.58 19.57
N LEU G 133 -82.91 28.10 20.62
CA LEU G 133 -83.61 28.33 21.88
C LEU G 133 -84.70 29.40 21.74
N LEU G 134 -84.44 30.42 20.93
CA LEU G 134 -85.38 31.51 20.70
C LEU G 134 -86.68 30.96 20.09
N ALA G 135 -86.54 30.17 19.04
CA ALA G 135 -87.70 29.54 18.39
C ALA G 135 -88.46 28.55 19.28
N LYS G 136 -87.77 27.86 20.18
CA LYS G 136 -88.41 26.88 21.07
C LYS G 136 -89.30 27.58 22.12
N LYS G 137 -88.92 28.80 22.51
CA LYS G 137 -89.77 29.64 23.37
C LYS G 137 -91.01 30.05 22.59
N ALA G 138 -90.85 30.30 21.30
CA ALA G 138 -91.95 30.73 20.45
C ALA G 138 -93.15 29.76 20.47
N GLU G 139 -92.89 28.46 20.39
CA GLU G 139 -93.99 27.48 20.27
C GLU G 139 -94.74 27.21 21.58
N ASN G 140 -94.03 27.29 22.72
CA ASN G 140 -94.54 26.76 24.00
C ASN G 140 -95.28 27.77 24.88
N GLU G 141 -95.01 29.06 24.72
CA GLU G 141 -95.61 30.09 25.57
C GLU G 141 -96.56 31.06 24.84
N PHE G 142 -96.36 31.25 23.53
CA PHE G 142 -97.22 32.14 22.71
C PHE G 142 -98.18 31.40 21.77
N VAL G 143 -97.79 30.21 21.33
CA VAL G 143 -98.59 29.43 20.39
C VAL G 143 -99.28 28.27 21.11
N CYS G 147 -94.06 20.91 24.26
CA CYS G 147 -93.12 20.07 23.52
C CYS G 147 -91.64 20.29 23.95
N GLY G 148 -90.68 19.97 23.07
CA GLY G 148 -89.25 20.00 23.39
C GLY G 148 -88.32 20.42 22.26
N ILE G 149 -87.02 20.32 22.53
CA ILE G 149 -85.96 20.95 21.71
C ILE G 149 -85.49 20.17 20.48
N LEU G 150 -85.83 18.89 20.41
CA LEU G 150 -85.46 18.02 19.27
C LEU G 150 -85.40 18.79 17.95
N ASP G 151 -86.55 19.37 17.58
CA ASP G 151 -86.81 19.86 16.21
C ASP G 151 -85.93 21.06 15.89
N GLN G 152 -86.17 22.16 16.59
CA GLN G 152 -85.48 23.42 16.33
C GLN G 152 -83.96 23.26 16.29
N PHE G 153 -83.42 22.40 17.14
CA PHE G 153 -81.98 22.16 17.22
C PHE G 153 -81.46 21.54 15.94
N ALA G 154 -82.12 20.48 15.49
CA ALA G 154 -81.75 19.80 14.24
C ALA G 154 -81.70 20.76 13.05
N VAL G 155 -82.73 21.62 12.96
CA VAL G 155 -82.85 22.62 11.89
C VAL G 155 -81.58 23.46 11.76
N VAL G 156 -81.11 23.98 12.89
CA VAL G 156 -79.99 24.93 12.89
C VAL G 156 -78.61 24.26 12.84
N PHE G 157 -78.53 22.94 13.08
CA PHE G 157 -77.23 22.27 13.20
C PHE G 157 -77.00 21.20 12.11
N GLY G 158 -77.37 21.52 10.88
CA GLY G 158 -77.14 20.67 9.71
C GLY G 158 -75.84 19.85 9.71
N ASN G 162 -74.71 13.10 7.67
CA ASN G 162 -74.51 13.44 9.07
C ASN G 162 -75.82 13.55 9.87
N VAL G 163 -75.94 12.75 10.93
CA VAL G 163 -77.01 12.89 11.95
C VAL G 163 -76.35 13.49 13.19
N ILE G 164 -77.12 13.86 14.20
CA ILE G 164 -76.57 14.57 15.37
C ILE G 164 -76.92 13.82 16.66
N PHE G 165 -75.93 13.17 17.26
CA PHE G 165 -76.12 12.68 18.63
C PHE G 165 -76.14 13.88 19.60
N LEU G 166 -77.23 14.00 20.36
CA LEU G 166 -77.48 15.17 21.23
C LEU G 166 -77.87 14.74 22.63
N ASP G 167 -77.23 15.33 23.63
CA ASP G 167 -77.64 15.15 25.01
C ASP G 167 -78.48 16.38 25.40
N THR G 168 -79.75 16.18 25.72
CA THR G 168 -80.68 17.31 25.93
C THR G 168 -80.59 17.94 27.33
N GLN G 169 -80.05 17.21 28.29
CA GLN G 169 -79.72 17.81 29.59
C GLN G 169 -78.56 18.80 29.49
N THR G 170 -77.54 18.44 28.70
CA THR G 170 -76.27 19.18 28.68
C THR G 170 -76.03 19.97 27.39
N LEU G 171 -76.74 19.58 26.34
CA LEU G 171 -76.56 20.15 25.01
C LEU G 171 -75.15 19.93 24.39
N GLN G 172 -74.39 18.94 24.87
CA GLN G 172 -73.17 18.51 24.16
C GLN G 172 -73.59 17.63 22.99
N TYR G 173 -73.22 18.02 21.78
CA TYR G 173 -73.59 17.26 20.58
C TYR G 173 -72.35 16.79 19.83
N GLU G 174 -72.57 15.95 18.84
CA GLU G 174 -71.52 15.28 18.12
C GLU G 174 -72.09 14.94 16.77
N TYR G 175 -71.31 15.23 15.72
CA TYR G 175 -71.68 14.84 14.35
C TYR G 175 -71.24 13.39 14.17
N ILE G 176 -72.10 12.59 13.55
CA ILE G 176 -71.78 11.20 13.18
C ILE G 176 -72.20 10.90 11.74
N PRO G 177 -71.28 11.00 10.78
CA PRO G 177 -71.57 10.69 9.37
C PRO G 177 -72.46 9.47 9.09
N PHE G 178 -73.28 9.57 8.04
CA PHE G 178 -74.31 8.59 7.71
C PHE G 178 -74.12 7.97 6.29
N PRO G 179 -74.43 6.68 6.12
CA PRO G 179 -74.36 6.04 4.80
C PRO G 179 -75.59 6.34 3.91
N VAL G 184 -82.53 7.15 3.71
CA VAL G 184 -83.66 7.14 4.61
C VAL G 184 -84.96 7.39 3.84
N LEU G 185 -85.86 6.40 3.88
CA LEU G 185 -87.18 6.49 3.26
C LEU G 185 -88.17 7.01 4.30
N VAL G 186 -88.74 8.19 4.05
CA VAL G 186 -89.74 8.84 4.92
C VAL G 186 -91.17 8.61 4.40
N PHE G 187 -92.00 7.97 5.23
CA PHE G 187 -93.37 7.60 4.86
C PHE G 187 -94.40 8.41 5.67
N TYR G 188 -95.12 9.31 5.00
CA TYR G 188 -96.22 10.05 5.63
C TYR G 188 -97.53 9.27 5.48
N THR G 189 -98.22 9.02 6.59
CA THR G 189 -99.42 8.17 6.61
C THR G 189 -100.72 8.89 6.27
N GLY G 190 -100.77 10.21 6.49
CA GLY G 190 -101.98 10.99 6.30
C GLY G 190 -102.95 10.86 7.45
N VAL G 191 -102.41 10.78 8.68
CA VAL G 191 -103.23 10.61 9.88
C VAL G 191 -102.92 11.69 10.93
N LYS G 192 -103.95 12.11 11.66
CA LYS G 192 -103.82 13.13 12.69
C LYS G 192 -103.75 12.52 14.09
N ALA G 196 -104.37 12.87 20.75
CA ALA G 196 -102.95 12.82 20.41
C ALA G 196 -102.15 13.90 21.16
N SER G 197 -102.45 15.17 20.88
CA SER G 197 -101.91 16.25 21.70
C SER G 197 -101.95 15.89 23.18
N SER G 198 -103.13 15.42 23.64
CA SER G 198 -103.36 15.13 25.04
C SER G 198 -102.79 13.77 25.51
N GLU G 199 -102.76 12.78 24.64
CA GLU G 199 -102.02 11.57 24.93
C GLU G 199 -100.55 11.89 25.18
N TYR G 200 -100.00 12.76 24.33
CA TYR G 200 -98.65 13.29 24.47
C TYR G 200 -98.52 13.95 25.81
N ALA G 201 -99.47 14.81 26.16
CA ALA G 201 -99.42 15.54 27.41
C ALA G 201 -99.44 14.56 28.60
N GLU G 202 -100.14 13.44 28.47
CA GLU G 202 -100.22 12.47 29.54
C GLU G 202 -98.91 11.69 29.64
N ARG G 203 -98.27 11.44 28.50
CA ARG G 203 -96.95 10.85 28.52
C ARG G 203 -95.94 11.73 29.25
N LYS G 204 -95.98 13.01 28.93
CA LYS G 204 -95.14 14.05 29.50
C LYS G 204 -95.41 14.25 30.99
N ARG G 205 -96.67 14.19 31.39
CA ARG G 205 -97.03 14.31 32.81
C ARG G 205 -96.47 13.14 33.61
N ILE G 206 -96.66 11.92 33.12
CA ILE G 206 -96.33 10.73 33.89
C ILE G 206 -94.81 10.57 34.02
N ALA G 207 -94.10 11.00 32.98
CA ALA G 207 -92.64 11.03 33.01
C ALA G 207 -92.14 12.04 34.04
N GLU G 208 -92.74 13.23 34.10
CA GLU G 208 -92.34 14.23 35.07
C GLU G 208 -92.63 13.71 36.47
N GLU G 209 -93.76 13.04 36.64
CA GLU G 209 -94.12 12.45 37.95
C GLU G 209 -93.08 11.42 38.33
N SER G 210 -92.63 10.66 37.35
CA SER G 210 -91.68 9.59 37.60
C SER G 210 -90.33 10.12 38.12
N LEU G 211 -89.79 11.14 37.45
CA LEU G 211 -88.56 11.77 37.88
C LEU G 211 -88.70 12.33 39.31
N ARG G 212 -89.87 12.84 39.63
CA ARG G 212 -90.11 13.42 40.95
C ARG G 212 -90.09 12.32 42.01
N ILE G 213 -90.68 11.17 41.70
CA ILE G 213 -90.71 10.05 42.64
C ILE G 213 -89.27 9.56 42.91
N LEU G 214 -88.47 9.47 41.84
CA LEU G 214 -87.07 9.07 41.92
C LEU G 214 -86.14 10.21 42.37
N GLY G 215 -86.67 11.41 42.55
CA GLY G 215 -85.84 12.55 42.93
C GLY G 215 -84.64 12.71 42.03
N LYS G 216 -84.85 12.55 40.73
CA LYS G 216 -83.83 12.69 39.70
C LYS G 216 -84.26 13.67 38.60
N GLU G 217 -83.27 14.39 38.04
CA GLU G 217 -83.46 15.42 37.01
C GLU G 217 -83.58 14.86 35.58
N SER G 218 -83.18 13.61 35.35
CA SER G 218 -83.10 13.09 33.98
C SER G 218 -83.18 11.58 33.86
N SER G 219 -83.70 11.12 32.73
CA SER G 219 -83.84 9.70 32.48
C SER G 219 -82.51 8.93 32.30
N LYS G 220 -81.40 9.62 32.03
CA LYS G 220 -80.07 8.98 31.92
C LYS G 220 -79.59 8.52 33.29
N GLU G 221 -79.96 9.31 34.29
CA GLU G 221 -79.64 9.02 35.71
C GLU G 221 -80.18 7.60 36.13
N VAL G 222 -81.40 7.27 35.66
CA VAL G 222 -82.19 6.15 36.14
C VAL G 222 -81.62 4.76 35.89
N THR G 223 -81.84 3.92 36.91
CA THR G 223 -81.28 2.58 37.09
C THR G 223 -82.43 1.56 37.28
N GLU G 224 -82.10 0.28 37.46
CA GLU G 224 -83.11 -0.79 37.56
C GLU G 224 -83.82 -0.84 38.93
N LYS G 225 -83.05 -0.70 40.01
CA LYS G 225 -83.65 -0.58 41.35
C LYS G 225 -84.55 0.66 41.38
N ASP G 226 -84.18 1.71 40.65
CA ASP G 226 -84.97 2.95 40.57
C ASP G 226 -86.35 2.63 40.01
N LEU G 227 -86.40 1.92 38.88
CA LEU G 227 -87.67 1.60 38.22
C LEU G 227 -88.59 0.76 39.10
N GLY G 228 -87.99 0.04 40.06
CA GLY G 228 -88.76 -0.73 41.04
C GLY G 228 -89.46 0.14 42.07
N LYS G 229 -88.98 1.37 42.24
CA LYS G 229 -89.61 2.40 43.08
C LYS G 229 -90.90 3.03 42.44
N LEU G 230 -90.95 3.06 41.12
CA LEU G 230 -92.10 3.59 40.40
C LEU G 230 -93.27 2.65 40.47
N PRO G 231 -94.49 3.16 40.62
CA PRO G 231 -95.70 2.35 40.52
C PRO G 231 -95.98 1.86 39.08
N PRO G 232 -96.92 0.92 38.89
CA PRO G 232 -97.08 0.17 37.62
C PRO G 232 -97.18 0.95 36.30
N LEU G 233 -98.06 1.93 36.17
CA LEU G 233 -98.18 2.67 34.91
C LEU G 233 -96.90 3.49 34.62
N HIS G 234 -96.35 4.06 35.69
CA HIS G 234 -95.16 4.87 35.63
C HIS G 234 -93.99 4.03 35.19
N ARG G 235 -93.96 2.80 35.68
CA ARG G 235 -92.81 1.92 35.49
C ARG G 235 -92.81 1.40 34.08
N LYS G 236 -94.01 1.08 33.59
CA LYS G 236 -94.21 0.67 32.21
C LYS G 236 -93.70 1.75 31.25
N PHE G 237 -94.11 2.99 31.47
CA PHE G 237 -93.78 4.07 30.54
C PHE G 237 -92.34 4.55 30.68
N PHE G 238 -91.80 4.52 31.89
CA PHE G 238 -90.46 5.05 32.09
C PHE G 238 -89.39 4.07 31.65
N SER G 239 -89.73 2.78 31.75
CA SER G 239 -88.88 1.68 31.29
C SER G 239 -88.68 1.71 29.78
N TYR G 240 -89.68 2.20 29.06
CA TYR G 240 -89.46 2.48 27.65
C TYR G 240 -88.32 3.49 27.55
N ILE G 241 -88.43 4.61 28.25
CA ILE G 241 -87.46 5.71 28.09
C ILE G 241 -86.01 5.32 28.42
N VAL G 242 -85.84 4.46 29.43
CA VAL G 242 -84.52 4.06 29.92
C VAL G 242 -83.91 3.16 28.85
N ARG G 243 -84.77 2.33 28.25
CA ARG G 243 -84.39 1.54 27.09
C ARG G 243 -84.06 2.39 25.88
N GLU G 244 -84.79 3.46 25.55
CA GLU G 244 -84.40 4.23 24.35
C GLU G 244 -83.08 4.95 24.50
N ASN G 245 -82.83 5.54 25.67
CA ASN G 245 -81.54 6.19 25.91
C ASN G 245 -80.38 5.20 25.67
N ALA G 246 -80.50 3.99 26.20
CA ALA G 246 -79.54 2.92 25.90
C ALA G 246 -79.40 2.61 24.39
N ARG G 247 -80.52 2.68 23.66
CA ARG G 247 -80.59 2.38 22.23
C ARG G 247 -80.03 3.48 21.33
N VAL G 248 -80.11 4.73 21.75
CA VAL G 248 -79.47 5.82 21.02
C VAL G 248 -77.95 5.61 21.07
N LEU G 249 -77.45 5.19 22.23
CA LEU G 249 -76.03 4.91 22.41
C LEU G 249 -75.59 3.69 21.63
N GLU G 250 -76.47 2.72 21.40
CA GLU G 250 -76.09 1.55 20.61
C GLU G 250 -76.11 1.91 19.12
N VAL G 251 -77.09 2.69 18.67
CA VAL G 251 -77.10 3.17 17.28
C VAL G 251 -75.86 4.01 17.03
N ARG G 252 -75.47 4.79 18.03
CA ARG G 252 -74.29 5.63 17.98
C ARG G 252 -73.02 4.78 17.83
N ASP G 253 -72.91 3.68 18.57
CA ASP G 253 -71.75 2.77 18.46
C ASP G 253 -71.76 1.94 17.18
N ALA G 254 -72.93 1.72 16.59
CA ALA G 254 -73.04 0.99 15.35
C ALA G 254 -72.60 1.89 14.20
N LEU G 255 -73.07 3.14 14.20
CA LEU G 255 -72.66 4.12 13.21
C LEU G 255 -71.18 4.48 13.38
N GLU G 257 -68.34 3.19 13.38
CA GLU G 257 -67.97 1.83 13.01
C GLU G 257 -68.44 1.45 11.60
N GLY G 258 -69.68 1.79 11.23
CA GLY G 258 -70.20 1.57 9.89
C GLY G 258 -70.97 0.27 9.74
N ASP G 259 -72.01 0.13 10.55
CA ASP G 259 -72.83 -1.08 10.61
C ASP G 259 -74.28 -0.65 10.52
N ILE G 260 -74.72 -0.27 9.31
CA ILE G 260 -76.10 0.15 9.10
C ILE G 260 -77.07 -0.99 9.36
N GLU G 261 -76.61 -2.23 9.23
CA GLU G 261 -77.42 -3.41 9.56
C GLU G 261 -77.80 -3.49 11.06
N LYS G 262 -76.86 -3.17 11.95
CA LYS G 262 -77.11 -3.14 13.40
C LYS G 262 -77.98 -1.95 13.78
N VAL G 263 -77.82 -0.85 13.06
CA VAL G 263 -78.65 0.34 13.28
C VAL G 263 -80.09 0.06 12.90
N GLY G 264 -80.29 -0.64 11.80
CA GLY G 264 -81.62 -0.93 11.34
C GLY G 264 -82.42 -1.74 12.34
N LYS G 265 -81.83 -2.83 12.85
CA LYS G 265 -82.51 -3.71 13.79
C LYS G 265 -82.72 -3.04 15.17
N ILE G 266 -81.91 -2.04 15.49
CA ILE G 266 -82.14 -1.27 16.72
C ILE G 266 -83.32 -0.32 16.53
N LEU G 267 -83.37 0.35 15.39
CA LEU G 267 -84.53 1.15 15.01
C LEU G 267 -85.78 0.31 15.05
N THR G 268 -85.74 -0.89 14.50
CA THR G 268 -86.93 -1.72 14.47
C THR G 268 -87.36 -2.10 15.88
N THR G 269 -86.40 -2.60 16.67
CA THR G 269 -86.70 -3.05 18.03
C THR G 269 -87.38 -1.91 18.78
N ALA G 270 -86.90 -0.69 18.53
CA ALA G 270 -87.39 0.52 19.16
C ALA G 270 -88.81 0.88 18.76
N HIS G 271 -89.18 0.64 17.51
CA HIS G 271 -90.55 0.93 17.06
C HIS G 271 -91.53 0.10 17.86
N TRP G 272 -91.25 -1.18 17.96
CA TRP G 272 -92.18 -2.08 18.64
C TRP G 272 -92.25 -1.78 20.12
N ASP G 273 -91.20 -1.15 20.66
CA ASP G 273 -91.28 -0.72 22.05
C ASP G 273 -92.27 0.42 22.19
N LEU G 274 -92.19 1.41 21.30
CA LEU G 274 -93.10 2.55 21.30
C LEU G 274 -94.54 2.10 21.18
N ALA G 275 -94.78 1.08 20.34
CA ALA G 275 -96.14 0.62 19.99
C ALA G 275 -96.82 -0.24 21.04
N GLU G 276 -96.05 -1.14 21.66
CA GLU G 276 -96.54 -2.13 22.63
C GLU G 276 -96.42 -1.63 24.07
N ASN G 277 -95.40 -0.82 24.34
CA ASN G 277 -95.14 -0.34 25.70
C ASN G 277 -95.51 1.10 25.93
N TYR G 278 -95.07 2.00 25.06
CA TYR G 278 -95.40 3.41 25.24
C TYR G 278 -96.80 3.74 24.72
N ARG G 279 -97.42 2.82 23.99
CA ARG G 279 -98.79 2.99 23.46
C ARG G 279 -99.01 4.23 22.59
N VAL G 280 -98.07 4.57 21.72
CA VAL G 280 -98.19 5.75 20.85
C VAL G 280 -98.17 5.45 19.36
N SER G 281 -98.14 4.18 18.98
CA SER G 281 -98.21 3.82 17.57
C SER G 281 -99.66 3.80 17.13
N CYS G 282 -99.91 3.34 15.91
CA CYS G 282 -101.26 3.04 15.44
C CYS G 282 -101.22 1.90 14.38
N GLU G 283 -102.38 1.50 13.85
CA GLU G 283 -102.44 0.43 12.85
C GLU G 283 -101.80 0.89 11.53
N GLU G 284 -101.93 2.19 11.25
CA GLU G 284 -101.40 2.76 10.01
C GLU G 284 -99.87 2.76 10.00
N LEU G 285 -99.24 3.20 11.09
CA LEU G 285 -97.77 3.21 11.20
C LEU G 285 -97.19 1.79 11.22
N ASP G 286 -97.92 0.86 11.85
CA ASP G 286 -97.49 -0.53 12.04
C ASP G 286 -97.45 -1.35 10.73
N PHE G 287 -98.21 -0.94 9.71
CA PHE G 287 -98.09 -1.54 8.38
C PHE G 287 -96.86 -1.00 7.63
N PHE G 288 -96.55 0.29 7.78
CA PHE G 288 -95.35 0.88 7.13
C PHE G 288 -94.06 0.25 7.64
N VAL G 289 -94.05 -0.23 8.88
CA VAL G 289 -92.90 -0.93 9.43
C VAL G 289 -92.87 -2.39 8.98
N LYS G 290 -94.00 -3.09 9.07
CA LYS G 290 -94.05 -4.53 8.80
C LYS G 290 -93.88 -4.89 7.32
N LYS G 291 -94.35 -4.02 6.43
CA LYS G 291 -94.18 -4.22 4.99
C LYS G 291 -92.92 -3.54 4.45
N ALA G 292 -92.20 -2.80 5.29
CA ALA G 292 -90.86 -2.32 4.94
C ALA G 292 -89.84 -3.44 5.17
N MSE G 293 -89.91 -4.06 6.34
CA MSE G 293 -89.02 -5.17 6.72
C MSE G 293 -89.12 -6.37 5.78
O MSE G 293 -88.12 -7.05 5.53
CB MSE G 293 -89.32 -5.65 8.14
CG MSE G 293 -89.06 -4.63 9.24
SE MSE G 293 -87.27 -3.83 9.23
CE MSE G 293 -86.18 -5.47 8.71
N GLU G 294 -90.32 -6.65 5.28
CA GLU G 294 -90.54 -7.73 4.30
C GLU G 294 -89.85 -7.47 2.97
N LEU G 295 -89.80 -6.20 2.56
CA LEU G 295 -89.09 -5.78 1.34
C LEU G 295 -87.63 -5.37 1.62
N GLY G 296 -86.93 -6.15 2.45
CA GLY G 296 -85.51 -5.99 2.70
C GLY G 296 -85.06 -4.61 3.18
N ALA G 297 -85.87 -3.97 4.03
CA ALA G 297 -85.50 -2.69 4.63
C ALA G 297 -84.45 -2.93 5.69
N TYR G 298 -83.41 -2.10 5.74
CA TYR G 298 -82.35 -2.29 6.74
C TYR G 298 -82.96 -2.17 8.13
N GLY G 299 -83.86 -1.20 8.28
CA GLY G 299 -84.64 -1.03 9.51
C GLY G 299 -85.75 0.00 9.35
N ALA G 300 -86.79 -0.12 10.18
CA ALA G 300 -87.94 0.78 10.11
C ALA G 300 -88.47 1.17 11.50
N ARG G 301 -89.21 2.29 11.58
CA ARG G 301 -89.65 2.87 12.86
C ARG G 301 -90.36 4.23 12.74
N LEU G 302 -91.44 4.43 13.51
CA LEU G 302 -92.16 5.70 13.51
C LEU G 302 -91.25 6.85 13.91
N THR G 303 -91.47 8.03 13.35
CA THR G 303 -90.75 9.24 13.76
C THR G 303 -91.70 10.24 14.41
N GLY G 304 -91.17 11.04 15.33
CA GLY G 304 -91.93 12.07 16.02
C GLY G 304 -92.73 11.51 17.16
N ALA G 305 -93.84 12.17 17.51
CA ALA G 305 -94.58 11.84 18.74
C ALA G 305 -95.39 10.55 18.68
N GLY G 306 -95.95 10.25 17.49
CA GLY G 306 -96.80 9.09 17.27
C GLY G 306 -98.24 9.44 16.85
N PHE G 307 -99.10 8.43 16.82
CA PHE G 307 -100.55 8.57 16.63
C PHE G 307 -100.92 9.11 15.24
N GLY G 308 -100.29 8.54 14.21
CA GLY G 308 -100.30 9.09 12.87
C GLY G 308 -98.94 9.71 12.60
N GLY G 309 -98.85 10.60 11.62
CA GLY G 309 -97.59 11.27 11.31
C GLY G 309 -96.76 10.53 10.28
N SER G 310 -95.43 10.50 10.45
CA SER G 310 -94.55 9.80 9.52
C SER G 310 -93.63 8.79 10.22
N ALA G 311 -93.29 7.71 9.50
CA ALA G 311 -92.28 6.75 9.93
C ALA G 311 -91.04 6.92 9.06
N ILE G 312 -90.06 6.01 9.17
CA ILE G 312 -88.90 6.05 8.28
C ILE G 312 -88.41 4.66 7.86
N ASP G 316 -81.00 1.27 1.26
CA ASP G 316 -80.15 1.15 0.06
C ASP G 316 -80.56 2.16 -1.03
N LYS G 317 -79.71 3.17 -1.26
CA LYS G 317 -80.01 4.20 -2.25
C LYS G 317 -80.23 3.58 -3.63
N ASP G 318 -79.27 2.77 -4.07
CA ASP G 318 -79.37 2.06 -5.34
C ASP G 318 -80.12 0.75 -5.15
N ALA G 320 -84.18 2.42 -4.37
CA ALA G 320 -85.03 2.84 -3.26
C ALA G 320 -86.45 3.15 -3.70
N LYS G 321 -86.60 3.63 -4.94
CA LYS G 321 -87.92 3.96 -5.49
C LYS G 321 -88.81 2.74 -5.76
N THR G 322 -88.18 1.57 -5.93
CA THR G 322 -88.90 0.30 -5.94
C THR G 322 -89.38 -0.04 -4.52
N ILE G 323 -88.53 0.18 -3.52
CA ILE G 323 -88.83 -0.18 -2.12
C ILE G 323 -89.92 0.69 -1.49
N GLY G 324 -90.11 1.90 -2.05
CA GLY G 324 -91.09 2.86 -1.56
C GLY G 324 -92.37 2.98 -2.38
N ASP G 325 -92.34 2.53 -3.64
CA ASP G 325 -93.51 2.56 -4.51
C ASP G 325 -94.41 1.34 -4.28
N ALA G 326 -93.83 0.26 -3.72
CA ALA G 326 -94.58 -0.94 -3.34
C ALA G 326 -95.09 -0.85 -1.88
N ILE G 327 -94.46 -0.04 -1.04
CA ILE G 327 -95.05 0.30 0.26
C ILE G 327 -96.22 1.29 0.07
N LEU G 328 -96.18 2.08 -1.01
CA LEU G 328 -97.21 3.09 -1.28
C LEU G 328 -98.45 2.52 -1.98
N ARG G 329 -98.25 1.50 -2.82
CA ARG G 329 -99.33 0.85 -3.57
C ARG G 329 -100.08 -0.19 -2.72
N GLU G 330 -99.34 -0.89 -1.85
CA GLU G 330 -99.93 -1.87 -0.93
C GLU G 330 -100.67 -1.16 0.20
N TYR G 331 -100.15 -0.02 0.67
CA TYR G 331 -100.81 0.74 1.75
C TYR G 331 -102.02 1.53 1.24
N LEU G 332 -101.91 2.13 0.06
CA LEU G 332 -103.03 2.89 -0.51
C LEU G 332 -104.25 1.99 -0.82
N ALA G 333 -104.10 0.69 -0.64
CA ALA G 333 -105.18 -0.29 -0.80
C ALA G 333 -105.73 -0.82 0.52
N LYS G 334 -104.89 -0.90 1.55
CA LYS G 334 -105.33 -1.26 2.91
C LYS G 334 -106.04 -0.09 3.59
N PHE G 335 -105.68 1.13 3.19
CA PHE G 335 -106.22 2.35 3.80
C PHE G 335 -106.58 3.37 2.71
N SER G 336 -107.32 4.41 3.11
CA SER G 336 -107.77 5.45 2.18
C SER G 336 -107.50 6.88 2.68
N TRP G 337 -106.42 7.06 3.43
CA TRP G 337 -105.92 8.40 3.77
C TRP G 337 -105.24 9.02 2.53
N LYS G 338 -104.17 9.81 2.69
CA LYS G 338 -103.46 10.34 1.53
C LYS G 338 -101.94 10.38 1.74
N ALA G 339 -101.30 9.24 1.50
CA ALA G 339 -99.90 9.01 1.90
C ALA G 339 -98.84 9.41 0.87
N LYS G 340 -97.61 9.64 1.34
CA LYS G 340 -96.47 9.99 0.48
C LYS G 340 -95.15 9.45 1.05
N PHE G 342 -91.20 9.87 0.37
CA PHE G 342 -90.04 10.72 0.12
C PHE G 342 -88.72 9.98 0.33
N VAL G 343 -87.87 9.92 -0.69
CA VAL G 343 -86.50 9.47 -0.49
C VAL G 343 -85.68 10.72 -0.20
N VAL G 344 -84.99 10.71 0.95
CA VAL G 344 -84.43 11.94 1.51
C VAL G 344 -83.07 11.71 2.20
N LYS G 345 -82.17 12.68 2.01
CA LYS G 345 -80.77 12.63 2.49
C LYS G 345 -80.48 13.74 3.52
N PRO G 346 -79.43 13.55 4.33
CA PRO G 346 -79.08 14.52 5.39
C PRO G 346 -78.28 15.77 4.95
N SER G 347 -78.88 16.95 5.13
CA SER G 347 -78.20 18.23 4.93
C SER G 347 -77.74 18.81 6.27
N SER H 2 -42.37 67.63 0.60
CA SER H 2 -42.17 66.43 -0.26
C SER H 2 -41.11 65.51 0.36
N LYS H 3 -41.59 64.35 0.82
CA LYS H 3 -40.89 63.49 1.79
C LYS H 3 -40.17 62.29 1.10
N ILE H 4 -38.85 62.14 1.29
CA ILE H 4 -38.12 60.99 0.69
C ILE H 4 -37.54 60.02 1.73
N THR H 5 -37.44 58.77 1.31
CA THR H 5 -37.07 57.66 2.19
C THR H 5 -35.84 56.99 1.60
N VAL H 6 -34.72 57.06 2.32
CA VAL H 6 -33.49 56.38 1.96
C VAL H 6 -33.28 55.23 2.92
N LYS H 7 -32.95 54.05 2.36
CA LYS H 7 -32.45 52.92 3.14
C LYS H 7 -30.95 52.77 2.92
N SER H 8 -30.22 52.60 4.01
CA SER H 8 -28.77 52.60 4.01
C SER H 8 -28.35 51.39 4.79
N PRO H 9 -27.82 50.40 4.08
CA PRO H 9 -27.50 49.12 4.68
C PRO H 9 -26.26 49.24 5.55
N GLY H 10 -26.11 48.30 6.46
CA GLY H 10 -24.87 48.09 7.17
C GLY H 10 -24.01 47.18 6.32
N ARG H 11 -23.00 46.59 6.94
CA ARG H 11 -22.02 45.85 6.18
C ARG H 11 -21.26 44.88 7.01
N VAL H 12 -20.68 43.93 6.31
CA VAL H 12 -19.85 42.90 6.86
C VAL H 12 -18.69 42.82 5.92
N ASN H 13 -17.55 42.39 6.43
CA ASN H 13 -16.37 42.11 5.61
C ASN H 13 -16.16 40.60 5.52
N LEU H 14 -16.00 40.08 4.32
CA LEU H 14 -15.80 38.65 4.13
C LEU H 14 -14.36 38.23 4.49
N ILE H 15 -13.40 39.01 4.01
CA ILE H 15 -11.95 38.77 4.18
C ILE H 15 -11.26 40.10 3.82
N GLY H 16 -10.00 40.25 4.22
CA GLY H 16 -9.30 41.52 4.10
C GLY H 16 -9.52 42.43 5.30
N GLU H 17 -9.21 41.94 6.51
CA GLU H 17 -9.32 42.71 7.78
C GLU H 17 -8.02 43.41 8.16
N HIS H 18 -8.11 44.63 8.67
CA HIS H 18 -6.94 45.43 9.09
C HIS H 18 -5.94 45.49 7.97
N THR H 19 -6.47 46.00 6.87
CA THR H 19 -5.83 46.06 5.58
C THR H 19 -6.05 47.44 4.88
N ASP H 20 -7.15 48.13 5.19
CA ASP H 20 -7.52 49.29 4.46
C ASP H 20 -6.67 50.48 4.82
N TYR H 21 -6.27 50.60 6.08
CA TYR H 21 -5.39 51.68 6.46
C TYR H 21 -3.90 51.50 6.06
N THR H 22 -3.58 50.45 5.33
CA THR H 22 -2.31 50.38 4.57
C THR H 22 -2.62 50.14 3.10
N TYR H 23 -3.81 50.46 2.67
CA TYR H 23 -4.06 50.53 1.24
C TYR H 23 -3.84 49.16 0.60
N GLY H 24 -4.48 48.17 1.23
CA GLY H 24 -4.48 46.78 0.79
C GLY H 24 -5.82 46.38 0.24
N TYR H 25 -6.04 45.08 0.16
CA TYR H 25 -7.25 44.55 -0.41
C TYR H 25 -8.32 44.20 0.61
N VAL H 26 -9.54 44.39 0.16
CA VAL H 26 -10.71 44.36 1.01
C VAL H 26 -11.88 43.70 0.22
N MSE H 27 -12.74 42.98 0.92
CA MSE H 27 -13.88 42.31 0.28
C MSE H 27 -15.16 42.38 1.13
O MSE H 27 -15.60 41.35 1.70
CB MSE H 27 -13.54 40.84 -0.01
CG MSE H 27 -13.21 40.63 -1.46
SE MSE H 27 -13.27 38.70 -1.95
CE MSE H 27 -15.08 38.54 -1.71
N PRO H 28 -15.74 43.56 1.19
CA PRO H 28 -16.99 43.77 1.93
C PRO H 28 -18.25 43.38 1.16
N MSE H 29 -19.32 43.16 1.93
CA MSE H 29 -20.69 43.14 1.39
C MSE H 29 -21.59 44.05 2.19
O MSE H 29 -21.44 44.18 3.38
CB MSE H 29 -21.25 41.72 1.40
CG MSE H 29 -21.67 41.17 2.73
SE MSE H 29 -22.22 39.30 2.43
CE MSE H 29 -23.83 39.19 3.40
N ALA H 30 -22.52 44.69 1.50
CA ALA H 30 -23.64 45.35 2.16
C ALA H 30 -24.62 44.28 2.66
N ILE H 31 -25.25 44.50 3.81
CA ILE H 31 -26.22 43.53 4.33
C ILE H 31 -27.64 44.09 4.37
N ASP H 32 -28.59 43.18 4.43
CA ASP H 32 -30.02 43.55 4.48
C ASP H 32 -30.55 43.74 5.91
N LEU H 33 -29.82 44.53 6.70
CA LEU H 33 -30.34 45.22 7.86
C LEU H 33 -29.98 46.69 7.68
N TYR H 34 -30.93 47.59 7.91
CA TYR H 34 -30.83 48.98 7.48
C TYR H 34 -31.04 50.07 8.55
N THR H 35 -30.53 51.24 8.17
CA THR H 35 -30.92 52.52 8.70
C THR H 35 -31.85 53.15 7.67
N ILE H 36 -33.03 53.61 8.10
CA ILE H 36 -33.99 54.27 7.23
C ILE H 36 -34.18 55.69 7.72
N ILE H 37 -34.00 56.65 6.83
CA ILE H 37 -34.24 58.07 7.12
C ILE H 37 -35.31 58.59 6.21
N THR H 38 -36.36 59.17 6.79
CA THR H 38 -37.39 59.84 6.01
C THR H 38 -37.36 61.32 6.37
N ALA H 39 -37.24 62.18 5.36
CA ALA H 39 -37.02 63.61 5.61
C ALA H 39 -37.39 64.50 4.44
N GLU H 40 -37.80 65.73 4.74
CA GLU H 40 -37.99 66.79 3.74
C GLU H 40 -37.05 67.95 4.06
N LYS H 41 -36.96 68.94 3.16
CA LYS H 41 -36.06 70.11 3.34
C LYS H 41 -36.57 70.93 4.52
N TYR H 42 -35.68 71.59 5.28
CA TYR H 42 -36.10 72.53 6.34
C TYR H 42 -35.27 73.84 6.36
N LYS H 44 -32.96 74.68 9.21
CA LYS H 44 -32.50 73.97 10.41
C LYS H 44 -32.52 72.42 10.26
N VAL H 45 -32.03 71.70 11.28
CA VAL H 45 -31.98 70.23 11.28
C VAL H 45 -32.76 69.70 12.49
N GLN H 46 -33.72 68.81 12.22
CA GLN H 46 -34.67 68.30 13.21
C GLN H 46 -34.88 66.81 12.91
N LEU H 47 -34.23 65.95 13.69
CA LEU H 47 -34.36 64.51 13.52
C LEU H 47 -34.72 63.81 14.84
N TYR H 48 -35.76 62.99 14.77
CA TYR H 48 -36.10 62.04 15.82
C TYR H 48 -35.43 60.71 15.51
N SER H 49 -34.72 60.17 16.49
CA SER H 49 -34.10 58.87 16.37
C SER H 49 -34.93 57.91 17.17
N GLU H 50 -35.53 56.92 16.51
CA GLU H 50 -36.37 55.94 17.20
C GLU H 50 -35.59 55.16 18.21
N HIS H 51 -34.31 54.92 17.91
CA HIS H 51 -33.45 54.14 18.80
C HIS H 51 -33.24 54.79 20.17
N PHE H 52 -32.79 56.04 20.19
CA PHE H 52 -32.59 56.78 21.44
C PHE H 52 -33.87 57.41 21.96
N ASN H 53 -34.89 57.44 21.10
CA ASN H 53 -36.20 58.03 21.43
C ASN H 53 -36.09 59.53 21.73
N GLU H 54 -35.31 60.26 20.94
CA GLU H 54 -35.10 61.71 21.17
C GLU H 54 -35.09 62.53 19.88
N GLU H 55 -35.80 63.66 19.90
CA GLU H 55 -35.60 64.72 18.91
C GLU H 55 -34.35 65.53 19.32
N LYS H 56 -33.42 65.73 18.38
CA LYS H 56 -32.33 66.70 18.53
C LYS H 56 -32.32 67.66 17.34
N THR H 57 -32.27 68.97 17.58
CA THR H 57 -32.19 69.97 16.49
C THR H 57 -30.83 70.69 16.43
N PHE H 58 -30.61 71.43 15.35
CA PHE H 58 -29.47 72.35 15.24
C PHE H 58 -29.54 73.18 13.96
N THR H 59 -29.22 74.46 14.05
CA THR H 59 -29.13 75.32 12.88
C THR H 59 -27.77 75.13 12.23
N LEU H 60 -27.68 75.39 10.93
CA LEU H 60 -26.48 75.09 10.13
C LEU H 60 -25.28 76.00 10.44
N ASP H 61 -25.46 76.98 11.29
CA ASP H 61 -24.35 77.83 11.74
C ASP H 61 -23.94 77.46 13.17
N ASN H 62 -24.51 76.38 13.69
CA ASN H 62 -24.19 75.83 15.00
C ASN H 62 -23.76 74.37 14.85
N LEU H 63 -22.59 74.16 14.24
CA LEU H 63 -22.00 72.82 14.11
C LEU H 63 -21.02 72.56 15.27
N LYS H 65 -20.23 70.64 17.77
CA LYS H 65 -20.05 69.24 18.24
C LYS H 65 -20.41 69.04 19.73
N GLU H 66 -21.41 68.20 20.00
CA GLU H 66 -22.10 68.15 21.30
C GLU H 66 -21.93 66.81 22.04
N GLY H 67 -21.33 65.82 21.40
CA GLY H 67 -21.03 64.53 22.04
C GLY H 67 -22.24 63.62 22.22
N SER H 68 -22.99 63.46 21.14
CA SER H 68 -24.13 62.56 21.14
C SER H 68 -24.40 62.24 19.68
N TRP H 69 -25.44 61.48 19.39
CA TRP H 69 -25.56 60.87 18.06
C TRP H 69 -25.71 61.89 16.94
N ILE H 70 -26.17 63.08 17.29
CA ILE H 70 -26.37 64.12 16.31
C ILE H 70 -25.05 64.52 15.66
N ASP H 71 -23.93 64.34 16.36
CA ASP H 71 -22.62 64.64 15.79
C ASP H 71 -22.40 63.98 14.43
N TYR H 72 -22.92 62.76 14.29
CA TYR H 72 -22.91 62.07 13.00
C TYR H 72 -23.64 62.90 11.94
N VAL H 73 -24.82 63.39 12.26
CA VAL H 73 -25.54 64.27 11.34
C VAL H 73 -24.78 65.61 11.14
N LYS H 74 -24.24 66.20 12.21
CA LYS H 74 -23.54 67.46 12.07
C LYS H 74 -22.39 67.31 11.08
N GLY H 75 -21.58 66.26 11.26
CA GLY H 75 -20.38 66.04 10.48
C GLY H 75 -20.62 65.85 8.98
N VAL H 76 -21.77 65.33 8.59
CA VAL H 76 -22.08 65.22 7.17
C VAL H 76 -22.41 66.57 6.60
N LEU H 77 -23.22 67.36 7.29
CA LEU H 77 -23.53 68.69 6.78
C LEU H 77 -22.25 69.54 6.74
N TRP H 78 -21.45 69.43 7.79
CA TRP H 78 -20.21 70.16 7.89
C TRP H 78 -19.33 69.88 6.69
N VAL H 79 -19.21 68.60 6.35
CA VAL H 79 -18.29 68.19 5.30
C VAL H 79 -18.75 68.67 3.94
N LEU H 80 -20.06 68.61 3.69
CA LEU H 80 -20.62 69.04 2.40
C LEU H 80 -20.40 70.53 2.18
N ILE H 81 -20.61 71.31 3.23
CA ILE H 81 -20.40 72.76 3.22
C ILE H 81 -18.95 73.17 2.99
N GLN H 82 -18.01 72.46 3.61
CA GLN H 82 -16.58 72.67 3.35
C GLN H 82 -16.24 72.45 1.88
N GLU H 83 -16.75 71.37 1.31
CA GLU H 83 -16.52 71.07 -0.09
C GLU H 83 -17.12 72.05 -1.10
N GLY H 84 -17.98 72.98 -0.68
CA GLY H 84 -18.56 73.95 -1.60
C GLY H 84 -19.96 73.60 -2.10
N TYR H 85 -20.59 72.60 -1.49
CA TYR H 85 -21.93 72.16 -1.88
C TYR H 85 -22.95 73.13 -1.30
N LYS H 86 -23.97 73.48 -2.11
CA LYS H 86 -25.07 74.34 -1.67
C LYS H 86 -26.18 73.46 -1.08
N ILE H 87 -26.25 73.39 0.24
CA ILE H 87 -27.28 72.58 0.88
C ILE H 87 -28.12 73.40 1.85
N GLY H 88 -29.10 72.73 2.44
CA GLY H 88 -29.91 73.26 3.50
C GLY H 88 -30.11 72.22 4.60
N GLY H 89 -31.16 72.42 5.41
CA GLY H 89 -31.44 71.54 6.54
C GLY H 89 -32.26 70.32 6.16
N LEU H 90 -32.70 69.58 7.17
CA LEU H 90 -33.75 68.60 6.96
C LEU H 90 -34.55 68.23 8.21
N LYS H 91 -35.80 67.80 8.02
CA LYS H 91 -36.71 67.37 9.09
C LYS H 91 -37.17 65.93 8.84
N GLY H 92 -37.14 65.08 9.87
CA GLY H 92 -37.49 63.68 9.71
C GLY H 92 -37.30 62.73 10.88
N LYS H 93 -37.28 61.45 10.56
CA LYS H 93 -37.24 60.34 11.51
C LYS H 93 -36.22 59.28 11.05
N ILE H 94 -35.53 58.62 11.99
CA ILE H 94 -34.53 57.59 11.70
C ILE H 94 -34.99 56.29 12.35
N THR H 95 -35.21 55.23 11.57
CA THR H 95 -35.66 53.96 12.15
C THR H 95 -34.76 52.86 11.62
N GLY H 96 -35.08 51.61 11.94
CA GLY H 96 -34.43 50.49 11.28
C GLY H 96 -34.05 49.24 12.06
N ASP H 97 -33.67 48.25 11.27
CA ASP H 97 -33.23 46.94 11.68
C ASP H 97 -31.89 46.92 12.43
N LEU H 98 -30.97 47.72 11.91
CA LEU H 98 -29.54 47.57 12.12
C LEU H 98 -29.11 47.83 13.57
N PRO H 99 -28.55 46.80 14.22
CA PRO H 99 -27.93 46.97 15.54
C PRO H 99 -26.93 48.10 15.51
N LEU H 100 -26.79 48.84 16.61
CA LEU H 100 -25.81 49.89 16.77
C LEU H 100 -24.71 49.38 17.68
N GLY H 101 -23.47 49.81 17.39
CA GLY H 101 -22.31 49.39 18.15
C GLY H 101 -22.07 47.88 18.21
N ALA H 102 -22.44 47.16 17.16
CA ALA H 102 -22.28 45.70 17.12
C ALA H 102 -21.28 45.23 16.06
N GLY H 103 -20.60 46.17 15.40
CA GLY H 103 -19.60 45.85 14.40
C GLY H 103 -20.12 45.78 13.00
N LEU H 104 -21.38 46.14 12.75
CA LEU H 104 -21.97 46.02 11.43
C LEU H 104 -22.09 47.38 10.77
N SER H 105 -21.39 48.36 11.32
CA SER H 105 -21.30 49.72 10.80
C SER H 105 -22.55 50.57 10.73
N SER H 106 -23.28 50.70 11.82
CA SER H 106 -24.37 51.68 11.88
C SER H 106 -23.85 53.11 11.66
N SER H 107 -22.59 53.35 12.00
CA SER H 107 -21.92 54.63 11.75
C SER H 107 -21.90 55.02 10.27
N ALA H 108 -21.44 54.12 9.41
CA ALA H 108 -21.34 54.49 8.02
C ALA H 108 -22.72 54.41 7.46
N SER H 109 -23.48 53.41 7.86
CA SER H 109 -24.85 53.30 7.42
C SER H 109 -25.56 54.63 7.61
N PHE H 110 -25.42 55.21 8.79
CA PHE H 110 -26.14 56.44 9.19
C PHE H 110 -25.57 57.65 8.45
N GLU H 111 -24.25 57.76 8.45
CA GLU H 111 -23.53 58.86 7.80
C GLU H 111 -23.83 58.95 6.33
N VAL H 112 -23.85 57.82 5.61
CA VAL H 112 -24.16 57.91 4.18
C VAL H 112 -25.66 58.00 3.95
N GLY H 113 -26.45 57.35 4.77
CA GLY H 113 -27.90 57.58 4.72
C GLY H 113 -28.19 59.07 4.69
N ILE H 114 -27.60 59.81 5.62
CA ILE H 114 -27.80 61.25 5.74
C ILE H 114 -27.26 61.98 4.52
N LEU H 115 -26.08 61.57 4.06
CA LEU H 115 -25.47 62.22 2.88
C LEU H 115 -26.35 62.04 1.63
N GLU H 116 -26.93 60.86 1.48
CA GLU H 116 -27.71 60.50 0.33
C GLU H 116 -29.03 61.23 0.33
N VAL H 117 -29.55 61.49 1.53
CA VAL H 117 -30.77 62.28 1.67
C VAL H 117 -30.51 63.68 1.15
N LEU H 118 -29.48 64.33 1.69
CA LEU H 118 -29.11 65.69 1.30
C LEU H 118 -28.80 65.77 -0.19
N ASN H 119 -28.15 64.72 -0.68
CA ASN H 119 -27.69 64.67 -2.05
C ASN H 119 -28.91 64.59 -2.97
N GLN H 120 -29.94 63.90 -2.52
CA GLN H 120 -31.18 63.82 -3.28
C GLN H 120 -32.04 65.10 -3.19
N LEU H 121 -32.26 65.61 -1.97
CA LEU H 121 -33.11 66.79 -1.76
C LEU H 121 -32.52 67.99 -2.43
N TYR H 122 -31.23 68.23 -2.23
CA TYR H 122 -30.60 69.45 -2.72
C TYR H 122 -29.90 69.29 -4.07
N ASN H 123 -30.12 68.13 -4.69
CA ASN H 123 -29.78 67.89 -6.11
C ASN H 123 -28.29 68.04 -6.42
N LEU H 124 -27.52 67.30 -5.63
CA LEU H 124 -26.07 67.33 -5.66
C LEU H 124 -25.48 66.39 -6.76
N ASN H 125 -26.17 65.31 -7.12
CA ASN H 125 -25.64 64.35 -8.09
C ASN H 125 -24.15 64.03 -7.82
N ILE H 126 -23.83 63.61 -6.60
CA ILE H 126 -22.43 63.41 -6.24
C ILE H 126 -21.99 62.02 -6.66
N ASP H 127 -20.81 61.96 -7.25
CA ASP H 127 -20.12 60.71 -7.61
C ASP H 127 -20.20 59.69 -6.44
N PRO H 128 -20.64 58.44 -6.66
CA PRO H 128 -20.82 57.49 -5.55
C PRO H 128 -19.56 57.31 -4.68
N LEU H 129 -18.42 57.18 -5.33
CA LEU H 129 -17.19 57.01 -4.59
C LEU H 129 -16.81 58.31 -3.92
N LYS H 130 -17.23 59.44 -4.47
CA LYS H 130 -17.11 60.69 -3.71
C LYS H 130 -18.04 60.71 -2.47
N LYS H 131 -19.26 60.18 -2.56
CA LYS H 131 -20.08 59.98 -1.36
C LYS H 131 -19.30 59.24 -0.28
N ALA H 132 -18.74 58.09 -0.62
CA ALA H 132 -17.98 57.29 0.33
C ALA H 132 -16.89 58.10 1.04
N LEU H 133 -16.13 58.87 0.27
CA LEU H 133 -14.95 59.55 0.79
C LEU H 133 -15.32 60.76 1.65
N LEU H 134 -16.37 61.47 1.26
CA LEU H 134 -16.95 62.56 2.07
C LEU H 134 -17.41 62.04 3.40
N ALA H 135 -18.10 60.90 3.38
CA ALA H 135 -18.59 60.27 4.59
C ALA H 135 -17.46 59.85 5.53
N LYS H 136 -16.43 59.22 4.98
CA LYS H 136 -15.20 58.97 5.72
C LYS H 136 -14.60 60.24 6.35
N LYS H 137 -14.54 61.34 5.60
CA LYS H 137 -13.94 62.57 6.09
C LYS H 137 -14.71 63.06 7.29
N ALA H 138 -16.04 62.98 7.18
CA ALA H 138 -16.92 63.44 8.24
C ALA H 138 -16.62 62.64 9.50
N GLU H 139 -16.55 61.31 9.36
CA GLU H 139 -16.21 60.49 10.51
C GLU H 139 -14.80 60.76 11.08
N ASN H 140 -13.80 60.87 10.20
CA ASN H 140 -12.40 61.06 10.62
C ASN H 140 -12.13 62.43 11.22
N GLU H 141 -12.62 63.45 10.54
CA GLU H 141 -12.38 64.83 10.95
C GLU H 141 -13.42 65.44 11.91
N PHE H 142 -14.71 65.12 11.73
CA PHE H 142 -15.72 65.71 12.61
C PHE H 142 -15.99 64.92 13.89
N VAL H 143 -16.62 63.75 13.78
CA VAL H 143 -16.56 62.80 14.87
C VAL H 143 -15.08 62.52 14.85
N GLY H 144 -14.39 62.31 15.95
CA GLY H 144 -12.96 62.03 15.74
C GLY H 144 -12.58 60.57 15.72
N VAL H 145 -13.11 59.82 14.77
CA VAL H 145 -12.91 58.36 14.73
C VAL H 145 -12.13 57.87 13.50
N PRO H 146 -10.94 57.33 13.69
CA PRO H 146 -10.08 56.93 12.56
C PRO H 146 -10.60 55.66 11.89
N CYS H 147 -10.21 55.39 10.66
CA CYS H 147 -10.83 54.30 9.94
C CYS H 147 -10.50 54.36 8.49
N GLY H 148 -10.31 53.21 7.87
CA GLY H 148 -10.15 53.16 6.43
C GLY H 148 -11.44 53.47 5.67
N ILE H 149 -11.49 53.00 4.44
CA ILE H 149 -12.60 53.24 3.55
C ILE H 149 -13.56 52.04 3.51
N LEU H 150 -13.15 50.92 4.09
CA LEU H 150 -13.95 49.72 4.09
C LEU H 150 -15.44 50.02 4.27
N ASP H 151 -15.80 50.60 5.41
CA ASP H 151 -17.20 50.68 5.78
C ASP H 151 -18.05 51.49 4.80
N GLN H 152 -17.60 52.71 4.50
CA GLN H 152 -18.32 53.64 3.64
C GLN H 152 -18.42 53.09 2.22
N PHE H 153 -17.33 52.50 1.73
CA PHE H 153 -17.34 51.90 0.43
C PHE H 153 -18.40 50.80 0.34
N ALA H 154 -18.46 49.96 1.37
CA ALA H 154 -19.41 48.85 1.44
C ALA H 154 -20.84 49.37 1.39
N VAL H 155 -21.05 50.43 2.13
CA VAL H 155 -22.40 50.94 2.28
C VAL H 155 -22.84 51.54 0.98
N VAL H 156 -21.97 52.24 0.26
CA VAL H 156 -22.38 52.90 -0.97
C VAL H 156 -22.45 51.90 -2.11
N PHE H 157 -21.48 50.99 -2.19
CA PHE H 157 -21.23 50.23 -3.42
C PHE H 157 -21.82 48.83 -3.43
N GLY H 158 -22.37 48.36 -2.32
CA GLY H 158 -22.98 47.04 -2.29
C GLY H 158 -23.91 46.74 -3.46
N LYS H 159 -23.92 45.50 -3.91
CA LYS H 159 -24.80 45.08 -5.00
C LYS H 159 -25.44 43.76 -4.58
N LYS H 160 -26.64 43.46 -5.09
CA LYS H 160 -27.58 42.55 -4.43
C LYS H 160 -27.00 41.20 -4.06
N ASP H 161 -26.72 40.30 -4.98
CA ASP H 161 -26.25 38.98 -4.53
C ASP H 161 -24.73 38.90 -4.65
N ASN H 162 -24.03 39.94 -4.18
CA ASN H 162 -22.60 40.10 -4.52
C ASN H 162 -21.71 40.59 -3.36
N VAL H 163 -20.46 40.17 -3.38
CA VAL H 163 -19.42 40.80 -2.55
C VAL H 163 -18.64 41.76 -3.44
N ILE H 164 -17.95 42.71 -2.84
CA ILE H 164 -17.18 43.66 -3.63
C ILE H 164 -15.73 43.42 -3.35
N PHE H 165 -14.92 43.03 -4.33
CA PHE H 165 -13.47 43.09 -4.14
C PHE H 165 -13.00 44.50 -4.48
N LEU H 166 -12.17 45.07 -3.58
CA LEU H 166 -11.64 46.44 -3.69
C LEU H 166 -10.16 46.49 -3.34
N ASP H 167 -9.36 46.96 -4.28
CA ASP H 167 -7.99 47.44 -4.05
C ASP H 167 -8.09 48.87 -3.50
N THR H 168 -7.90 49.01 -2.19
CA THR H 168 -8.01 50.35 -1.59
C THR H 168 -6.92 51.36 -1.96
N GLN H 169 -5.85 50.95 -2.64
CA GLN H 169 -4.78 51.86 -3.11
C GLN H 169 -5.08 52.43 -4.50
N THR H 170 -5.66 51.64 -5.41
CA THR H 170 -6.01 52.11 -6.76
C THR H 170 -7.49 52.49 -6.90
N LEU H 171 -8.27 52.12 -5.90
CA LEU H 171 -9.72 52.22 -5.94
C LEU H 171 -10.40 51.50 -7.13
N GLN H 172 -9.76 50.47 -7.67
CA GLN H 172 -10.39 49.58 -8.61
C GLN H 172 -11.19 48.53 -7.83
N TYR H 173 -12.41 48.24 -8.25
CA TYR H 173 -13.21 47.20 -7.62
C TYR H 173 -13.96 46.31 -8.63
N GLU H 174 -14.54 45.23 -8.13
CA GLU H 174 -15.15 44.22 -8.99
C GLU H 174 -16.22 43.48 -8.21
N TYR H 175 -17.38 43.33 -8.79
CA TYR H 175 -18.43 42.58 -8.13
C TYR H 175 -18.18 41.12 -8.40
N ILE H 176 -18.53 40.30 -7.42
CA ILE H 176 -18.25 38.86 -7.44
C ILE H 176 -19.48 38.19 -6.94
N PRO H 177 -20.19 37.52 -7.80
CA PRO H 177 -21.37 36.77 -7.34
C PRO H 177 -21.09 35.83 -6.13
N PHE H 178 -21.94 35.98 -5.11
CA PHE H 178 -21.95 35.12 -3.93
C PHE H 178 -23.09 34.14 -4.04
N PRO H 179 -22.82 32.84 -4.00
CA PRO H 179 -23.84 31.81 -4.23
C PRO H 179 -25.12 32.01 -3.40
N LYS H 180 -26.28 31.91 -4.04
CA LYS H 180 -27.55 32.18 -3.41
C LYS H 180 -27.89 31.09 -2.41
N ASP H 181 -27.26 29.93 -2.54
CA ASP H 181 -27.54 28.77 -1.68
C ASP H 181 -26.57 28.60 -0.50
N VAL H 182 -25.74 29.62 -0.27
CA VAL H 182 -24.94 29.75 0.95
C VAL H 182 -25.37 31.03 1.66
N SER H 183 -25.54 30.98 2.96
CA SER H 183 -25.92 32.16 3.72
C SER H 183 -24.78 32.58 4.61
N VAL H 184 -24.53 33.89 4.65
CA VAL H 184 -23.66 34.49 5.66
C VAL H 184 -24.45 34.60 6.96
N LEU H 185 -23.94 33.92 7.99
CA LEU H 185 -24.50 33.95 9.35
C LEU H 185 -23.71 35.01 10.15
N VAL H 186 -24.38 36.04 10.63
CA VAL H 186 -23.72 37.13 11.34
C VAL H 186 -24.03 36.96 12.78
N PHE H 187 -22.99 36.89 13.60
CA PHE H 187 -23.19 36.60 15.01
C PHE H 187 -22.65 37.75 15.85
N TYR H 188 -23.55 38.46 16.52
CA TYR H 188 -23.20 39.52 17.46
C TYR H 188 -22.85 38.88 18.80
N THR H 189 -21.66 39.16 19.32
CA THR H 189 -21.18 38.58 20.59
C THR H 189 -21.81 39.15 21.82
N GLY H 190 -22.36 40.35 21.72
CA GLY H 190 -22.79 41.14 22.86
C GLY H 190 -21.68 41.81 23.65
N VAL H 191 -20.45 41.70 23.17
CA VAL H 191 -19.28 42.27 23.84
C VAL H 191 -18.80 43.52 23.13
N LYS H 192 -18.47 44.54 23.91
CA LYS H 192 -17.76 45.72 23.39
C LYS H 192 -16.70 46.16 24.38
N ARG H 193 -15.42 45.85 24.14
CA ARG H 193 -14.40 46.17 25.15
C ARG H 193 -14.05 47.69 25.20
N GLU H 194 -13.60 48.16 26.37
CA GLU H 194 -13.13 49.55 26.52
C GLU H 194 -11.90 49.81 25.62
N LEU H 195 -10.98 48.83 25.61
CA LEU H 195 -9.75 48.86 24.79
C LEU H 195 -9.96 49.22 23.33
N ALA H 196 -11.09 48.82 22.76
CA ALA H 196 -11.20 48.74 21.32
C ALA H 196 -10.70 49.95 20.52
N SER H 197 -11.14 51.14 20.87
CA SER H 197 -10.75 52.34 20.13
C SER H 197 -9.26 52.55 20.12
N SER H 198 -8.69 52.52 21.32
CA SER H 198 -7.30 52.79 21.49
C SER H 198 -6.44 51.66 20.92
N GLU H 199 -6.90 50.43 21.02
CA GLU H 199 -6.18 49.35 20.40
C GLU H 199 -6.19 49.46 18.87
N TYR H 200 -7.27 49.96 18.29
CA TYR H 200 -7.40 50.13 16.86
C TYR H 200 -6.41 51.19 16.48
N ALA H 201 -6.44 52.30 17.21
CA ALA H 201 -5.57 53.40 16.90
C ALA H 201 -4.08 53.00 16.89
N GLU H 202 -3.63 52.08 17.78
CA GLU H 202 -2.22 51.67 17.87
C GLU H 202 -1.88 50.81 16.63
N ARG H 203 -2.77 49.90 16.26
CA ARG H 203 -2.59 49.13 15.08
C ARG H 203 -2.34 50.07 13.91
N LYS H 204 -3.18 51.08 13.79
CA LYS H 204 -3.11 51.97 12.67
C LYS H 204 -1.85 52.81 12.73
N ARG H 205 -1.45 53.25 13.91
CA ARG H 205 -0.29 54.12 13.99
C ARG H 205 1.00 53.31 13.68
N ILE H 206 1.07 52.07 14.17
CA ILE H 206 2.14 51.12 13.94
C ILE H 206 2.29 50.68 12.47
N ALA H 207 1.17 50.49 11.80
CA ALA H 207 1.18 50.06 10.39
C ALA H 207 1.68 51.21 9.52
N GLU H 208 1.29 52.45 9.85
CA GLU H 208 1.69 53.62 9.07
C GLU H 208 3.15 53.92 9.31
N GLU H 209 3.58 53.70 10.52
CA GLU H 209 4.98 53.85 10.86
C GLU H 209 5.85 52.82 10.12
N SER H 210 5.37 51.59 10.06
CA SER H 210 6.07 50.59 9.30
C SER H 210 6.21 51.03 7.86
N LEU H 211 5.11 51.42 7.22
CA LEU H 211 5.21 51.97 5.87
C LEU H 211 6.28 53.13 5.76
N ARG H 212 6.31 54.02 6.73
CA ARG H 212 7.15 55.21 6.67
C ARG H 212 8.67 54.83 6.70
N ILE H 213 9.00 54.00 7.68
CA ILE H 213 10.30 53.37 7.87
C ILE H 213 10.79 52.59 6.62
N LEU H 214 9.89 52.03 5.83
CA LEU H 214 10.28 51.25 4.64
C LEU H 214 10.19 52.04 3.30
N GLY H 215 9.69 53.27 3.37
CA GLY H 215 9.55 54.13 2.21
C GLY H 215 8.50 53.68 1.23
N LYS H 216 7.57 52.83 1.70
CA LYS H 216 6.48 52.27 0.91
C LYS H 216 5.13 52.91 1.26
N GLU H 217 4.18 52.88 0.34
CA GLU H 217 2.88 53.54 0.55
C GLU H 217 1.68 52.60 0.59
N SER H 218 1.90 51.32 0.38
CA SER H 218 0.85 50.32 0.56
C SER H 218 1.41 49.01 1.12
N SER H 219 0.66 48.30 1.93
CA SER H 219 1.08 46.96 2.26
C SER H 219 1.36 46.14 1.00
N LYS H 220 0.71 46.43 -0.13
CA LYS H 220 0.96 45.69 -1.37
C LYS H 220 2.44 45.69 -1.78
N GLU H 221 3.14 46.76 -1.46
CA GLU H 221 4.55 46.95 -1.82
C GLU H 221 5.50 46.43 -0.74
N VAL H 222 4.99 45.91 0.37
CA VAL H 222 5.85 45.40 1.42
C VAL H 222 6.26 43.98 1.15
N THR H 223 7.55 43.86 1.10
CA THR H 223 8.33 42.75 0.55
C THR H 223 8.78 41.84 1.69
N GLU H 224 9.21 40.61 1.47
CA GLU H 224 9.81 39.79 2.58
C GLU H 224 11.10 40.37 3.26
N LYS H 225 12.00 40.92 2.45
CA LYS H 225 13.15 41.70 2.90
C LYS H 225 12.74 42.89 3.82
N ASP H 226 11.73 43.67 3.41
CA ASP H 226 11.15 44.73 4.25
C ASP H 226 10.69 44.18 5.59
N LEU H 227 9.97 43.06 5.61
CA LEU H 227 9.46 42.63 6.91
C LEU H 227 10.66 42.38 7.81
N GLY H 228 11.75 41.94 7.22
CA GLY H 228 12.98 41.73 7.94
C GLY H 228 13.69 42.96 8.48
N LYS H 229 13.32 44.14 8.00
CA LYS H 229 13.85 45.39 8.47
C LYS H 229 12.99 46.04 9.59
N LEU H 230 11.80 45.52 9.86
CA LEU H 230 10.96 46.06 10.93
C LEU H 230 11.37 45.47 12.25
N PRO H 231 11.20 46.25 13.32
CA PRO H 231 11.48 45.79 14.69
C PRO H 231 10.34 44.89 15.19
N PRO H 232 10.45 44.25 16.34
CA PRO H 232 9.60 43.08 16.60
C PRO H 232 8.09 43.25 16.52
N LEU H 233 7.47 44.16 17.26
CA LEU H 233 6.01 44.27 17.21
C LEU H 233 5.51 44.71 15.85
N HIS H 234 6.22 45.63 15.20
CA HIS H 234 5.91 46.07 13.87
C HIS H 234 5.97 44.87 12.93
N ARG H 235 6.89 43.97 13.14
CA ARG H 235 7.02 42.83 12.21
C ARG H 235 5.89 41.82 12.43
N LYS H 236 5.49 41.67 13.69
CA LYS H 236 4.46 40.75 14.05
C LYS H 236 3.18 41.24 13.40
N PHE H 237 2.89 42.52 13.54
CA PHE H 237 1.63 43.05 13.04
C PHE H 237 1.61 43.14 11.49
N PHE H 238 2.68 43.58 10.85
CA PHE H 238 2.67 43.80 9.41
C PHE H 238 2.73 42.48 8.64
N SER H 239 3.32 41.46 9.27
CA SER H 239 3.37 40.14 8.65
C SER H 239 1.94 39.59 8.58
N TYR H 240 1.10 39.89 9.58
CA TYR H 240 -0.30 39.57 9.43
C TYR H 240 -0.89 40.30 8.17
N ILE H 241 -0.60 41.58 8.00
CA ILE H 241 -1.24 42.30 6.92
C ILE H 241 -0.83 41.71 5.52
N VAL H 242 0.41 41.25 5.38
CA VAL H 242 0.89 40.82 4.09
C VAL H 242 0.20 39.48 3.83
N ARG H 243 0.22 38.59 4.80
CA ARG H 243 -0.57 37.38 4.68
C ARG H 243 -2.09 37.68 4.41
N GLU H 244 -2.71 38.73 4.99
CA GLU H 244 -4.10 38.99 4.57
C GLU H 244 -4.31 39.41 3.13
N ASN H 245 -3.40 40.22 2.58
CA ASN H 245 -3.62 40.67 1.23
C ASN H 245 -3.57 39.40 0.40
N ALA H 246 -2.69 38.47 0.75
CA ALA H 246 -2.49 37.30 -0.11
C ALA H 246 -3.83 36.54 -0.13
N ARG H 247 -4.51 36.54 1.02
CA ARG H 247 -5.71 35.71 1.22
C ARG H 247 -6.90 36.29 0.50
N VAL H 248 -7.04 37.60 0.55
CA VAL H 248 -8.08 38.27 -0.18
C VAL H 248 -7.95 37.82 -1.60
N LEU H 249 -6.75 37.86 -2.19
CA LEU H 249 -6.58 37.43 -3.60
C LEU H 249 -6.93 35.95 -3.83
N GLU H 250 -6.65 35.07 -2.87
CA GLU H 250 -7.08 33.68 -2.97
C GLU H 250 -8.60 33.52 -2.82
N VAL H 251 -9.23 34.22 -1.89
CA VAL H 251 -10.70 34.13 -1.76
C VAL H 251 -11.36 34.57 -3.07
N ARG H 252 -10.81 35.62 -3.68
CA ARG H 252 -11.33 36.15 -4.92
C ARG H 252 -11.33 35.11 -6.03
N ASP H 253 -10.21 34.44 -6.28
CA ASP H 253 -10.17 33.32 -7.19
C ASP H 253 -11.19 32.26 -6.83
N ALA H 254 -11.26 31.90 -5.55
CA ALA H 254 -12.08 30.78 -5.12
C ALA H 254 -13.56 31.08 -5.27
N LEU H 255 -13.98 32.28 -4.89
CA LEU H 255 -15.36 32.69 -5.03
C LEU H 255 -15.78 32.71 -6.50
N LYS H 256 -14.90 33.23 -7.35
CA LYS H 256 -15.22 33.36 -8.77
C LYS H 256 -15.44 32.01 -9.42
N GLU H 257 -14.83 30.97 -8.84
CA GLU H 257 -14.98 29.55 -9.27
C GLU H 257 -16.10 28.83 -8.55
N GLY H 258 -16.70 29.45 -7.55
CA GLY H 258 -17.81 28.88 -6.82
C GLY H 258 -17.35 27.87 -5.79
N ASP H 259 -16.07 27.93 -5.46
CA ASP H 259 -15.46 27.01 -4.50
C ASP H 259 -15.63 27.50 -3.07
N ILE H 260 -16.81 27.36 -2.50
CA ILE H 260 -17.07 27.89 -1.17
C ILE H 260 -16.38 27.08 -0.06
N GLU H 261 -15.92 25.87 -0.35
CA GLU H 261 -15.13 25.09 0.62
C GLU H 261 -13.74 25.73 0.85
N LYS H 262 -13.04 26.03 -0.26
CA LYS H 262 -11.74 26.71 -0.23
C LYS H 262 -11.90 28.10 0.35
N VAL H 263 -12.95 28.85 0.00
CA VAL H 263 -13.14 30.16 0.58
C VAL H 263 -13.27 30.08 2.09
N GLY H 264 -14.09 29.15 2.56
CA GLY H 264 -14.29 28.97 3.99
C GLY H 264 -13.01 28.59 4.73
N LYS H 265 -12.15 27.80 4.09
CA LYS H 265 -10.88 27.37 4.70
C LYS H 265 -10.02 28.60 4.97
N ILE H 266 -9.97 29.46 3.98
CA ILE H 266 -9.10 30.62 4.01
C ILE H 266 -9.58 31.54 5.12
N LEU H 267 -10.90 31.72 5.25
CA LEU H 267 -11.44 32.63 6.24
C LEU H 267 -11.00 32.13 7.62
N THR H 268 -10.99 30.80 7.81
CA THR H 268 -10.69 30.26 9.11
C THR H 268 -9.24 30.57 9.47
N THR H 269 -8.33 30.28 8.54
CA THR H 269 -6.93 30.60 8.75
C THR H 269 -6.78 32.06 9.17
N ALA H 270 -7.45 32.94 8.43
CA ALA H 270 -7.42 34.37 8.61
C ALA H 270 -7.80 34.74 10.03
N HIS H 271 -8.84 34.11 10.55
CA HIS H 271 -9.29 34.42 11.89
C HIS H 271 -8.19 34.14 12.91
N TRP H 272 -7.59 32.96 12.81
CA TRP H 272 -6.60 32.55 13.81
C TRP H 272 -5.32 33.36 13.65
N ASP H 273 -5.17 34.00 12.49
CA ASP H 273 -4.02 34.83 12.24
C ASP H 273 -4.24 36.13 12.96
N LEU H 274 -5.43 36.69 12.78
CA LEU H 274 -5.85 37.86 13.53
C LEU H 274 -5.80 37.61 15.03
N ALA H 275 -6.30 36.48 15.48
CA ALA H 275 -6.39 36.19 16.89
C ALA H 275 -4.98 35.98 17.51
N GLU H 276 -4.14 35.17 16.90
CA GLU H 276 -2.80 34.93 17.48
C GLU H 276 -1.77 36.06 17.25
N ASN H 277 -1.79 36.69 16.10
CA ASN H 277 -0.76 37.65 15.72
C ASN H 277 -1.15 39.13 15.72
N TYR H 278 -2.25 39.52 15.10
CA TYR H 278 -2.71 40.89 15.24
C TYR H 278 -3.27 41.14 16.65
N ARG H 279 -3.65 40.07 17.35
CA ARG H 279 -4.22 40.14 18.67
C ARG H 279 -5.46 41.03 18.78
N VAL H 280 -6.43 40.89 17.87
CA VAL H 280 -7.66 41.69 17.94
C VAL H 280 -8.92 40.88 18.10
N SER H 281 -8.80 39.59 18.41
CA SER H 281 -9.96 38.74 18.68
C SER H 281 -10.14 38.70 20.20
N CYS H 282 -10.89 37.73 20.70
CA CYS H 282 -11.16 37.61 22.12
C CYS H 282 -11.83 36.27 22.38
N GLU H 283 -11.97 35.89 23.65
CA GLU H 283 -12.48 34.56 23.97
C GLU H 283 -13.80 34.22 23.29
N GLU H 284 -14.68 35.20 23.11
CA GLU H 284 -16.04 34.88 22.74
C GLU H 284 -16.14 34.79 21.21
N LEU H 285 -15.36 35.62 20.55
CA LEU H 285 -15.16 35.51 19.13
C LEU H 285 -14.56 34.15 18.77
N ASP H 286 -13.54 33.74 19.51
CA ASP H 286 -12.85 32.47 19.28
C ASP H 286 -13.78 31.30 19.49
N PHE H 287 -14.68 31.45 20.46
CA PHE H 287 -15.58 30.39 20.84
C PHE H 287 -16.58 30.25 19.73
N PHE H 288 -16.97 31.38 19.14
CA PHE H 288 -17.94 31.34 18.05
C PHE H 288 -17.35 30.66 16.86
N VAL H 289 -16.10 30.96 16.54
CA VAL H 289 -15.42 30.34 15.40
C VAL H 289 -15.13 28.82 15.65
N LYS H 290 -14.66 28.45 16.83
CA LYS H 290 -14.45 27.03 17.20
C LYS H 290 -15.75 26.26 17.01
N LYS H 291 -16.85 26.84 17.49
CA LYS H 291 -18.17 26.16 17.52
C LYS H 291 -18.82 26.10 16.14
N ALA H 292 -18.64 27.16 15.35
CA ALA H 292 -19.18 27.24 14.01
C ALA H 292 -18.62 26.13 13.14
N MSE H 293 -17.36 25.80 13.32
CA MSE H 293 -16.74 24.74 12.51
C MSE H 293 -17.11 23.35 12.97
O MSE H 293 -17.18 22.45 12.16
CB MSE H 293 -15.24 24.88 12.49
CG MSE H 293 -14.78 26.19 11.88
SE MSE H 293 -15.50 26.46 10.03
CE MSE H 293 -14.61 24.78 9.18
N GLU H 294 -17.38 23.18 14.27
CA GLU H 294 -17.80 21.90 14.79
C GLU H 294 -19.19 21.56 14.31
N LEU H 295 -19.96 22.56 13.88
CA LEU H 295 -21.36 22.32 13.47
C LEU H 295 -21.56 22.42 11.94
N GLY H 296 -20.44 22.53 11.22
CA GLY H 296 -20.44 22.23 9.80
C GLY H 296 -20.47 23.44 8.88
N ALA H 297 -20.07 24.60 9.36
CA ALA H 297 -19.94 25.75 8.48
C ALA H 297 -18.69 25.51 7.63
N TYR H 298 -18.61 26.18 6.50
CA TYR H 298 -17.45 26.03 5.64
C TYR H 298 -16.28 26.80 6.21
N GLY H 299 -16.60 27.94 6.82
CA GLY H 299 -15.61 28.69 7.52
C GLY H 299 -16.24 29.72 8.41
N ALA H 300 -15.42 30.30 9.27
CA ALA H 300 -15.90 31.35 10.16
C ALA H 300 -14.80 32.29 10.57
N ARG H 301 -15.15 33.53 10.83
CA ARG H 301 -14.16 34.57 11.09
C ARG H 301 -14.75 35.77 11.81
N LEU H 302 -14.02 36.43 12.70
CA LEU H 302 -14.52 37.73 13.14
C LEU H 302 -14.62 38.63 11.90
N THR H 303 -15.41 39.68 12.01
CA THR H 303 -15.49 40.66 10.98
C THR H 303 -15.44 42.06 11.56
N GLY H 304 -14.79 42.96 10.86
CA GLY H 304 -14.54 44.28 11.39
C GLY H 304 -13.30 44.28 12.23
N ALA H 305 -13.26 45.15 13.23
CA ALA H 305 -12.06 45.50 13.95
C ALA H 305 -11.60 44.42 14.93
N GLY H 306 -12.57 43.85 15.65
CA GLY H 306 -12.27 42.87 16.68
C GLY H 306 -12.64 43.35 18.04
N PHE H 307 -12.12 42.73 19.07
CA PHE H 307 -12.38 43.20 20.43
C PHE H 307 -13.84 43.08 20.82
N GLY H 308 -14.52 42.06 20.31
CA GLY H 308 -15.96 41.99 20.50
C GLY H 308 -16.65 42.18 19.17
N GLY H 309 -17.87 42.70 19.18
CA GLY H 309 -18.59 42.94 17.95
C GLY H 309 -19.04 41.63 17.33
N SER H 310 -19.01 41.53 16.00
CA SER H 310 -19.65 40.41 15.35
C SER H 310 -18.67 39.55 14.58
N ALA H 311 -19.07 38.31 14.35
CA ALA H 311 -18.36 37.41 13.46
C ALA H 311 -19.29 36.86 12.38
N ILE H 312 -18.72 36.27 11.33
CA ILE H 312 -19.48 35.58 10.32
C ILE H 312 -19.14 34.09 10.23
N ALA H 313 -20.07 33.34 9.67
CA ALA H 313 -19.76 31.99 9.24
C ALA H 313 -20.51 31.73 7.95
N LEU H 314 -19.84 31.00 7.04
CA LEU H 314 -20.42 30.59 5.77
C LEU H 314 -21.06 29.19 5.92
N VAL H 315 -22.31 29.11 5.50
CA VAL H 315 -23.20 28.06 5.96
C VAL H 315 -24.22 27.78 4.87
N ASP H 316 -24.77 26.57 4.83
CA ASP H 316 -25.83 26.28 3.84
C ASP H 316 -27.14 26.93 4.24
N LYS H 317 -27.77 27.65 3.30
CA LYS H 317 -29.09 28.24 3.52
C LYS H 317 -30.02 27.25 4.25
N ASP H 318 -30.04 25.99 3.80
CA ASP H 318 -30.97 25.01 4.37
C ASP H 318 -30.66 24.77 5.87
N LYS H 319 -29.38 24.85 6.24
CA LYS H 319 -28.94 24.56 7.60
C LYS H 319 -28.73 25.82 8.47
N ALA H 320 -28.99 27.01 7.94
CA ALA H 320 -28.62 28.25 8.62
C ALA H 320 -29.31 28.51 9.98
N LYS H 321 -30.62 28.38 10.06
CA LYS H 321 -31.32 28.47 11.37
C LYS H 321 -30.85 27.37 12.31
N THR H 322 -30.61 26.18 11.77
CA THR H 322 -30.20 25.03 12.57
C THR H 322 -28.83 25.23 13.22
N ILE H 323 -27.90 25.82 12.50
CA ILE H 323 -26.54 25.92 13.00
C ILE H 323 -26.45 27.10 13.94
N GLY H 324 -27.02 28.24 13.55
CA GLY H 324 -27.08 29.42 14.40
C GLY H 324 -27.77 29.19 15.74
N ASP H 325 -28.88 28.45 15.72
CA ASP H 325 -29.54 28.04 16.96
C ASP H 325 -28.57 27.25 17.84
N ALA H 326 -27.86 26.31 17.23
CA ALA H 326 -26.90 25.49 17.94
C ALA H 326 -25.75 26.29 18.54
N ILE H 327 -25.29 27.29 17.81
CA ILE H 327 -24.17 28.09 18.29
C ILE H 327 -24.60 29.05 19.40
N LEU H 328 -25.79 29.63 19.26
CA LEU H 328 -26.31 30.57 20.23
C LEU H 328 -26.51 29.91 21.56
N ARG H 329 -27.27 28.81 21.55
CA ARG H 329 -27.69 28.08 22.74
C ARG H 329 -26.49 27.79 23.60
N GLU H 330 -25.41 27.45 22.93
CA GLU H 330 -24.19 26.97 23.54
C GLU H 330 -23.31 28.17 23.96
N TYR H 331 -23.34 29.24 23.18
CA TYR H 331 -22.70 30.50 23.57
C TYR H 331 -23.37 31.15 24.77
N LEU H 332 -24.69 31.09 24.82
CA LEU H 332 -25.47 31.69 25.87
C LEU H 332 -25.31 30.93 27.20
N ALA H 333 -24.89 29.66 27.14
CA ALA H 333 -24.72 28.87 28.36
C ALA H 333 -23.31 28.98 28.97
N LYS H 334 -22.35 29.44 28.17
CA LYS H 334 -20.98 29.71 28.63
C LYS H 334 -20.79 31.18 29.00
N PHE H 335 -21.48 32.11 28.33
CA PHE H 335 -21.24 33.55 28.52
C PHE H 335 -22.52 34.30 28.86
N SER H 336 -22.37 35.50 29.42
CA SER H 336 -23.50 36.22 30.02
C SER H 336 -23.94 37.39 29.18
N TRP H 337 -23.32 37.55 28.03
CA TRP H 337 -23.66 38.66 27.14
C TRP H 337 -24.95 38.34 26.38
N LYS H 338 -25.63 39.40 25.97
CA LYS H 338 -26.89 39.28 25.23
C LYS H 338 -26.64 39.22 23.72
N ALA H 339 -26.26 38.03 23.28
CA ALA H 339 -25.92 37.73 21.88
C ALA H 339 -27.11 37.34 21.02
N LYS H 340 -27.01 37.70 19.75
CA LYS H 340 -27.99 37.37 18.73
C LYS H 340 -27.23 36.87 17.55
N TYR H 341 -27.92 36.17 16.67
CA TYR H 341 -27.44 35.96 15.32
C TYR H 341 -28.51 36.35 14.30
N PHE H 342 -28.07 36.73 13.12
CA PHE H 342 -28.94 37.07 12.02
C PHE H 342 -28.50 36.24 10.84
N VAL H 343 -29.46 35.84 10.02
CA VAL H 343 -29.14 35.29 8.69
C VAL H 343 -29.29 36.45 7.71
N VAL H 344 -28.25 36.65 6.91
CA VAL H 344 -28.09 37.89 6.19
C VAL H 344 -27.85 37.63 4.69
N LYS H 345 -28.48 38.43 3.85
CA LYS H 345 -28.36 38.30 2.40
C LYS H 345 -27.53 39.48 1.85
N PRO H 346 -26.59 39.25 0.92
CA PRO H 346 -25.83 40.39 0.38
C PRO H 346 -26.82 41.33 -0.23
N SER H 347 -26.53 42.63 -0.32
CA SER H 347 -27.56 43.59 -0.62
C SER H 347 -27.07 44.84 -1.39
N ASP H 348 -27.99 45.59 -2.00
CA ASP H 348 -27.63 46.88 -2.65
C ASP H 348 -27.18 47.91 -1.63
N GLY H 349 -26.36 48.86 -2.07
CA GLY H 349 -25.87 49.95 -1.22
C GLY H 349 -26.83 51.08 -1.33
N VAL H 350 -26.59 52.25 -0.72
CA VAL H 350 -27.59 53.33 -0.79
C VAL H 350 -27.90 53.65 -2.25
N SER I 2 34.02 69.61 1.36
CA SER I 2 32.86 68.76 1.78
C SER I 2 32.60 68.81 3.31
N LYS I 3 33.22 69.74 4.07
CA LYS I 3 33.24 69.54 5.53
C LYS I 3 31.89 69.85 6.22
N ILE I 4 31.33 68.89 6.94
CA ILE I 4 30.20 69.19 7.81
C ILE I 4 30.50 68.83 9.27
N THR I 5 29.73 69.43 10.17
CA THR I 5 29.87 69.18 11.59
C THR I 5 28.54 68.66 12.15
N VAL I 6 28.58 67.53 12.84
CA VAL I 6 27.43 66.94 13.50
C VAL I 6 27.68 66.91 14.98
N LYS I 7 26.84 67.58 15.78
CA LYS I 7 26.82 67.45 17.26
C LYS I 7 25.86 66.31 17.63
N SER I 8 26.27 65.36 18.44
CA SER I 8 25.39 64.24 18.83
C SER I 8 25.41 64.10 20.35
N PRO I 9 24.28 64.31 21.01
CA PRO I 9 24.21 64.31 22.47
C PRO I 9 24.40 62.97 23.12
N GLY I 10 24.70 63.02 24.40
CA GLY I 10 24.66 61.84 25.24
C GLY I 10 23.28 61.77 25.87
N ARG I 11 23.12 60.92 26.89
CA ARG I 11 21.78 60.76 27.42
C ARG I 11 21.74 60.30 28.83
N VAL I 12 20.58 60.49 29.43
CA VAL I 12 20.36 60.16 30.83
C VAL I 12 18.95 59.62 30.91
N ASN I 13 18.71 58.71 31.84
CA ASN I 13 17.39 58.11 31.98
C ASN I 13 16.81 58.63 33.28
N LEU I 14 15.62 59.20 33.24
CA LEU I 14 15.01 59.75 34.45
C LEU I 14 14.38 58.63 35.32
N ILE I 15 13.70 57.71 34.64
CA ILE I 15 12.98 56.61 35.29
C ILE I 15 12.68 55.58 34.19
N GLY I 16 12.51 54.31 34.57
CA GLY I 16 12.45 53.23 33.61
C GLY I 16 13.79 52.51 33.34
N GLU I 17 14.34 51.83 34.34
CA GLU I 17 15.65 51.23 34.25
C GLU I 17 15.53 49.73 34.24
N HIS I 18 16.31 49.09 33.37
CA HIS I 18 16.27 47.63 33.18
C HIS I 18 14.87 47.22 32.87
N THR I 19 14.30 47.98 31.95
CA THR I 19 12.97 47.79 31.51
C THR I 19 12.85 47.59 29.98
N ASP I 20 13.88 47.93 29.20
CA ASP I 20 13.71 47.99 27.79
C ASP I 20 13.95 46.66 27.07
N TYR I 21 14.76 45.80 27.66
CA TYR I 21 14.88 44.44 27.16
C TYR I 21 13.68 43.50 27.50
N THR I 22 12.67 43.98 28.22
CA THR I 22 11.37 43.27 28.27
C THR I 22 10.26 44.14 27.71
N TYR I 23 10.63 45.16 26.95
CA TYR I 23 9.69 45.91 26.16
C TYR I 23 8.71 46.65 27.01
N GLY I 24 9.26 47.32 28.02
CA GLY I 24 8.49 48.08 28.98
C GLY I 24 8.72 49.55 28.74
N TYR I 25 8.40 50.38 29.74
CA TYR I 25 8.40 51.83 29.58
C TYR I 25 9.69 52.46 30.04
N VAL I 26 10.00 53.61 29.46
CA VAL I 26 11.31 54.19 29.60
C VAL I 26 11.15 55.70 29.43
N MSE I 27 12.00 56.48 30.08
CA MSE I 27 11.84 57.96 30.11
C MSE I 27 13.16 58.73 30.09
O MSE I 27 13.59 59.33 31.08
CB MSE I 27 11.03 58.36 31.34
CG MSE I 27 9.89 59.25 30.95
SE MSE I 27 8.80 59.96 32.43
CE MSE I 27 9.53 61.73 32.46
N PRO I 28 13.85 58.69 28.97
CA PRO I 28 15.13 59.36 28.86
C PRO I 28 15.06 60.79 28.41
N MSE I 29 16.21 61.47 28.48
CA MSE I 29 16.44 62.75 27.87
C MSE I 29 17.84 62.79 27.30
O MSE I 29 18.74 62.09 27.75
CB MSE I 29 16.27 63.89 28.89
CG MSE I 29 17.43 64.07 29.85
SE MSE I 29 17.07 65.32 31.33
CE MSE I 29 18.71 66.18 31.33
N ALA I 30 18.03 63.58 26.26
CA ALA I 30 19.35 63.87 25.75
C ALA I 30 19.88 64.98 26.61
N ILE I 31 21.18 65.07 26.74
CA ILE I 31 21.84 66.07 27.59
C ILE I 31 22.82 66.86 26.76
N ASP I 32 23.17 68.03 27.25
CA ASP I 32 24.05 68.91 26.49
C ASP I 32 25.50 68.65 26.75
N LEU I 33 25.88 67.39 26.55
CA LEU I 33 27.26 67.00 26.44
C LEU I 33 27.26 66.20 25.16
N TYR I 34 28.29 66.37 24.35
CA TYR I 34 28.25 65.92 22.97
C TYR I 34 29.52 65.22 22.50
N THR I 35 29.34 64.39 21.48
CA THR I 35 30.36 64.02 20.53
C THR I 35 30.17 64.88 19.27
N ILE I 36 31.25 65.54 18.85
CA ILE I 36 31.25 66.38 17.67
C ILE I 36 32.04 65.66 16.64
N ILE I 37 31.51 65.54 15.42
CA ILE I 37 32.20 64.90 14.30
C ILE I 37 32.23 65.87 13.10
N THR I 38 33.41 66.35 12.74
CA THR I 38 33.62 67.19 11.56
C THR I 38 34.20 66.31 10.47
N ALA I 39 33.59 66.19 9.29
CA ALA I 39 34.07 65.27 8.27
C ALA I 39 33.72 65.64 6.84
N GLU I 40 34.51 65.14 5.90
CA GLU I 40 34.24 65.27 4.48
C GLU I 40 34.24 63.89 3.89
N LYS I 41 33.70 63.75 2.69
CA LYS I 41 33.86 62.55 1.86
C LYS I 41 35.31 62.22 1.62
N TYR I 42 35.61 60.93 1.63
CA TYR I 42 36.93 60.38 1.36
C TYR I 42 36.85 58.97 0.76
N ASP I 43 37.90 58.59 0.05
CA ASP I 43 38.00 57.29 -0.60
C ASP I 43 38.03 56.11 0.38
N LYS I 44 38.45 56.32 1.61
CA LYS I 44 38.36 55.31 2.65
C LYS I 44 37.86 56.02 3.91
N VAL I 45 37.92 55.35 5.05
CA VAL I 45 37.56 55.98 6.32
C VAL I 45 38.86 56.31 7.03
N GLN I 46 38.93 57.52 7.57
CA GLN I 46 40.08 57.97 8.32
C GLN I 46 39.53 58.92 9.36
N LEU I 47 39.52 58.49 10.61
CA LEU I 47 39.12 59.36 11.67
C LEU I 47 40.21 59.47 12.75
N TYR I 48 40.50 60.70 13.15
CA TYR I 48 41.26 61.00 14.34
C TYR I 48 40.31 61.17 15.52
N SER I 49 40.62 60.52 16.65
CA SER I 49 39.87 60.69 17.90
C SER I 49 40.71 61.46 18.89
N GLU I 50 40.29 62.70 19.15
CA GLU I 50 40.90 63.53 20.20
C GLU I 50 40.95 62.85 21.58
N HIS I 51 39.93 62.10 21.97
CA HIS I 51 40.01 61.37 23.24
C HIS I 51 41.16 60.35 23.34
N PHE I 52 41.32 59.51 22.32
CA PHE I 52 42.39 58.52 22.31
C PHE I 52 43.71 59.04 21.73
N ASN I 53 43.73 60.29 21.23
CA ASN I 53 44.85 60.87 20.41
C ASN I 53 45.36 59.88 19.38
N GLU I 54 44.45 59.33 18.62
CA GLU I 54 44.85 58.34 17.65
C GLU I 54 43.95 58.32 16.42
N GLU I 55 44.56 58.03 15.28
CA GLU I 55 43.88 57.98 14.01
C GLU I 55 43.70 56.52 13.66
N LYS I 56 42.52 56.11 13.25
CA LYS I 56 42.35 54.78 12.70
C LYS I 56 41.72 54.90 11.32
N THR I 57 42.02 53.95 10.46
CA THR I 57 41.54 53.96 9.09
C THR I 57 41.14 52.55 8.65
N PHE I 58 40.30 52.47 7.62
CA PHE I 58 40.00 51.21 6.98
C PHE I 58 39.39 51.46 5.62
N THR I 59 39.72 50.62 4.65
CA THR I 59 39.03 50.72 3.38
C THR I 59 37.65 50.12 3.54
N LEU I 60 36.80 50.38 2.55
CA LEU I 60 35.41 50.04 2.71
C LEU I 60 35.07 48.57 2.48
N ASP I 61 35.97 47.72 2.00
CA ASP I 61 35.64 46.29 2.09
C ASP I 61 36.21 45.64 3.30
N ASN I 62 37.04 46.32 4.10
CA ASN I 62 37.55 45.74 5.38
C ASN I 62 36.66 46.01 6.60
N LEU I 63 35.47 45.35 6.65
CA LEU I 63 34.50 45.58 7.76
C LEU I 63 34.55 44.47 8.80
N THR I 64 35.73 44.36 9.42
CA THR I 64 36.08 43.29 10.30
C THR I 64 36.30 43.94 11.65
N LYS I 65 35.70 43.34 12.66
CA LYS I 65 35.91 43.77 14.03
C LYS I 65 37.41 43.77 14.33
N GLU I 66 37.90 44.86 14.91
CA GLU I 66 39.35 45.03 15.19
C GLU I 66 39.67 44.96 16.70
N GLY I 67 38.62 45.06 17.53
CA GLY I 67 38.72 45.15 18.97
C GLY I 67 39.05 46.54 19.44
N SER I 68 38.60 47.56 18.73
CA SER I 68 38.89 48.94 19.17
C SER I 68 37.80 49.91 18.78
N TRP I 69 37.97 51.17 19.13
CA TRP I 69 36.88 52.12 18.96
C TRP I 69 36.39 52.24 17.55
N ILE I 70 37.26 51.95 16.59
CA ILE I 70 36.89 52.03 15.17
C ILE I 70 35.80 51.05 14.82
N ASP I 71 35.53 50.05 15.66
CA ASP I 71 34.45 49.09 15.41
C ASP I 71 33.05 49.74 15.38
N TYR I 72 32.84 50.78 16.17
CA TYR I 72 31.60 51.52 16.15
C TYR I 72 31.40 52.19 14.81
N VAL I 73 32.48 52.69 14.21
CA VAL I 73 32.36 53.32 12.88
C VAL I 73 32.09 52.24 11.85
N LYS I 74 32.90 51.18 11.86
CA LYS I 74 32.76 50.06 10.90
C LYS I 74 31.35 49.50 10.98
N GLY I 75 30.81 49.38 12.19
CA GLY I 75 29.48 48.87 12.38
C GLY I 75 28.41 49.73 11.76
N VAL I 76 28.55 51.04 11.83
CA VAL I 76 27.55 51.88 11.20
C VAL I 76 27.59 51.79 9.66
N LEU I 77 28.78 51.71 9.10
CA LEU I 77 28.90 51.59 7.67
C LEU I 77 28.27 50.28 7.33
N TRP I 78 28.59 49.26 8.11
CA TRP I 78 28.16 47.91 7.77
C TRP I 78 26.65 47.85 7.76
N VAL I 79 26.01 48.45 8.76
CA VAL I 79 24.56 48.40 8.86
C VAL I 79 23.88 49.19 7.72
N LEU I 80 24.41 50.35 7.33
CA LEU I 80 23.85 51.11 6.22
C LEU I 80 23.99 50.36 4.90
N ILE I 81 25.11 49.68 4.72
CA ILE I 81 25.28 48.91 3.49
C ILE I 81 24.25 47.79 3.46
N GLN I 82 24.00 47.13 4.59
CA GLN I 82 22.96 46.11 4.67
C GLN I 82 21.53 46.59 4.42
N GLU I 83 21.15 47.85 4.68
CA GLU I 83 19.79 48.26 4.32
C GLU I 83 19.71 48.57 2.85
N GLY I 84 20.84 48.63 2.18
CA GLY I 84 20.88 48.96 0.76
C GLY I 84 21.30 50.39 0.47
N TYR I 85 21.81 51.12 1.45
CA TYR I 85 22.25 52.45 1.16
C TYR I 85 23.54 52.41 0.36
N LYS I 86 23.72 53.33 -0.57
CA LYS I 86 24.97 53.56 -1.21
C LYS I 86 25.72 54.70 -0.53
N ILE I 87 26.82 54.37 0.11
CA ILE I 87 27.68 55.31 0.80
C ILE I 87 29.12 55.25 0.28
N GLY I 88 30.03 55.84 1.03
CA GLY I 88 31.44 55.84 0.72
C GLY I 88 32.16 56.17 2.00
N GLY I 89 33.43 56.49 1.89
CA GLY I 89 34.19 56.83 3.08
C GLY I 89 34.00 58.26 3.55
N LEU I 90 34.73 58.55 4.64
CA LEU I 90 34.82 59.88 5.22
C LEU I 90 36.13 60.09 5.96
N LYS I 91 36.50 61.35 6.16
CA LYS I 91 37.80 61.83 6.64
C LYS I 91 37.50 62.96 7.67
N GLY I 92 37.88 62.78 8.92
CA GLY I 92 37.61 63.82 9.89
C GLY I 92 38.12 63.61 11.29
N LYS I 93 37.64 64.44 12.22
CA LYS I 93 38.13 64.47 13.60
C LYS I 93 36.94 64.32 14.52
N ILE I 94 37.07 63.52 15.59
CA ILE I 94 36.04 63.30 16.60
C ILE I 94 36.44 64.01 17.88
N THR I 95 35.63 64.99 18.28
CA THR I 95 35.86 65.74 19.50
C THR I 95 34.59 65.76 20.28
N GLY I 96 34.48 66.75 21.17
CA GLY I 96 33.37 66.85 22.09
C GLY I 96 33.75 66.80 23.58
N ASP I 97 32.70 66.65 24.33
CA ASP I 97 32.52 67.07 25.68
C ASP I 97 32.20 65.89 26.56
N LEU I 98 31.77 64.79 25.95
CA LEU I 98 31.02 63.77 26.62
C LEU I 98 31.98 62.75 27.19
N PRO I 99 31.91 62.49 28.49
CA PRO I 99 32.73 61.42 29.08
C PRO I 99 32.51 60.08 28.41
N LEU I 100 33.57 59.29 28.30
CA LEU I 100 33.49 57.97 27.68
C LEU I 100 33.53 56.95 28.76
N GLY I 101 32.65 55.97 28.65
CA GLY I 101 32.67 54.83 29.52
C GLY I 101 32.13 55.17 30.86
N ALA I 102 31.19 56.12 30.94
CA ALA I 102 30.73 56.64 32.23
C ALA I 102 29.24 56.57 32.47
N GLY I 103 28.50 55.91 31.60
CA GLY I 103 27.07 55.80 31.79
C GLY I 103 26.23 56.79 31.02
N LEU I 104 26.84 57.72 30.27
CA LEU I 104 26.07 58.75 29.58
C LEU I 104 25.89 58.46 28.09
N SER I 105 26.15 57.21 27.73
CA SER I 105 26.02 56.66 26.37
C SER I 105 26.83 57.34 25.27
N SER I 106 28.13 57.49 25.48
CA SER I 106 29.05 57.83 24.38
C SER I 106 28.96 56.86 23.19
N SER I 107 28.69 55.57 23.46
CA SER I 107 28.34 54.58 22.45
C SER I 107 27.28 55.11 21.46
N ALA I 108 26.08 55.38 21.95
CA ALA I 108 24.99 55.74 21.05
C ALA I 108 25.31 57.08 20.50
N SER I 109 25.85 57.98 21.34
CA SER I 109 26.18 59.31 20.85
C SER I 109 27.12 59.18 19.64
N PHE I 110 28.11 58.31 19.76
CA PHE I 110 29.13 58.17 18.73
C PHE I 110 28.57 57.50 17.45
N GLU I 111 27.81 56.42 17.60
CA GLU I 111 27.15 55.70 16.51
C GLU I 111 26.18 56.57 15.77
N VAL I 112 25.29 57.25 16.47
CA VAL I 112 24.33 58.00 15.72
C VAL I 112 24.99 59.22 15.10
N GLY I 113 26.05 59.71 15.74
CA GLY I 113 26.87 60.78 15.18
C GLY I 113 27.37 60.39 13.80
N ILE I 114 27.99 59.24 13.72
CA ILE I 114 28.57 58.74 12.47
C ILE I 114 27.49 58.49 11.39
N LEU I 115 26.37 57.93 11.83
CA LEU I 115 25.25 57.61 10.94
C LEU I 115 24.73 58.90 10.36
N GLU I 116 24.66 59.95 11.18
CA GLU I 116 24.07 61.19 10.72
C GLU I 116 25.05 61.87 9.80
N VAL I 117 26.35 61.68 10.03
CA VAL I 117 27.36 62.24 9.14
C VAL I 117 27.20 61.57 7.78
N LEU I 118 27.06 60.25 7.76
CA LEU I 118 26.93 59.56 6.48
C LEU I 118 25.62 59.95 5.79
N ASN I 119 24.58 60.06 6.62
CA ASN I 119 23.25 60.51 6.19
C ASN I 119 23.30 61.81 5.47
N GLN I 120 24.13 62.73 5.90
CA GLN I 120 24.21 64.04 5.24
C GLN I 120 25.13 64.07 4.05
N LEU I 121 26.36 63.60 4.21
CA LEU I 121 27.29 63.57 3.10
C LEU I 121 26.78 62.74 1.90
N TYR I 122 26.24 61.56 2.18
CA TYR I 122 25.77 60.69 1.13
C TYR I 122 24.29 60.87 0.81
N ASN I 123 23.67 61.87 1.42
CA ASN I 123 22.26 62.20 1.23
C ASN I 123 21.25 61.02 1.28
N LEU I 124 21.17 60.32 2.39
CA LEU I 124 20.30 59.15 2.53
C LEU I 124 18.81 59.39 2.96
N ASN I 125 18.40 60.57 3.42
CA ASN I 125 17.04 60.84 3.97
C ASN I 125 16.57 59.69 4.85
N ILE I 126 17.40 59.29 5.79
CA ILE I 126 16.98 58.23 6.70
C ILE I 126 15.97 58.81 7.71
N ASP I 127 14.89 58.10 7.87
CA ASP I 127 13.88 58.41 8.85
C ASP I 127 14.38 58.27 10.26
N PRO I 128 14.13 59.28 11.07
CA PRO I 128 14.64 59.29 12.44
C PRO I 128 14.45 58.02 13.23
N LEU I 129 13.34 57.24 13.15
CA LEU I 129 13.34 56.09 14.07
C LEU I 129 14.18 54.96 13.53
N LYS I 130 14.36 54.98 12.21
CA LYS I 130 15.38 54.11 11.60
C LYS I 130 16.85 54.51 11.96
N LYS I 131 17.11 55.80 12.21
CA LYS I 131 18.43 56.21 12.73
C LYS I 131 18.69 55.53 14.02
N ALA I 132 17.69 55.44 14.89
CA ALA I 132 17.93 54.79 16.18
C ALA I 132 18.04 53.31 15.99
N LEU I 133 17.18 52.75 15.14
CA LEU I 133 17.08 51.30 15.03
C LEU I 133 18.36 50.72 14.45
N LEU I 134 18.79 51.33 13.33
CA LEU I 134 20.06 51.03 12.67
C LEU I 134 21.27 51.22 13.61
N ALA I 135 21.32 52.30 14.36
CA ALA I 135 22.40 52.42 15.32
C ALA I 135 22.39 51.23 16.33
N LYS I 136 21.26 50.92 16.94
CA LYS I 136 21.11 49.76 17.81
C LYS I 136 21.56 48.47 17.13
N LYS I 137 21.26 48.34 15.84
CA LYS I 137 21.60 47.12 15.15
C LYS I 137 23.10 47.00 14.99
N ALA I 138 23.73 48.11 14.64
CA ALA I 138 25.16 48.19 14.53
C ALA I 138 25.76 47.74 15.83
N GLU I 139 25.24 48.28 16.90
CA GLU I 139 25.78 47.96 18.19
C GLU I 139 25.50 46.52 18.61
N ASN I 140 24.32 45.97 18.30
CA ASN I 140 23.98 44.60 18.71
C ASN I 140 24.68 43.58 17.88
N GLU I 141 24.68 43.76 16.59
CA GLU I 141 25.13 42.69 15.71
C GLU I 141 26.60 42.80 15.33
N PHE I 142 27.09 44.02 15.12
CA PHE I 142 28.47 44.23 14.70
C PHE I 142 29.40 44.39 15.87
N VAL I 143 29.35 45.50 16.61
CA VAL I 143 30.12 45.58 17.86
C VAL I 143 29.44 44.48 18.65
N GLY I 144 29.97 43.76 19.57
CA GLY I 144 28.96 42.80 20.07
C GLY I 144 28.16 43.08 21.34
N VAL I 145 27.49 44.20 21.44
CA VAL I 145 26.95 44.66 22.76
C VAL I 145 25.40 44.72 22.81
N PRO I 146 24.80 43.92 23.70
CA PRO I 146 23.33 43.76 23.70
C PRO I 146 22.65 44.91 24.40
N CYS I 147 22.22 45.93 23.72
CA CYS I 147 21.51 46.97 24.43
C CYS I 147 20.08 47.00 23.96
N GLY I 148 19.22 47.55 24.79
CA GLY I 148 17.89 47.92 24.37
C GLY I 148 17.90 49.08 23.41
N ILE I 149 16.76 49.75 23.31
CA ILE I 149 16.62 50.90 22.43
C ILE I 149 16.73 52.23 23.18
N LEU I 150 16.67 52.18 24.51
CA LEU I 150 16.73 53.38 25.36
C LEU I 150 17.74 54.43 24.85
N ASP I 151 19.01 54.02 24.73
CA ASP I 151 20.12 54.95 24.47
C ASP I 151 20.01 55.62 23.09
N GLN I 152 19.89 54.81 22.04
CA GLN I 152 19.83 55.33 20.68
C GLN I 152 18.62 56.22 20.48
N PHE I 153 17.50 55.84 21.07
CA PHE I 153 16.26 56.58 20.98
C PHE I 153 16.40 57.95 21.62
N ALA I 154 17.05 58.03 22.76
CA ALA I 154 17.22 59.31 23.43
C ALA I 154 18.10 60.20 22.55
N VAL I 155 19.22 59.68 22.05
CA VAL I 155 20.17 60.50 21.30
C VAL I 155 19.58 61.05 19.99
N VAL I 156 18.70 60.28 19.36
CA VAL I 156 18.06 60.73 18.15
C VAL I 156 16.91 61.67 18.42
N PHE I 157 16.05 61.37 19.40
CA PHE I 157 14.74 62.05 19.57
C PHE I 157 14.67 63.10 20.68
N GLY I 158 15.71 63.29 21.50
CA GLY I 158 15.67 64.38 22.45
C GLY I 158 15.05 65.66 21.88
N LYS I 159 14.24 66.37 22.68
CA LYS I 159 13.80 67.76 22.41
C LYS I 159 14.26 68.70 23.58
N LYS I 160 14.59 69.94 23.25
CA LYS I 160 15.23 70.92 24.13
C LYS I 160 14.71 70.90 25.56
N ASP I 161 13.45 71.11 25.89
CA ASP I 161 13.25 71.19 27.35
C ASP I 161 12.34 70.10 27.83
N ASN I 162 12.62 68.91 27.29
CA ASN I 162 11.72 67.78 27.37
C ASN I 162 12.44 66.50 27.70
N VAL I 163 11.73 65.58 28.34
CA VAL I 163 12.06 64.18 28.39
C VAL I 163 11.13 63.49 27.43
N ILE I 164 11.46 62.24 27.13
CA ILE I 164 10.72 61.43 26.20
C ILE I 164 10.10 60.31 26.98
N PHE I 165 8.79 60.18 26.97
CA PHE I 165 8.18 58.97 27.51
C PHE I 165 7.97 57.95 26.36
N LEU I 166 8.56 56.77 26.46
CA LEU I 166 8.61 55.77 25.38
C LEU I 166 8.15 54.42 25.85
N ASP I 167 7.27 53.81 25.07
CA ASP I 167 6.89 52.43 25.21
C ASP I 167 7.84 51.70 24.25
N THR I 168 8.76 50.90 24.78
CA THR I 168 9.78 50.27 23.95
C THR I 168 9.23 49.12 23.16
N GLN I 169 8.04 48.63 23.48
CA GLN I 169 7.41 47.59 22.69
C GLN I 169 6.80 48.15 21.41
N THR I 170 6.18 49.33 21.46
CA THR I 170 5.42 49.84 20.32
C THR I 170 6.16 50.94 19.62
N LEU I 171 7.16 51.48 20.29
CA LEU I 171 7.96 52.60 19.88
C LEU I 171 7.12 53.86 19.79
N GLN I 172 6.03 53.95 20.54
CA GLN I 172 5.21 55.16 20.56
C GLN I 172 5.74 55.98 21.70
N TYR I 173 5.97 57.27 21.45
CA TYR I 173 6.56 58.18 22.43
C TYR I 173 5.78 59.47 22.51
N GLU I 174 6.08 60.22 23.55
CA GLU I 174 5.42 61.49 23.78
C GLU I 174 6.40 62.40 24.52
N TYR I 175 6.57 63.63 24.07
CA TYR I 175 7.36 64.59 24.82
C TYR I 175 6.58 65.14 25.98
N ILE I 176 7.24 65.17 27.12
CA ILE I 176 6.76 65.79 28.36
C ILE I 176 7.75 66.89 28.77
N PRO I 177 7.28 68.13 28.81
CA PRO I 177 8.13 69.22 29.28
C PRO I 177 8.71 68.98 30.68
N PHE I 178 9.99 69.24 30.85
CA PHE I 178 10.68 69.10 32.13
C PHE I 178 10.96 70.53 32.59
N PRO I 179 10.65 70.86 33.84
CA PRO I 179 10.64 72.26 34.27
C PRO I 179 12.02 72.94 34.30
N LYS I 180 12.09 74.13 33.72
CA LYS I 180 13.38 74.79 33.45
C LYS I 180 14.11 75.24 34.71
N ASP I 181 13.36 75.48 35.79
CA ASP I 181 13.89 75.83 37.11
C ASP I 181 14.37 74.61 37.92
N VAL I 182 14.14 73.42 37.40
CA VAL I 182 14.70 72.24 38.00
C VAL I 182 15.86 71.75 37.12
N SER I 183 16.93 71.33 37.77
CA SER I 183 18.10 70.80 37.10
C SER I 183 18.38 69.37 37.55
N VAL I 184 18.81 68.57 36.59
CA VAL I 184 19.32 67.24 36.78
C VAL I 184 20.83 67.38 36.98
N LEU I 185 21.30 67.12 38.18
CA LEU I 185 22.70 66.89 38.43
C LEU I 185 23.03 65.51 37.92
N VAL I 186 23.98 65.42 36.98
CA VAL I 186 24.54 64.14 36.58
C VAL I 186 25.88 63.89 37.30
N PHE I 187 26.00 62.78 38.00
CA PHE I 187 27.20 62.48 38.78
C PHE I 187 27.89 61.20 38.34
N TYR I 188 29.09 61.33 37.79
CA TYR I 188 29.86 60.17 37.37
C TYR I 188 30.74 59.71 38.54
N THR I 189 30.66 58.42 38.87
CA THR I 189 31.31 57.86 40.06
C THR I 189 32.83 57.63 39.89
N GLY I 190 33.30 57.63 38.65
CA GLY I 190 34.62 57.16 38.30
C GLY I 190 34.82 55.65 38.25
N VAL I 191 33.74 54.88 38.36
CA VAL I 191 33.78 53.43 38.45
C VAL I 191 33.23 52.76 37.18
N LYS I 192 34.07 52.00 36.48
CA LYS I 192 33.65 51.09 35.38
C LYS I 192 34.19 49.71 35.70
N ARG I 193 33.41 48.82 36.34
CA ARG I 193 33.95 47.48 36.73
C ARG I 193 33.97 46.55 35.52
N GLU I 194 34.84 45.54 35.59
CA GLU I 194 34.96 44.52 34.51
C GLU I 194 33.67 43.65 34.40
N LEU I 195 33.13 43.24 35.56
CA LEU I 195 31.88 42.45 35.65
C LEU I 195 30.66 43.01 34.87
N ALA I 196 30.59 44.32 34.68
CA ALA I 196 29.33 44.97 34.33
C ALA I 196 28.64 44.41 33.09
N SER I 197 29.32 44.36 31.96
CA SER I 197 28.76 43.77 30.74
C SER I 197 28.08 42.46 30.99
N SER I 198 28.80 41.60 31.68
CA SER I 198 28.33 40.30 32.04
C SER I 198 27.13 40.35 32.99
N GLU I 199 27.12 41.20 34.02
CA GLU I 199 25.95 41.27 34.90
C GLU I 199 24.67 41.78 34.14
N TYR I 200 24.84 42.67 33.18
CA TYR I 200 23.77 43.17 32.35
C TYR I 200 23.22 42.05 31.51
N ALA I 201 24.12 41.25 30.98
CA ALA I 201 23.70 40.22 30.05
C ALA I 201 22.98 39.16 30.82
N GLU I 202 23.38 38.97 32.09
CA GLU I 202 22.74 38.00 32.96
C GLU I 202 21.35 38.44 33.41
N ARG I 203 21.17 39.75 33.60
CA ARG I 203 19.88 40.27 33.97
C ARG I 203 18.98 40.11 32.80
N LYS I 204 19.49 40.44 31.64
CA LYS I 204 18.77 40.28 30.40
C LYS I 204 18.40 38.82 30.11
N ARG I 205 19.30 37.90 30.46
CA ARG I 205 19.05 36.50 30.20
C ARG I 205 17.89 36.08 31.06
N ILE I 206 17.89 36.51 32.31
CA ILE I 206 16.91 36.01 33.25
C ILE I 206 15.55 36.62 32.98
N ALA I 207 15.55 37.83 32.44
CA ALA I 207 14.31 38.49 32.08
C ALA I 207 13.69 37.81 30.88
N GLU I 208 14.49 37.36 29.92
CA GLU I 208 13.99 36.64 28.74
C GLU I 208 13.47 35.26 29.08
N GLU I 209 14.01 34.66 30.12
CA GLU I 209 13.60 33.33 30.57
C GLU I 209 12.30 33.45 31.32
N SER I 210 12.19 34.53 32.05
CA SER I 210 10.98 34.85 32.75
C SER I 210 9.80 35.04 31.78
N LEU I 211 9.94 35.92 30.80
CA LEU I 211 8.91 36.09 29.78
C LEU I 211 8.53 34.72 29.17
N ARG I 212 9.51 33.85 28.90
CA ARG I 212 9.23 32.59 28.18
C ARG I 212 8.43 31.64 29.07
N ILE I 213 8.75 31.61 30.36
CA ILE I 213 7.97 30.83 31.31
C ILE I 213 6.52 31.30 31.41
N LEU I 214 6.29 32.59 31.27
CA LEU I 214 4.97 33.21 31.45
C LEU I 214 4.22 33.28 30.14
N GLY I 215 4.89 32.93 29.04
CA GLY I 215 4.27 33.02 27.72
C GLY I 215 3.86 34.40 27.28
N LYS I 216 4.62 35.41 27.68
CA LYS I 216 4.32 36.82 27.42
C LYS I 216 5.45 37.40 26.56
N GLU I 217 5.23 38.55 25.91
CA GLU I 217 6.27 39.22 25.11
C GLU I 217 6.75 40.48 25.75
N SER I 218 6.03 40.99 26.75
CA SER I 218 6.41 42.26 27.39
C SER I 218 6.19 42.20 28.86
N SER I 219 6.86 43.06 29.61
CA SER I 219 6.71 43.12 31.06
C SER I 219 5.47 43.89 31.43
N LYS I 220 4.88 44.62 30.49
CA LYS I 220 3.67 45.37 30.73
C LYS I 220 2.58 44.38 31.04
N GLU I 221 2.65 43.20 30.38
CA GLU I 221 1.53 42.20 30.32
C GLU I 221 1.32 41.49 31.69
N VAL I 222 1.85 41.99 32.82
CA VAL I 222 2.24 41.05 33.91
C VAL I 222 1.70 41.24 35.33
N THR I 223 1.10 40.16 35.82
CA THR I 223 0.26 40.11 37.02
C THR I 223 1.03 39.59 38.21
N GLU I 224 0.45 39.72 39.39
CA GLU I 224 0.97 39.05 40.58
C GLU I 224 0.89 37.53 40.39
N LYS I 225 -0.21 37.01 39.85
CA LYS I 225 -0.30 35.56 39.64
C LYS I 225 0.80 35.07 38.65
N ASP I 226 1.13 35.86 37.63
CA ASP I 226 2.26 35.51 36.77
C ASP I 226 3.52 35.36 37.64
N LEU I 227 3.84 36.36 38.45
CA LEU I 227 5.06 36.30 39.25
C LEU I 227 5.16 35.05 40.16
N GLY I 228 4.04 34.54 40.67
CA GLY I 228 4.03 33.30 41.40
C GLY I 228 4.54 32.12 40.56
N LYS I 229 4.18 32.06 39.27
CA LYS I 229 4.61 31.01 38.34
C LYS I 229 6.15 30.90 38.16
N LEU I 230 6.90 31.96 38.46
CA LEU I 230 8.35 32.01 38.27
C LEU I 230 9.15 31.41 39.42
N PRO I 231 10.37 30.92 39.12
CA PRO I 231 11.31 30.47 40.17
C PRO I 231 11.97 31.60 40.97
N PRO I 232 12.62 31.27 42.09
CA PRO I 232 13.06 32.27 43.06
C PRO I 232 13.79 33.47 42.44
N LEU I 233 14.91 33.24 41.76
CA LEU I 233 15.77 34.32 41.31
C LEU I 233 15.03 35.06 40.21
N HIS I 234 14.40 34.33 39.29
CA HIS I 234 13.60 34.97 38.26
C HIS I 234 12.54 35.88 38.86
N ARG I 235 11.90 35.44 39.93
CA ARG I 235 10.79 36.17 40.54
C ARG I 235 11.32 37.40 41.20
N LYS I 236 12.48 37.32 41.83
CA LYS I 236 12.99 38.46 42.57
C LYS I 236 13.28 39.53 41.53
N PHE I 237 14.01 39.19 40.49
CA PHE I 237 14.36 40.15 39.45
C PHE I 237 13.19 40.68 38.63
N PHE I 238 12.16 39.87 38.37
CA PHE I 238 11.12 40.33 37.47
C PHE I 238 10.12 41.20 38.22
N SER I 239 10.04 40.97 39.52
CA SER I 239 9.19 41.76 40.37
C SER I 239 9.63 43.22 40.35
N TYR I 240 10.96 43.43 40.28
CA TYR I 240 11.51 44.78 40.17
C TYR I 240 10.97 45.42 38.86
N ILE I 241 11.07 44.69 37.75
CA ILE I 241 10.75 45.26 36.45
C ILE I 241 9.26 45.66 36.40
N VAL I 242 8.41 44.89 37.05
CA VAL I 242 6.97 45.15 37.09
C VAL I 242 6.71 46.42 37.90
N ARG I 243 7.41 46.53 39.03
CA ARG I 243 7.43 47.75 39.82
C ARG I 243 8.01 48.94 39.04
N GLU I 244 9.08 48.81 38.23
CA GLU I 244 9.50 50.01 37.48
C GLU I 244 8.50 50.48 36.43
N ASN I 245 7.85 49.57 35.70
CA ASN I 245 6.92 50.03 34.67
C ASN I 245 5.81 50.85 35.33
N ALA I 246 5.41 50.47 36.55
CA ALA I 246 4.35 51.16 37.25
C ALA I 246 4.83 52.57 37.61
N ARG I 247 6.09 52.69 38.01
CA ARG I 247 6.63 53.96 38.42
C ARG I 247 6.76 54.93 37.25
N VAL I 248 7.20 54.43 36.11
CA VAL I 248 7.28 55.24 34.92
C VAL I 248 5.92 55.92 34.69
N LEU I 249 4.83 55.13 34.64
CA LEU I 249 3.49 55.70 34.52
C LEU I 249 3.24 56.76 35.61
N GLU I 250 3.71 56.51 36.82
CA GLU I 250 3.48 57.44 37.94
C GLU I 250 4.34 58.72 37.81
N VAL I 251 5.58 58.59 37.32
CA VAL I 251 6.39 59.76 37.06
C VAL I 251 5.74 60.61 35.98
N ARG I 252 5.26 59.94 34.93
CA ARG I 252 4.60 60.59 33.80
C ARG I 252 3.45 61.50 34.20
N ASP I 253 2.59 61.00 35.08
CA ASP I 253 1.50 61.80 35.61
C ASP I 253 1.98 62.90 36.51
N ALA I 254 3.00 62.62 37.32
CA ALA I 254 3.50 63.64 38.24
C ALA I 254 4.24 64.75 37.50
N LEU I 255 4.96 64.43 36.43
CA LEU I 255 5.68 65.44 35.67
C LEU I 255 4.70 66.30 34.94
N LYS I 256 3.61 65.69 34.47
CA LYS I 256 2.62 66.45 33.66
C LYS I 256 1.83 67.43 34.49
N GLU I 257 1.90 67.32 35.81
CA GLU I 257 1.33 68.36 36.67
C GLU I 257 2.40 69.14 37.43
N GLY I 258 3.66 69.03 37.02
CA GLY I 258 4.75 69.77 37.62
C GLY I 258 5.04 69.50 39.09
N ASP I 259 4.59 68.34 39.57
CA ASP I 259 4.86 67.89 40.93
C ASP I 259 6.20 67.20 40.97
N ILE I 260 7.25 68.02 40.93
CA ILE I 260 8.63 67.56 40.94
C ILE I 260 9.04 66.93 42.29
N GLU I 261 8.24 67.17 43.35
CA GLU I 261 8.41 66.49 44.65
C GLU I 261 7.98 65.01 44.57
N LYS I 262 6.84 64.75 43.90
CA LYS I 262 6.33 63.39 43.75
C LYS I 262 7.27 62.63 42.80
N VAL I 263 7.66 63.26 41.68
CA VAL I 263 8.61 62.64 40.76
C VAL I 263 9.81 62.18 41.53
N GLY I 264 10.32 63.05 42.40
CA GLY I 264 11.54 62.81 43.15
C GLY I 264 11.42 61.66 44.13
N LYS I 265 10.31 61.58 44.86
CA LYS I 265 10.11 60.51 45.82
C LYS I 265 10.17 59.21 45.05
N ILE I 266 9.59 59.23 43.85
CA ILE I 266 9.49 58.02 43.06
C ILE I 266 10.86 57.55 42.63
N LEU I 267 11.71 58.46 42.10
CA LEU I 267 13.05 58.09 41.57
C LEU I 267 13.87 57.44 42.69
N THR I 268 13.82 58.06 43.87
CA THR I 268 14.52 57.53 45.03
C THR I 268 14.00 56.12 45.47
N THR I 269 12.71 55.85 45.38
CA THR I 269 12.20 54.55 45.77
C THR I 269 12.82 53.55 44.81
N ALA I 270 12.73 53.88 43.53
CA ALA I 270 13.33 53.14 42.49
C ALA I 270 14.81 52.88 42.74
N HIS I 271 15.57 53.86 43.20
CA HIS I 271 17.00 53.59 43.33
C HIS I 271 17.22 52.49 44.36
N TRP I 272 16.51 52.50 45.46
CA TRP I 272 16.65 51.44 46.44
C TRP I 272 16.01 50.17 45.95
N ASP I 273 15.14 50.22 44.95
CA ASP I 273 14.64 48.95 44.41
C ASP I 273 15.72 48.29 43.55
N LEU I 274 16.27 49.04 42.61
CA LEU I 274 17.49 48.63 41.91
C LEU I 274 18.60 48.14 42.87
N ALA I 275 18.85 48.85 43.94
CA ALA I 275 20.05 48.60 44.72
C ALA I 275 19.89 47.31 45.50
N GLU I 276 18.75 47.19 46.19
CA GLU I 276 18.48 46.11 47.15
C GLU I 276 17.83 44.85 46.52
N ASN I 277 17.18 44.94 45.37
CA ASN I 277 16.43 43.81 44.82
C ASN I 277 16.93 43.34 43.49
N TYR I 278 17.17 44.26 42.57
CA TYR I 278 17.72 43.90 41.27
C TYR I 278 19.24 43.78 41.36
N ARG I 279 19.84 44.32 42.44
CA ARG I 279 21.28 44.16 42.75
C ARG I 279 22.28 44.72 41.73
N VAL I 280 22.07 45.97 41.27
CA VAL I 280 22.92 46.59 40.25
C VAL I 280 23.46 47.99 40.60
N SER I 281 23.38 48.38 41.86
CA SER I 281 23.97 49.63 42.33
C SER I 281 25.29 49.23 42.96
N CYS I 282 25.93 50.13 43.73
CA CYS I 282 27.17 49.84 44.43
C CYS I 282 27.52 50.86 45.54
N GLU I 283 28.51 50.56 46.40
CA GLU I 283 28.90 51.47 47.49
C GLU I 283 28.89 52.90 47.01
N GLU I 284 29.34 53.20 45.78
CA GLU I 284 29.56 54.60 45.44
C GLU I 284 28.33 55.30 44.93
N LEU I 285 27.54 54.62 44.12
CA LEU I 285 26.25 55.17 43.69
C LEU I 285 25.34 55.45 44.90
N ASP I 286 25.24 54.51 45.81
CA ASP I 286 24.43 54.69 47.02
C ASP I 286 24.91 55.86 47.85
N PHE I 287 26.21 56.13 47.81
CA PHE I 287 26.78 57.20 48.62
C PHE I 287 26.33 58.49 48.00
N PHE I 288 26.37 58.53 46.67
CA PHE I 288 25.88 59.70 45.96
C PHE I 288 24.43 60.03 46.32
N VAL I 289 23.56 59.04 46.23
CA VAL I 289 22.14 59.27 46.50
C VAL I 289 21.94 59.74 47.94
N LYS I 290 22.48 59.01 48.91
CA LYS I 290 22.39 59.41 50.32
C LYS I 290 22.74 60.91 50.49
N LYS I 291 23.76 61.38 49.77
CA LYS I 291 24.28 62.74 49.98
C LYS I 291 23.36 63.79 49.36
N ALA I 292 22.95 63.53 48.14
CA ALA I 292 21.99 64.39 47.48
C ALA I 292 20.74 64.56 48.33
N MSE I 293 20.29 63.51 49.02
CA MSE I 293 19.09 63.63 49.81
C MSE I 293 19.40 64.47 51.04
O MSE I 293 18.55 65.22 51.47
CB MSE I 293 18.54 62.28 50.24
CG MSE I 293 17.90 61.45 49.18
SE MSE I 293 16.91 62.40 47.74
CE MSE I 293 15.20 62.74 48.70
N GLU I 294 20.59 64.34 51.59
CA GLU I 294 20.96 65.10 52.76
C GLU I 294 21.06 66.59 52.47
N LEU I 295 21.39 66.90 51.22
CA LEU I 295 21.55 68.29 50.80
C LEU I 295 20.27 68.81 50.10
N GLY I 296 19.20 68.02 50.14
CA GLY I 296 17.88 68.54 49.84
C GLY I 296 17.39 68.38 48.45
N ALA I 297 17.95 67.45 47.68
CA ALA I 297 17.40 67.08 46.40
C ALA I 297 15.97 66.56 46.53
N TYR I 298 15.20 66.74 45.47
CA TYR I 298 13.86 66.22 45.39
C TYR I 298 13.95 64.70 45.39
N GLY I 299 14.76 64.18 44.47
CA GLY I 299 15.15 62.79 44.51
C GLY I 299 16.45 62.49 43.78
N ALA I 300 16.96 61.26 43.94
CA ALA I 300 18.15 60.84 43.23
C ALA I 300 18.14 59.35 42.97
N ARG I 301 18.94 58.95 41.99
CA ARG I 301 18.88 57.61 41.44
C ARG I 301 20.04 57.35 40.48
N LEU I 302 20.59 56.13 40.50
CA LEU I 302 21.53 55.75 39.48
C LEU I 302 20.80 55.83 38.17
N THR I 303 21.56 55.99 37.08
CA THR I 303 20.97 56.03 35.76
C THR I 303 21.75 55.16 34.80
N GLY I 304 21.11 54.61 33.80
CA GLY I 304 21.74 53.58 33.02
C GLY I 304 21.82 52.24 33.73
N ALA I 305 22.83 51.45 33.41
CA ALA I 305 22.86 50.07 33.82
C ALA I 305 23.20 49.86 35.28
N GLY I 306 24.05 50.70 35.83
CA GLY I 306 24.55 50.43 37.17
C GLY I 306 25.94 49.85 37.26
N PHE I 307 26.24 49.29 38.43
CA PHE I 307 27.58 48.76 38.72
C PHE I 307 28.67 49.80 38.56
N GLY I 308 28.37 51.03 38.92
CA GLY I 308 29.24 52.11 38.51
C GLY I 308 28.48 53.09 37.65
N GLY I 309 29.23 53.87 36.90
CA GLY I 309 28.62 54.74 35.93
C GLY I 309 28.17 55.97 36.62
N SER I 310 27.05 56.58 36.19
CA SER I 310 26.62 57.84 36.75
C SER I 310 25.25 57.74 37.42
N ALA I 311 24.91 58.75 38.18
CA ALA I 311 23.60 58.83 38.79
C ALA I 311 23.08 60.24 38.57
N ILE I 312 21.78 60.43 38.78
CA ILE I 312 21.19 61.75 38.70
C ILE I 312 20.61 62.18 40.03
N ALA I 313 20.50 63.49 40.23
CA ALA I 313 19.63 64.03 41.26
C ALA I 313 18.87 65.22 40.70
N LEU I 314 17.68 65.48 41.23
CA LEU I 314 16.83 66.59 40.83
C LEU I 314 16.88 67.64 41.92
N VAL I 315 16.98 68.88 41.48
CA VAL I 315 17.55 69.91 42.30
C VAL I 315 17.16 71.24 41.70
N ASP I 316 17.04 72.28 42.51
CA ASP I 316 16.73 73.59 41.98
C ASP I 316 17.92 74.15 41.19
N LYS I 317 17.65 74.77 40.04
CA LYS I 317 18.69 75.26 39.13
C LYS I 317 19.71 76.12 39.86
N ASP I 318 19.22 76.93 40.78
CA ASP I 318 20.06 77.94 41.44
C ASP I 318 20.79 77.37 42.63
N LYS I 319 20.38 76.17 43.05
CA LYS I 319 21.05 75.47 44.13
C LYS I 319 22.09 74.46 43.55
N ALA I 320 22.12 74.26 42.22
CA ALA I 320 22.85 73.09 41.66
C ALA I 320 24.39 73.06 41.81
N LYS I 321 25.09 74.16 41.47
CA LYS I 321 26.54 74.21 41.61
C LYS I 321 26.93 73.95 43.06
N THR I 322 26.18 74.51 44.00
CA THR I 322 26.50 74.34 45.42
C THR I 322 26.32 72.90 45.91
N ILE I 323 25.23 72.27 45.49
CA ILE I 323 24.95 70.91 45.89
C ILE I 323 26.04 70.03 45.32
N GLY I 324 26.25 70.15 44.01
CA GLY I 324 27.23 69.37 43.27
C GLY I 324 28.63 69.53 43.83
N ASP I 325 29.03 70.74 44.22
CA ASP I 325 30.40 70.92 44.70
C ASP I 325 30.57 70.19 46.03
N ALA I 326 29.49 70.14 46.80
CA ALA I 326 29.51 69.58 48.13
C ALA I 326 29.57 68.09 48.11
N ILE I 327 28.91 67.51 47.11
CA ILE I 327 28.85 66.07 47.00
C ILE I 327 30.18 65.62 46.45
N LEU I 328 30.67 66.32 45.42
CA LEU I 328 32.01 66.06 44.90
C LEU I 328 33.02 66.06 45.99
N ARG I 329 32.98 67.07 46.87
CA ARG I 329 34.03 67.25 47.89
C ARG I 329 33.97 66.13 48.93
N GLU I 330 32.76 65.71 49.29
CA GLU I 330 32.59 64.60 50.25
C GLU I 330 33.01 63.25 49.63
N TYR I 331 32.48 62.96 48.44
CA TYR I 331 32.77 61.73 47.70
C TYR I 331 34.28 61.48 47.48
N LEU I 332 34.96 62.53 47.04
CA LEU I 332 36.36 62.45 46.69
C LEU I 332 37.17 62.17 47.97
N ALA I 333 36.61 62.53 49.12
CA ALA I 333 37.25 62.23 50.38
C ALA I 333 37.00 60.79 50.86
N LYS I 334 35.97 60.11 50.36
CA LYS I 334 35.75 58.72 50.75
C LYS I 334 36.46 57.79 49.76
N PHE I 335 36.45 58.19 48.50
CA PHE I 335 36.82 57.34 47.38
C PHE I 335 37.92 57.96 46.54
N SER I 336 38.76 57.13 45.93
CA SER I 336 39.90 57.62 45.14
C SER I 336 39.56 57.79 43.67
N TRP I 337 38.40 57.32 43.24
CA TRP I 337 37.98 57.43 41.84
C TRP I 337 38.00 58.86 41.32
N LYS I 338 38.13 58.97 40.00
CA LYS I 338 38.20 60.25 39.32
C LYS I 338 36.77 60.67 39.02
N ALA I 339 36.04 61.15 40.03
CA ALA I 339 34.63 61.50 39.88
C ALA I 339 34.49 62.90 39.32
N LYS I 340 33.42 63.12 38.57
CA LYS I 340 33.12 64.42 37.93
C LYS I 340 31.60 64.62 38.02
N TYR I 341 31.12 65.86 38.14
CA TYR I 341 29.67 66.13 38.08
C TYR I 341 29.32 67.15 37.01
N PHE I 342 28.10 67.10 36.51
CA PHE I 342 27.67 68.00 35.44
C PHE I 342 26.29 68.55 35.75
N VAL I 343 26.07 69.82 35.46
CA VAL I 343 24.75 70.38 35.54
C VAL I 343 24.25 70.41 34.13
N VAL I 344 23.14 69.75 33.91
CA VAL I 344 22.73 69.31 32.60
C VAL I 344 21.34 69.87 32.24
N LYS I 345 21.17 70.25 30.97
CA LYS I 345 19.92 70.80 30.45
C LYS I 345 19.39 69.76 29.49
N PRO I 346 18.10 69.41 29.55
CA PRO I 346 17.54 68.44 28.59
C PRO I 346 17.73 68.97 27.20
N SER I 347 18.29 68.24 26.26
CA SER I 347 18.66 68.82 25.00
C SER I 347 18.04 68.13 23.74
N ASP I 348 18.27 68.73 22.56
CA ASP I 348 17.76 68.24 21.29
C ASP I 348 18.65 67.14 20.86
N GLY I 349 18.08 66.22 20.07
CA GLY I 349 18.77 65.04 19.56
C GLY I 349 19.79 65.32 18.47
N VAL I 350 20.44 64.27 17.92
CA VAL I 350 21.48 64.49 16.93
C VAL I 350 20.97 65.44 15.90
N GLY I 351 21.87 66.34 15.50
CA GLY I 351 21.66 67.22 14.37
C GLY I 351 22.87 68.04 13.96
N VAL I 352 22.63 68.96 13.02
CA VAL I 352 23.71 69.78 12.44
C VAL I 352 23.94 71.05 13.28
C1 GLA J . -13.53 -29.88 -19.46
C2 GLA J . -14.67 -30.85 -19.20
C3 GLA J . -14.88 -31.05 -17.69
C4 GLA J . -13.58 -31.30 -16.92
C5 GLA J . -12.67 -30.11 -17.25
C6 GLA J . -11.37 -30.11 -16.47
O1 GLA J . -13.98 -28.60 -19.08
O2 GLA J . -15.88 -30.35 -19.81
O3 GLA J . -15.83 -32.08 -17.45
O4 GLA J . -12.91 -32.52 -17.24
O5 GLA J . -12.40 -30.19 -18.67
O6 GLA J . -11.60 -30.44 -15.11
MG MG K . -17.27 -26.50 -23.81
PB ADP L . -16.87 -23.68 -24.80
O1B ADP L . -16.20 -24.47 -23.73
O2B ADP L . -16.80 -22.14 -24.65
O3B ADP L . -18.35 -24.04 -24.65
PA ADP L . -17.24 -25.45 -26.93
O1A ADP L . -16.45 -26.34 -27.79
O2A ADP L . -17.97 -26.26 -25.86
O3A ADP L . -16.38 -24.27 -26.22
O5' ADP L . -18.17 -24.65 -27.96
C5' ADP L . -19.29 -23.85 -27.72
C4' ADP L . -20.14 -24.12 -28.97
O4' ADP L . -21.51 -24.19 -28.66
C3' ADP L . -19.99 -23.08 -30.08
O3' ADP L . -19.01 -23.44 -31.01
C2' ADP L . -21.35 -23.06 -30.73
O2' ADP L . -21.41 -24.02 -31.80
C1' ADP L . -22.28 -23.44 -29.58
N9 ADP L . -22.78 -22.26 -28.89
C8 ADP L . -22.53 -21.83 -27.62
N7 ADP L . -23.23 -20.68 -27.38
C5 ADP L . -23.93 -20.39 -28.50
C6 ADP L . -24.80 -19.35 -28.83
N6 ADP L . -25.05 -18.35 -28.01
N1 ADP L . -25.36 -19.32 -30.09
C2 ADP L . -25.08 -20.32 -31.03
N3 ADP L . -24.23 -21.37 -30.69
C4 ADP L . -23.66 -21.38 -29.45
C1 GLA M . -77.15 -32.87 -10.08
C2 GLA M . -75.87 -32.33 -9.43
C3 GLA M . -74.81 -33.44 -9.46
C4 GLA M . -75.39 -34.77 -8.91
C5 GLA M . -76.68 -35.14 -9.65
C6 GLA M . -77.18 -36.47 -9.14
O1 GLA M . -77.38 -32.48 -11.41
O2 GLA M . -75.37 -31.19 -10.12
O3 GLA M . -73.66 -33.00 -8.75
O4 GLA M . -75.71 -34.68 -7.52
O5 GLA M . -77.70 -34.10 -9.57
O6 GLA M . -77.38 -37.33 -10.24
MG MG N . -76.72 -27.11 -14.12
PB ADP O . -78.41 -26.41 -16.29
O1B ADP O . -78.34 -27.66 -15.49
O2B ADP O . -78.82 -26.69 -17.78
O3B ADP O . -77.03 -25.75 -16.39
PA ADP O . -78.63 -24.38 -14.49
O1A ADP O . -79.45 -23.83 -13.35
O2A ADP O . -77.25 -24.97 -14.06
O3A ADP O . -79.38 -25.44 -15.44
O5' ADP O . -78.44 -23.17 -15.56
C5' ADP O . -77.20 -22.58 -15.89
C4' ADP O . -77.33 -21.06 -15.76
O4' ADP O . -76.07 -20.42 -16.09
C3' ADP O . -78.39 -20.47 -16.71
O3' ADP O . -79.66 -20.30 -16.12
C2' ADP O . -77.74 -19.14 -17.02
O2' ADP O . -78.05 -18.26 -15.95
C1' ADP O . -76.23 -19.43 -17.11
N9 ADP O . -75.69 -19.97 -18.42
C8 ADP O . -75.49 -21.30 -18.75
N7 ADP O . -74.96 -21.40 -20.01
C5 ADP O . -74.80 -20.15 -20.50
C6 ADP O . -74.31 -19.70 -21.74
N6 ADP O . -73.71 -20.56 -22.59
N1 ADP O . -74.28 -18.33 -21.98
C2 ADP O . -74.73 -17.43 -20.99
N3 ADP O . -75.21 -17.88 -19.77
C4 ADP O . -75.25 -19.24 -19.52
C1 GLA P . 13.39 -57.96 -27.07
C2 GLA P . 12.82 -57.34 -25.81
C3 GLA P . 11.65 -56.53 -26.34
C4 GLA P . 12.12 -55.56 -27.46
C5 GLA P . 12.88 -56.25 -28.64
C6 GLA P . 13.66 -55.28 -29.51
O1 GLA P . 12.75 -59.19 -27.34
O2 GLA P . 12.43 -58.37 -24.91
O3 GLA P . 11.03 -55.85 -25.27
O4 GLA P . 12.91 -54.53 -26.87
O5 GLA P . 13.83 -57.25 -28.23
O6 GLA P . 12.83 -54.57 -30.41
MG MG Q . 12.56 -63.92 -24.31
PB ADP R . 12.94 -66.67 -26.18
O1B ADP R . 12.78 -65.16 -26.16
O2B ADP R . 12.93 -67.17 -27.63
O3B ADP R . 11.78 -67.34 -25.44
PA ADP R . 14.19 -66.77 -23.78
O1A ADP R . 15.50 -66.24 -23.32
O2A ADP R . 13.04 -65.81 -23.42
O3A ADP R . 14.20 -67.17 -25.32
O5' ADP R . 13.97 -68.05 -22.87
C5' ADP R . 13.00 -69.02 -23.04
C4' ADP R . 13.16 -69.71 -21.70
O4' ADP R . 11.91 -69.71 -21.06
C3' ADP R . 13.65 -71.16 -21.77
O3' ADP R . 15.05 -71.25 -21.74
C2' ADP R . 12.99 -71.74 -20.54
O2' ADP R . 13.70 -71.38 -19.38
C1' ADP R . 11.66 -71.01 -20.51
N9 ADP R . 10.62 -71.66 -21.32
C8 ADP R . 10.01 -71.17 -22.45
N7 ADP R . 9.09 -72.07 -22.86
C5 ADP R . 9.11 -73.09 -21.98
C6 ADP R . 8.37 -74.25 -21.94
N6 ADP R . 7.51 -74.48 -22.92
N1 ADP R . 8.60 -75.15 -20.89
C2 ADP R . 9.57 -74.90 -19.93
N3 ADP R . 10.30 -73.72 -19.98
C4 ADP R . 10.06 -72.85 -21.01
C1 GLA S . 64.22 31.70 26.73
C2 GLA S . 64.77 30.94 27.90
C3 GLA S . 65.71 29.81 27.41
C4 GLA S . 64.99 28.90 26.44
C5 GLA S . 64.30 29.72 25.35
C6 GLA S . 63.37 28.86 24.51
O1 GLA S . 65.35 32.26 26.11
O2 GLA S . 65.39 31.96 28.67
O3 GLA S . 66.20 29.03 28.49
O4 GLA S . 64.04 28.14 27.14
O5 GLA S . 63.51 30.76 25.92
O6 GLA S . 64.07 28.46 23.36
MG MG T . 66.59 36.95 29.38
PB ADP U . 66.67 39.94 28.01
O1B ADP U . 66.01 38.62 28.01
O2B ADP U . 66.89 40.55 26.61
O3B ADP U . 68.05 39.72 28.57
PA ADP U . 65.73 40.18 30.51
O1A ADP U . 64.33 40.26 30.99
O2A ADP U . 66.18 38.73 30.50
O3A ADP U . 66.00 40.86 29.09
O5' ADP U . 66.55 41.05 31.57
C5' ADP U . 67.27 42.20 31.21
C4' ADP U . 67.54 42.84 32.56
O4' ADP U . 68.84 42.46 33.02
C3' ADP U . 67.51 44.35 32.51
O3' ADP U . 66.20 44.84 32.69
C2' ADP U . 68.46 44.70 33.64
O2' ADP U . 67.78 44.66 34.87
C1' ADP U . 69.50 43.59 33.55
N9 ADP U . 70.51 44.03 32.62
C8 ADP U . 70.81 43.54 31.39
N7 ADP U . 71.81 44.31 30.88
C5 ADP U . 72.13 45.27 31.78
C6 ADP U . 73.04 46.30 31.77
N6 ADP U . 73.69 46.57 30.64
N1 ADP U . 73.13 47.14 32.86
C2 ADP U . 72.30 46.96 33.97
N3 ADP U . 71.36 45.93 33.98
C4 ADP U . 71.30 45.10 32.89
C1 GLA V . 46.53 -43.55 -13.06
C2 GLA V . 46.93 -44.38 -11.84
C3 GLA V . 46.77 -45.83 -12.30
C4 GLA V . 45.34 -46.05 -12.88
C5 GLA V . 44.87 -44.93 -13.85
C6 GLA V . 43.39 -45.10 -14.14
O1 GLA V . 47.49 -43.11 -13.97
O2 GLA V . 48.24 -44.01 -11.41
O3 GLA V . 47.18 -46.70 -11.24
O4 GLA V . 44.29 -46.17 -11.91
O5 GLA V . 45.14 -43.57 -13.40
O6 GLA V . 43.18 -46.39 -14.68
MG MG W . 52.21 -40.32 -12.96
PB ADP X . 53.28 -38.30 -15.11
O1B ADP X . 52.00 -38.98 -14.82
O2B ADP X . 53.59 -37.93 -16.59
O3B ADP X . 54.28 -39.34 -14.63
PA ADP X . 53.54 -37.18 -12.65
O1A ADP X . 52.89 -36.10 -11.88
O2A ADP X . 53.14 -38.57 -12.15
O3A ADP X . 53.41 -37.00 -14.21
O5' ADP X . 55.08 -36.93 -12.31
C5' ADP X . 56.18 -36.83 -13.18
C4' ADP X . 57.27 -36.18 -12.32
O4' ADP X . 58.35 -37.05 -12.02
C3' ADP X . 57.89 -34.94 -12.93
O3' ADP X . 57.07 -33.81 -12.72
C2' ADP X . 59.19 -34.90 -12.16
O2' ADP X . 59.00 -34.39 -10.86
C1' ADP X . 59.58 -36.37 -12.08
N9 ADP X . 60.29 -36.73 -13.30
C8 ADP X . 59.83 -37.49 -14.34
N7 ADP X . 60.80 -37.54 -15.29
C5 ADP X . 61.86 -36.82 -14.85
C6 ADP X . 63.09 -36.53 -15.40
N6 ADP X . 63.41 -37.00 -16.60
N1 ADP X . 63.99 -35.75 -14.71
C2 ADP X . 63.64 -35.25 -13.47
N3 ADP X . 62.41 -35.54 -12.92
C4 ADP X . 61.55 -36.31 -13.60
C1 GLA Y . 10.88 19.44 2.38
C2 GLA Y . 12.08 20.07 3.10
C3 GLA Y . 12.55 19.19 4.30
C4 GLA Y . 11.38 18.76 5.21
C5 GLA Y . 10.35 18.04 4.38
C6 GLA Y . 9.18 17.70 5.29
O1 GLA Y . 11.31 18.54 1.34
O2 GLA Y . 13.15 20.33 2.14
O3 GLA Y . 13.55 19.89 5.04
O4 GLA Y . 10.66 19.79 5.88
O5 GLA Y . 9.89 18.86 3.30
O6 GLA Y . 9.13 16.31 5.49
MG MG Z . 14.73 21.06 -3.10
PB ADP AA . 14.69 19.55 -5.84
O1B ADP AA . 13.84 19.42 -4.63
O2B ADP AA . 14.60 18.51 -6.96
O3B ADP AA . 16.11 19.50 -5.33
PA ADP AA . 15.06 22.37 -6.02
O1A ADP AA . 14.03 23.38 -6.23
O2A ADP AA . 15.53 22.30 -4.60
O3A ADP AA . 14.52 20.96 -6.58
O5' ADP AA . 16.24 22.85 -6.95
C5' ADP AA . 17.15 22.22 -7.74
C4' ADP AA . 17.80 23.43 -8.38
O4' ADP AA . 19.17 23.47 -8.06
C3' ADP AA . 17.67 23.46 -9.88
O3' ADP AA . 16.59 24.21 -10.36
C2' ADP AA . 18.97 24.10 -10.25
O2' ADP AA . 18.84 25.49 -10.16
C1' ADP AA . 19.95 23.64 -9.19
N9 ADP AA . 20.56 22.37 -9.61
C8 ADP AA . 20.36 21.13 -9.11
N7 ADP AA . 21.11 20.26 -9.82
C5 ADP AA . 21.80 20.94 -10.75
C6 ADP AA . 22.71 20.56 -11.71
N6 ADP AA . 22.70 19.29 -12.09
N1 ADP AA . 23.25 21.50 -12.55
C2 ADP AA . 22.89 22.82 -12.43
N3 ADP AA . 21.99 23.20 -11.46
C4 ADP AA . 21.45 22.28 -10.64
C1 GLA BA . -92.59 15.64 19.22
C2 GLA BA . -92.25 16.70 20.28
C3 GLA BA . -90.76 16.48 20.69
C4 GLA BA . -90.49 15.01 21.11
C5 GLA BA . -91.01 14.04 20.07
C6 GLA BA . -90.88 12.62 20.59
O1 GLA BA . -92.65 15.96 17.82
O2 GLA BA . -92.52 18.02 19.82
O3 GLA BA . -90.41 17.46 21.67
O4 GLA BA . -91.10 14.59 22.33
O5 GLA BA . -92.39 14.30 19.72
O6 GLA BA . -89.48 12.37 20.68
MG MG CA . -94.54 20.61 14.84
PB ADP DA . -95.88 19.40 12.21
O1B ADP DA . -95.04 19.05 13.39
O2B ADP DA . -96.11 18.04 11.49
O3B ADP DA . -95.15 20.53 11.39
PA ADP DA . -97.40 21.51 13.29
O1A ADP DA . -98.79 21.86 13.78
O2A ADP DA . -96.36 21.78 14.41
O3A ADP DA . -97.30 19.96 12.78
O5' ADP DA . -96.96 22.31 11.89
C5' ADP DA . -96.74 23.72 11.94
C4' ADP DA . -98.06 24.54 11.84
O4' ADP DA . -97.77 25.94 11.59
C3' ADP DA . -99.01 24.09 10.71
O3' ADP DA . -100.10 23.36 11.21
C2' ADP DA . -99.44 25.38 10.02
O2' ADP DA . -100.65 25.89 10.58
C1' ADP DA . -98.30 26.36 10.31
N9 ADP DA . -97.31 26.35 9.18
C8 ADP DA . -96.40 25.35 8.94
N7 ADP DA . -95.66 25.66 7.84
C5 ADP DA . -96.10 26.82 7.35
C6 ADP DA . -95.67 27.54 6.23
N6 ADP DA . -94.46 27.23 5.74
N1 ADP DA . -96.31 28.76 5.94
C2 ADP DA . -97.36 29.22 6.75
N3 ADP DA . -97.77 28.46 7.87
C4 ADP DA . -97.14 27.28 8.17
C1 GLA EA . -13.17 48.92 11.07
C2 GLA EA . -12.81 50.19 10.36
C3 GLA EA . -12.52 49.75 8.92
C4 GLA EA . -11.47 48.63 8.92
C5 GLA EA . -11.84 47.50 9.90
C6 GLA EA . -10.73 46.50 9.99
O1 GLA EA . -14.54 48.59 11.05
O2 GLA EA . -13.93 51.05 10.53
O3 GLA EA . -12.04 50.81 8.13
O4 GLA EA . -10.21 49.20 9.21
O5 GLA EA . -12.13 47.96 11.22
O6 GLA EA . -10.96 45.55 9.00
MG MG FA . -18.78 51.96 13.61
PB ADP GA . -20.99 50.58 14.78
O1B ADP GA . -19.71 49.98 14.42
O2B ADP GA . -22.09 49.52 14.94
O3B ADP GA . -21.44 51.46 13.60
PA ADP GA . -20.32 52.98 16.14
O1A ADP GA . -19.96 53.43 17.50
O2A ADP GA . -19.35 53.41 15.06
O3A ADP GA . -20.68 51.41 16.10
O5' ADP GA . -21.63 53.78 15.68
C5' ADP GA . -22.86 53.72 16.31
C4' ADP GA . -23.12 55.15 16.73
O4' ADP GA . -23.49 55.97 15.61
C3' ADP GA . -24.28 55.17 17.72
O3' ADP GA . -23.83 55.07 19.05
C2' ADP GA . -24.93 56.50 17.40
O2' ADP GA . -24.30 57.52 18.11
C1' ADP GA . -24.68 56.68 15.90
N9 ADP GA . -25.83 56.06 15.22
C8 ADP GA . -25.82 54.95 14.46
N7 ADP GA . -27.08 54.72 14.07
C5 ADP GA . -27.88 55.66 14.57
C6 ADP GA . -29.26 55.87 14.48
N6 ADP GA . -30.01 54.90 14.00
N1 ADP GA . -29.83 56.95 15.13
C2 ADP GA . -29.04 57.81 15.87
N3 ADP GA . -27.66 57.57 15.94
C4 ADP GA . -27.11 56.51 15.31
C1 GLA HA . 22.10 50.23 29.32
C2 GLA HA . 21.53 49.77 28.00
C3 GLA HA . 20.10 50.26 27.85
C4 GLA HA . 19.25 49.96 29.06
C5 GLA HA . 19.94 50.45 30.32
C6 GLA HA . 19.29 49.94 31.58
O1 GLA HA . 22.19 51.59 29.16
O2 GLA HA . 22.41 50.26 27.00
O3 GLA HA . 19.52 49.67 26.73
O4 GLA HA . 18.96 48.56 29.06
O5 GLA HA . 21.27 49.98 30.41
O6 GLA HA . 18.19 50.71 31.92
MG MG IA . 27.37 52.46 26.56
PB ADP JA . 29.30 54.47 27.46
O1B ADP JA . 28.22 53.92 28.26
O2B ADP JA . 29.93 55.82 27.81
O3B ADP JA . 28.67 54.82 26.15
PA ADP JA . 30.49 52.29 26.12
O1A ADP JA . 31.02 50.99 26.54
O2A ADP JA . 29.16 52.19 25.43
O3A ADP JA . 30.41 53.38 27.29
O5' ADP JA . 31.72 52.87 25.34
C5' ADP JA . 31.72 53.77 24.29
C4' ADP JA . 32.91 53.32 23.49
O4' ADP JA . 32.64 53.72 22.20
C3' ADP JA . 34.23 53.94 23.86
O3' ADP JA . 35.00 53.24 24.82
C2' ADP JA . 34.90 53.97 22.50
O2' ADP JA . 35.42 52.72 22.11
C1' ADP JA . 33.74 54.35 21.61
N9 ADP JA . 33.62 55.81 21.61
C8 ADP JA . 32.66 56.58 22.17
N7 ADP JA . 33.00 57.87 21.94
C5 ADP JA . 34.16 57.92 21.25
C6 ADP JA . 34.98 58.94 20.76
N6 ADP JA . 34.56 60.18 20.81
N1 ADP JA . 36.13 58.70 20.09
C2 ADP JA . 36.49 57.38 19.88
N3 ADP JA . 35.69 56.38 20.37
C4 ADP JA . 34.55 56.63 21.04
#